data_8FL8
#
_entry.id   8FL8
#
_cell.length_a   1.00
_cell.length_b   1.00
_cell.length_c   1.00
_cell.angle_alpha   90.00
_cell.angle_beta   90.00
_cell.angle_gamma   90.00
#
_symmetry.space_group_name_H-M   'P 1'
#
loop_
_entity.id
_entity.type
_entity.pdbx_description
1 polymer 'ATP synthase protein 8'
2 polymer 'ATP18 isoform 1'
3 polymer 'ATP synthase subunit 5, mitochondrial'
4 polymer 'ATP synthase subunit alpha'
5 polymer 'ATP synthase subunit beta'
6 polymer 'ATP synthase subunit gamma, mitochondrial'
7 polymer 'ATP synthase subunit delta, mitochondrial'
8 polymer 'ATP synthase subunit epsilon, mitochondrial'
9 polymer 'ATP synthase subunit 9, mitochondrial'
10 polymer 'ATP synthase subunit a'
11 polymer 'ATP synthase subunit 4, mitochondrial'
12 polymer 'ATP synthase subunit d, mitochondrial'
13 polymer 'ATP synthase subunit H, mitochondrial'
14 polymer 'ATP synthase subunit f, mitochondrial'
15 non-polymer "ADENOSINE-5'-TRIPHOSPHATE"
16 non-polymer 'MAGNESIUM ION'
17 non-polymer "ADENOSINE-5'-DIPHOSPHATE"
#
loop_
_entity_poly.entity_id
_entity_poly.type
_entity_poly.pdbx_seq_one_letter_code
_entity_poly.pdbx_strand_id
1 'polypeptide(L)' FYFMNQLTYGFLLMITLLILFSQFFLPMILRLYVSRLFISK 8
2 'polypeptide(L)' MLKRFPTPILKVYWPFFVAGAAVYYGMSKAADLSSNT J
3 'polypeptide(L)'
;PPPVRLFGVEGTYATALYQAAAKNSSIDAAFQSLQKVESTVKKNPKLGHLLLNPALSLKDRNSVIDAIVETHKNLDGYVV
NLLKVLSENNRLGCFEKIASDFGVLNDAHNGLLKGTVTSAEPLDPKSFKRIEKALSASKLVGQGKSLKLENVVKPEIKGG
LIVELG
;
Y
4 'polypeptide(L)'
;KAQPTEVSSILEERIKGVSDEANLNETGRVLAVGDGIARVFGLNNIQAEELVEFSSGVKGMALNLEPGQVGIVLFGSDRL
VKEGELVKRTGNIVDVPVGPGLLGRVVDALGNPIDGKGPIDAAGRSRAQVKAPGILPRRSVHEPVQTGLKAVDALVPIGR
GQRELIIGDRQTGKTAVALDTILNQKRWNNGSDESKKLYCVYVAVGQKRSTVAQLVQTLEQHDAMKYSIIVAATASEAAP
LQYLAPFTAASIGEWFRDNGKHALIVYDDLSKQAVAYRQLSLLLRRPPGREAYPGDVFYLHSRLLERAAKLSEKEGSGSL
TALPVIETQGGDVSAYIPTNVISITDGQIFLEAELFYKGIRPAINVGLSVSRVGSAAQVKALKQVAGSLKLFLAQYREVA
AFAQFGSDLDASTKQTLVRGERLTQLLKQNQYSPLATEEQVPLIYAGVNGHLDGIELSRIGEFESSFLSYLKSNHNELLT
EIREKGELSKELLASLKSATESFVATF
;
A,B,C
5 'polypeptide(L)'
;STPITGKVTAVIGAIVDVHFEQSELPAILNALEIKTPQGKLVLEVAQHLGENTVRTIAMDGTEGLVRGEKVLDTGGPISV
PVGRETLGRIINVIGEPIDERGPIKSKLRKPIHADPPSFAEQSTSAEILETGIKVVDLLAPYARGGKIGLFGGAGVGKTV
FIQELINNIAKAHGGFSVFTGVGERTREGNDLYREMKETGVINLEGESKVALVFGQMNEPPGARARVALTGLTIAEYFRD
EEGQDVLLFIDNIFRFTQAGSEVSALLGRIPSAVGYQPTLATDMGLLQERITTTKKGSVTSVQAVYVPADDLTDPAPATT
FAHLDATTVLSRGISELGIYPAVDPLDSKSRLLDAAVVGQEHYDVASKVQETLQTYKSLQDIIAILGMDELSEQDKLTVE
RARKIQRFLSQPFAVAEVFTGIPGKLVRLKDTVASFKAVLEGKYDNIPEHAFYMVGGIEDVVAKAEKLAAEAN
;
D,E,F
6 'polypeptide(L)'
;EVEMRLKSIKNIEKITKTMKIVASTRLSKAEKAKISAKKMDEAEQLFYKNAETKNLDVEATETGAPKELIVAITSDKGLC
GSIHSQLAKAVRRHLNDQPNADIVTIGDKIKMQLLRTHPNNIKLSINGIGKDAPTFQESALIADKLLSVMKAGTYPKISI
FYNDPVSSLSFEPSEKPIFNAKTIEQSPSFGKFEIDTDANVPRDLFEYTLANQMLTAMAQGYAAEISARRNAMDNASKNA
GDMINRYSILYNRTRQAVITNELVDIITGA
;
G
7 'polypeptide(L)'
;SSGLKLQFALPHETLYSGSEVTQVNLPAKSGRIGVLANHVPTVEQLLPGVVEVMEGSNSKKFFISGGFATVQPDSQLCVT
AIEAFPLESFSQENIKNLLAEAKKNVSSSDAREAAEAAIQVEVLENLQSVLK
;
H
8 'polypeptide(L)' SAWRKAGISYAAYLNVAAQAIRSSLKTELQTASVLNRSQTDAFYTQYKNGTAASEPTPI I
9 'polypeptide(L)' MQLVLAAKYIGAGISTIGLLGAGIGIAIVFAALINGVSRNPSIKDTVFPMAILGFALSEATGLFCLMVSFLLLFG S,T,K,L,M,N,O,P,Q,R
10 'polypeptide(L)'
;LTTFSLYTIIVLLVITSLYTLTNNNNKIIGSRWLISQEAIYDTIMNMTKGQIGGKNWGLYFPMIFTLFMFIFIANLISMI
PYSFALSAHLVFIISLSIVIWLGNTILGLYKHGWVFFSLFVPAGTPLPLVPLLVIIETLSYFARAISLGLRLGSNILAGH
LLMVILAGLTFNFMLINLFTLVFGFVPLAMILAIMMLEFAIGIIQGYVWAILTASYLKDAVYLH
;
X
11 'polypeptide(L)'
;NDESILLLTFLGFTGLVAKYLAPAYKDFADARMKKVSDVLNASRNKHVEAVKDRIDSVSQLQNVAETTKVLFDVSKETVE
LESEAFELKQKVELAHEAKAVLDSWVRYEASLRQLEQRQLAKSVISRVQSELGNPKFQEKVLQQSISEIEQLLSK
;
Z
12 'polypeptide(L)'
;AKSAANKLDWAKVISSLRITGSTATQLSSFKKRNDEARRQLLELQSQPTEVDFSHYRSVLKNTSVIDKIESYVKQYKPVK
IDASKQLQVIESFEKHAMTNAKETESLVSKELKDLQSTLDNIQSARPFDELTVDDLTKIKPEIDAKVEEMVKKGKWDVPG
YKDRFGNLNVM
;
7
13 'polypeptide(L)'
;QDLYLRELKDTKLAPSTLQDAEGNVKPWNPPQKPNLPELELQGPEALKAYTEQNVETAHVAKESEEGESEPIEEDWLVLD
DAEETKESH
;
6
14 'polypeptide(L)'
;VSTLIPPKVVSSKNIGSAPNAKRIANVVHFYKSLPQGPAPAIKANTRLARYKAKYFDGDNASGKPLWHFALGIIAFGYSM
EYYFH
;
U
#
# COMPACT_ATOMS: atom_id res chain seq x y z
N PHE A 1 11.86 -22.46 104.83
CA PHE A 1 11.66 -22.12 106.23
C PHE A 1 11.40 -20.63 106.41
N TYR A 2 12.43 -19.82 106.16
CA TYR A 2 12.34 -18.37 106.31
C TYR A 2 11.70 -17.79 105.06
N PHE A 3 10.52 -17.19 105.22
CA PHE A 3 9.76 -16.69 104.09
C PHE A 3 9.14 -15.31 104.29
N MET A 4 9.12 -14.79 105.52
CA MET A 4 8.27 -13.65 105.84
C MET A 4 8.60 -12.43 104.99
N ASN A 5 9.82 -11.92 105.10
CA ASN A 5 10.20 -10.67 104.45
C ASN A 5 10.78 -10.87 103.06
N GLN A 6 10.44 -11.97 102.39
CA GLN A 6 10.93 -12.21 101.03
C GLN A 6 9.81 -12.43 100.02
N LEU A 7 8.85 -13.31 100.32
CA LEU A 7 7.82 -13.63 99.32
C LEU A 7 6.75 -12.55 99.27
N THR A 8 6.19 -12.17 100.42
CA THR A 8 5.36 -10.98 100.49
C THR A 8 6.13 -9.78 99.98
N TYR A 9 7.37 -9.64 100.43
CA TYR A 9 8.24 -8.59 99.92
C TYR A 9 8.54 -8.78 98.44
N GLY A 10 8.54 -10.02 97.95
CA GLY A 10 8.71 -10.24 96.53
C GLY A 10 7.56 -9.70 95.70
N PHE A 11 6.33 -9.94 96.15
CA PHE A 11 5.17 -9.37 95.46
C PHE A 11 5.14 -7.86 95.60
N LEU A 12 5.57 -7.33 96.75
CA LEU A 12 5.70 -5.88 96.87
C LEU A 12 6.75 -5.33 95.91
N LEU A 13 7.84 -6.07 95.71
CA LEU A 13 8.84 -5.70 94.71
C LEU A 13 8.24 -5.69 93.31
N MET A 14 7.43 -6.70 93.01
CA MET A 14 6.77 -6.73 91.70
C MET A 14 5.84 -5.53 91.53
N ILE A 15 5.13 -5.15 92.60
CA ILE A 15 4.27 -3.98 92.54
C ILE A 15 5.08 -2.70 92.32
N THR A 16 6.21 -2.57 93.02
CA THR A 16 7.05 -1.39 92.85
C THR A 16 7.62 -1.31 91.44
N LEU A 17 8.09 -2.43 90.90
CA LEU A 17 8.57 -2.46 89.52
C LEU A 17 7.43 -2.17 88.55
N LEU A 18 6.23 -2.68 88.85
CA LEU A 18 5.05 -2.39 88.06
C LEU A 18 4.80 -0.89 87.99
N ILE A 19 4.84 -0.22 89.14
CA ILE A 19 4.70 1.23 89.14
C ILE A 19 5.79 1.88 88.31
N LEU A 20 7.05 1.69 88.70
CA LEU A 20 8.15 2.41 88.07
C LEU A 20 8.35 2.06 86.61
N PHE A 21 7.72 1.00 86.10
CA PHE A 21 7.75 0.71 84.67
C PHE A 21 6.48 1.19 83.96
N SER A 22 5.31 0.67 84.34
CA SER A 22 4.09 0.95 83.59
C SER A 22 3.61 2.39 83.77
N GLN A 23 3.93 3.03 84.90
CA GLN A 23 3.52 4.40 85.12
C GLN A 23 4.58 5.42 84.72
N PHE A 24 5.81 4.96 84.44
CA PHE A 24 6.93 5.87 84.19
C PHE A 24 7.51 5.74 82.79
N PHE A 25 7.87 4.52 82.38
CA PHE A 25 8.63 4.33 81.16
C PHE A 25 7.82 3.75 80.00
N LEU A 26 6.81 2.94 80.30
CA LEU A 26 5.77 2.70 79.30
C LEU A 26 5.13 4.00 78.82
N PRO A 27 4.72 4.94 79.69
CA PRO A 27 4.32 6.25 79.18
C PRO A 27 5.46 6.98 78.50
N MET A 28 6.71 6.74 78.91
CA MET A 28 7.84 7.41 78.25
C MET A 28 8.03 6.91 76.83
N ILE A 29 8.05 5.58 76.65
CA ILE A 29 8.19 5.01 75.31
C ILE A 29 7.00 5.43 74.44
N LEU A 30 5.79 5.38 75.01
CA LEU A 30 4.59 5.82 74.29
C LEU A 30 4.67 7.31 73.94
N ARG A 31 5.21 8.11 74.85
CA ARG A 31 5.27 9.55 74.64
C ARG A 31 6.22 9.89 73.53
N LEU A 32 7.37 9.21 73.46
CA LEU A 32 8.26 9.43 72.33
C LEU A 32 7.63 8.94 71.02
N TYR A 33 6.94 7.80 71.06
CA TYR A 33 6.17 7.34 69.90
C TYR A 33 5.27 8.45 69.37
N VAL A 34 4.32 8.91 70.19
CA VAL A 34 3.34 9.88 69.74
C VAL A 34 3.98 11.22 69.47
N SER A 35 5.06 11.56 70.18
CA SER A 35 5.75 12.81 69.95
C SER A 35 6.27 12.87 68.53
N ARG A 36 7.03 11.86 68.12
CA ARG A 36 7.52 11.85 66.74
C ARG A 36 6.38 11.67 65.74
N LEU A 37 5.31 10.98 66.14
CA LEU A 37 4.14 10.83 65.27
C LEU A 37 3.56 12.19 64.91
N PHE A 38 3.42 13.08 65.91
CA PHE A 38 2.93 14.43 65.62
C PHE A 38 4.03 15.33 65.06
N ILE A 39 5.30 14.98 65.25
CA ILE A 39 6.38 15.70 64.60
C ILE A 39 6.27 15.55 63.08
N SER A 40 5.99 14.34 62.61
CA SER A 40 5.80 14.15 61.17
C SER A 40 4.60 14.95 60.67
N LYS A 41 3.50 14.93 61.40
CA LYS A 41 2.31 15.67 61.01
C LYS A 41 2.24 17.03 61.71
N MET B 1 8.41 11.81 81.28
CA MET B 1 9.63 11.22 81.82
C MET B 1 9.23 10.17 82.87
N LEU B 2 8.80 10.62 84.04
CA LEU B 2 8.08 9.76 84.98
C LEU B 2 6.62 10.18 85.12
N LYS B 3 6.07 10.88 84.13
CA LYS B 3 4.68 11.31 84.14
C LYS B 3 3.75 10.12 84.27
N ARG B 4 3.01 10.05 85.37
CA ARG B 4 2.27 8.85 85.72
C ARG B 4 0.98 8.79 84.91
N PHE B 5 0.98 7.98 83.84
CA PHE B 5 -0.24 7.69 83.09
C PHE B 5 -0.84 6.41 83.63
N PRO B 6 -2.04 6.45 84.22
CA PRO B 6 -2.56 5.27 84.93
C PRO B 6 -2.63 4.03 84.06
N THR B 7 -2.21 2.92 84.63
CA THR B 7 -2.20 1.60 83.99
C THR B 7 -2.66 0.59 85.02
N PRO B 8 -3.16 -0.58 84.58
CA PRO B 8 -3.57 -1.62 85.54
C PRO B 8 -2.44 -2.04 86.48
N ILE B 9 -2.64 -1.77 87.78
CA ILE B 9 -1.69 -2.18 88.81
C ILE B 9 -2.26 -3.27 89.70
N LEU B 10 -3.56 -3.18 90.02
CA LEU B 10 -4.23 -4.14 90.87
C LEU B 10 -5.57 -4.64 90.32
N LYS B 11 -6.13 -3.95 89.33
CA LYS B 11 -7.47 -4.28 88.85
C LYS B 11 -7.54 -5.70 88.29
N VAL B 12 -6.52 -6.11 87.54
CA VAL B 12 -6.53 -7.39 86.85
C VAL B 12 -5.48 -8.35 87.42
N TYR B 13 -4.68 -7.89 88.38
CA TYR B 13 -3.60 -8.70 88.94
C TYR B 13 -3.99 -9.33 90.27
N TRP B 14 -5.27 -9.29 90.62
CA TRP B 14 -5.82 -9.85 91.84
C TRP B 14 -5.66 -11.37 92.00
N PRO B 15 -5.81 -12.19 90.95
CA PRO B 15 -5.79 -13.65 91.20
C PRO B 15 -4.47 -14.14 91.76
N PHE B 16 -3.34 -13.69 91.20
CA PHE B 16 -2.05 -14.10 91.74
C PHE B 16 -1.83 -13.55 93.15
N PHE B 17 -2.38 -12.36 93.45
CA PHE B 17 -2.23 -11.80 94.78
C PHE B 17 -3.00 -12.61 95.82
N VAL B 18 -4.25 -12.98 95.51
CA VAL B 18 -5.01 -13.79 96.45
C VAL B 18 -4.43 -15.20 96.54
N ALA B 19 -3.86 -15.70 95.45
CA ALA B 19 -3.13 -16.96 95.51
C ALA B 19 -1.95 -16.86 96.45
N GLY B 20 -1.21 -15.75 96.38
CA GLY B 20 -0.11 -15.53 97.30
C GLY B 20 -0.57 -15.46 98.75
N ALA B 21 -1.69 -14.80 99.00
CA ALA B 21 -2.22 -14.73 100.37
C ALA B 21 -2.62 -16.11 100.88
N ALA B 22 -3.31 -16.89 100.03
CA ALA B 22 -3.67 -18.25 100.41
C ALA B 22 -2.43 -19.09 100.66
N VAL B 23 -1.36 -18.86 99.90
CA VAL B 23 -0.09 -19.51 100.20
C VAL B 23 0.41 -19.09 101.57
N TYR B 24 0.48 -17.78 101.82
CA TYR B 24 1.00 -17.26 103.08
C TYR B 24 0.33 -17.90 104.27
N TYR B 25 -0.99 -18.05 104.21
CA TYR B 25 -1.71 -18.73 105.30
C TYR B 25 -1.51 -20.23 105.10
N GLY B 26 -0.57 -20.79 105.86
CA GLY B 26 -0.17 -22.17 105.70
C GLY B 26 1.33 -22.23 105.41
N MET B 27 1.79 -21.21 104.71
CA MET B 27 3.21 -21.04 104.41
C MET B 27 4.05 -20.79 105.64
N SER B 28 3.48 -20.17 106.67
CA SER B 28 4.18 -20.03 107.94
C SER B 28 3.94 -21.22 108.86
N LYS B 29 2.79 -21.88 108.75
CA LYS B 29 2.51 -23.04 109.58
C LYS B 29 3.34 -24.25 109.16
N ALA B 30 3.76 -24.30 107.89
CA ALA B 30 4.64 -25.37 107.45
C ALA B 30 5.98 -25.31 108.17
N ALA B 31 6.53 -24.10 108.33
CA ALA B 31 7.75 -23.95 109.11
C ALA B 31 7.51 -24.28 110.57
N ASP B 32 6.35 -23.89 111.11
CA ASP B 32 6.02 -24.20 112.50
C ASP B 32 5.90 -25.71 112.72
N LEU B 33 5.24 -26.40 111.79
CA LEU B 33 5.12 -27.85 111.91
C LEU B 33 6.49 -28.53 111.83
N SER B 34 7.28 -28.18 110.82
CA SER B 34 8.63 -28.71 110.67
C SER B 34 9.65 -27.72 111.26
N SER B 35 9.48 -27.43 112.56
CA SER B 35 10.39 -26.52 113.23
C SER B 35 11.81 -27.08 113.25
N ASN B 36 12.00 -28.21 113.94
CA ASN B 36 13.29 -28.90 114.00
C ASN B 36 14.40 -27.97 114.47
N THR B 37 14.09 -27.16 115.48
CA THR B 37 15.06 -26.22 116.04
C THR B 37 15.40 -26.57 117.48
N PRO C 1 -1.83 44.98 -70.87
CA PRO C 1 -2.60 45.31 -69.67
C PRO C 1 -4.09 45.44 -69.95
N PRO C 2 -4.82 44.31 -69.90
CA PRO C 2 -6.27 44.36 -70.11
C PRO C 2 -6.94 45.26 -69.09
N PRO C 3 -7.99 45.98 -69.49
CA PRO C 3 -8.61 46.95 -68.58
C PRO C 3 -9.19 46.34 -67.31
N VAL C 4 -9.71 45.12 -67.38
CA VAL C 4 -10.43 44.54 -66.26
C VAL C 4 -9.83 43.18 -65.91
N ARG C 5 -10.08 42.76 -64.67
CA ARG C 5 -9.65 41.47 -64.16
C ARG C 5 -10.84 40.52 -64.16
N LEU C 6 -10.72 39.41 -64.88
CA LEU C 6 -11.74 38.38 -64.85
C LEU C 6 -11.48 37.31 -63.80
N PHE C 7 -10.30 37.35 -63.16
CA PHE C 7 -9.97 36.46 -62.05
C PHE C 7 -10.07 34.98 -62.43
N GLY C 8 -9.77 34.66 -63.69
CA GLY C 8 -9.71 33.28 -64.12
C GLY C 8 -11.05 32.58 -63.99
N VAL C 9 -10.99 31.30 -63.62
CA VAL C 9 -12.17 30.43 -63.48
C VAL C 9 -12.94 30.44 -64.79
N GLU C 10 -12.35 29.85 -65.83
CA GLU C 10 -12.96 29.69 -67.16
C GLU C 10 -13.03 31.03 -67.88
N GLY C 11 -12.73 32.11 -67.16
CA GLY C 11 -12.70 33.45 -67.74
C GLY C 11 -11.38 33.84 -68.34
N THR C 12 -10.31 33.09 -68.05
CA THR C 12 -9.01 33.40 -68.60
C THR C 12 -8.96 33.21 -70.12
N TYR C 13 -9.85 32.38 -70.68
CA TYR C 13 -9.90 32.23 -72.12
C TYR C 13 -10.28 33.55 -72.80
N ALA C 14 -11.26 34.25 -72.23
CA ALA C 14 -11.67 35.53 -72.79
C ALA C 14 -10.54 36.55 -72.71
N THR C 15 -9.83 36.60 -71.57
CA THR C 15 -8.70 37.52 -71.44
C THR C 15 -7.59 37.17 -72.43
N ALA C 16 -7.33 35.88 -72.63
CA ALA C 16 -6.32 35.47 -73.60
C ALA C 16 -6.72 35.89 -75.02
N LEU C 17 -8.00 35.71 -75.37
CA LEU C 17 -8.47 36.14 -76.68
C LEU C 17 -8.32 37.64 -76.85
N TYR C 18 -8.70 38.41 -75.82
CA TYR C 18 -8.59 39.86 -75.91
C TYR C 18 -7.14 40.31 -76.04
N GLN C 19 -6.23 39.67 -75.30
CA GLN C 19 -4.82 40.01 -75.40
C GLN C 19 -4.26 39.65 -76.77
N ALA C 20 -4.66 38.50 -77.32
CA ALA C 20 -4.23 38.12 -78.65
C ALA C 20 -4.72 39.11 -79.70
N ALA C 21 -5.96 39.60 -79.54
CA ALA C 21 -6.44 40.64 -80.45
C ALA C 21 -5.68 41.94 -80.27
N ALA C 22 -5.42 42.33 -79.01
CA ALA C 22 -4.80 43.61 -78.74
C ALA C 22 -3.35 43.66 -79.17
N LYS C 23 -2.68 42.50 -79.21
CA LYS C 23 -1.26 42.50 -79.56
C LYS C 23 -1.05 42.98 -80.99
N ASN C 24 -1.93 42.60 -81.92
CA ASN C 24 -1.81 43.08 -83.29
C ASN C 24 -3.00 43.95 -83.72
N SER C 25 -4.22 43.39 -83.74
CA SER C 25 -5.37 44.10 -84.29
C SER C 25 -6.67 43.34 -84.11
N SER C 26 -7.76 43.87 -84.70
CA SER C 26 -9.05 43.19 -84.80
C SER C 26 -9.69 42.96 -83.43
N ILE C 27 -9.84 44.04 -82.67
CA ILE C 27 -10.60 43.97 -81.43
C ILE C 27 -12.08 43.72 -81.71
N ASP C 28 -12.57 44.19 -82.85
CA ASP C 28 -13.99 44.14 -83.16
C ASP C 28 -14.40 42.97 -84.05
N ALA C 29 -13.61 42.66 -85.08
CA ALA C 29 -14.00 41.61 -86.03
C ALA C 29 -14.12 40.26 -85.34
N ALA C 30 -13.16 39.91 -84.49
CA ALA C 30 -13.24 38.66 -83.75
C ALA C 30 -14.47 38.65 -82.84
N PHE C 31 -14.77 39.78 -82.20
CA PHE C 31 -15.88 39.83 -81.27
C PHE C 31 -17.23 39.73 -81.99
N GLN C 32 -17.38 40.43 -83.13
CA GLN C 32 -18.62 40.32 -83.87
C GLN C 32 -18.80 38.93 -84.46
N SER C 33 -17.70 38.30 -84.91
CA SER C 33 -17.79 36.93 -85.36
C SER C 33 -18.21 35.99 -84.24
N LEU C 34 -17.68 36.20 -83.03
CA LEU C 34 -18.06 35.38 -81.90
C LEU C 34 -19.52 35.60 -81.53
N GLN C 35 -20.01 36.84 -81.64
CA GLN C 35 -21.42 37.11 -81.43
C GLN C 35 -22.28 36.35 -82.44
N LYS C 36 -21.85 36.33 -83.71
CA LYS C 36 -22.57 35.57 -84.71
C LYS C 36 -22.56 34.08 -84.38
N VAL C 37 -21.42 33.58 -83.88
CA VAL C 37 -21.33 32.17 -83.51
C VAL C 37 -22.31 31.84 -82.38
N GLU C 38 -22.39 32.72 -81.39
CA GLU C 38 -23.35 32.49 -80.30
C GLU C 38 -24.78 32.58 -80.80
N SER C 39 -25.06 33.49 -81.72
CA SER C 39 -26.39 33.53 -82.33
C SER C 39 -26.70 32.23 -83.05
N THR C 40 -25.72 31.68 -83.77
CA THR C 40 -25.93 30.41 -84.46
C THR C 40 -26.17 29.27 -83.48
N VAL C 41 -25.40 29.21 -82.39
CA VAL C 41 -25.55 28.10 -81.45
C VAL C 41 -26.87 28.22 -80.69
N LYS C 42 -27.35 29.44 -80.44
CA LYS C 42 -28.67 29.58 -79.85
C LYS C 42 -29.79 29.48 -80.87
N LYS C 43 -29.47 29.47 -82.17
CA LYS C 43 -30.49 29.29 -83.19
C LYS C 43 -31.14 27.92 -83.11
N ASN C 44 -30.35 26.89 -82.82
CA ASN C 44 -30.81 25.51 -82.74
C ASN C 44 -30.42 24.95 -81.39
N PRO C 45 -31.10 25.38 -80.31
CA PRO C 45 -30.62 25.02 -78.96
C PRO C 45 -30.54 23.52 -78.71
N LYS C 46 -31.50 22.75 -79.23
CA LYS C 46 -31.46 21.30 -79.02
C LYS C 46 -30.26 20.67 -79.71
N LEU C 47 -29.80 21.26 -80.81
CA LEU C 47 -28.55 20.86 -81.43
C LEU C 47 -27.40 21.80 -81.08
N GLY C 48 -27.69 22.98 -80.52
CA GLY C 48 -26.65 23.93 -80.21
C GLY C 48 -25.91 23.67 -78.91
N HIS C 49 -26.61 23.73 -77.77
CA HIS C 49 -25.94 23.64 -76.49
C HIS C 49 -26.01 22.24 -75.88
N LEU C 50 -26.95 21.40 -76.31
CA LEU C 50 -26.89 19.99 -75.92
C LEU C 50 -25.63 19.33 -76.46
N LEU C 51 -25.12 19.80 -77.59
CA LEU C 51 -23.88 19.28 -78.14
C LEU C 51 -22.65 19.74 -77.36
N LEU C 52 -22.80 20.68 -76.43
CA LEU C 52 -21.71 21.11 -75.57
C LEU C 52 -21.60 20.26 -74.30
N ASN C 53 -22.26 19.11 -74.28
CA ASN C 53 -22.21 18.20 -73.14
C ASN C 53 -20.81 17.58 -73.03
N PRO C 54 -20.42 17.14 -71.84
CA PRO C 54 -19.08 16.54 -71.70
C PRO C 54 -19.02 15.07 -72.11
N ALA C 55 -20.16 14.42 -72.31
CA ALA C 55 -20.20 13.05 -72.82
C ALA C 55 -20.11 13.11 -74.34
N LEU C 56 -18.93 13.49 -74.84
CA LEU C 56 -18.75 13.71 -76.26
C LEU C 56 -17.25 13.70 -76.55
N SER C 57 -16.80 12.73 -77.33
CA SER C 57 -15.38 12.40 -77.42
C SER C 57 -14.59 13.54 -78.06
N LEU C 58 -13.25 13.41 -77.97
CA LEU C 58 -12.37 14.46 -78.45
C LEU C 58 -12.53 14.70 -79.95
N LYS C 59 -12.56 13.63 -80.74
CA LYS C 59 -12.69 13.80 -82.19
C LYS C 59 -14.12 14.18 -82.55
N ASP C 60 -15.08 13.81 -81.67
CA ASP C 60 -16.42 14.40 -81.75
C ASP C 60 -16.35 15.92 -81.57
N ARG C 61 -15.55 16.39 -80.62
CA ARG C 61 -15.39 17.83 -80.42
C ARG C 61 -14.74 18.48 -81.62
N ASN C 62 -13.75 17.81 -82.21
CA ASN C 62 -13.16 18.33 -83.44
C ASN C 62 -14.20 18.42 -84.56
N SER C 63 -15.04 17.41 -84.68
CA SER C 63 -16.10 17.42 -85.69
C SER C 63 -17.06 18.57 -85.46
N VAL C 64 -17.47 18.80 -84.21
CA VAL C 64 -18.46 19.85 -83.95
C VAL C 64 -17.85 21.22 -84.17
N ILE C 65 -16.59 21.42 -83.77
CA ILE C 65 -15.98 22.73 -83.98
C ILE C 65 -15.73 22.98 -85.46
N ASP C 66 -15.40 21.93 -86.22
CA ASP C 66 -15.32 22.09 -87.68
C ASP C 66 -16.68 22.44 -88.25
N ALA C 67 -17.74 21.84 -87.71
CA ALA C 67 -19.09 22.16 -88.12
C ALA C 67 -19.50 23.59 -87.77
N ILE C 68 -18.88 24.18 -86.74
CA ILE C 68 -19.21 25.55 -86.38
C ILE C 68 -18.76 26.51 -87.47
N VAL C 69 -17.56 26.31 -88.01
CA VAL C 69 -17.00 27.24 -88.98
C VAL C 69 -17.56 26.98 -90.38
N GLU C 70 -18.69 27.62 -90.68
CA GLU C 70 -19.32 27.57 -92.00
C GLU C 70 -19.85 28.97 -92.32
N THR C 71 -20.68 29.04 -93.35
CA THR C 71 -21.33 30.29 -93.78
C THR C 71 -20.29 31.39 -94.03
N HIS C 72 -19.42 31.11 -95.00
CA HIS C 72 -18.31 32.01 -95.35
C HIS C 72 -17.38 32.22 -94.15
N LYS C 73 -16.93 31.10 -93.58
CA LYS C 73 -15.88 31.02 -92.57
C LYS C 73 -15.94 32.15 -91.54
N ASN C 74 -17.14 32.46 -91.05
CA ASN C 74 -17.35 33.56 -90.12
C ASN C 74 -16.34 33.59 -88.98
N LEU C 75 -15.84 32.42 -88.60
CA LEU C 75 -14.81 32.36 -87.57
C LEU C 75 -13.53 32.95 -88.13
N ASP C 76 -13.23 34.19 -87.75
CA ASP C 76 -12.12 34.95 -88.33
C ASP C 76 -11.08 35.26 -87.27
N GLY C 77 -9.81 35.06 -87.63
CA GLY C 77 -8.72 35.35 -86.71
C GLY C 77 -8.36 34.19 -85.81
N TYR C 78 -8.20 34.48 -84.51
CA TYR C 78 -7.80 33.49 -83.54
C TYR C 78 -8.98 32.80 -82.87
N VAL C 79 -10.22 33.11 -83.27
CA VAL C 79 -11.38 32.44 -82.71
C VAL C 79 -11.40 30.97 -83.10
N VAL C 80 -10.86 30.64 -84.27
CA VAL C 80 -10.71 29.22 -84.63
C VAL C 80 -9.78 28.54 -83.66
N ASN C 81 -8.72 29.24 -83.23
CA ASN C 81 -7.83 28.68 -82.21
C ASN C 81 -8.57 28.49 -80.89
N LEU C 82 -9.49 29.40 -80.57
CA LEU C 82 -10.30 29.25 -79.37
C LEU C 82 -11.19 28.01 -79.46
N LEU C 83 -11.80 27.78 -80.62
CA LEU C 83 -12.59 26.56 -80.79
C LEU C 83 -11.72 25.32 -80.65
N LYS C 84 -10.53 25.35 -81.24
CA LYS C 84 -9.62 24.20 -81.12
C LYS C 84 -9.26 23.94 -79.66
N VAL C 85 -8.84 24.98 -78.93
CA VAL C 85 -8.42 24.76 -77.54
C VAL C 85 -9.60 24.32 -76.69
N LEU C 86 -10.81 24.81 -76.98
CA LEU C 86 -11.98 24.32 -76.29
C LEU C 86 -12.33 22.89 -76.65
N SER C 87 -11.86 22.40 -77.81
CA SER C 87 -12.08 21.00 -78.16
C SER C 87 -11.32 20.07 -77.22
N GLU C 88 -10.04 20.36 -76.96
CA GLU C 88 -9.24 19.53 -76.08
C GLU C 88 -9.26 20.02 -74.63
N ASN C 89 -10.13 20.94 -74.30
CA ASN C 89 -10.27 21.45 -72.94
C ASN C 89 -11.77 21.59 -72.64
N ASN C 90 -12.09 22.34 -71.60
CA ASN C 90 -13.48 22.56 -71.20
C ASN C 90 -14.34 22.97 -72.39
N ARG C 91 -15.56 22.45 -72.44
CA ARG C 91 -16.34 22.42 -73.67
C ARG C 91 -17.29 23.59 -73.84
N LEU C 92 -18.24 23.77 -72.91
CA LEU C 92 -19.32 24.71 -73.15
C LEU C 92 -18.80 26.13 -73.31
N GLY C 93 -19.31 26.83 -74.31
CA GLY C 93 -18.73 28.07 -74.77
C GLY C 93 -19.61 29.30 -74.65
N CYS C 94 -20.34 29.43 -73.54
CA CYS C 94 -21.24 30.56 -73.34
C CYS C 94 -20.71 31.57 -72.34
N PHE C 95 -20.22 31.12 -71.18
CA PHE C 95 -19.83 32.04 -70.12
C PHE C 95 -18.64 32.91 -70.53
N GLU C 96 -17.62 32.31 -71.14
CA GLU C 96 -16.44 33.11 -71.49
C GLU C 96 -16.76 34.10 -72.59
N LYS C 97 -17.77 33.82 -73.42
CA LYS C 97 -18.24 34.81 -74.37
C LYS C 97 -18.78 36.04 -73.64
N ILE C 98 -19.55 35.82 -72.59
CA ILE C 98 -20.07 36.94 -71.79
C ILE C 98 -18.94 37.68 -71.11
N ALA C 99 -17.94 36.95 -70.61
CA ALA C 99 -16.79 37.61 -69.99
C ALA C 99 -16.03 38.46 -70.99
N SER C 100 -15.82 37.95 -72.20
CA SER C 100 -15.14 38.72 -73.24
C SER C 100 -15.94 39.95 -73.62
N ASP C 101 -17.27 39.81 -73.72
CA ASP C 101 -18.11 40.97 -73.99
C ASP C 101 -17.98 42.01 -72.88
N PHE C 102 -17.97 41.55 -71.63
CA PHE C 102 -17.80 42.46 -70.51
C PHE C 102 -16.47 43.21 -70.63
N GLY C 103 -15.40 42.49 -70.98
CA GLY C 103 -14.11 43.13 -71.15
C GLY C 103 -14.08 44.16 -72.27
N VAL C 104 -14.61 43.80 -73.44
CA VAL C 104 -14.54 44.72 -74.57
C VAL C 104 -15.43 45.93 -74.32
N LEU C 105 -16.57 45.74 -73.65
CA LEU C 105 -17.41 46.88 -73.30
C LEU C 105 -16.71 47.80 -72.30
N ASN C 106 -16.01 47.25 -71.31
CA ASN C 106 -15.19 48.13 -70.47
C ASN C 106 -14.15 48.87 -71.29
N ASP C 107 -13.61 48.21 -72.33
CA ASP C 107 -12.64 48.88 -73.19
C ASP C 107 -13.29 50.05 -73.94
N ALA C 108 -14.55 49.91 -74.32
CA ALA C 108 -15.18 50.91 -75.18
C ALA C 108 -16.38 51.63 -74.58
N HIS C 109 -17.07 51.05 -73.59
CA HIS C 109 -18.37 51.54 -73.15
C HIS C 109 -18.35 52.16 -71.76
N ASN C 110 -17.91 51.42 -70.74
CA ASN C 110 -17.89 51.89 -69.35
C ASN C 110 -19.27 52.34 -68.90
N GLY C 111 -20.20 51.39 -68.89
CA GLY C 111 -21.55 51.65 -68.42
C GLY C 111 -21.95 50.80 -67.23
N LEU C 112 -22.39 51.43 -66.15
CA LEU C 112 -22.79 50.74 -64.94
C LEU C 112 -24.14 51.28 -64.48
N LEU C 113 -24.98 50.39 -63.97
CA LEU C 113 -26.37 50.71 -63.63
C LEU C 113 -26.50 51.02 -62.14
N LYS C 114 -25.98 52.20 -61.76
CA LYS C 114 -25.99 52.61 -60.36
C LYS C 114 -27.29 53.37 -60.07
N GLY C 115 -27.31 54.12 -58.98
CA GLY C 115 -28.49 54.83 -58.53
C GLY C 115 -28.61 54.78 -57.03
N THR C 116 -27.70 54.04 -56.39
CA THR C 116 -27.62 53.92 -54.94
C THR C 116 -28.98 53.60 -54.33
N VAL C 117 -29.60 54.59 -53.68
CA VAL C 117 -30.91 54.43 -53.07
C VAL C 117 -32.01 54.24 -54.11
N THR C 118 -31.71 54.46 -55.38
CA THR C 118 -32.68 54.29 -56.46
C THR C 118 -32.35 53.05 -57.27
N SER C 119 -33.34 52.20 -57.50
CA SER C 119 -33.15 50.96 -58.25
C SER C 119 -33.44 51.17 -59.74
N ALA C 120 -32.71 52.10 -60.33
CA ALA C 120 -32.85 52.42 -61.74
C ALA C 120 -31.96 51.50 -62.58
N GLU C 121 -32.02 51.67 -63.90
CA GLU C 121 -31.17 50.93 -64.83
C GLU C 121 -30.50 51.89 -65.81
N PRO C 122 -29.67 52.81 -65.30
CA PRO C 122 -29.05 53.86 -66.16
C PRO C 122 -27.71 53.47 -66.80
N LEU C 123 -27.77 52.72 -67.89
CA LEU C 123 -26.56 52.42 -68.64
C LEU C 123 -25.96 53.72 -69.20
N ASP C 124 -24.64 53.84 -69.08
CA ASP C 124 -23.93 55.07 -69.43
C ASP C 124 -22.90 54.82 -70.52
N PRO C 125 -23.18 55.20 -71.77
CA PRO C 125 -22.21 55.02 -72.87
C PRO C 125 -21.12 56.09 -72.89
N LYS C 126 -20.25 56.08 -71.88
CA LYS C 126 -19.17 57.04 -71.82
C LYS C 126 -18.07 56.51 -70.90
N SER C 127 -16.81 56.75 -71.28
CA SER C 127 -15.69 56.30 -70.46
C SER C 127 -15.46 57.20 -69.25
N PHE C 128 -16.03 58.39 -69.23
CA PHE C 128 -15.86 59.34 -68.13
C PHE C 128 -17.07 59.20 -67.20
N LYS C 129 -16.85 58.62 -66.03
CA LYS C 129 -17.92 58.41 -65.04
C LYS C 129 -17.84 59.50 -63.98
N ARG C 130 -18.09 60.74 -64.42
CA ARG C 130 -17.96 61.89 -63.53
C ARG C 130 -19.27 62.63 -63.32
N ILE C 131 -19.97 63.03 -64.40
CA ILE C 131 -21.24 63.75 -64.26
C ILE C 131 -22.29 63.21 -65.23
N GLU C 132 -21.88 62.35 -66.17
CA GLU C 132 -22.84 61.79 -67.11
C GLU C 132 -23.91 60.97 -66.42
N LYS C 133 -23.63 60.48 -65.20
CA LYS C 133 -24.66 59.79 -64.43
C LYS C 133 -25.83 60.72 -64.13
N ALA C 134 -25.58 62.02 -63.97
CA ALA C 134 -26.67 62.96 -63.73
C ALA C 134 -27.63 63.00 -64.90
N LEU C 135 -27.10 63.14 -66.12
CA LEU C 135 -27.95 63.17 -67.31
C LEU C 135 -28.66 61.83 -67.49
N SER C 136 -27.95 60.72 -67.26
CA SER C 136 -28.58 59.41 -67.40
C SER C 136 -29.73 59.25 -66.43
N ALA C 137 -29.52 59.62 -65.17
CA ALA C 137 -30.57 59.50 -64.16
C ALA C 137 -31.75 60.43 -64.48
N SER C 138 -31.45 61.65 -64.93
CA SER C 138 -32.53 62.58 -65.28
C SER C 138 -33.38 62.04 -66.43
N LYS C 139 -32.74 61.47 -67.46
CA LYS C 139 -33.49 60.90 -68.56
C LYS C 139 -34.28 59.68 -68.13
N LEU C 140 -33.71 58.82 -67.28
CA LEU C 140 -34.41 57.63 -66.85
C LEU C 140 -35.49 57.90 -65.80
N VAL C 141 -35.49 59.07 -65.17
CA VAL C 141 -36.58 59.40 -64.25
C VAL C 141 -37.66 60.21 -64.96
N GLY C 142 -37.28 61.05 -65.92
CA GLY C 142 -38.28 61.79 -66.67
C GLY C 142 -39.19 60.91 -67.49
N GLN C 143 -38.66 59.78 -67.99
CA GLN C 143 -39.44 58.87 -68.82
C GLN C 143 -39.15 57.44 -68.40
N GLY C 144 -40.06 56.54 -68.75
CA GLY C 144 -39.86 55.12 -68.55
C GLY C 144 -40.32 54.57 -67.21
N LYS C 145 -39.54 54.85 -66.16
CA LYS C 145 -39.78 54.28 -64.83
C LYS C 145 -39.90 52.76 -64.92
N SER C 146 -38.78 52.14 -65.29
CA SER C 146 -38.73 50.70 -65.52
C SER C 146 -39.18 49.93 -64.28
N LEU C 147 -38.36 49.95 -63.22
CA LEU C 147 -38.80 49.47 -61.92
C LEU C 147 -38.83 50.59 -60.89
N LYS C 148 -37.70 51.25 -60.64
CA LYS C 148 -37.60 52.35 -59.67
C LYS C 148 -38.35 52.05 -58.37
N LEU C 149 -38.43 50.77 -58.01
CA LEU C 149 -39.24 50.30 -56.91
C LEU C 149 -38.31 49.84 -55.79
N GLU C 150 -38.07 50.72 -54.82
CA GLU C 150 -37.35 50.33 -53.62
C GLU C 150 -38.21 49.51 -52.67
N ASN C 151 -39.51 49.36 -52.98
CA ASN C 151 -40.48 48.74 -52.08
C ASN C 151 -40.59 49.57 -50.81
N VAL C 152 -39.53 49.56 -50.00
CA VAL C 152 -39.36 50.51 -48.91
C VAL C 152 -37.89 50.92 -48.89
N VAL C 153 -37.62 52.22 -48.72
CA VAL C 153 -36.25 52.69 -48.69
C VAL C 153 -35.62 52.42 -47.34
N LYS C 154 -34.34 52.08 -47.35
CA LYS C 154 -33.65 51.63 -46.14
C LYS C 154 -33.57 52.65 -45.00
N PRO C 155 -33.31 53.95 -45.23
CA PRO C 155 -32.96 54.80 -44.07
C PRO C 155 -34.04 54.88 -43.01
N GLU C 156 -35.31 55.04 -43.40
CA GLU C 156 -36.36 55.19 -42.39
C GLU C 156 -36.57 53.91 -41.59
N ILE C 157 -36.60 52.75 -42.26
CA ILE C 157 -36.84 51.50 -41.54
C ILE C 157 -35.67 51.21 -40.61
N LYS C 158 -34.43 51.39 -41.09
CA LYS C 158 -33.29 51.08 -40.22
C LYS C 158 -33.20 52.08 -39.07
N GLY C 159 -33.53 53.35 -39.33
CA GLY C 159 -33.52 54.33 -38.25
C GLY C 159 -34.58 54.04 -37.21
N GLY C 160 -35.79 53.68 -37.65
CA GLY C 160 -36.82 53.30 -36.69
C GLY C 160 -36.43 52.11 -35.86
N LEU C 161 -35.80 51.11 -36.50
CA LEU C 161 -35.34 49.94 -35.78
C LEU C 161 -34.31 50.31 -34.71
N ILE C 162 -33.31 51.10 -35.09
CA ILE C 162 -32.26 51.43 -34.13
C ILE C 162 -32.78 52.36 -33.03
N VAL C 163 -33.73 53.24 -33.36
CA VAL C 163 -34.32 54.12 -32.34
C VAL C 163 -35.11 53.31 -31.34
N GLU C 164 -35.98 52.41 -31.81
CA GLU C 164 -36.76 51.60 -30.89
C GLU C 164 -35.88 50.63 -30.12
N LEU C 165 -34.71 50.29 -30.67
CA LEU C 165 -33.73 49.52 -29.90
C LEU C 165 -33.07 50.34 -28.81
N GLY C 166 -33.23 51.66 -28.81
CA GLY C 166 -32.63 52.51 -27.80
C GLY C 166 -31.44 53.30 -28.31
N LYS D 1 -29.31 28.92 -94.19
CA LYS D 1 -29.68 28.01 -93.10
C LYS D 1 -29.56 26.55 -93.57
N ALA D 2 -29.63 26.34 -94.88
CA ALA D 2 -29.58 25.00 -95.43
C ALA D 2 -28.26 24.31 -95.09
N GLN D 3 -27.14 25.00 -95.30
CA GLN D 3 -25.83 24.47 -94.91
C GLN D 3 -25.75 24.26 -93.41
N PRO D 4 -26.12 25.23 -92.56
CA PRO D 4 -26.17 24.95 -91.12
C PRO D 4 -27.11 23.80 -90.75
N THR D 5 -28.26 23.71 -91.42
CA THR D 5 -29.21 22.64 -91.09
C THR D 5 -28.62 21.28 -91.40
N GLU D 6 -28.00 21.12 -92.58
CA GLU D 6 -27.48 19.82 -92.95
C GLU D 6 -26.22 19.48 -92.16
N VAL D 7 -25.40 20.47 -91.82
CA VAL D 7 -24.23 20.16 -91.01
C VAL D 7 -24.64 19.81 -89.57
N SER D 8 -25.68 20.45 -89.04
CA SER D 8 -26.25 20.01 -87.77
C SER D 8 -26.84 18.61 -87.86
N SER D 9 -27.47 18.28 -88.98
CA SER D 9 -28.00 16.93 -89.17
C SER D 9 -26.88 15.90 -89.12
N ILE D 10 -25.78 16.15 -89.84
CA ILE D 10 -24.67 15.19 -89.77
C ILE D 10 -23.97 15.25 -88.42
N LEU D 11 -24.12 16.35 -87.68
CA LEU D 11 -23.68 16.35 -86.28
C LEU D 11 -24.53 15.41 -85.44
N GLU D 12 -25.82 15.29 -85.75
CA GLU D 12 -26.69 14.38 -85.01
C GLU D 12 -26.23 12.93 -85.10
N GLU D 13 -25.51 12.56 -86.16
CA GLU D 13 -24.92 11.23 -86.20
C GLU D 13 -23.56 11.23 -85.51
N ARG D 14 -23.14 10.02 -85.10
CA ARG D 14 -21.84 9.72 -84.52
C ARG D 14 -21.74 10.26 -83.09
N ILE D 15 -22.73 11.03 -82.66
CA ILE D 15 -22.85 11.34 -81.24
C ILE D 15 -23.70 10.28 -80.55
N LYS D 16 -24.68 9.74 -81.27
CA LYS D 16 -25.47 8.57 -80.87
C LYS D 16 -26.13 8.86 -79.52
N GLY D 17 -26.05 7.96 -78.55
CA GLY D 17 -26.82 8.10 -77.33
C GLY D 17 -26.25 9.04 -76.29
N VAL D 18 -25.78 10.21 -76.72
CA VAL D 18 -25.33 11.24 -75.77
C VAL D 18 -26.19 12.50 -75.84
N SER D 19 -26.73 12.85 -77.01
CA SER D 19 -27.75 13.89 -77.09
C SER D 19 -28.85 13.51 -78.08
N ASP D 20 -28.54 12.59 -79.00
CA ASP D 20 -29.37 12.39 -80.18
C ASP D 20 -30.66 11.65 -79.85
N GLU D 21 -30.54 10.38 -79.42
CA GLU D 21 -31.71 9.54 -79.22
C GLU D 21 -32.08 9.46 -77.75
N ALA D 22 -33.39 9.46 -77.48
CA ALA D 22 -33.98 9.43 -76.14
C ALA D 22 -33.72 10.73 -75.40
N ASN D 23 -32.96 11.64 -76.03
CA ASN D 23 -32.61 12.94 -75.44
C ASN D 23 -31.89 12.78 -74.10
N LEU D 24 -31.46 11.56 -73.81
CA LEU D 24 -30.78 11.22 -72.56
C LEU D 24 -31.62 11.64 -71.36
N ASN D 25 -32.93 11.49 -71.55
CA ASN D 25 -33.93 11.85 -70.57
C ASN D 25 -34.38 10.66 -69.75
N GLU D 26 -34.60 9.51 -70.39
CA GLU D 26 -34.80 8.25 -69.71
C GLU D 26 -33.59 7.33 -69.81
N THR D 27 -32.52 7.77 -70.46
CA THR D 27 -31.29 7.01 -70.61
C THR D 27 -30.11 7.83 -70.13
N GLY D 28 -28.95 7.18 -70.05
CA GLY D 28 -27.76 7.84 -69.55
C GLY D 28 -26.50 7.34 -70.23
N ARG D 29 -25.40 8.03 -69.96
CA ARG D 29 -24.10 7.68 -70.52
C ARG D 29 -23.09 7.69 -69.39
N VAL D 30 -22.31 6.62 -69.26
CA VAL D 30 -21.32 6.54 -68.19
C VAL D 30 -20.18 7.50 -68.50
N LEU D 31 -20.02 8.52 -67.65
CA LEU D 31 -18.93 9.47 -67.83
C LEU D 31 -17.60 8.90 -67.33
N ALA D 32 -17.61 8.27 -66.16
CA ALA D 32 -16.39 7.73 -65.58
C ALA D 32 -16.76 6.69 -64.54
N VAL D 33 -16.04 5.57 -64.53
CA VAL D 33 -16.25 4.52 -63.54
C VAL D 33 -15.22 4.72 -62.44
N GLY D 34 -15.69 4.97 -61.22
CA GLY D 34 -14.80 5.24 -60.10
C GLY D 34 -14.54 4.04 -59.22
N ASP D 35 -14.42 4.28 -57.92
CA ASP D 35 -14.15 3.20 -56.97
C ASP D 35 -15.34 2.24 -56.89
N GLY D 36 -16.51 2.76 -56.54
CA GLY D 36 -17.73 1.99 -56.55
C GLY D 36 -18.88 2.80 -57.08
N ILE D 37 -18.54 3.92 -57.73
CA ILE D 37 -19.52 4.85 -58.26
C ILE D 37 -19.38 4.91 -59.77
N ALA D 38 -20.41 5.47 -60.42
CA ALA D 38 -20.41 5.62 -61.87
C ALA D 38 -21.11 6.92 -62.22
N ARG D 39 -20.32 7.94 -62.56
CA ARG D 39 -20.90 9.20 -63.01
C ARG D 39 -21.55 9.00 -64.37
N VAL D 40 -22.85 9.30 -64.45
CA VAL D 40 -23.64 9.03 -65.63
C VAL D 40 -24.28 10.33 -66.10
N PHE D 41 -24.00 10.73 -67.34
CA PHE D 41 -24.64 11.91 -67.90
C PHE D 41 -25.99 11.53 -68.52
N GLY D 42 -27.01 12.34 -68.23
CA GLY D 42 -28.34 12.08 -68.75
C GLY D 42 -29.32 11.75 -67.64
N LEU D 43 -30.34 10.95 -67.96
CA LEU D 43 -31.36 10.54 -67.00
C LEU D 43 -32.05 11.75 -66.38
N ASN D 44 -32.72 12.53 -67.22
CA ASN D 44 -33.29 13.79 -66.76
C ASN D 44 -34.56 13.61 -65.93
N ASN D 45 -35.31 12.53 -66.14
CA ASN D 45 -36.47 12.23 -65.31
C ASN D 45 -36.15 11.25 -64.18
N ILE D 46 -34.88 11.04 -63.88
CA ILE D 46 -34.52 10.13 -62.81
C ILE D 46 -34.93 10.74 -61.46
N GLN D 47 -35.44 9.89 -60.58
CA GLN D 47 -35.62 10.25 -59.17
C GLN D 47 -34.54 9.57 -58.34
N ALA D 48 -34.39 10.04 -57.11
CA ALA D 48 -33.32 9.56 -56.26
C ALA D 48 -33.54 8.10 -55.88
N GLU D 49 -32.43 7.41 -55.58
CA GLU D 49 -32.39 5.98 -55.25
C GLU D 49 -33.26 5.13 -56.17
N GLU D 50 -33.32 5.51 -57.45
CA GLU D 50 -34.06 4.75 -58.45
C GLU D 50 -33.15 3.67 -59.03
N LEU D 51 -33.68 2.46 -59.12
CA LEU D 51 -32.91 1.34 -59.64
C LEU D 51 -32.62 1.52 -61.12
N VAL D 52 -31.38 1.32 -61.52
CA VAL D 52 -30.94 1.58 -62.89
C VAL D 52 -30.13 0.39 -63.39
N GLU D 53 -30.29 0.05 -64.66
CA GLU D 53 -29.53 -1.01 -65.30
C GLU D 53 -28.43 -0.42 -66.16
N PHE D 54 -27.24 -1.02 -66.10
CA PHE D 54 -26.07 -0.55 -66.82
C PHE D 54 -25.83 -1.33 -68.11
N SER D 55 -26.88 -1.95 -68.64
CA SER D 55 -26.82 -2.72 -69.89
C SER D 55 -25.81 -3.87 -69.79
N SER D 56 -25.55 -4.34 -68.58
CA SER D 56 -24.65 -5.47 -68.38
C SER D 56 -25.14 -6.46 -67.34
N GLY D 57 -26.36 -6.29 -66.82
CA GLY D 57 -26.90 -7.15 -65.78
C GLY D 57 -26.69 -6.63 -64.37
N VAL D 58 -25.78 -5.69 -64.17
CA VAL D 58 -25.53 -5.13 -62.85
C VAL D 58 -26.54 -4.02 -62.58
N LYS D 59 -26.84 -3.81 -61.30
CA LYS D 59 -27.84 -2.85 -60.87
C LYS D 59 -27.18 -1.63 -60.25
N GLY D 60 -27.96 -0.57 -60.09
CA GLY D 60 -27.48 0.66 -59.50
C GLY D 60 -28.57 1.51 -58.87
N MET D 61 -28.20 2.28 -57.84
CA MET D 61 -29.14 3.09 -57.08
C MET D 61 -28.50 4.43 -56.77
N ALA D 62 -29.20 5.52 -57.10
CA ALA D 62 -28.61 6.85 -57.24
C ALA D 62 -28.57 7.59 -55.90
N LEU D 63 -27.36 7.93 -55.45
CA LEU D 63 -27.19 8.87 -54.33
C LEU D 63 -27.12 10.30 -54.85
N ASN D 64 -26.15 10.56 -55.72
CA ASN D 64 -25.81 11.91 -56.12
C ASN D 64 -26.61 12.34 -57.34
N LEU D 65 -27.38 13.41 -57.19
CA LEU D 65 -28.23 13.88 -58.28
C LEU D 65 -27.95 15.36 -58.52
N GLU D 66 -26.67 15.72 -58.57
CA GLU D 66 -26.28 17.10 -58.82
C GLU D 66 -26.63 17.51 -60.25
N PRO D 67 -26.72 18.82 -60.52
CA PRO D 67 -27.29 19.26 -61.81
C PRO D 67 -26.61 18.70 -63.05
N GLY D 68 -25.29 18.52 -63.04
CA GLY D 68 -24.59 18.07 -64.22
C GLY D 68 -24.93 16.66 -64.65
N GLN D 69 -24.51 15.68 -63.86
CA GLN D 69 -24.80 14.28 -64.11
C GLN D 69 -25.35 13.63 -62.83
N VAL D 70 -25.45 12.31 -62.82
CA VAL D 70 -25.95 11.59 -61.67
C VAL D 70 -24.88 10.60 -61.20
N GLY D 71 -24.59 10.60 -59.91
CA GLY D 71 -23.68 9.64 -59.33
C GLY D 71 -24.39 8.37 -58.91
N ILE D 72 -23.99 7.23 -59.46
CA ILE D 72 -24.69 5.96 -59.25
C ILE D 72 -23.74 5.00 -58.56
N VAL D 73 -24.20 4.39 -57.46
CA VAL D 73 -23.41 3.32 -56.86
C VAL D 73 -23.66 2.02 -57.62
N LEU D 74 -22.71 1.10 -57.52
CA LEU D 74 -22.73 -0.13 -58.30
C LEU D 74 -23.19 -1.29 -57.42
N PHE D 75 -24.31 -1.90 -57.77
CA PHE D 75 -24.79 -3.11 -57.10
C PHE D 75 -24.12 -4.32 -57.73
N GLY D 76 -22.82 -4.44 -57.47
CA GLY D 76 -22.03 -5.51 -58.02
C GLY D 76 -20.63 -5.02 -58.31
N SER D 77 -19.86 -5.87 -58.98
CA SER D 77 -18.51 -5.50 -59.36
C SER D 77 -18.54 -4.39 -60.42
N ASP D 78 -17.65 -3.42 -60.26
CA ASP D 78 -17.52 -2.31 -61.19
C ASP D 78 -16.75 -2.67 -62.44
N ARG D 79 -16.25 -3.91 -62.55
CA ARG D 79 -15.63 -4.34 -63.79
C ARG D 79 -16.65 -4.42 -64.93
N LEU D 80 -17.88 -4.83 -64.61
CA LEU D 80 -18.90 -4.97 -65.65
C LEU D 80 -19.22 -3.63 -66.30
N VAL D 81 -19.34 -2.58 -65.49
CA VAL D 81 -19.71 -1.27 -66.03
C VAL D 81 -18.50 -0.65 -66.72
N LYS D 82 -18.76 0.04 -67.83
CA LYS D 82 -17.72 0.65 -68.64
C LYS D 82 -18.12 2.09 -68.97
N GLU D 83 -17.13 2.96 -69.06
CA GLU D 83 -17.40 4.35 -69.42
C GLU D 83 -17.89 4.42 -70.86
N GLY D 84 -18.98 5.14 -71.08
CA GLY D 84 -19.61 5.20 -72.38
C GLY D 84 -20.74 4.23 -72.61
N GLU D 85 -21.03 3.36 -71.64
CA GLU D 85 -22.14 2.42 -71.75
C GLU D 85 -23.46 3.15 -71.61
N LEU D 86 -24.52 2.54 -72.15
CA LEU D 86 -25.85 3.11 -72.07
C LEU D 86 -26.59 2.53 -70.87
N VAL D 87 -27.20 3.39 -70.07
CA VAL D 87 -27.94 2.95 -68.90
C VAL D 87 -29.39 3.39 -69.07
N LYS D 88 -30.30 2.66 -68.42
CA LYS D 88 -31.72 2.94 -68.51
C LYS D 88 -32.35 2.82 -67.13
N ARG D 89 -33.30 3.71 -66.83
CA ARG D 89 -33.95 3.71 -65.54
C ARG D 89 -35.09 2.69 -65.50
N THR D 90 -35.19 1.98 -64.38
CA THR D 90 -36.26 1.01 -64.20
C THR D 90 -37.57 1.67 -63.78
N GLY D 91 -37.54 2.94 -63.38
CA GLY D 91 -38.73 3.67 -63.05
C GLY D 91 -39.32 3.37 -61.68
N ASN D 92 -38.60 2.65 -60.82
CA ASN D 92 -39.11 2.31 -59.50
C ASN D 92 -38.01 2.47 -58.46
N ILE D 93 -38.41 2.87 -57.26
CA ILE D 93 -37.49 2.91 -56.13
C ILE D 93 -37.03 1.49 -55.81
N VAL D 94 -35.83 1.36 -55.25
CA VAL D 94 -35.28 0.06 -54.90
C VAL D 94 -36.26 -0.71 -54.03
N ASP D 95 -36.65 -1.89 -54.48
CA ASP D 95 -37.68 -2.69 -53.85
C ASP D 95 -37.29 -4.16 -53.92
N VAL D 96 -37.87 -4.95 -53.02
CA VAL D 96 -37.60 -6.38 -52.94
C VAL D 96 -38.92 -7.13 -53.04
N PRO D 97 -38.99 -8.23 -53.77
CA PRO D 97 -40.24 -9.00 -53.84
C PRO D 97 -40.60 -9.57 -52.47
N VAL D 98 -41.80 -9.27 -52.02
CA VAL D 98 -42.28 -9.71 -50.72
C VAL D 98 -43.50 -10.60 -50.92
N GLY D 99 -43.82 -11.37 -49.87
CA GLY D 99 -44.96 -12.24 -49.90
C GLY D 99 -44.74 -13.54 -49.16
N PRO D 100 -45.75 -14.41 -49.15
CA PRO D 100 -45.62 -15.68 -48.43
C PRO D 100 -45.02 -16.77 -49.30
N GLY D 101 -44.45 -16.39 -50.44
CA GLY D 101 -43.85 -17.36 -51.34
C GLY D 101 -42.34 -17.41 -51.22
N LEU D 102 -41.81 -16.91 -50.11
CA LEU D 102 -40.37 -16.84 -49.91
C LEU D 102 -39.84 -17.81 -48.86
N LEU D 103 -40.70 -18.37 -48.01
CA LEU D 103 -40.23 -19.29 -46.98
C LEU D 103 -39.65 -20.54 -47.63
N GLY D 104 -38.56 -21.05 -47.05
CA GLY D 104 -37.86 -22.18 -47.62
C GLY D 104 -36.90 -21.83 -48.73
N ARG D 105 -36.71 -20.56 -49.03
CA ARG D 105 -35.83 -20.11 -50.10
C ARG D 105 -34.81 -19.12 -49.56
N VAL D 106 -33.66 -19.06 -50.22
CA VAL D 106 -32.61 -18.11 -49.87
C VAL D 106 -32.38 -17.18 -51.06
N VAL D 107 -32.18 -15.90 -50.77
CA VAL D 107 -32.04 -14.87 -51.79
C VAL D 107 -30.89 -13.94 -51.40
N ASP D 108 -30.63 -12.96 -52.27
CA ASP D 108 -29.61 -11.95 -52.09
C ASP D 108 -30.26 -10.65 -51.63
N ALA D 109 -29.50 -9.56 -51.59
CA ALA D 109 -30.00 -8.25 -51.22
C ALA D 109 -30.98 -7.68 -52.23
N LEU D 110 -31.09 -8.27 -53.42
CA LEU D 110 -32.02 -7.81 -54.43
C LEU D 110 -33.18 -8.77 -54.63
N GLY D 111 -33.32 -9.78 -53.77
CA GLY D 111 -34.43 -10.71 -53.87
C GLY D 111 -34.31 -11.74 -54.96
N ASN D 112 -33.17 -11.81 -55.64
CA ASN D 112 -32.97 -12.79 -56.69
C ASN D 112 -32.63 -14.14 -56.07
N PRO D 113 -33.34 -15.22 -56.43
CA PRO D 113 -33.05 -16.52 -55.83
C PRO D 113 -31.64 -17.02 -56.14
N ILE D 114 -30.96 -17.55 -55.13
CA ILE D 114 -29.62 -18.12 -55.29
C ILE D 114 -29.62 -19.62 -55.05
N ASP D 115 -30.60 -20.14 -54.30
CA ASP D 115 -30.64 -21.56 -53.99
C ASP D 115 -30.78 -22.43 -55.23
N GLY D 116 -31.19 -21.86 -56.35
CA GLY D 116 -31.41 -22.63 -57.55
C GLY D 116 -32.66 -23.49 -57.53
N LYS D 117 -33.64 -23.12 -56.70
CA LYS D 117 -34.89 -23.86 -56.60
C LYS D 117 -35.98 -23.29 -57.49
N GLY D 118 -35.63 -22.34 -58.36
CA GLY D 118 -36.58 -21.74 -59.25
C GLY D 118 -36.89 -20.29 -58.91
N PRO D 119 -37.84 -19.70 -59.61
CA PRO D 119 -38.20 -18.30 -59.36
C PRO D 119 -38.95 -18.13 -58.05
N ILE D 120 -38.98 -16.90 -57.58
CA ILE D 120 -39.61 -16.56 -56.31
C ILE D 120 -41.03 -16.05 -56.56
N ASP D 121 -41.98 -16.60 -55.82
CA ASP D 121 -43.36 -16.15 -55.85
C ASP D 121 -43.51 -14.96 -54.91
N ALA D 122 -44.01 -13.85 -55.44
CA ALA D 122 -44.11 -12.59 -54.70
C ALA D 122 -45.54 -12.09 -54.67
N ALA D 123 -45.98 -11.64 -53.51
CA ALA D 123 -47.27 -10.99 -53.34
C ALA D 123 -47.17 -9.48 -53.46
N GLY D 124 -45.99 -8.95 -53.71
CA GLY D 124 -45.81 -7.51 -53.82
C GLY D 124 -44.33 -7.17 -53.84
N ARG D 125 -44.07 -5.87 -53.98
CA ARG D 125 -42.71 -5.34 -54.03
C ARG D 125 -42.66 -4.06 -53.20
N SER D 126 -42.32 -4.20 -51.92
CA SER D 126 -42.18 -3.05 -51.04
C SER D 126 -40.78 -2.47 -51.14
N ARG D 127 -40.69 -1.16 -50.89
CA ARG D 127 -39.40 -0.48 -50.97
C ARG D 127 -38.44 -1.01 -49.91
N ALA D 128 -37.16 -1.08 -50.27
CA ALA D 128 -36.15 -1.54 -49.32
C ALA D 128 -36.04 -0.60 -48.13
N GLN D 129 -36.06 0.70 -48.38
CA GLN D 129 -35.98 1.72 -47.34
C GLN D 129 -37.37 2.33 -47.18
N VAL D 130 -38.11 1.84 -46.19
CA VAL D 130 -39.47 2.30 -45.94
C VAL D 130 -39.51 2.98 -44.58
N LYS D 131 -40.46 3.90 -44.43
CA LYS D 131 -40.62 4.63 -43.19
C LYS D 131 -41.13 3.71 -42.08
N ALA D 132 -40.52 3.83 -40.91
CA ALA D 132 -40.96 3.05 -39.76
C ALA D 132 -42.32 3.54 -39.29
N PRO D 133 -43.10 2.68 -38.62
CA PRO D 133 -44.39 3.13 -38.08
C PRO D 133 -44.19 4.24 -37.05
N GLY D 134 -45.20 5.12 -36.96
CA GLY D 134 -45.09 6.27 -36.08
C GLY D 134 -45.26 5.94 -34.61
N ILE D 135 -45.80 6.90 -33.85
CA ILE D 135 -45.98 6.73 -32.41
C ILE D 135 -47.34 6.11 -32.14
N LEU D 136 -48.32 6.44 -32.97
CA LEU D 136 -49.69 5.96 -32.79
C LEU D 136 -49.86 4.45 -32.97
N PRO D 137 -49.28 3.78 -34.00
CA PRO D 137 -49.75 2.44 -34.34
C PRO D 137 -49.24 1.34 -33.44
N ARG D 138 -48.25 1.62 -32.60
CA ARG D 138 -47.58 0.59 -31.83
C ARG D 138 -48.35 0.25 -30.56
N ARG D 139 -47.92 -0.82 -29.92
CA ARG D 139 -48.54 -1.34 -28.70
C ARG D 139 -47.49 -2.10 -27.91
N SER D 140 -47.61 -2.01 -26.58
CA SER D 140 -46.61 -2.58 -25.70
C SER D 140 -46.53 -4.09 -25.83
N VAL D 141 -45.31 -4.62 -25.69
CA VAL D 141 -45.09 -6.04 -25.87
C VAL D 141 -45.75 -6.82 -24.74
N HIS D 142 -46.49 -7.87 -25.11
CA HIS D 142 -47.13 -8.74 -24.11
C HIS D 142 -46.97 -10.22 -24.38
N GLU D 143 -46.74 -10.65 -25.63
CA GLU D 143 -46.61 -12.06 -25.95
C GLU D 143 -45.15 -12.49 -25.96
N PRO D 144 -44.80 -13.52 -25.18
CA PRO D 144 -43.39 -13.94 -25.12
C PRO D 144 -43.01 -14.88 -26.25
N VAL D 145 -41.86 -14.61 -26.85
CA VAL D 145 -41.22 -15.52 -27.79
C VAL D 145 -40.27 -16.40 -27.00
N GLN D 146 -40.42 -17.71 -27.15
CA GLN D 146 -39.64 -18.66 -26.36
C GLN D 146 -38.39 -19.07 -27.13
N THR D 147 -37.22 -18.69 -26.60
CA THR D 147 -35.97 -18.99 -27.28
C THR D 147 -35.53 -20.44 -27.09
N GLY D 148 -36.00 -21.10 -26.04
CA GLY D 148 -35.54 -22.42 -25.69
C GLY D 148 -34.35 -22.45 -24.77
N LEU D 149 -33.73 -21.31 -24.50
CA LEU D 149 -32.63 -21.21 -23.55
C LEU D 149 -33.17 -20.85 -22.18
N LYS D 150 -32.78 -21.63 -21.17
CA LYS D 150 -33.19 -21.34 -19.81
C LYS D 150 -32.68 -19.96 -19.37
N ALA D 151 -31.46 -19.62 -19.78
CA ALA D 151 -30.90 -18.32 -19.44
C ALA D 151 -31.69 -17.19 -20.07
N VAL D 152 -32.11 -17.36 -21.32
CA VAL D 152 -32.81 -16.31 -22.05
C VAL D 152 -34.31 -16.31 -21.75
N ASP D 153 -34.83 -17.41 -21.20
CA ASP D 153 -36.25 -17.49 -20.85
C ASP D 153 -36.51 -17.03 -19.42
N ALA D 154 -35.89 -17.70 -18.43
CA ALA D 154 -36.08 -17.28 -17.04
C ALA D 154 -35.51 -15.89 -16.80
N LEU D 155 -34.28 -15.66 -17.27
CA LEU D 155 -33.66 -14.35 -17.20
C LEU D 155 -33.74 -13.70 -18.58
N VAL D 156 -33.45 -12.40 -18.64
CA VAL D 156 -33.49 -11.56 -19.84
C VAL D 156 -34.60 -12.00 -20.80
N PRO D 157 -35.87 -11.97 -20.38
CA PRO D 157 -36.94 -12.45 -21.26
C PRO D 157 -37.10 -11.55 -22.48
N ILE D 158 -37.56 -12.16 -23.57
CA ILE D 158 -37.73 -11.48 -24.85
C ILE D 158 -39.18 -11.63 -25.28
N GLY D 159 -39.79 -10.52 -25.68
CA GLY D 159 -41.19 -10.51 -26.11
C GLY D 159 -41.35 -10.17 -27.57
N ARG D 160 -42.55 -10.37 -28.10
CA ARG D 160 -42.82 -10.10 -29.52
C ARG D 160 -42.96 -8.61 -29.73
N GLY D 161 -41.93 -7.99 -30.33
CA GLY D 161 -41.92 -6.58 -30.60
C GLY D 161 -40.74 -5.88 -29.95
N GLN D 162 -39.91 -6.64 -29.27
CA GLN D 162 -38.75 -6.12 -28.55
C GLN D 162 -37.47 -6.41 -29.36
N ARG D 163 -36.56 -5.44 -29.36
CA ARG D 163 -35.29 -5.58 -30.06
C ARG D 163 -34.20 -5.89 -29.02
N GLU D 164 -33.79 -7.15 -28.98
CA GLU D 164 -32.77 -7.61 -28.04
C GLU D 164 -31.47 -7.83 -28.80
N LEU D 165 -30.40 -7.25 -28.29
CA LEU D 165 -29.11 -7.24 -28.98
C LEU D 165 -28.23 -8.36 -28.44
N ILE D 166 -27.64 -9.14 -29.34
CA ILE D 166 -26.71 -10.20 -28.94
C ILE D 166 -25.30 -9.66 -29.13
N ILE D 167 -24.61 -9.41 -28.03
CA ILE D 167 -23.25 -8.88 -28.04
C ILE D 167 -22.30 -9.95 -27.52
N GLY D 168 -21.14 -10.06 -28.18
CA GLY D 168 -20.15 -11.02 -27.78
C GLY D 168 -18.93 -10.92 -28.66
N ASP D 169 -17.91 -11.70 -28.32
CA ASP D 169 -16.65 -11.70 -29.05
C ASP D 169 -16.80 -12.60 -30.29
N ARG D 170 -15.67 -12.90 -30.95
CA ARG D 170 -15.68 -13.63 -32.20
C ARG D 170 -16.31 -15.01 -32.05
N GLN D 171 -15.87 -15.77 -31.06
CA GLN D 171 -16.37 -17.13 -30.82
C GLN D 171 -17.04 -17.14 -29.44
N THR D 172 -18.35 -16.84 -29.43
CA THR D 172 -19.11 -16.86 -28.19
C THR D 172 -20.43 -17.61 -28.29
N GLY D 173 -20.98 -17.81 -29.49
CA GLY D 173 -22.22 -18.54 -29.64
C GLY D 173 -23.44 -17.67 -29.92
N LYS D 174 -23.21 -16.51 -30.55
CA LYS D 174 -24.33 -15.66 -30.96
C LYS D 174 -25.16 -16.34 -32.03
N THR D 175 -24.50 -16.84 -33.09
CA THR D 175 -25.18 -17.65 -34.07
C THR D 175 -25.84 -18.86 -33.42
N ALA D 176 -25.20 -19.43 -32.40
CA ALA D 176 -25.76 -20.59 -31.71
C ALA D 176 -27.10 -20.25 -31.06
N VAL D 177 -27.17 -19.13 -30.32
CA VAL D 177 -28.41 -18.79 -29.64
C VAL D 177 -29.48 -18.40 -30.66
N ALA D 178 -29.09 -17.72 -31.73
CA ALA D 178 -30.07 -17.38 -32.77
C ALA D 178 -30.67 -18.64 -33.40
N LEU D 179 -29.81 -19.62 -33.70
CA LEU D 179 -30.29 -20.88 -34.26
C LEU D 179 -31.14 -21.64 -33.25
N ASP D 180 -30.78 -21.58 -31.97
CA ASP D 180 -31.62 -22.21 -30.96
C ASP D 180 -33.00 -21.59 -30.93
N THR D 181 -33.09 -20.27 -31.07
CA THR D 181 -34.40 -19.62 -31.15
C THR D 181 -35.18 -20.11 -32.36
N ILE D 182 -34.53 -20.10 -33.54
CA ILE D 182 -35.26 -20.42 -34.76
C ILE D 182 -35.73 -21.88 -34.75
N LEU D 183 -34.95 -22.77 -34.12
CA LEU D 183 -35.38 -24.16 -34.01
C LEU D 183 -36.45 -24.34 -32.93
N ASN D 184 -36.35 -23.61 -31.82
CA ASN D 184 -37.39 -23.70 -30.79
C ASN D 184 -38.73 -23.20 -31.32
N GLN D 185 -38.71 -22.34 -32.34
CA GLN D 185 -39.97 -21.87 -32.93
C GLN D 185 -40.76 -23.01 -33.57
N LYS D 186 -40.11 -24.17 -33.80
CA LYS D 186 -40.75 -25.27 -34.50
C LYS D 186 -41.97 -25.79 -33.74
N ARG D 187 -41.94 -25.74 -32.41
CA ARG D 187 -43.04 -26.26 -31.60
C ARG D 187 -44.38 -25.66 -32.01
N TRP D 188 -44.44 -24.34 -32.16
CA TRP D 188 -45.65 -23.66 -32.54
C TRP D 188 -45.77 -23.39 -34.04
N ASN D 189 -44.68 -23.48 -34.79
CA ASN D 189 -44.75 -23.29 -36.23
C ASN D 189 -45.36 -24.48 -36.97
N ASN D 190 -45.59 -25.59 -36.29
CA ASN D 190 -46.19 -26.76 -36.90
C ASN D 190 -47.66 -26.94 -36.51
N GLY D 191 -48.24 -26.00 -35.78
CA GLY D 191 -49.60 -26.08 -35.33
C GLY D 191 -50.58 -25.43 -36.28
N SER D 192 -51.63 -24.83 -35.73
CA SER D 192 -52.66 -24.16 -36.50
C SER D 192 -52.88 -22.72 -36.08
N ASP D 193 -52.75 -22.41 -34.80
CA ASP D 193 -52.96 -21.05 -34.32
C ASP D 193 -51.88 -20.12 -34.84
N GLU D 194 -52.28 -19.16 -35.68
CA GLU D 194 -51.34 -18.23 -36.28
C GLU D 194 -50.78 -17.21 -35.29
N SER D 195 -51.50 -16.92 -34.20
CA SER D 195 -50.99 -15.99 -33.20
C SER D 195 -49.71 -16.47 -32.54
N LYS D 196 -49.52 -17.79 -32.43
CA LYS D 196 -48.27 -18.34 -31.91
C LYS D 196 -47.29 -18.72 -33.01
N LYS D 197 -47.72 -18.74 -34.28
CA LYS D 197 -46.81 -19.01 -35.39
C LYS D 197 -45.83 -17.85 -35.53
N LEU D 198 -44.55 -18.17 -35.53
CA LEU D 198 -43.50 -17.16 -35.68
C LEU D 198 -42.64 -17.53 -36.87
N TYR D 199 -42.81 -16.80 -37.98
CA TYR D 199 -41.92 -16.95 -39.11
C TYR D 199 -40.58 -16.29 -38.82
N CYS D 200 -39.55 -16.71 -39.54
CA CYS D 200 -38.19 -16.31 -39.22
C CYS D 200 -37.47 -15.79 -40.46
N VAL D 201 -36.55 -14.87 -40.24
CA VAL D 201 -35.69 -14.33 -41.30
C VAL D 201 -34.26 -14.27 -40.77
N TYR D 202 -33.32 -14.79 -41.56
CA TYR D 202 -31.91 -14.74 -41.22
C TYR D 202 -31.19 -13.85 -42.22
N VAL D 203 -30.31 -12.98 -41.72
CA VAL D 203 -29.57 -12.05 -42.55
C VAL D 203 -28.09 -12.40 -42.44
N ALA D 204 -27.45 -12.65 -43.58
CA ALA D 204 -26.04 -13.02 -43.61
C ALA D 204 -25.26 -11.85 -44.24
N VAL D 205 -24.64 -11.06 -43.38
CA VAL D 205 -23.84 -9.91 -43.81
C VAL D 205 -22.37 -10.26 -43.65
N GLY D 206 -21.64 -10.29 -44.77
CA GLY D 206 -20.22 -10.53 -44.74
C GLY D 206 -19.80 -11.92 -44.31
N GLN D 207 -20.74 -12.86 -44.19
CA GLN D 207 -20.40 -14.21 -43.79
C GLN D 207 -19.85 -15.01 -44.97
N LYS D 208 -19.11 -16.07 -44.65
CA LYS D 208 -18.61 -16.96 -45.68
C LYS D 208 -19.75 -17.73 -46.34
N ARG D 209 -19.64 -17.96 -47.64
CA ARG D 209 -20.65 -18.75 -48.34
C ARG D 209 -20.68 -20.18 -47.82
N SER D 210 -19.51 -20.72 -47.43
CA SER D 210 -19.46 -22.05 -46.85
C SER D 210 -20.24 -22.11 -45.54
N THR D 211 -20.06 -21.09 -44.69
CA THR D 211 -20.82 -21.04 -43.44
C THR D 211 -22.32 -20.94 -43.68
N VAL D 212 -22.71 -20.15 -44.68
CA VAL D 212 -24.13 -20.04 -45.01
C VAL D 212 -24.68 -21.37 -45.50
N ALA D 213 -23.91 -22.09 -46.32
CA ALA D 213 -24.34 -23.39 -46.80
C ALA D 213 -24.48 -24.38 -45.65
N GLN D 214 -23.51 -24.40 -44.73
CA GLN D 214 -23.62 -25.26 -43.56
C GLN D 214 -24.83 -24.89 -42.71
N LEU D 215 -25.11 -23.60 -42.57
CA LEU D 215 -26.28 -23.17 -41.82
C LEU D 215 -27.56 -23.66 -42.48
N VAL D 216 -27.65 -23.53 -43.80
CA VAL D 216 -28.82 -24.01 -44.54
C VAL D 216 -28.98 -25.51 -44.34
N GLN D 217 -27.86 -26.24 -44.35
CA GLN D 217 -27.91 -27.68 -44.10
C GLN D 217 -28.42 -27.97 -42.69
N THR D 218 -28.00 -27.17 -41.72
CA THR D 218 -28.47 -27.38 -40.34
C THR D 218 -29.98 -27.15 -40.23
N LEU D 219 -30.49 -26.09 -40.87
CA LEU D 219 -31.95 -25.91 -40.91
C LEU D 219 -32.62 -27.06 -41.65
N GLU D 220 -31.93 -27.62 -42.65
CA GLU D 220 -32.45 -28.80 -43.34
C GLU D 220 -32.60 -29.98 -42.39
N GLN D 221 -31.61 -30.18 -41.52
CA GLN D 221 -31.61 -31.36 -40.64
C GLN D 221 -32.76 -31.30 -39.66
N HIS D 222 -33.05 -30.12 -39.10
CA HIS D 222 -34.10 -29.97 -38.09
C HIS D 222 -35.41 -29.48 -38.70
N ASP D 223 -35.56 -29.55 -40.01
CA ASP D 223 -36.81 -29.19 -40.70
C ASP D 223 -37.22 -27.77 -40.38
N ALA D 224 -36.25 -26.86 -40.41
CA ALA D 224 -36.47 -25.44 -40.12
C ALA D 224 -36.42 -24.57 -41.36
N MET D 225 -36.28 -25.16 -42.55
CA MET D 225 -36.24 -24.36 -43.77
C MET D 225 -37.57 -23.64 -44.00
N LYS D 226 -38.68 -24.32 -43.69
CA LYS D 226 -39.99 -23.68 -43.74
C LYS D 226 -40.09 -22.60 -42.69
N TYR D 227 -41.08 -21.72 -42.86
CA TYR D 227 -41.33 -20.54 -42.02
C TYR D 227 -40.07 -19.71 -41.79
N SER D 228 -39.08 -19.81 -42.68
CA SER D 228 -37.81 -19.12 -42.53
C SER D 228 -37.30 -18.68 -43.89
N ILE D 229 -36.71 -17.49 -43.94
CA ILE D 229 -36.12 -16.93 -45.15
C ILE D 229 -34.72 -16.46 -44.81
N ILE D 230 -33.77 -16.72 -45.70
CA ILE D 230 -32.37 -16.35 -45.49
C ILE D 230 -31.96 -15.43 -46.63
N VAL D 231 -31.51 -14.23 -46.28
CA VAL D 231 -30.91 -13.32 -47.25
C VAL D 231 -29.39 -13.34 -47.05
N ALA D 232 -28.65 -13.46 -48.14
CA ALA D 232 -27.22 -13.68 -48.09
C ALA D 232 -26.47 -12.53 -48.74
N ALA D 233 -25.46 -12.04 -48.04
CA ALA D 233 -24.52 -11.03 -48.56
C ALA D 233 -23.14 -11.47 -48.09
N THR D 234 -22.47 -12.28 -48.91
CA THR D 234 -21.19 -12.85 -48.51
C THR D 234 -20.10 -11.79 -48.49
N ALA D 235 -18.99 -12.12 -47.84
CA ALA D 235 -17.85 -11.21 -47.75
C ALA D 235 -17.27 -10.89 -49.12
N SER D 236 -17.43 -11.78 -50.10
CA SER D 236 -16.95 -11.51 -51.45
C SER D 236 -17.88 -10.59 -52.22
N GLU D 237 -19.10 -10.37 -51.74
CA GLU D 237 -20.04 -9.49 -52.43
C GLU D 237 -19.60 -8.04 -52.31
N ALA D 238 -20.11 -7.22 -53.23
CA ALA D 238 -19.83 -5.79 -53.19
C ALA D 238 -20.44 -5.16 -51.93
N ALA D 239 -19.77 -4.11 -51.44
CA ALA D 239 -20.24 -3.40 -50.26
C ALA D 239 -21.68 -2.91 -50.38
N PRO D 240 -22.15 -2.35 -51.50
CA PRO D 240 -23.57 -1.94 -51.58
C PRO D 240 -24.55 -3.07 -51.32
N LEU D 241 -24.25 -4.28 -51.80
CA LEU D 241 -25.15 -5.41 -51.56
C LEU D 241 -25.29 -5.68 -50.07
N GLN D 242 -24.16 -5.70 -49.36
CA GLN D 242 -24.18 -5.90 -47.92
C GLN D 242 -24.92 -4.76 -47.22
N TYR D 243 -24.71 -3.53 -47.66
CA TYR D 243 -25.37 -2.39 -47.05
C TYR D 243 -26.88 -2.43 -47.27
N LEU D 244 -27.32 -3.01 -48.39
CA LEU D 244 -28.74 -3.00 -48.72
C LEU D 244 -29.50 -4.18 -48.13
N ALA D 245 -28.84 -5.34 -47.98
CA ALA D 245 -29.52 -6.57 -47.58
C ALA D 245 -30.37 -6.44 -46.31
N PRO D 246 -29.88 -5.83 -45.22
CA PRO D 246 -30.71 -5.74 -44.01
C PRO D 246 -32.03 -5.00 -44.22
N PHE D 247 -32.03 -3.94 -45.03
CA PHE D 247 -33.27 -3.21 -45.28
C PHE D 247 -34.27 -4.06 -46.06
N THR D 248 -33.80 -4.81 -47.05
CA THR D 248 -34.69 -5.70 -47.79
C THR D 248 -35.27 -6.78 -46.89
N ALA D 249 -34.43 -7.36 -46.03
CA ALA D 249 -34.93 -8.34 -45.07
C ALA D 249 -35.94 -7.71 -44.11
N ALA D 250 -35.71 -6.45 -43.72
CA ALA D 250 -36.67 -5.74 -42.90
C ALA D 250 -38.01 -5.59 -43.62
N SER D 251 -37.96 -5.31 -44.93
CA SER D 251 -39.19 -5.25 -45.71
C SER D 251 -39.90 -6.60 -45.74
N ILE D 252 -39.14 -7.68 -45.92
CA ILE D 252 -39.74 -9.03 -45.90
C ILE D 252 -40.45 -9.27 -44.58
N GLY D 253 -39.79 -8.95 -43.47
CA GLY D 253 -40.43 -9.12 -42.17
C GLY D 253 -41.62 -8.21 -41.97
N GLU D 254 -41.53 -6.98 -42.46
CA GLU D 254 -42.62 -6.03 -42.31
C GLU D 254 -43.85 -6.47 -43.08
N TRP D 255 -43.67 -7.23 -44.16
CA TRP D 255 -44.82 -7.82 -44.84
C TRP D 255 -45.66 -8.65 -43.87
N PHE D 256 -45.02 -9.58 -43.17
CA PHE D 256 -45.72 -10.39 -42.18
C PHE D 256 -46.25 -9.53 -41.03
N ARG D 257 -45.46 -8.56 -40.60
CA ARG D 257 -45.87 -7.72 -39.46
C ARG D 257 -47.14 -6.95 -39.78
N ASP D 258 -47.23 -6.39 -40.99
CA ASP D 258 -48.40 -5.63 -41.40
C ASP D 258 -49.54 -6.51 -41.89
N ASN D 259 -49.30 -7.79 -42.15
CA ASN D 259 -50.37 -8.71 -42.50
C ASN D 259 -50.93 -9.46 -41.31
N GLY D 260 -50.64 -8.99 -40.09
CA GLY D 260 -51.21 -9.58 -38.88
C GLY D 260 -50.43 -10.73 -38.30
N LYS D 261 -49.39 -11.19 -38.97
CA LYS D 261 -48.58 -12.28 -38.45
C LYS D 261 -47.41 -11.74 -37.63
N HIS D 262 -46.59 -12.66 -37.13
CA HIS D 262 -45.43 -12.32 -36.32
C HIS D 262 -44.20 -12.95 -36.95
N ALA D 263 -43.11 -12.18 -37.00
CA ALA D 263 -41.90 -12.62 -37.68
C ALA D 263 -40.68 -12.38 -36.81
N LEU D 264 -39.71 -13.28 -36.94
CA LEU D 264 -38.41 -13.15 -36.29
C LEU D 264 -37.40 -12.81 -37.37
N ILE D 265 -36.57 -11.80 -37.13
CA ILE D 265 -35.50 -11.43 -38.05
C ILE D 265 -34.22 -11.30 -37.25
N VAL D 266 -33.15 -11.89 -37.76
CA VAL D 266 -31.85 -11.92 -37.10
C VAL D 266 -30.86 -11.17 -37.97
N TYR D 267 -30.35 -10.06 -37.47
CA TYR D 267 -29.37 -9.26 -38.19
C TYR D 267 -27.98 -9.69 -37.76
N ASP D 268 -27.49 -10.75 -38.40
CA ASP D 268 -26.19 -11.29 -38.02
C ASP D 268 -25.06 -10.38 -38.49
N ASP D 269 -24.21 -9.97 -37.55
CA ASP D 269 -23.01 -9.18 -37.83
C ASP D 269 -23.35 -7.87 -38.52
N LEU D 270 -24.10 -7.03 -37.79
CA LEU D 270 -24.30 -5.66 -38.22
C LEU D 270 -23.02 -4.83 -38.11
N SER D 271 -22.02 -5.34 -37.39
CA SER D 271 -20.71 -4.68 -37.39
C SER D 271 -20.10 -4.68 -38.79
N LYS D 272 -20.19 -5.80 -39.51
CA LYS D 272 -19.75 -5.82 -40.90
C LYS D 272 -20.65 -4.97 -41.78
N GLN D 273 -21.93 -4.82 -41.41
CA GLN D 273 -22.79 -3.86 -42.09
C GLN D 273 -22.24 -2.45 -41.95
N ALA D 274 -21.85 -2.06 -40.73
CA ALA D 274 -21.26 -0.75 -40.52
C ALA D 274 -19.94 -0.61 -41.27
N VAL D 275 -19.15 -1.70 -41.32
CA VAL D 275 -17.89 -1.66 -42.06
C VAL D 275 -18.13 -1.43 -43.54
N ALA D 276 -19.12 -2.12 -44.12
CA ALA D 276 -19.46 -1.93 -45.52
C ALA D 276 -19.94 -0.51 -45.78
N TYR D 277 -20.77 0.02 -44.88
CA TYR D 277 -21.23 1.40 -45.05
C TYR D 277 -20.06 2.38 -44.95
N ARG D 278 -19.11 2.12 -44.06
CA ARG D 278 -17.93 2.97 -43.95
C ARG D 278 -17.13 2.94 -45.24
N GLN D 279 -16.96 1.75 -45.81
CA GLN D 279 -16.24 1.63 -47.08
C GLN D 279 -16.94 2.42 -48.17
N LEU D 280 -18.27 2.29 -48.24
CA LEU D 280 -19.04 3.02 -49.24
C LEU D 280 -18.90 4.53 -49.05
N SER D 281 -18.93 4.98 -47.79
CA SER D 281 -18.85 6.42 -47.52
C SER D 281 -17.49 6.98 -47.88
N LEU D 282 -16.40 6.33 -47.44
CA LEU D 282 -15.08 6.84 -47.79
C LEU D 282 -14.76 6.68 -49.28
N LEU D 283 -15.41 5.74 -49.97
CA LEU D 283 -15.31 5.74 -51.42
C LEU D 283 -16.12 6.86 -52.05
N LEU D 284 -17.00 7.50 -51.28
CA LEU D 284 -17.77 8.65 -51.73
C LEU D 284 -17.19 9.97 -51.25
N ARG D 285 -15.95 9.96 -50.75
CA ARG D 285 -15.28 11.16 -50.25
C ARG D 285 -16.10 11.84 -49.16
N ARG D 286 -16.63 11.03 -48.24
CA ARG D 286 -17.37 11.58 -47.12
C ARG D 286 -16.45 11.75 -45.92
N PRO D 287 -16.63 12.81 -45.13
CA PRO D 287 -15.75 13.05 -43.98
C PRO D 287 -15.80 11.89 -43.00
N PRO D 288 -14.64 11.37 -42.60
CA PRO D 288 -14.62 10.33 -41.57
C PRO D 288 -14.95 10.89 -40.20
N GLY D 289 -15.44 10.02 -39.33
CA GLY D 289 -15.78 10.41 -37.97
C GLY D 289 -14.98 9.64 -36.92
N ARG D 290 -15.65 9.23 -35.84
CA ARG D 290 -14.97 8.46 -34.81
C ARG D 290 -14.63 7.08 -35.33
N GLU D 291 -13.35 6.71 -35.23
CA GLU D 291 -12.79 5.54 -35.93
C GLU D 291 -13.15 5.56 -37.41
N ALA D 292 -13.21 6.76 -37.99
CA ALA D 292 -13.44 6.98 -39.41
C ALA D 292 -14.81 6.53 -39.86
N TYR D 293 -15.65 6.05 -38.95
CA TYR D 293 -17.03 5.76 -39.31
C TYR D 293 -17.75 7.06 -39.64
N PRO D 294 -18.46 7.11 -40.76
CA PRO D 294 -19.24 8.31 -41.09
C PRO D 294 -20.34 8.54 -40.04
N GLY D 295 -20.70 9.81 -39.88
CA GLY D 295 -21.63 10.18 -38.82
C GLY D 295 -22.96 9.46 -38.89
N ASP D 296 -23.39 9.02 -40.07
CA ASP D 296 -24.68 8.38 -40.26
C ASP D 296 -24.67 6.89 -39.96
N VAL D 297 -23.60 6.38 -39.34
CA VAL D 297 -23.63 5.00 -38.87
C VAL D 297 -24.72 4.78 -37.82
N PHE D 298 -24.94 5.75 -36.94
CA PHE D 298 -26.06 5.65 -36.00
C PHE D 298 -27.39 5.68 -36.74
N TYR D 299 -27.54 6.56 -37.73
CA TYR D 299 -28.80 6.68 -38.44
C TYR D 299 -29.13 5.40 -39.20
N LEU D 300 -28.13 4.76 -39.80
CA LEU D 300 -28.34 3.50 -40.50
C LEU D 300 -28.98 2.47 -39.59
N HIS D 301 -28.31 2.14 -38.48
CA HIS D 301 -28.83 1.14 -37.56
C HIS D 301 -30.15 1.58 -36.95
N SER D 302 -30.33 2.88 -36.70
CA SER D 302 -31.58 3.37 -36.16
C SER D 302 -32.75 3.09 -37.09
N ARG D 303 -32.69 3.62 -38.31
CA ARG D 303 -33.72 3.39 -39.31
C ARG D 303 -33.92 1.90 -39.59
N LEU D 304 -32.86 1.11 -39.51
CA LEU D 304 -32.97 -0.33 -39.74
C LEU D 304 -33.75 -1.03 -38.63
N LEU D 305 -33.39 -0.76 -37.37
CA LEU D 305 -33.99 -1.49 -36.25
C LEU D 305 -35.39 -1.01 -35.91
N GLU D 306 -35.67 0.28 -35.99
CA GLU D 306 -36.98 0.76 -35.54
C GLU D 306 -38.14 0.27 -36.40
N ARG D 307 -37.87 -0.53 -37.43
CA ARG D 307 -38.93 -1.04 -38.29
C ARG D 307 -39.48 -2.36 -37.77
N ALA D 308 -39.22 -2.65 -36.49
CA ALA D 308 -39.63 -3.92 -35.89
C ALA D 308 -40.24 -3.60 -34.52
N ALA D 309 -41.56 -3.68 -34.45
CA ALA D 309 -42.28 -3.45 -33.20
C ALA D 309 -43.66 -4.08 -33.28
N LYS D 310 -44.28 -4.24 -32.11
CA LYS D 310 -45.63 -4.79 -32.05
C LYS D 310 -46.65 -3.75 -32.49
N LEU D 311 -47.57 -4.16 -33.36
CA LEU D 311 -48.62 -3.29 -33.84
C LEU D 311 -49.84 -3.38 -32.94
N SER D 312 -50.60 -2.29 -32.88
CA SER D 312 -51.81 -2.26 -32.08
C SER D 312 -52.92 -3.04 -32.78
N GLU D 313 -54.03 -3.23 -32.05
CA GLU D 313 -55.11 -4.09 -32.54
C GLU D 313 -55.77 -3.52 -33.79
N LYS D 314 -55.79 -2.19 -33.94
CA LYS D 314 -56.49 -1.59 -35.07
C LYS D 314 -55.78 -1.88 -36.38
N GLU D 315 -54.44 -2.01 -36.35
CA GLU D 315 -53.71 -2.35 -37.57
C GLU D 315 -53.84 -3.82 -37.90
N GLY D 316 -53.94 -4.67 -36.89
CA GLY D 316 -53.98 -6.11 -37.11
C GLY D 316 -53.19 -6.87 -36.06
N SER D 317 -52.57 -6.15 -35.13
CA SER D 317 -51.82 -6.74 -34.02
C SER D 317 -50.71 -7.64 -34.51
N GLY D 318 -50.02 -7.20 -35.56
CA GLY D 318 -48.85 -7.91 -36.04
C GLY D 318 -47.61 -7.53 -35.26
N SER D 319 -46.55 -8.31 -35.39
CA SER D 319 -45.31 -8.05 -34.66
C SER D 319 -44.11 -8.40 -35.52
N LEU D 320 -42.99 -7.73 -35.23
CA LEU D 320 -41.71 -8.00 -35.87
C LEU D 320 -40.63 -7.91 -34.81
N THR D 321 -39.89 -8.99 -34.62
CA THR D 321 -38.88 -9.07 -33.58
C THR D 321 -37.50 -9.10 -34.23
N ALA D 322 -36.63 -8.19 -33.81
CA ALA D 322 -35.29 -8.08 -34.37
C ALA D 322 -34.25 -8.56 -33.38
N LEU D 323 -33.31 -9.36 -33.87
CA LEU D 323 -32.22 -9.92 -33.05
C LEU D 323 -30.89 -9.56 -33.69
N PRO D 324 -30.42 -8.33 -33.49
CA PRO D 324 -29.13 -7.92 -34.06
C PRO D 324 -27.98 -8.69 -33.42
N VAL D 325 -26.92 -8.88 -34.21
CA VAL D 325 -25.70 -9.50 -33.75
C VAL D 325 -24.57 -8.52 -33.96
N ILE D 326 -23.91 -8.14 -32.86
CA ILE D 326 -22.76 -7.23 -32.90
C ILE D 326 -21.58 -7.95 -32.28
N GLU D 327 -20.45 -7.95 -32.98
CA GLU D 327 -19.22 -8.57 -32.49
C GLU D 327 -18.37 -7.51 -31.83
N THR D 328 -18.42 -7.44 -30.50
CA THR D 328 -17.49 -6.59 -29.76
C THR D 328 -16.09 -7.15 -29.87
N GLN D 329 -15.12 -6.27 -30.10
CA GLN D 329 -13.75 -6.68 -30.35
C GLN D 329 -12.91 -6.33 -29.12
N GLY D 330 -12.62 -7.36 -28.32
CA GLY D 330 -11.87 -7.17 -27.10
C GLY D 330 -12.73 -7.30 -25.85
N GLY D 331 -13.98 -7.73 -26.04
CA GLY D 331 -14.87 -7.87 -24.90
C GLY D 331 -15.21 -6.56 -24.24
N ASP D 332 -15.44 -5.52 -25.03
CA ASP D 332 -15.74 -4.18 -24.52
C ASP D 332 -17.04 -3.69 -25.16
N VAL D 333 -17.94 -3.17 -24.34
CA VAL D 333 -19.22 -2.67 -24.81
C VAL D 333 -19.22 -1.15 -24.80
N SER D 334 -18.04 -0.55 -24.62
CA SER D 334 -17.90 0.90 -24.57
C SER D 334 -17.34 1.47 -25.87
N ALA D 335 -17.35 0.71 -26.95
CA ALA D 335 -16.90 1.20 -28.23
C ALA D 335 -18.06 1.85 -28.99
N TYR D 336 -17.71 2.72 -29.93
CA TYR D 336 -18.67 3.56 -30.65
C TYR D 336 -19.84 2.77 -31.23
N ILE D 337 -19.54 1.82 -32.12
CA ILE D 337 -20.60 1.02 -32.72
C ILE D 337 -21.37 0.21 -31.67
N PRO D 338 -20.70 -0.53 -30.74
CA PRO D 338 -21.47 -1.19 -29.68
C PRO D 338 -22.32 -0.23 -28.86
N THR D 339 -21.79 0.93 -28.51
CA THR D 339 -22.55 1.86 -27.68
C THR D 339 -23.79 2.35 -28.40
N ASN D 340 -23.65 2.77 -29.66
CA ASN D 340 -24.83 3.30 -30.36
C ASN D 340 -25.83 2.19 -30.64
N VAL D 341 -25.36 0.99 -30.98
CA VAL D 341 -26.31 -0.08 -31.28
C VAL D 341 -27.01 -0.57 -29.99
N ILE D 342 -26.36 -0.45 -28.83
CA ILE D 342 -27.07 -0.69 -27.59
C ILE D 342 -28.10 0.40 -27.33
N SER D 343 -27.73 1.66 -27.59
CA SER D 343 -28.66 2.76 -27.34
C SER D 343 -29.86 2.68 -28.26
N ILE D 344 -29.74 2.02 -29.41
CA ILE D 344 -30.87 1.93 -30.32
C ILE D 344 -31.75 0.72 -29.98
N THR D 345 -31.19 -0.27 -29.31
CA THR D 345 -31.95 -1.49 -29.04
C THR D 345 -32.76 -1.35 -27.75
N ASP D 346 -33.41 -2.45 -27.37
CA ASP D 346 -34.26 -2.53 -26.19
C ASP D 346 -33.68 -3.48 -25.15
N GLY D 347 -32.36 -3.56 -25.09
CA GLY D 347 -31.67 -4.48 -24.21
C GLY D 347 -30.59 -5.24 -24.94
N GLN D 348 -29.78 -5.96 -24.15
CA GLN D 348 -28.65 -6.68 -24.71
C GLN D 348 -28.45 -7.99 -23.95
N ILE D 349 -27.81 -8.94 -24.62
CA ILE D 349 -27.42 -10.21 -24.02
C ILE D 349 -25.91 -10.36 -24.17
N PHE D 350 -25.18 -10.15 -23.08
CA PHE D 350 -23.73 -10.16 -23.16
C PHE D 350 -23.20 -11.58 -23.05
N LEU D 351 -22.35 -11.97 -23.99
CA LEU D 351 -21.68 -13.27 -23.98
C LEU D 351 -20.20 -13.06 -23.72
N GLU D 352 -19.69 -13.66 -22.66
CA GLU D 352 -18.32 -13.41 -22.22
C GLU D 352 -17.40 -14.52 -22.71
N ALA D 353 -16.22 -14.12 -23.22
CA ALA D 353 -15.31 -15.07 -23.84
C ALA D 353 -14.66 -16.00 -22.82
N GLU D 354 -14.16 -15.44 -21.70
CA GLU D 354 -13.55 -16.28 -20.68
C GLU D 354 -14.59 -17.21 -20.06
N LEU D 355 -15.83 -16.75 -19.96
CA LEU D 355 -16.92 -17.63 -19.56
C LEU D 355 -17.07 -18.80 -20.53
N PHE D 356 -17.07 -18.50 -21.84
CA PHE D 356 -17.14 -19.57 -22.84
C PHE D 356 -15.98 -20.53 -22.69
N TYR D 357 -14.80 -20.00 -22.36
CA TYR D 357 -13.62 -20.85 -22.19
C TYR D 357 -13.76 -21.77 -20.99
N LYS D 358 -14.34 -21.27 -19.90
CA LYS D 358 -14.47 -22.07 -18.69
C LYS D 358 -15.30 -23.32 -18.95
N GLY D 359 -16.45 -23.15 -19.60
CA GLY D 359 -17.34 -24.27 -19.82
C GLY D 359 -18.80 -23.92 -19.74
N ILE D 360 -19.11 -22.74 -19.18
CA ILE D 360 -20.48 -22.25 -19.22
C ILE D 360 -20.82 -22.02 -20.68
N ARG D 361 -21.79 -22.79 -21.20
CA ARG D 361 -21.98 -22.85 -22.64
C ARG D 361 -22.82 -21.69 -23.16
N PRO D 362 -23.96 -21.35 -22.55
CA PRO D 362 -24.62 -20.10 -22.94
C PRO D 362 -23.73 -18.88 -22.74
N ALA D 363 -22.86 -18.92 -21.74
CA ALA D 363 -21.86 -17.88 -21.48
C ALA D 363 -22.49 -16.50 -21.34
N ILE D 364 -23.71 -16.43 -20.83
CA ILE D 364 -24.44 -15.16 -20.73
C ILE D 364 -24.11 -14.52 -19.39
N ASN D 365 -23.53 -13.32 -19.44
CA ASN D 365 -23.23 -12.54 -18.24
C ASN D 365 -24.54 -11.97 -17.72
N VAL D 366 -25.04 -12.58 -16.65
CA VAL D 366 -26.33 -12.17 -16.08
C VAL D 366 -26.27 -10.72 -15.60
N GLY D 367 -25.14 -10.33 -15.02
CA GLY D 367 -25.00 -8.97 -14.52
C GLY D 367 -25.12 -7.92 -15.62
N LEU D 368 -24.52 -8.21 -16.78
CA LEU D 368 -24.52 -7.24 -17.86
C LEU D 368 -25.76 -7.37 -18.74
N SER D 369 -26.15 -8.60 -19.08
CA SER D 369 -27.32 -8.81 -19.92
C SER D 369 -28.58 -8.37 -19.19
N VAL D 370 -29.46 -7.66 -19.91
CA VAL D 370 -30.69 -7.13 -19.34
C VAL D 370 -31.71 -6.93 -20.45
N SER D 371 -32.99 -7.05 -20.10
CA SER D 371 -34.09 -6.80 -21.02
C SER D 371 -34.95 -5.68 -20.43
N ARG D 372 -35.28 -4.71 -21.26
CA ARG D 372 -35.99 -3.52 -20.78
C ARG D 372 -37.51 -3.67 -20.81
N VAL D 373 -38.05 -4.41 -21.77
CA VAL D 373 -39.51 -4.59 -21.85
C VAL D 373 -39.94 -6.04 -21.90
N GLY D 374 -39.02 -7.01 -22.00
CA GLY D 374 -39.41 -8.40 -22.04
C GLY D 374 -39.93 -8.94 -20.72
N SER D 375 -39.68 -8.23 -19.62
CA SER D 375 -40.16 -8.68 -18.32
C SER D 375 -41.69 -8.71 -18.28
N ALA D 376 -42.35 -7.72 -18.87
CA ALA D 376 -43.80 -7.69 -18.89
C ALA D 376 -44.40 -8.76 -19.79
N ALA D 377 -43.63 -9.30 -20.72
CA ALA D 377 -44.15 -10.30 -21.65
C ALA D 377 -43.86 -11.74 -21.22
N GLN D 378 -42.91 -11.94 -20.30
CA GLN D 378 -42.50 -13.29 -19.92
C GLN D 378 -43.69 -14.09 -19.40
N VAL D 379 -43.70 -15.39 -19.70
CA VAL D 379 -44.78 -16.25 -19.25
C VAL D 379 -44.83 -16.24 -17.73
N LYS D 380 -46.05 -16.13 -17.19
CA LYS D 380 -46.22 -15.90 -15.75
C LYS D 380 -45.72 -17.07 -14.92
N ALA D 381 -45.73 -18.28 -15.50
CA ALA D 381 -45.19 -19.44 -14.79
C ALA D 381 -43.70 -19.23 -14.47
N LEU D 382 -42.94 -18.81 -15.47
CA LEU D 382 -41.53 -18.50 -15.25
C LEU D 382 -41.37 -17.33 -14.29
N LYS D 383 -42.27 -16.34 -14.37
CA LYS D 383 -42.25 -15.24 -13.41
C LYS D 383 -42.33 -15.76 -11.98
N GLN D 384 -43.25 -16.69 -11.74
CA GLN D 384 -43.43 -17.23 -10.40
C GLN D 384 -42.22 -18.06 -9.97
N VAL D 385 -41.79 -18.99 -10.82
CA VAL D 385 -40.71 -19.89 -10.40
C VAL D 385 -39.37 -19.17 -10.37
N ALA D 386 -39.14 -18.24 -11.30
CA ALA D 386 -37.85 -17.56 -11.44
C ALA D 386 -37.87 -16.14 -10.89
N GLY D 387 -38.60 -15.92 -9.79
CA GLY D 387 -38.63 -14.60 -9.19
C GLY D 387 -37.31 -14.16 -8.58
N SER D 388 -36.58 -15.08 -7.98
CA SER D 388 -35.37 -14.74 -7.22
C SER D 388 -34.09 -15.29 -7.83
N LEU D 389 -34.15 -15.89 -9.02
CA LEU D 389 -32.92 -16.38 -9.66
C LEU D 389 -31.96 -15.23 -9.97
N LYS D 390 -32.49 -14.10 -10.44
CA LYS D 390 -31.63 -12.95 -10.69
C LYS D 390 -30.94 -12.51 -9.41
N LEU D 391 -31.69 -12.42 -8.30
CA LEU D 391 -31.09 -12.06 -7.02
C LEU D 391 -30.06 -13.08 -6.57
N PHE D 392 -30.40 -14.38 -6.68
CA PHE D 392 -29.49 -15.44 -6.26
C PHE D 392 -28.17 -15.35 -7.01
N LEU D 393 -28.24 -15.27 -8.34
CA LEU D 393 -27.02 -15.14 -9.14
C LEU D 393 -26.29 -13.84 -8.80
N ALA D 394 -27.03 -12.78 -8.46
CA ALA D 394 -26.38 -11.55 -8.04
C ALA D 394 -25.48 -11.80 -6.85
N GLN D 395 -26.05 -12.21 -5.71
CA GLN D 395 -25.22 -12.35 -4.52
C GLN D 395 -24.15 -13.40 -4.72
N TYR D 396 -24.46 -14.44 -5.50
CA TYR D 396 -23.44 -15.44 -5.82
C TYR D 396 -22.28 -14.80 -6.59
N ARG D 397 -22.59 -13.75 -7.35
CA ARG D 397 -21.54 -13.04 -8.08
C ARG D 397 -20.67 -12.22 -7.12
N GLU D 398 -21.26 -11.28 -6.39
CA GLU D 398 -20.38 -10.40 -5.62
C GLU D 398 -19.70 -11.15 -4.47
N VAL D 399 -20.40 -12.09 -3.85
CA VAL D 399 -19.81 -12.80 -2.72
C VAL D 399 -18.66 -13.69 -3.19
N ALA D 400 -18.80 -14.32 -4.35
CA ALA D 400 -17.70 -15.09 -4.91
C ALA D 400 -16.51 -14.20 -5.21
N ALA D 401 -16.77 -12.97 -5.67
CA ALA D 401 -15.68 -12.00 -5.85
C ALA D 401 -15.05 -11.61 -4.52
N PHE D 402 -15.75 -11.89 -3.42
CA PHE D 402 -15.17 -11.65 -2.10
C PHE D 402 -14.43 -12.88 -1.58
N ALA D 403 -14.80 -14.07 -2.05
CA ALA D 403 -14.21 -15.32 -1.57
C ALA D 403 -12.94 -15.62 -2.38
N GLN D 404 -11.82 -15.09 -1.89
CA GLN D 404 -10.51 -15.36 -2.45
C GLN D 404 -9.73 -16.38 -1.62
N PHE D 405 -10.40 -17.03 -0.66
CA PHE D 405 -9.74 -17.95 0.25
C PHE D 405 -10.70 -19.09 0.59
N GLY D 406 -10.12 -20.25 0.88
CA GLY D 406 -10.90 -21.42 1.23
C GLY D 406 -11.09 -21.61 2.73
N SER D 407 -11.77 -20.68 3.38
CA SER D 407 -12.01 -20.73 4.81
C SER D 407 -13.52 -20.79 5.08
N ASP D 408 -13.87 -20.70 6.36
CA ASP D 408 -15.27 -20.81 6.79
C ASP D 408 -16.12 -19.62 6.38
N LEU D 409 -15.51 -18.49 6.02
CA LEU D 409 -16.25 -17.28 5.64
C LEU D 409 -17.27 -16.90 6.70
N ASP D 410 -18.56 -17.09 6.39
CA ASP D 410 -19.63 -16.80 7.33
C ASP D 410 -20.67 -17.92 7.37
N ALA D 411 -20.59 -18.86 6.41
CA ALA D 411 -21.50 -20.00 6.22
C ALA D 411 -22.84 -19.55 5.66
N SER D 412 -23.13 -18.25 5.73
CA SER D 412 -24.22 -17.70 4.95
C SER D 412 -23.71 -17.33 3.56
N THR D 413 -22.51 -16.74 3.52
CA THR D 413 -21.81 -16.61 2.25
C THR D 413 -21.54 -17.97 1.64
N LYS D 414 -21.18 -18.96 2.47
CA LYS D 414 -21.01 -20.31 1.95
C LYS D 414 -22.32 -20.92 1.46
N GLN D 415 -23.44 -20.65 2.13
CA GLN D 415 -24.73 -21.07 1.60
C GLN D 415 -25.00 -20.43 0.24
N THR D 416 -24.68 -19.14 0.11
CA THR D 416 -24.87 -18.47 -1.18
C THR D 416 -24.00 -19.08 -2.27
N LEU D 417 -22.74 -19.39 -1.98
CA LEU D 417 -21.91 -20.06 -2.98
C LEU D 417 -22.44 -21.44 -3.33
N VAL D 418 -22.81 -22.24 -2.33
CA VAL D 418 -23.27 -23.60 -2.61
C VAL D 418 -24.62 -23.59 -3.32
N ARG D 419 -25.36 -22.48 -3.26
CA ARG D 419 -26.56 -22.35 -4.06
C ARG D 419 -26.24 -21.87 -5.47
N GLY D 420 -25.38 -20.85 -5.57
CA GLY D 420 -25.08 -20.27 -6.87
C GLY D 420 -24.35 -21.21 -7.80
N GLU D 421 -23.52 -22.10 -7.24
CA GLU D 421 -22.84 -23.08 -8.08
C GLU D 421 -23.86 -24.00 -8.77
N ARG D 422 -24.84 -24.49 -8.01
CA ARG D 422 -25.88 -25.33 -8.60
C ARG D 422 -26.72 -24.54 -9.60
N LEU D 423 -27.03 -23.28 -9.28
CA LEU D 423 -27.79 -22.47 -10.22
C LEU D 423 -27.03 -22.26 -11.53
N THR D 424 -25.74 -21.94 -11.45
CA THR D 424 -24.94 -21.74 -12.66
C THR D 424 -24.84 -23.01 -13.47
N GLN D 425 -24.55 -24.15 -12.82
CA GLN D 425 -24.47 -25.40 -13.55
C GLN D 425 -25.82 -25.85 -14.10
N LEU D 426 -26.92 -25.41 -13.50
CA LEU D 426 -28.25 -25.72 -13.97
C LEU D 426 -28.56 -25.06 -15.30
N LEU D 427 -28.02 -23.86 -15.54
CA LEU D 427 -28.42 -23.06 -16.68
C LEU D 427 -27.71 -23.46 -17.98
N LYS D 428 -26.76 -24.39 -17.93
CA LYS D 428 -26.10 -24.84 -19.14
C LYS D 428 -27.03 -25.66 -20.03
N GLN D 429 -26.82 -25.54 -21.33
CA GLN D 429 -27.54 -26.36 -22.31
C GLN D 429 -26.53 -26.84 -23.35
N ASN D 430 -27.03 -27.43 -24.42
CA ASN D 430 -26.21 -27.88 -25.54
C ASN D 430 -26.76 -27.30 -26.83
N GLN D 431 -25.96 -27.36 -27.89
CA GLN D 431 -26.36 -26.82 -29.18
C GLN D 431 -27.46 -27.68 -29.79
N TYR D 432 -28.40 -27.01 -30.45
CA TYR D 432 -29.45 -27.67 -31.23
C TYR D 432 -30.36 -28.52 -30.33
N SER D 433 -30.47 -28.14 -29.06
CA SER D 433 -31.31 -28.84 -28.09
C SER D 433 -32.18 -27.83 -27.36
N PRO D 434 -33.22 -27.31 -28.04
CA PRO D 434 -34.04 -26.25 -27.43
C PRO D 434 -35.11 -26.85 -26.52
N LEU D 435 -35.02 -26.54 -25.23
CA LEU D 435 -36.02 -26.99 -24.28
C LEU D 435 -37.25 -26.07 -24.32
N ALA D 436 -38.43 -26.69 -24.22
CA ALA D 436 -39.67 -25.95 -24.15
C ALA D 436 -40.01 -25.66 -22.69
N THR D 437 -40.95 -24.72 -22.49
CA THR D 437 -41.26 -24.24 -21.15
C THR D 437 -41.79 -25.34 -20.25
N GLU D 438 -42.60 -26.25 -20.81
CA GLU D 438 -43.23 -27.28 -19.99
C GLU D 438 -42.19 -28.22 -19.38
N GLU D 439 -41.08 -28.47 -20.06
CA GLU D 439 -39.97 -29.21 -19.49
C GLU D 439 -38.88 -28.29 -18.95
N GLN D 440 -39.14 -26.99 -18.90
CA GLN D 440 -38.21 -26.02 -18.34
C GLN D 440 -38.56 -25.64 -16.91
N VAL D 441 -39.79 -25.20 -16.68
CA VAL D 441 -40.24 -24.61 -15.41
C VAL D 441 -39.89 -25.48 -14.20
N PRO D 442 -40.14 -26.80 -14.22
CA PRO D 442 -39.78 -27.61 -13.04
C PRO D 442 -38.31 -27.54 -12.66
N LEU D 443 -37.41 -27.42 -13.62
CA LEU D 443 -36.00 -27.29 -13.30
C LEU D 443 -35.72 -26.01 -12.53
N ILE D 444 -36.32 -24.90 -12.97
CA ILE D 444 -36.16 -23.63 -12.25
C ILE D 444 -36.75 -23.74 -10.85
N TYR D 445 -37.91 -24.41 -10.73
CA TYR D 445 -38.50 -24.56 -9.41
C TYR D 445 -37.60 -25.38 -8.49
N ALA D 446 -37.03 -26.46 -9.00
CA ALA D 446 -36.12 -27.28 -8.20
C ALA D 446 -34.89 -26.50 -7.80
N GLY D 447 -34.34 -25.70 -8.71
CA GLY D 447 -33.19 -24.90 -8.41
C GLY D 447 -33.43 -23.73 -7.49
N VAL D 448 -34.67 -23.23 -7.43
CA VAL D 448 -35.01 -22.11 -6.56
C VAL D 448 -35.53 -22.55 -5.21
N ASN D 449 -36.03 -23.78 -5.07
CA ASN D 449 -36.49 -24.27 -3.79
C ASN D 449 -35.38 -24.88 -2.93
N GLY D 450 -34.17 -24.96 -3.45
CA GLY D 450 -33.06 -25.46 -2.66
C GLY D 450 -32.83 -26.95 -2.77
N HIS D 451 -33.63 -27.62 -3.59
CA HIS D 451 -33.47 -29.06 -3.78
C HIS D 451 -32.12 -29.39 -4.40
N LEU D 452 -31.56 -28.50 -5.21
CA LEU D 452 -30.31 -28.76 -5.91
C LEU D 452 -29.11 -28.80 -4.97
N ASP D 453 -29.25 -28.31 -3.74
CA ASP D 453 -28.10 -28.15 -2.86
C ASP D 453 -27.42 -29.49 -2.54
N GLY D 454 -28.24 -30.52 -2.29
CA GLY D 454 -27.67 -31.81 -1.93
C GLY D 454 -26.91 -32.47 -3.07
N ILE D 455 -27.40 -32.32 -4.30
CA ILE D 455 -26.81 -33.01 -5.44
C ILE D 455 -25.44 -32.41 -5.75
N GLU D 456 -24.47 -33.27 -6.04
CA GLU D 456 -23.13 -32.82 -6.39
C GLU D 456 -23.14 -32.10 -7.74
N LEU D 457 -22.11 -31.28 -7.95
CA LEU D 457 -22.02 -30.49 -9.17
C LEU D 457 -21.88 -31.36 -10.41
N SER D 458 -21.14 -32.47 -10.31
CA SER D 458 -20.92 -33.33 -11.47
C SER D 458 -22.19 -34.00 -11.96
N ARG D 459 -23.22 -34.10 -11.11
CA ARG D 459 -24.45 -34.82 -11.44
C ARG D 459 -25.62 -33.86 -11.70
N ILE D 460 -25.32 -32.57 -11.89
CA ILE D 460 -26.39 -31.59 -12.09
C ILE D 460 -27.11 -31.83 -13.40
N GLY D 461 -26.37 -31.97 -14.50
CA GLY D 461 -27.01 -32.28 -15.78
C GLY D 461 -27.63 -33.67 -15.79
N GLU D 462 -26.98 -34.62 -15.12
CA GLU D 462 -27.60 -35.91 -14.86
C GLU D 462 -28.92 -35.74 -14.15
N PHE D 463 -28.97 -34.86 -13.15
CA PHE D 463 -30.22 -34.57 -12.45
C PHE D 463 -31.25 -34.00 -13.41
N GLU D 464 -30.84 -33.08 -14.29
CA GLU D 464 -31.78 -32.49 -15.24
C GLU D 464 -32.42 -33.56 -16.10
N SER D 465 -31.59 -34.41 -16.72
CA SER D 465 -32.11 -35.43 -17.63
C SER D 465 -32.99 -36.43 -16.88
N SER D 466 -32.50 -36.92 -15.74
CA SER D 466 -33.25 -37.92 -14.99
C SER D 466 -34.57 -37.34 -14.46
N PHE D 467 -34.56 -36.09 -14.00
CA PHE D 467 -35.76 -35.47 -13.49
C PHE D 467 -36.77 -35.23 -14.61
N LEU D 468 -36.29 -34.85 -15.80
CA LEU D 468 -37.18 -34.70 -16.94
C LEU D 468 -37.84 -36.04 -17.28
N SER D 469 -37.04 -37.10 -17.36
CA SER D 469 -37.61 -38.41 -17.65
C SER D 469 -38.61 -38.85 -16.59
N TYR D 470 -38.27 -38.62 -15.32
CA TYR D 470 -39.14 -38.98 -14.21
C TYR D 470 -40.47 -38.24 -14.31
N LEU D 471 -40.41 -36.93 -14.53
CA LEU D 471 -41.63 -36.13 -14.60
C LEU D 471 -42.50 -36.53 -15.79
N LYS D 472 -41.89 -36.66 -16.97
CA LYS D 472 -42.69 -37.04 -18.13
C LYS D 472 -43.21 -38.47 -18.02
N SER D 473 -42.60 -39.27 -17.14
CA SER D 473 -43.07 -40.63 -16.92
C SER D 473 -44.34 -40.66 -16.08
N ASN D 474 -44.27 -40.12 -14.87
CA ASN D 474 -45.41 -40.23 -13.94
C ASN D 474 -46.24 -38.95 -13.88
N HIS D 475 -45.61 -37.81 -13.60
CA HIS D 475 -46.33 -36.56 -13.44
C HIS D 475 -46.41 -35.80 -14.77
N ASN D 476 -46.96 -36.50 -15.78
CA ASN D 476 -47.19 -35.87 -17.07
C ASN D 476 -48.27 -34.79 -16.98
N GLU D 477 -49.28 -35.00 -16.12
CA GLU D 477 -50.34 -34.02 -15.98
C GLU D 477 -49.81 -32.69 -15.48
N LEU D 478 -48.74 -32.70 -14.68
CA LEU D 478 -48.16 -31.47 -14.15
C LEU D 478 -47.64 -30.60 -15.28
N LEU D 479 -46.80 -31.17 -16.15
CA LEU D 479 -46.27 -30.40 -17.27
C LEU D 479 -47.36 -30.05 -18.27
N THR D 480 -48.34 -30.95 -18.46
CA THR D 480 -49.45 -30.64 -19.33
C THR D 480 -50.21 -29.40 -18.84
N GLU D 481 -50.48 -29.34 -17.54
CA GLU D 481 -51.18 -28.18 -17.00
C GLU D 481 -50.34 -26.92 -17.05
N ILE D 482 -49.04 -27.02 -16.75
CA ILE D 482 -48.23 -25.81 -16.78
C ILE D 482 -48.03 -25.30 -18.20
N ARG D 483 -48.15 -26.16 -19.21
CA ARG D 483 -48.07 -25.67 -20.58
C ARG D 483 -49.43 -25.25 -21.14
N GLU D 484 -50.52 -25.78 -20.62
CA GLU D 484 -51.84 -25.39 -21.10
C GLU D 484 -52.33 -24.12 -20.41
N LYS D 485 -52.46 -24.15 -19.09
CA LYS D 485 -52.98 -23.00 -18.36
C LYS D 485 -52.01 -21.81 -18.44
N GLY D 486 -50.71 -22.08 -18.33
CA GLY D 486 -49.70 -21.05 -18.46
C GLY D 486 -49.13 -20.53 -17.17
N GLU D 487 -49.58 -21.03 -16.02
CA GLU D 487 -49.06 -20.58 -14.74
C GLU D 487 -49.19 -21.71 -13.72
N LEU D 488 -48.72 -21.44 -12.51
CA LEU D 488 -48.74 -22.41 -11.41
C LEU D 488 -49.70 -21.91 -10.34
N SER D 489 -50.73 -22.70 -10.08
CA SER D 489 -51.62 -22.43 -8.95
C SER D 489 -50.99 -22.96 -7.66
N LYS D 490 -51.59 -22.60 -6.53
CA LYS D 490 -51.06 -23.03 -5.24
C LYS D 490 -51.07 -24.56 -5.11
N GLU D 491 -52.15 -25.19 -5.57
CA GLU D 491 -52.15 -26.66 -5.61
C GLU D 491 -51.15 -27.20 -6.63
N LEU D 492 -51.00 -26.51 -7.76
CA LEU D 492 -49.96 -26.89 -8.72
C LEU D 492 -48.57 -26.71 -8.13
N LEU D 493 -48.35 -25.63 -7.37
CA LEU D 493 -47.08 -25.45 -6.67
C LEU D 493 -46.84 -26.57 -5.68
N ALA D 494 -47.87 -26.98 -4.93
CA ALA D 494 -47.72 -28.07 -3.98
C ALA D 494 -47.38 -29.37 -4.70
N SER D 495 -48.05 -29.66 -5.82
CA SER D 495 -47.76 -30.87 -6.57
C SER D 495 -46.33 -30.86 -7.11
N LEU D 496 -45.89 -29.72 -7.64
CA LEU D 496 -44.53 -29.62 -8.14
C LEU D 496 -43.51 -29.80 -7.03
N LYS D 497 -43.78 -29.21 -5.87
CA LYS D 497 -42.91 -29.39 -4.71
C LYS D 497 -42.83 -30.85 -4.32
N SER D 498 -43.97 -31.52 -4.24
CA SER D 498 -44.01 -32.93 -3.86
C SER D 498 -43.22 -33.77 -4.85
N ALA D 499 -43.37 -33.49 -6.15
CA ALA D 499 -42.58 -34.20 -7.16
C ALA D 499 -41.09 -33.97 -6.95
N THR D 500 -40.71 -32.73 -6.62
CA THR D 500 -39.30 -32.43 -6.41
C THR D 500 -38.73 -33.23 -5.25
N GLU D 501 -39.39 -33.22 -4.09
CA GLU D 501 -38.86 -34.00 -2.97
C GLU D 501 -38.94 -35.49 -3.24
N SER D 502 -39.93 -35.93 -4.02
CA SER D 502 -40.04 -37.34 -4.34
C SER D 502 -38.85 -37.81 -5.17
N PHE D 503 -38.46 -37.01 -6.17
CA PHE D 503 -37.34 -37.43 -7.01
C PHE D 503 -36.00 -37.21 -6.32
N VAL D 504 -35.90 -36.16 -5.50
CA VAL D 504 -34.63 -35.85 -4.84
C VAL D 504 -34.23 -36.98 -3.90
N ALA D 505 -35.18 -37.52 -3.14
CA ALA D 505 -34.88 -38.62 -2.24
C ALA D 505 -34.38 -39.83 -3.00
N THR D 506 -35.00 -40.14 -4.14
CA THR D 506 -34.55 -41.24 -4.98
C THR D 506 -33.25 -40.92 -5.72
N PHE D 507 -32.88 -39.65 -5.80
CA PHE D 507 -31.66 -39.25 -6.50
C PHE D 507 -30.48 -39.18 -5.53
N LYS E 1 -42.53 60.65 -21.83
CA LYS E 1 -41.16 61.04 -22.16
C LYS E 1 -41.06 61.57 -23.59
N ALA E 2 -41.36 62.87 -23.74
CA ALA E 2 -41.24 63.51 -25.04
C ALA E 2 -39.79 63.75 -25.43
N GLN E 3 -38.89 63.90 -24.45
CA GLN E 3 -37.49 64.17 -24.75
C GLN E 3 -36.88 63.13 -25.68
N PRO E 4 -37.03 61.82 -25.44
CA PRO E 4 -36.52 60.85 -26.42
C PRO E 4 -37.15 60.98 -27.78
N THR E 5 -38.35 61.56 -27.89
CA THR E 5 -38.97 61.71 -29.22
C THR E 5 -38.21 62.71 -30.07
N GLU E 6 -37.90 63.90 -29.54
CA GLU E 6 -37.10 64.83 -30.33
C GLU E 6 -35.65 64.36 -30.44
N VAL E 7 -35.16 63.62 -29.45
CA VAL E 7 -33.83 63.02 -29.58
C VAL E 7 -33.81 62.09 -30.79
N SER E 8 -34.84 61.25 -30.93
CA SER E 8 -34.95 60.37 -32.08
C SER E 8 -35.17 61.14 -33.37
N SER E 9 -35.88 62.27 -33.31
CA SER E 9 -36.07 63.09 -34.50
C SER E 9 -34.74 63.61 -35.04
N ILE E 10 -33.93 64.19 -34.16
CA ILE E 10 -32.62 64.67 -34.60
C ILE E 10 -31.70 63.51 -34.96
N LEU E 11 -31.87 62.36 -34.30
CA LEU E 11 -31.18 61.15 -34.73
C LEU E 11 -31.52 60.81 -36.18
N GLU E 12 -32.81 60.85 -36.53
CA GLU E 12 -33.22 60.48 -37.87
C GLU E 12 -32.74 61.50 -38.90
N GLU E 13 -32.70 62.78 -38.52
CA GLU E 13 -32.23 63.79 -39.48
C GLU E 13 -30.73 63.63 -39.74
N ARG E 14 -29.92 63.36 -38.71
CA ARG E 14 -28.52 63.10 -39.03
C ARG E 14 -28.35 61.73 -39.70
N ILE E 15 -29.28 60.80 -39.47
CA ILE E 15 -29.26 59.54 -40.20
C ILE E 15 -29.40 59.80 -41.70
N LYS E 16 -30.37 60.63 -42.08
CA LYS E 16 -30.53 61.00 -43.47
C LYS E 16 -29.29 61.70 -44.00
N GLY E 17 -28.77 62.65 -43.21
CA GLY E 17 -27.60 63.39 -43.66
C GLY E 17 -26.41 62.48 -43.93
N VAL E 18 -26.17 61.52 -43.05
CA VAL E 18 -25.04 60.61 -43.22
C VAL E 18 -25.30 59.66 -44.38
N SER E 19 -26.53 59.14 -44.49
CA SER E 19 -26.82 58.15 -45.53
C SER E 19 -26.69 58.75 -46.92
N ASP E 20 -27.24 59.96 -47.12
CA ASP E 20 -27.21 60.59 -48.44
C ASP E 20 -26.01 61.53 -48.56
N GLU E 21 -24.82 60.99 -48.24
CA GLU E 21 -23.56 61.67 -48.52
C GLU E 21 -22.48 60.67 -48.93
N ALA E 22 -22.86 59.56 -49.57
CA ALA E 22 -21.90 58.51 -49.91
C ALA E 22 -21.61 58.41 -51.40
N ASN E 23 -22.63 58.37 -52.26
CA ASN E 23 -22.52 58.24 -53.71
C ASN E 23 -21.47 57.19 -54.11
N LEU E 24 -21.38 56.13 -53.31
CA LEU E 24 -20.40 55.08 -53.55
C LEU E 24 -20.72 54.32 -54.82
N ASN E 25 -19.67 53.84 -55.49
CA ASN E 25 -19.83 52.96 -56.65
C ASN E 25 -19.15 51.61 -56.46
N GLU E 26 -18.16 51.51 -55.57
CA GLU E 26 -17.50 50.25 -55.27
C GLU E 26 -18.27 49.41 -54.28
N THR E 27 -19.41 49.89 -53.80
CA THR E 27 -20.28 49.13 -52.91
C THR E 27 -20.62 47.78 -53.54
N GLY E 28 -20.14 46.71 -52.91
CA GLY E 28 -20.20 45.40 -53.53
C GLY E 28 -21.58 44.78 -53.50
N ARG E 29 -21.69 43.66 -54.21
CA ARG E 29 -22.93 42.91 -54.32
C ARG E 29 -22.70 41.51 -53.77
N VAL E 30 -23.58 41.06 -52.87
CA VAL E 30 -23.41 39.78 -52.21
C VAL E 30 -23.61 38.65 -53.21
N LEU E 31 -22.57 37.82 -53.38
CA LEU E 31 -22.68 36.67 -54.27
C LEU E 31 -23.42 35.52 -53.59
N ALA E 32 -22.92 35.08 -52.44
CA ALA E 32 -23.53 34.00 -51.68
C ALA E 32 -23.27 34.20 -50.21
N VAL E 33 -24.20 33.72 -49.38
CA VAL E 33 -24.08 33.79 -47.93
C VAL E 33 -24.10 32.37 -47.38
N GLY E 34 -23.15 32.05 -46.53
CA GLY E 34 -23.07 30.76 -45.86
C GLY E 34 -23.53 30.84 -44.43
N ASP E 35 -23.01 29.94 -43.60
CA ASP E 35 -23.32 29.93 -42.17
C ASP E 35 -22.53 31.05 -41.51
N GLY E 36 -23.09 32.25 -41.56
CA GLY E 36 -22.42 33.41 -41.00
C GLY E 36 -21.29 33.95 -41.84
N ILE E 37 -21.19 33.54 -43.11
CA ILE E 37 -20.15 33.98 -44.02
C ILE E 37 -20.81 34.50 -45.29
N ALA E 38 -20.20 35.54 -45.87
CA ALA E 38 -20.73 36.13 -47.09
C ALA E 38 -19.62 36.59 -48.02
N ARG E 39 -19.46 35.91 -49.15
CA ARG E 39 -18.54 36.36 -50.19
C ARG E 39 -19.24 37.44 -51.02
N VAL E 40 -18.52 38.52 -51.30
CA VAL E 40 -19.11 39.68 -51.95
C VAL E 40 -18.23 40.12 -53.12
N PHE E 41 -18.87 40.40 -54.24
CA PHE E 41 -18.20 40.92 -55.43
C PHE E 41 -18.23 42.44 -55.35
N GLY E 42 -17.06 43.05 -55.22
CA GLY E 42 -16.96 44.49 -55.08
C GLY E 42 -15.92 44.89 -54.05
N LEU E 43 -15.99 46.12 -53.58
CA LEU E 43 -15.03 46.67 -52.61
C LEU E 43 -13.60 46.47 -53.11
N ASN E 44 -13.30 47.12 -54.24
CA ASN E 44 -11.98 46.98 -54.85
C ASN E 44 -10.88 47.49 -53.93
N ASN E 45 -11.12 48.62 -53.26
CA ASN E 45 -10.12 49.25 -52.41
C ASN E 45 -10.40 49.04 -50.92
N ILE E 46 -11.04 47.93 -50.57
CA ILE E 46 -11.33 47.63 -49.18
C ILE E 46 -10.03 47.32 -48.45
N GLN E 47 -9.89 47.86 -47.24
CA GLN E 47 -8.76 47.50 -46.41
C GLN E 47 -8.99 46.14 -45.77
N ALA E 48 -7.90 45.51 -45.33
CA ALA E 48 -8.01 44.27 -44.57
C ALA E 48 -8.68 44.56 -43.23
N GLU E 49 -9.30 43.51 -42.67
CA GLU E 49 -9.94 43.52 -41.36
C GLU E 49 -10.91 44.69 -41.17
N GLU E 50 -11.35 45.31 -42.26
CA GLU E 50 -12.15 46.52 -42.19
C GLU E 50 -13.62 46.19 -41.97
N LEU E 51 -14.27 47.01 -41.14
CA LEU E 51 -15.69 46.87 -40.88
C LEU E 51 -16.50 47.27 -42.11
N VAL E 52 -17.68 46.66 -42.24
CA VAL E 52 -18.63 46.99 -43.29
C VAL E 52 -20.03 47.05 -42.69
N GLU E 53 -20.95 47.69 -43.41
CA GLU E 53 -22.38 47.63 -43.09
C GLU E 53 -23.09 46.98 -44.25
N PHE E 54 -23.99 46.04 -43.95
CA PHE E 54 -24.90 45.55 -44.97
C PHE E 54 -26.11 46.46 -45.08
N SER E 55 -26.77 46.41 -46.24
CA SER E 55 -27.99 47.19 -46.43
C SER E 55 -29.06 46.83 -45.42
N SER E 56 -29.09 45.58 -44.95
CA SER E 56 -30.03 45.21 -43.90
C SER E 56 -29.69 45.89 -42.58
N GLY E 57 -28.40 45.94 -42.23
CA GLY E 57 -28.00 46.57 -40.99
C GLY E 57 -27.07 45.74 -40.13
N VAL E 58 -26.49 44.69 -40.71
CA VAL E 58 -25.56 43.82 -40.00
C VAL E 58 -24.14 44.21 -40.35
N LYS E 59 -23.26 44.19 -39.36
CA LYS E 59 -21.86 44.55 -39.55
C LYS E 59 -21.06 43.36 -40.03
N GLY E 60 -19.88 43.65 -40.57
CA GLY E 60 -19.01 42.61 -41.09
C GLY E 60 -17.55 43.02 -41.16
N MET E 61 -16.66 42.05 -40.99
CA MET E 61 -15.23 42.31 -40.92
C MET E 61 -14.51 41.62 -42.07
N ALA E 62 -13.61 42.33 -42.72
CA ALA E 62 -12.96 41.84 -43.94
C ALA E 62 -11.77 40.94 -43.65
N LEU E 63 -12.01 39.64 -43.47
CA LEU E 63 -10.93 38.70 -43.22
C LEU E 63 -10.15 38.39 -44.50
N ASN E 64 -10.83 37.84 -45.49
CA ASN E 64 -10.16 37.33 -46.67
C ASN E 64 -10.29 38.32 -47.81
N LEU E 65 -9.16 38.67 -48.41
CA LEU E 65 -9.12 39.66 -49.48
C LEU E 65 -8.58 39.03 -50.76
N GLU E 66 -9.06 37.83 -51.08
CA GLU E 66 -8.68 37.16 -52.31
C GLU E 66 -9.24 37.93 -53.51
N PRO E 67 -8.58 37.81 -54.68
CA PRO E 67 -9.01 38.60 -55.85
C PRO E 67 -10.44 38.33 -56.25
N GLY E 68 -11.15 39.36 -56.68
CA GLY E 68 -12.51 39.23 -57.15
C GLY E 68 -13.57 39.40 -56.07
N GLN E 69 -13.71 38.41 -55.20
CA GLN E 69 -14.71 38.46 -54.14
C GLN E 69 -14.03 38.41 -52.78
N VAL E 70 -14.71 38.96 -51.78
CA VAL E 70 -14.09 39.24 -50.49
C VAL E 70 -14.81 38.42 -49.42
N GLY E 71 -14.05 37.83 -48.51
CA GLY E 71 -14.62 37.08 -47.42
C GLY E 71 -15.03 37.94 -46.24
N ILE E 72 -16.32 38.00 -45.95
CA ILE E 72 -16.86 38.84 -44.88
C ILE E 72 -17.51 37.95 -43.84
N VAL E 73 -17.04 38.05 -42.60
CA VAL E 73 -17.70 37.40 -41.47
C VAL E 73 -18.82 38.30 -40.99
N LEU E 74 -19.71 37.78 -40.15
CA LEU E 74 -20.92 38.49 -39.76
C LEU E 74 -20.93 38.69 -38.25
N PHE E 75 -21.00 39.95 -37.81
CA PHE E 75 -21.23 40.27 -36.40
C PHE E 75 -22.73 40.19 -36.14
N GLY E 76 -23.22 38.97 -36.02
CA GLY E 76 -24.62 38.71 -35.84
C GLY E 76 -25.05 37.57 -36.73
N SER E 77 -26.35 37.45 -36.90
CA SER E 77 -26.93 36.36 -37.67
C SER E 77 -26.98 36.69 -39.16
N ASP E 78 -26.88 35.64 -39.97
CA ASP E 78 -27.18 35.69 -41.40
C ASP E 78 -28.68 35.70 -41.67
N ARG E 79 -29.50 35.94 -40.65
CA ARG E 79 -30.95 35.97 -40.76
C ARG E 79 -31.45 36.92 -41.85
N LEU E 80 -31.00 38.18 -41.84
CA LEU E 80 -31.61 39.17 -42.71
C LEU E 80 -30.90 39.39 -44.04
N VAL E 81 -29.81 38.67 -44.31
CA VAL E 81 -28.99 38.94 -45.49
C VAL E 81 -29.36 37.97 -46.61
N LYS E 82 -29.41 38.48 -47.83
CA LYS E 82 -29.69 37.72 -49.05
C LYS E 82 -28.59 37.96 -50.06
N GLU E 83 -28.72 37.34 -51.24
CA GLU E 83 -27.83 37.66 -52.34
C GLU E 83 -28.21 39.00 -52.96
N GLY E 84 -27.24 39.61 -53.63
CA GLY E 84 -27.48 40.86 -54.33
C GLY E 84 -27.87 42.01 -53.42
N GLU E 85 -27.16 42.16 -52.30
CA GLU E 85 -27.39 43.25 -51.37
C GLU E 85 -26.18 44.17 -51.37
N LEU E 86 -26.44 45.48 -51.38
CA LEU E 86 -25.37 46.46 -51.42
C LEU E 86 -24.71 46.55 -50.05
N VAL E 87 -23.38 46.47 -50.01
CA VAL E 87 -22.64 46.38 -48.76
C VAL E 87 -21.87 47.69 -48.56
N LYS E 88 -22.24 48.44 -47.53
CA LYS E 88 -21.64 49.74 -47.27
C LYS E 88 -20.29 49.59 -46.59
N ARG E 89 -19.34 50.44 -46.99
CA ARG E 89 -18.01 50.45 -46.40
C ARG E 89 -17.89 51.55 -45.36
N THR E 90 -17.35 51.20 -44.19
CA THR E 90 -17.15 52.18 -43.13
C THR E 90 -16.06 53.19 -43.49
N GLY E 91 -14.99 52.75 -44.12
CA GLY E 91 -13.82 53.59 -44.32
C GLY E 91 -12.79 53.51 -43.24
N ASN E 92 -13.04 52.75 -42.18
CA ASN E 92 -12.08 52.59 -41.09
C ASN E 92 -12.04 51.14 -40.63
N ILE E 93 -10.92 50.76 -40.06
CA ILE E 93 -10.74 49.43 -39.47
C ILE E 93 -11.62 49.32 -38.22
N VAL E 94 -12.06 48.11 -37.92
CA VAL E 94 -12.91 47.82 -36.77
C VAL E 94 -12.35 48.48 -35.52
N ASP E 95 -13.22 49.19 -34.79
CA ASP E 95 -12.81 50.04 -33.69
C ASP E 95 -13.78 49.87 -32.53
N VAL E 96 -13.28 50.18 -31.33
CA VAL E 96 -14.08 50.10 -30.11
C VAL E 96 -13.92 51.40 -29.33
N PRO E 97 -15.01 51.98 -28.82
CA PRO E 97 -14.88 53.21 -28.02
C PRO E 97 -14.21 52.95 -26.68
N VAL E 98 -13.34 53.87 -26.27
CA VAL E 98 -12.61 53.78 -25.02
C VAL E 98 -12.85 55.07 -24.23
N GLY E 99 -12.77 54.97 -22.90
CA GLY E 99 -12.95 56.12 -22.06
C GLY E 99 -13.22 55.75 -20.61
N PRO E 100 -13.34 56.77 -19.75
CA PRO E 100 -13.61 56.54 -18.32
C PRO E 100 -15.08 56.37 -17.96
N GLY E 101 -16.00 56.66 -18.88
CA GLY E 101 -17.41 56.43 -18.64
C GLY E 101 -17.82 54.98 -18.74
N LEU E 102 -16.89 54.11 -19.13
CA LEU E 102 -17.18 52.68 -19.23
C LEU E 102 -17.44 52.08 -17.86
N LEU E 103 -16.82 52.62 -16.81
CA LEU E 103 -16.94 52.06 -15.47
C LEU E 103 -18.39 52.00 -15.03
N GLY E 104 -18.79 50.86 -14.48
CA GLY E 104 -20.15 50.64 -14.05
C GLY E 104 -21.12 50.25 -15.14
N ARG E 105 -20.64 49.98 -16.35
CA ARG E 105 -21.51 49.64 -17.47
C ARG E 105 -21.14 48.28 -18.01
N VAL E 106 -22.08 47.65 -18.72
CA VAL E 106 -21.87 46.37 -19.38
C VAL E 106 -22.10 46.58 -20.87
N VAL E 107 -21.10 46.20 -21.68
CA VAL E 107 -21.18 46.39 -23.12
C VAL E 107 -20.91 45.06 -23.82
N ASP E 108 -21.05 45.06 -25.15
CA ASP E 108 -20.83 43.89 -25.98
C ASP E 108 -19.43 43.97 -26.59
N ALA E 109 -19.12 43.07 -27.52
CA ALA E 109 -17.81 43.02 -28.15
C ALA E 109 -17.47 44.31 -28.89
N LEU E 110 -18.44 44.82 -29.66
CA LEU E 110 -18.21 46.06 -30.40
C LEU E 110 -18.04 47.24 -29.44
N GLY E 111 -18.83 47.26 -28.38
CA GLY E 111 -18.74 48.31 -27.38
C GLY E 111 -20.04 49.06 -27.18
N ASN E 112 -21.12 48.54 -27.77
CA ASN E 112 -22.43 49.17 -27.60
C ASN E 112 -22.95 48.90 -26.19
N PRO E 113 -23.53 49.91 -25.53
CA PRO E 113 -24.13 49.67 -24.21
C PRO E 113 -25.25 48.64 -24.28
N ILE E 114 -25.07 47.51 -23.60
CA ILE E 114 -26.02 46.41 -23.71
C ILE E 114 -26.75 46.25 -22.39
N ASP E 115 -26.24 46.88 -21.34
CA ASP E 115 -26.90 46.80 -20.04
C ASP E 115 -28.21 47.57 -20.03
N GLY E 116 -28.37 48.52 -20.93
CA GLY E 116 -29.59 49.31 -20.98
C GLY E 116 -29.62 50.49 -20.03
N LYS E 117 -28.48 51.15 -19.82
CA LYS E 117 -28.38 52.27 -18.91
C LYS E 117 -28.06 53.56 -19.65
N GLY E 118 -28.37 53.62 -20.94
CA GLY E 118 -28.12 54.80 -21.73
C GLY E 118 -26.86 54.67 -22.56
N PRO E 119 -26.46 55.75 -23.23
CA PRO E 119 -25.27 55.71 -24.07
C PRO E 119 -23.99 55.69 -23.23
N ILE E 120 -22.87 55.63 -23.93
CA ILE E 120 -21.56 55.50 -23.31
C ILE E 120 -20.76 56.77 -23.57
N ASP E 121 -20.19 57.35 -22.52
CA ASP E 121 -19.29 58.49 -22.63
C ASP E 121 -17.89 57.96 -22.90
N ALA E 122 -17.44 58.06 -24.15
CA ALA E 122 -16.14 57.55 -24.56
C ALA E 122 -15.18 58.72 -24.79
N ALA E 123 -14.02 58.65 -24.15
CA ALA E 123 -12.98 59.66 -24.34
C ALA E 123 -12.19 59.46 -25.61
N GLY E 124 -12.36 58.33 -26.28
CA GLY E 124 -11.62 58.06 -27.50
C GLY E 124 -12.15 56.84 -28.20
N ARG E 125 -11.41 56.41 -29.22
CA ARG E 125 -11.79 55.23 -30.02
C ARG E 125 -10.50 54.57 -30.50
N SER E 126 -10.20 53.40 -29.96
CA SER E 126 -8.96 52.71 -30.26
C SER E 126 -9.22 51.46 -31.11
N ARG E 127 -8.17 50.99 -31.77
CA ARG E 127 -8.25 49.82 -32.62
C ARG E 127 -8.37 48.55 -31.79
N ALA E 128 -8.93 47.52 -32.41
CA ALA E 128 -9.00 46.19 -31.81
C ALA E 128 -7.72 45.39 -32.00
N GLN E 129 -6.86 45.81 -32.93
CA GLN E 129 -5.60 45.14 -33.19
C GLN E 129 -4.49 46.19 -33.14
N VAL E 130 -4.00 46.45 -31.94
CA VAL E 130 -2.96 47.45 -31.72
C VAL E 130 -1.68 46.69 -31.38
N LYS E 131 -0.54 47.30 -31.63
CA LYS E 131 0.74 46.62 -31.48
C LYS E 131 1.14 46.62 -30.00
N ALA E 132 1.71 45.50 -29.54
CA ALA E 132 2.19 45.43 -28.17
C ALA E 132 3.39 46.36 -27.94
N PRO E 133 3.59 46.86 -26.71
CA PRO E 133 4.72 47.77 -26.48
C PRO E 133 6.06 47.08 -26.75
N GLY E 134 7.02 47.88 -27.21
CA GLY E 134 8.31 47.37 -27.60
C GLY E 134 9.16 46.94 -26.43
N ILE E 135 10.40 46.54 -26.74
CA ILE E 135 11.28 46.00 -25.72
C ILE E 135 11.70 47.08 -24.73
N LEU E 136 11.95 48.30 -25.20
CA LEU E 136 12.37 49.38 -24.30
C LEU E 136 11.19 50.06 -23.60
N PRO E 137 10.11 50.46 -24.32
CA PRO E 137 9.03 51.20 -23.64
C PRO E 137 8.26 50.34 -22.65
N ARG E 138 8.95 49.85 -21.63
CA ARG E 138 8.35 49.01 -20.60
C ARG E 138 9.31 48.94 -19.43
N ARG E 139 8.80 48.46 -18.30
CA ARG E 139 9.61 48.31 -17.09
C ARG E 139 9.26 47.01 -16.39
N SER E 140 10.20 46.43 -15.65
CA SER E 140 9.97 45.16 -15.00
C SER E 140 8.92 45.29 -13.90
N VAL E 141 8.29 44.17 -13.56
CA VAL E 141 7.20 44.18 -12.59
C VAL E 141 7.79 44.20 -11.19
N HIS E 142 7.40 45.20 -10.41
CA HIS E 142 7.85 45.33 -9.03
C HIS E 142 6.70 45.52 -8.05
N GLU E 143 5.65 46.23 -8.44
CA GLU E 143 4.52 46.46 -7.56
C GLU E 143 3.62 45.22 -7.53
N PRO E 144 3.31 44.70 -6.35
CA PRO E 144 2.51 43.47 -6.25
C PRO E 144 1.01 43.73 -6.30
N VAL E 145 0.31 42.80 -6.93
CA VAL E 145 -1.15 42.81 -6.98
C VAL E 145 -1.64 41.96 -5.82
N GLN E 146 -2.42 42.58 -4.93
CA GLN E 146 -2.89 41.90 -3.73
C GLN E 146 -4.19 41.17 -4.06
N THR E 147 -4.11 39.84 -4.17
CA THR E 147 -5.27 39.04 -4.55
C THR E 147 -6.26 38.88 -3.42
N GLY E 148 -5.81 38.91 -2.16
CA GLY E 148 -6.65 38.55 -1.05
C GLY E 148 -6.71 37.07 -0.75
N LEU E 149 -6.05 36.25 -1.56
CA LEU E 149 -5.95 34.81 -1.33
C LEU E 149 -4.56 34.50 -0.80
N LYS E 150 -4.50 33.93 0.39
CA LYS E 150 -3.21 33.68 1.02
C LYS E 150 -2.35 32.73 0.19
N ALA E 151 -2.96 31.67 -0.36
CA ALA E 151 -2.22 30.75 -1.20
C ALA E 151 -1.80 31.37 -2.53
N VAL E 152 -2.46 32.46 -2.94
CA VAL E 152 -2.18 33.10 -4.22
C VAL E 152 -1.30 34.32 -3.96
N ASP E 153 -1.14 34.69 -2.70
CA ASP E 153 -0.35 35.87 -2.36
C ASP E 153 1.03 35.47 -1.84
N ALA E 154 1.07 34.62 -0.81
CA ALA E 154 2.34 34.28 -0.17
C ALA E 154 3.12 33.21 -0.91
N LEU E 155 2.48 32.51 -1.86
CA LEU E 155 3.11 31.38 -2.54
C LEU E 155 3.36 31.62 -4.02
N VAL E 156 2.39 32.20 -4.72
CA VAL E 156 2.53 32.46 -6.15
C VAL E 156 2.27 33.95 -6.42
N PRO E 157 3.27 34.80 -6.22
CA PRO E 157 3.07 36.26 -6.33
C PRO E 157 2.68 36.67 -7.74
N ILE E 158 1.82 37.69 -7.84
CA ILE E 158 1.50 38.35 -9.09
C ILE E 158 1.65 39.84 -8.90
N GLY E 159 1.90 40.57 -10.00
CA GLY E 159 2.15 41.99 -9.92
C GLY E 159 1.61 42.71 -11.14
N ARG E 160 1.90 44.02 -11.17
CA ARG E 160 1.42 44.88 -12.25
C ARG E 160 2.13 44.54 -13.54
N GLY E 161 1.39 44.01 -14.51
CA GLY E 161 1.92 43.74 -15.83
C GLY E 161 2.28 42.30 -16.13
N GLN E 162 2.13 41.39 -15.16
CA GLN E 162 2.45 39.99 -15.41
C GLN E 162 1.24 39.29 -16.05
N ARG E 163 1.42 38.00 -16.35
CA ARG E 163 0.40 37.21 -17.04
C ARG E 163 0.28 35.86 -16.33
N GLU E 164 -0.64 35.77 -15.38
CA GLU E 164 -0.84 34.57 -14.58
C GLU E 164 -2.05 33.81 -15.10
N LEU E 165 -1.85 32.53 -15.42
CA LEU E 165 -2.90 31.71 -15.99
C LEU E 165 -3.61 30.91 -14.89
N ILE E 166 -4.94 30.96 -14.89
CA ILE E 166 -5.73 30.06 -14.03
C ILE E 166 -6.05 28.84 -14.88
N ILE E 167 -5.11 27.91 -14.90
CA ILE E 167 -5.31 26.64 -15.60
C ILE E 167 -6.02 25.67 -14.66
N GLY E 168 -6.95 24.91 -15.20
CA GLY E 168 -7.70 24.00 -14.37
C GLY E 168 -8.83 23.34 -15.13
N ASP E 169 -9.64 22.59 -14.38
CA ASP E 169 -10.74 21.82 -14.93
C ASP E 169 -12.05 22.59 -14.70
N ARG E 170 -13.16 21.98 -15.13
CA ARG E 170 -14.45 22.65 -15.11
C ARG E 170 -15.00 22.76 -13.69
N GLN E 171 -15.53 23.94 -13.36
CA GLN E 171 -16.16 24.22 -12.06
C GLN E 171 -15.22 23.85 -10.90
N THR E 172 -13.95 24.16 -11.08
CA THR E 172 -12.95 23.95 -10.04
C THR E 172 -12.69 25.18 -9.20
N GLY E 173 -13.08 26.37 -9.67
CA GLY E 173 -12.83 27.60 -8.95
C GLY E 173 -12.06 28.60 -9.78
N LYS E 174 -12.12 28.44 -11.10
CA LYS E 174 -11.34 29.30 -12.00
C LYS E 174 -11.82 30.74 -11.94
N THR E 175 -13.14 30.96 -12.04
CA THR E 175 -13.67 32.31 -11.92
C THR E 175 -13.62 32.83 -10.50
N ALA E 176 -13.56 31.94 -9.51
CA ALA E 176 -13.61 32.35 -8.12
C ALA E 176 -12.42 33.22 -7.75
N VAL E 177 -11.22 32.82 -8.17
CA VAL E 177 -10.02 33.59 -7.83
C VAL E 177 -10.07 34.98 -8.47
N ALA E 178 -10.54 35.03 -9.72
CA ALA E 178 -10.63 36.32 -10.41
C ALA E 178 -11.60 37.26 -9.71
N LEU E 179 -12.81 36.76 -9.39
CA LEU E 179 -13.79 37.61 -8.73
C LEU E 179 -13.32 38.00 -7.34
N ASP E 180 -12.59 37.10 -6.67
CA ASP E 180 -12.05 37.43 -5.36
C ASP E 180 -11.03 38.55 -5.45
N THR E 181 -10.18 38.53 -6.48
CA THR E 181 -9.23 39.62 -6.68
C THR E 181 -9.97 40.93 -6.97
N ILE E 182 -11.02 40.86 -7.79
CA ILE E 182 -11.79 42.06 -8.10
C ILE E 182 -12.39 42.66 -6.83
N LEU E 183 -12.96 41.81 -5.98
CA LEU E 183 -13.51 42.30 -4.71
C LEU E 183 -12.40 42.84 -3.81
N ASN E 184 -11.24 42.17 -3.79
CA ASN E 184 -10.14 42.60 -2.92
C ASN E 184 -9.60 43.97 -3.32
N GLN E 185 -9.65 44.32 -4.60
CA GLN E 185 -9.13 45.61 -5.02
C GLN E 185 -9.96 46.78 -4.47
N LYS E 186 -11.13 46.51 -3.89
CA LYS E 186 -11.97 47.59 -3.37
C LYS E 186 -11.29 48.35 -2.25
N ARG E 187 -10.36 47.71 -1.53
CA ARG E 187 -9.72 48.36 -0.39
C ARG E 187 -8.98 49.63 -0.83
N TRP E 188 -8.24 49.54 -1.93
CA TRP E 188 -7.52 50.70 -2.44
C TRP E 188 -8.26 51.44 -3.55
N ASN E 189 -9.28 50.83 -4.16
CA ASN E 189 -10.05 51.51 -5.17
C ASN E 189 -10.94 52.61 -4.60
N ASN E 190 -11.11 52.67 -3.28
CA ASN E 190 -11.94 53.67 -2.63
C ASN E 190 -11.15 54.88 -2.14
N GLY E 191 -9.84 54.87 -2.33
CA GLY E 191 -8.98 55.93 -1.83
C GLY E 191 -8.76 57.04 -2.84
N SER E 192 -7.61 57.70 -2.72
CA SER E 192 -7.23 58.78 -3.62
C SER E 192 -5.92 58.52 -4.36
N ASP E 193 -5.03 57.69 -3.82
CA ASP E 193 -3.77 57.38 -4.47
C ASP E 193 -4.00 56.59 -5.75
N GLU E 194 -3.78 57.24 -6.90
CA GLU E 194 -4.02 56.59 -8.19
C GLU E 194 -2.98 55.55 -8.54
N SER E 195 -1.77 55.62 -7.97
CA SER E 195 -0.76 54.62 -8.23
C SER E 195 -1.13 53.25 -7.66
N LYS E 196 -2.08 53.21 -6.72
CA LYS E 196 -2.54 51.96 -6.14
C LYS E 196 -3.92 51.54 -6.63
N LYS E 197 -4.56 52.34 -7.47
CA LYS E 197 -5.87 51.98 -8.01
C LYS E 197 -5.72 50.86 -9.04
N LEU E 198 -6.61 49.86 -8.97
CA LEU E 198 -6.67 48.78 -9.93
C LEU E 198 -8.10 48.66 -10.43
N TYR E 199 -8.41 49.34 -11.54
CA TYR E 199 -9.69 49.13 -12.18
C TYR E 199 -9.72 47.75 -12.84
N CYS E 200 -10.87 47.10 -12.77
CA CYS E 200 -11.02 45.75 -13.25
C CYS E 200 -11.82 45.74 -14.54
N VAL E 201 -11.32 45.02 -15.53
CA VAL E 201 -12.04 44.80 -16.78
C VAL E 201 -12.09 43.30 -17.05
N TYR E 202 -13.28 42.81 -17.38
CA TYR E 202 -13.56 41.37 -17.41
C TYR E 202 -14.22 41.02 -18.72
N VAL E 203 -13.82 39.89 -19.30
CA VAL E 203 -14.41 39.39 -20.54
C VAL E 203 -15.27 38.19 -20.21
N ALA E 204 -16.37 38.02 -20.95
CA ALA E 204 -17.26 36.88 -20.81
C ALA E 204 -17.51 36.32 -22.20
N VAL E 205 -16.61 35.46 -22.66
CA VAL E 205 -16.74 34.86 -23.98
C VAL E 205 -17.31 33.45 -23.85
N GLY E 206 -18.57 33.29 -24.27
CA GLY E 206 -19.23 32.01 -24.31
C GLY E 206 -20.12 31.71 -23.13
N GLN E 207 -19.89 32.35 -21.97
CA GLN E 207 -20.72 32.09 -20.80
C GLN E 207 -22.14 32.58 -21.04
N LYS E 208 -23.11 31.80 -20.56
CA LYS E 208 -24.51 32.13 -20.76
C LYS E 208 -24.88 33.41 -20.03
N ARG E 209 -25.91 34.08 -20.53
CA ARG E 209 -26.29 35.40 -20.02
C ARG E 209 -26.73 35.33 -18.57
N SER E 210 -27.29 34.20 -18.14
CA SER E 210 -27.66 34.04 -16.74
C SER E 210 -26.42 34.12 -15.84
N THR E 211 -25.32 33.48 -16.26
CA THR E 211 -24.10 33.49 -15.46
C THR E 211 -23.56 34.91 -15.33
N VAL E 212 -23.54 35.67 -16.43
CA VAL E 212 -23.04 37.04 -16.33
C VAL E 212 -23.99 37.90 -15.52
N ALA E 213 -25.28 37.59 -15.54
CA ALA E 213 -26.24 38.33 -14.70
C ALA E 213 -25.96 38.09 -13.22
N GLN E 214 -25.78 36.83 -12.83
CA GLN E 214 -25.36 36.52 -11.46
C GLN E 214 -24.04 37.20 -11.12
N LEU E 215 -23.09 37.21 -12.05
CA LEU E 215 -21.79 37.82 -11.78
C LEU E 215 -21.91 39.32 -11.53
N VAL E 216 -22.64 40.03 -12.40
CA VAL E 216 -22.76 41.47 -12.23
C VAL E 216 -23.55 41.80 -10.98
N GLN E 217 -24.56 40.98 -10.67
CA GLN E 217 -25.24 41.12 -9.39
C GLN E 217 -24.25 40.97 -8.24
N THR E 218 -23.30 40.05 -8.40
CA THR E 218 -22.28 39.88 -7.38
C THR E 218 -21.44 41.14 -7.20
N LEU E 219 -20.87 41.67 -8.30
CA LEU E 219 -20.00 42.85 -8.13
C LEU E 219 -20.78 44.05 -7.60
N GLU E 220 -22.06 44.19 -7.96
CA GLU E 220 -22.79 45.33 -7.43
C GLU E 220 -23.16 45.13 -5.97
N GLN E 221 -23.34 43.87 -5.53
CA GLN E 221 -23.61 43.62 -4.12
C GLN E 221 -22.44 44.03 -3.24
N HIS E 222 -21.22 43.65 -3.61
CA HIS E 222 -20.03 44.00 -2.85
C HIS E 222 -19.49 45.38 -3.24
N ASP E 223 -20.21 46.11 -4.07
CA ASP E 223 -19.85 47.47 -4.47
C ASP E 223 -18.49 47.51 -5.15
N ALA E 224 -18.36 46.67 -6.18
CA ALA E 224 -17.17 46.65 -7.02
C ALA E 224 -17.46 47.04 -8.47
N MET E 225 -18.73 47.14 -8.86
CA MET E 225 -19.05 47.48 -10.24
C MET E 225 -18.63 48.91 -10.58
N LYS E 226 -18.49 49.78 -9.58
CA LYS E 226 -18.16 51.17 -9.86
C LYS E 226 -16.78 51.33 -10.48
N TYR E 227 -15.88 50.37 -10.25
CA TYR E 227 -14.57 50.38 -10.88
C TYR E 227 -14.34 49.18 -11.79
N SER E 228 -15.40 48.55 -12.29
CA SER E 228 -15.27 47.39 -13.16
C SER E 228 -16.08 47.61 -14.43
N ILE E 229 -15.60 47.01 -15.53
CA ILE E 229 -16.26 47.04 -16.82
C ILE E 229 -16.40 45.61 -17.30
N ILE E 230 -17.60 45.25 -17.76
CA ILE E 230 -17.90 43.89 -18.20
C ILE E 230 -18.19 43.94 -19.69
N VAL E 231 -17.42 43.19 -20.46
CA VAL E 231 -17.70 42.95 -21.87
C VAL E 231 -18.17 41.51 -22.02
N ALA E 232 -19.28 41.33 -22.73
CA ALA E 232 -19.95 40.03 -22.78
C ALA E 232 -20.05 39.53 -24.22
N ALA E 233 -19.65 38.27 -24.41
CA ALA E 233 -19.84 37.56 -25.67
C ALA E 233 -20.41 36.18 -25.33
N THR E 234 -21.74 36.11 -25.24
CA THR E 234 -22.40 34.85 -24.94
C THR E 234 -22.32 33.93 -26.16
N ALA E 235 -22.51 32.63 -25.91
CA ALA E 235 -22.50 31.65 -26.99
C ALA E 235 -23.59 31.95 -28.02
N SER E 236 -24.62 32.70 -27.65
CA SER E 236 -25.66 33.07 -28.59
C SER E 236 -25.14 34.01 -29.67
N GLU E 237 -24.18 34.88 -29.34
CA GLU E 237 -23.63 35.79 -30.33
C GLU E 237 -22.82 35.02 -31.37
N ALA E 238 -22.64 35.65 -32.53
CA ALA E 238 -21.90 35.03 -33.62
C ALA E 238 -20.44 34.85 -33.24
N ALA E 239 -19.79 33.87 -33.86
CA ALA E 239 -18.37 33.61 -33.62
C ALA E 239 -17.48 34.83 -33.82
N PRO E 240 -17.67 35.69 -34.85
CA PRO E 240 -16.81 36.87 -34.97
C PRO E 240 -16.82 37.76 -33.74
N LEU E 241 -18.00 37.96 -33.14
CA LEU E 241 -18.10 38.81 -31.97
C LEU E 241 -17.32 38.23 -30.79
N GLN E 242 -17.47 36.93 -30.55
CA GLN E 242 -16.69 36.29 -29.50
C GLN E 242 -15.20 36.38 -29.76
N TYR E 243 -14.78 36.13 -31.01
CA TYR E 243 -13.38 36.22 -31.36
C TYR E 243 -12.83 37.63 -31.20
N LEU E 244 -13.68 38.65 -31.38
CA LEU E 244 -13.20 40.03 -31.33
C LEU E 244 -13.19 40.60 -29.92
N ALA E 245 -14.11 40.15 -29.06
CA ALA E 245 -14.32 40.77 -27.74
C ALA E 245 -13.04 40.89 -26.89
N PRO E 246 -12.22 39.84 -26.74
CA PRO E 246 -11.02 39.99 -25.89
C PRO E 246 -10.07 41.07 -26.38
N PHE E 247 -9.94 41.24 -27.70
CA PHE E 247 -9.08 42.30 -28.23
C PHE E 247 -9.63 43.67 -27.86
N THR E 248 -10.94 43.85 -27.98
CA THR E 248 -11.55 45.12 -27.60
C THR E 248 -11.33 45.40 -26.11
N ALA E 249 -11.50 44.40 -25.26
CA ALA E 249 -11.26 44.60 -23.83
C ALA E 249 -9.79 44.89 -23.56
N ALA E 250 -8.89 44.29 -24.34
CA ALA E 250 -7.47 44.60 -24.22
C ALA E 250 -7.21 46.07 -24.52
N SER E 251 -7.85 46.60 -25.58
CA SER E 251 -7.74 48.02 -25.87
C SER E 251 -8.33 48.87 -24.74
N ILE E 252 -9.45 48.42 -24.17
CA ILE E 252 -10.07 49.14 -23.05
C ILE E 252 -9.08 49.27 -21.90
N GLY E 253 -8.43 48.17 -21.53
CA GLY E 253 -7.43 48.22 -20.48
C GLY E 253 -6.20 49.02 -20.87
N GLU E 254 -5.80 48.94 -22.14
CA GLU E 254 -4.65 49.70 -22.60
C GLU E 254 -4.89 51.20 -22.54
N TRP E 255 -6.15 51.63 -22.61
CA TRP E 255 -6.44 53.04 -22.38
C TRP E 255 -5.93 53.48 -21.01
N PHE E 256 -6.31 52.75 -19.96
CA PHE E 256 -5.82 53.05 -18.61
C PHE E 256 -4.30 52.89 -18.54
N ARG E 257 -3.78 51.83 -19.16
CA ARG E 257 -2.34 51.57 -19.08
C ARG E 257 -1.53 52.71 -19.67
N ASP E 258 -1.96 53.23 -20.83
CA ASP E 258 -1.25 54.33 -21.47
C ASP E 258 -1.53 55.67 -20.80
N ASN E 259 -2.64 55.79 -20.07
CA ASN E 259 -2.95 57.03 -19.36
C ASN E 259 -2.33 57.08 -17.97
N GLY E 260 -1.41 56.17 -17.68
CA GLY E 260 -0.68 56.18 -16.42
C GLY E 260 -1.35 55.46 -15.27
N LYS E 261 -2.58 54.97 -15.47
CA LYS E 261 -3.27 54.23 -14.41
C LYS E 261 -2.90 52.75 -14.47
N HIS E 262 -3.50 51.98 -13.57
CA HIS E 262 -3.29 50.54 -13.49
C HIS E 262 -4.62 49.82 -13.59
N ALA E 263 -4.65 48.74 -14.37
CA ALA E 263 -5.87 48.01 -14.64
C ALA E 263 -5.58 46.52 -14.68
N LEU E 264 -6.64 45.72 -14.58
CA LEU E 264 -6.55 44.28 -14.52
C LEU E 264 -7.56 43.68 -15.48
N ILE E 265 -7.09 42.80 -16.37
CA ILE E 265 -7.94 42.12 -17.34
C ILE E 265 -8.01 40.64 -16.99
N VAL E 266 -9.23 40.09 -17.01
CA VAL E 266 -9.47 38.68 -16.77
C VAL E 266 -9.92 38.09 -18.09
N TYR E 267 -9.05 37.30 -18.74
CA TYR E 267 -9.38 36.64 -19.99
C TYR E 267 -10.06 35.32 -19.66
N ASP E 268 -11.33 35.42 -19.31
CA ASP E 268 -12.06 34.26 -18.81
C ASP E 268 -12.37 33.29 -19.95
N ASP E 269 -11.91 32.04 -19.78
CA ASP E 269 -12.19 30.94 -20.71
C ASP E 269 -11.79 31.32 -22.13
N LEU E 270 -10.49 31.53 -22.28
CA LEU E 270 -9.90 31.88 -23.56
C LEU E 270 -9.94 30.72 -24.55
N SER E 271 -10.31 29.51 -24.10
CA SER E 271 -10.45 28.38 -25.01
C SER E 271 -11.61 28.57 -25.98
N LYS E 272 -12.75 29.07 -25.53
CA LYS E 272 -13.86 29.28 -26.45
C LYS E 272 -13.55 30.40 -27.44
N GLN E 273 -12.63 31.30 -27.08
CA GLN E 273 -12.02 32.16 -28.09
C GLN E 273 -11.39 31.34 -29.21
N ALA E 274 -10.64 30.30 -28.85
CA ALA E 274 -10.02 29.43 -29.85
C ALA E 274 -11.05 28.69 -30.68
N VAL E 275 -12.13 28.20 -30.05
CA VAL E 275 -13.11 27.46 -30.84
C VAL E 275 -13.89 28.40 -31.77
N ALA E 276 -14.15 29.64 -31.34
CA ALA E 276 -14.77 30.61 -32.22
C ALA E 276 -13.87 30.94 -33.40
N TYR E 277 -12.57 31.08 -33.14
CA TYR E 277 -11.62 31.27 -34.23
C TYR E 277 -11.58 30.07 -35.16
N ARG E 278 -11.71 28.87 -34.59
CA ARG E 278 -11.81 27.65 -35.41
C ARG E 278 -13.01 27.73 -36.34
N GLN E 279 -14.17 28.11 -35.81
CA GLN E 279 -15.36 28.24 -36.64
C GLN E 279 -15.14 29.27 -37.74
N LEU E 280 -14.53 30.40 -37.39
CA LEU E 280 -14.22 31.43 -38.38
C LEU E 280 -13.36 30.88 -39.50
N SER E 281 -12.22 30.28 -39.14
CA SER E 281 -11.26 29.84 -40.16
C SER E 281 -11.84 28.73 -41.02
N LEU E 282 -12.54 27.76 -40.40
CA LEU E 282 -13.13 26.68 -41.18
C LEU E 282 -14.22 27.19 -42.11
N LEU E 283 -15.05 28.13 -41.65
CA LEU E 283 -16.10 28.66 -42.51
C LEU E 283 -15.54 29.53 -43.63
N LEU E 284 -14.29 29.97 -43.52
CA LEU E 284 -13.63 30.74 -44.58
C LEU E 284 -12.84 29.87 -45.54
N ARG E 285 -12.94 28.55 -45.40
CA ARG E 285 -12.21 27.60 -46.25
C ARG E 285 -10.70 27.80 -46.15
N ARG E 286 -10.26 28.33 -45.01
CA ARG E 286 -8.83 28.43 -44.72
C ARG E 286 -8.31 27.07 -44.32
N PRO E 287 -7.19 26.61 -44.87
CA PRO E 287 -6.67 25.27 -44.55
C PRO E 287 -6.44 25.13 -43.06
N PRO E 288 -7.03 24.11 -42.43
CA PRO E 288 -6.86 23.93 -40.98
C PRO E 288 -5.49 23.39 -40.62
N GLY E 289 -5.18 23.36 -39.33
CA GLY E 289 -3.92 22.85 -38.83
C GLY E 289 -4.15 21.59 -38.00
N ARG E 290 -3.45 21.52 -36.88
CA ARG E 290 -3.59 20.37 -35.99
C ARG E 290 -5.00 20.32 -35.41
N GLU E 291 -5.56 19.10 -35.38
CA GLU E 291 -6.91 18.81 -34.84
C GLU E 291 -7.92 19.91 -35.19
N ALA E 292 -7.97 20.26 -36.47
CA ALA E 292 -8.96 21.14 -37.07
C ALA E 292 -8.87 22.59 -36.57
N TYR E 293 -7.92 22.90 -35.70
CA TYR E 293 -7.79 24.30 -35.34
C TYR E 293 -7.04 25.07 -36.43
N PRO E 294 -7.32 26.35 -36.59
CA PRO E 294 -6.50 27.18 -37.49
C PRO E 294 -5.06 27.19 -37.01
N GLY E 295 -4.13 27.31 -37.97
CA GLY E 295 -2.73 27.32 -37.61
C GLY E 295 -2.36 28.44 -36.65
N ASP E 296 -2.83 29.65 -36.93
CA ASP E 296 -2.36 30.83 -36.20
C ASP E 296 -3.22 31.14 -34.98
N VAL E 297 -3.40 30.11 -34.16
CA VAL E 297 -3.97 30.31 -32.84
C VAL E 297 -2.90 30.68 -31.81
N PHE E 298 -1.67 30.17 -31.97
CA PHE E 298 -0.57 30.61 -31.12
C PHE E 298 -0.30 32.09 -31.31
N TYR E 299 -0.26 32.56 -32.55
CA TYR E 299 -0.10 33.98 -32.81
C TYR E 299 -1.29 34.76 -32.28
N LEU E 300 -2.50 34.21 -32.44
CA LEU E 300 -3.70 34.82 -31.90
C LEU E 300 -3.56 35.09 -30.40
N HIS E 301 -3.15 34.06 -29.65
CA HIS E 301 -3.05 34.19 -28.20
C HIS E 301 -1.87 35.08 -27.81
N SER E 302 -0.75 34.97 -28.52
CA SER E 302 0.43 35.77 -28.19
C SER E 302 0.15 37.26 -28.36
N ARG E 303 -0.43 37.63 -29.51
CA ARG E 303 -0.72 39.03 -29.77
C ARG E 303 -1.69 39.59 -28.73
N LEU E 304 -2.68 38.79 -28.34
CA LEU E 304 -3.63 39.24 -27.33
C LEU E 304 -2.98 39.41 -25.97
N LEU E 305 -2.26 38.39 -25.49
CA LEU E 305 -1.74 38.41 -24.13
C LEU E 305 -0.57 39.37 -23.93
N GLU E 306 0.36 39.45 -24.89
CA GLU E 306 1.55 40.25 -24.69
C GLU E 306 1.26 41.75 -24.66
N ARG E 307 0.05 42.17 -25.05
CA ARG E 307 -0.34 43.57 -24.91
C ARG E 307 -0.34 44.01 -23.45
N ALA E 308 -0.53 43.08 -22.53
CA ALA E 308 -0.45 43.40 -21.11
C ALA E 308 1.00 43.58 -20.70
N ALA E 309 1.31 44.69 -20.03
CA ALA E 309 2.70 44.99 -19.72
C ALA E 309 2.76 46.02 -18.60
N LYS E 310 3.97 46.21 -18.06
CA LYS E 310 4.26 47.25 -17.08
C LYS E 310 5.13 48.31 -17.76
N LEU E 311 4.56 49.48 -17.99
CA LEU E 311 5.26 50.53 -18.70
C LEU E 311 6.32 51.18 -17.81
N SER E 312 7.28 51.85 -18.46
CA SER E 312 8.36 52.52 -17.75
C SER E 312 7.98 53.97 -17.44
N GLU E 313 8.83 54.62 -16.64
CA GLU E 313 8.51 55.95 -16.13
C GLU E 313 8.41 56.99 -17.25
N LYS E 314 9.11 56.76 -18.36
CA LYS E 314 9.14 57.76 -19.43
C LYS E 314 7.76 57.99 -20.03
N GLU E 315 7.01 56.91 -20.28
CA GLU E 315 5.70 57.05 -20.91
C GLU E 315 4.60 57.30 -19.88
N GLY E 316 4.88 57.01 -18.61
CA GLY E 316 3.90 57.25 -17.57
C GLY E 316 3.83 56.17 -16.52
N SER E 317 4.61 55.10 -16.70
CA SER E 317 4.70 53.99 -15.73
C SER E 317 3.32 53.39 -15.46
N GLY E 318 2.53 53.22 -16.53
CA GLY E 318 1.27 52.52 -16.44
C GLY E 318 1.49 51.01 -16.42
N SER E 319 0.38 50.29 -16.24
CA SER E 319 0.45 48.84 -16.15
C SER E 319 -0.86 48.22 -16.64
N LEU E 320 -0.76 46.96 -17.02
CA LEU E 320 -1.92 46.15 -17.42
C LEU E 320 -1.59 44.70 -17.12
N THR E 321 -2.33 44.08 -16.22
CA THR E 321 -2.07 42.72 -15.76
C THR E 321 -3.09 41.78 -16.37
N ALA E 322 -2.59 40.78 -17.10
CA ALA E 322 -3.46 39.78 -17.72
C ALA E 322 -3.74 38.64 -16.77
N LEU E 323 -5.00 38.22 -16.73
CA LEU E 323 -5.44 37.11 -15.86
C LEU E 323 -6.27 36.14 -16.70
N PRO E 324 -5.64 35.42 -17.62
CA PRO E 324 -6.39 34.52 -18.49
C PRO E 324 -6.82 33.25 -17.76
N VAL E 325 -7.85 32.61 -18.31
CA VAL E 325 -8.42 31.39 -17.75
C VAL E 325 -8.53 30.36 -18.88
N ILE E 326 -8.02 29.16 -18.64
CA ILE E 326 -8.10 28.05 -19.59
C ILE E 326 -8.65 26.84 -18.87
N GLU E 327 -9.65 26.19 -19.47
CA GLU E 327 -10.22 24.97 -18.94
C GLU E 327 -9.69 23.77 -19.73
N THR E 328 -9.28 22.73 -19.00
CA THR E 328 -8.70 21.53 -19.59
C THR E 328 -9.64 20.34 -19.39
N GLN E 329 -9.61 19.42 -20.35
CA GLN E 329 -10.51 18.26 -20.39
C GLN E 329 -9.82 17.10 -19.70
N GLY E 330 -10.33 16.72 -18.52
CA GLY E 330 -9.75 15.63 -17.76
C GLY E 330 -8.33 15.87 -17.28
N GLY E 331 -7.99 17.12 -16.97
CA GLY E 331 -6.66 17.41 -16.47
C GLY E 331 -5.55 17.25 -17.49
N ASP E 332 -5.88 17.21 -18.78
CA ASP E 332 -4.90 16.99 -19.84
C ASP E 332 -4.26 18.33 -20.20
N VAL E 333 -3.18 18.67 -19.50
CA VAL E 333 -2.43 19.89 -19.81
C VAL E 333 -1.52 19.72 -21.00
N SER E 334 -1.39 18.50 -21.52
CA SER E 334 -0.67 18.26 -22.76
C SER E 334 -1.48 18.59 -24.00
N ALA E 335 -2.75 18.99 -23.82
CA ALA E 335 -3.58 19.37 -24.94
C ALA E 335 -3.04 20.65 -25.58
N TYR E 336 -3.34 20.80 -26.86
CA TYR E 336 -2.73 21.81 -27.72
C TYR E 336 -2.85 23.23 -27.17
N ILE E 337 -4.09 23.73 -27.05
CA ILE E 337 -4.30 25.06 -26.49
C ILE E 337 -3.75 25.18 -25.07
N PRO E 338 -3.95 24.21 -24.17
CA PRO E 338 -3.28 24.31 -22.86
C PRO E 338 -1.77 24.43 -22.95
N THR E 339 -1.12 23.70 -23.86
CA THR E 339 0.32 23.84 -24.01
C THR E 339 0.70 25.23 -24.53
N ASN E 340 -0.03 25.73 -25.52
CA ASN E 340 0.27 27.05 -26.05
C ASN E 340 0.12 28.11 -24.96
N VAL E 341 -0.96 28.03 -24.19
CA VAL E 341 -1.21 29.05 -23.18
C VAL E 341 -0.27 28.91 -21.99
N ILE E 342 0.13 27.70 -21.62
CA ILE E 342 1.13 27.56 -20.57
C ILE E 342 2.50 28.06 -21.04
N SER E 343 2.78 28.00 -22.34
CA SER E 343 4.01 28.53 -22.89
C SER E 343 3.94 30.03 -23.17
N ILE E 344 2.76 30.64 -23.14
CA ILE E 344 2.59 32.05 -23.47
C ILE E 344 2.54 32.92 -22.22
N THR E 345 2.14 32.37 -21.08
CA THR E 345 1.89 33.18 -19.90
C THR E 345 3.12 33.29 -19.01
N ASP E 346 3.06 34.24 -18.07
CA ASP E 346 4.13 34.46 -17.10
C ASP E 346 3.82 33.70 -15.81
N GLY E 347 3.67 32.39 -15.97
CA GLY E 347 3.31 31.53 -14.86
C GLY E 347 1.87 31.04 -14.97
N GLN E 348 1.47 30.28 -13.95
CA GLN E 348 0.15 29.67 -13.97
C GLN E 348 -0.33 29.40 -12.56
N ILE E 349 -1.64 29.22 -12.43
CA ILE E 349 -2.28 28.84 -11.18
C ILE E 349 -3.08 27.56 -11.43
N PHE E 350 -2.50 26.41 -11.12
CA PHE E 350 -3.18 25.15 -11.38
C PHE E 350 -4.26 24.89 -10.33
N LEU E 351 -5.44 24.52 -10.79
CA LEU E 351 -6.52 24.06 -9.95
C LEU E 351 -7.02 22.72 -10.47
N GLU E 352 -7.20 21.75 -9.58
CA GLU E 352 -7.66 20.43 -9.94
C GLU E 352 -8.78 20.00 -9.01
N ALA E 353 -9.68 19.18 -9.55
CA ALA E 353 -10.84 18.73 -8.80
C ALA E 353 -10.47 17.81 -7.64
N GLU E 354 -9.33 17.14 -7.71
CA GLU E 354 -8.99 16.16 -6.69
C GLU E 354 -8.73 16.83 -5.35
N LEU E 355 -7.91 17.89 -5.34
CA LEU E 355 -7.72 18.69 -4.13
C LEU E 355 -9.01 19.40 -3.73
N PHE E 356 -9.83 19.78 -4.71
CA PHE E 356 -11.11 20.40 -4.38
C PHE E 356 -11.98 19.46 -3.57
N TYR E 357 -12.00 18.19 -3.94
CA TYR E 357 -12.75 17.20 -3.18
C TYR E 357 -11.99 16.72 -1.96
N LYS E 358 -10.70 17.03 -1.86
CA LYS E 358 -9.95 16.78 -0.63
C LYS E 358 -10.23 17.81 0.46
N GLY E 359 -10.98 18.86 0.16
CA GLY E 359 -11.28 19.86 1.16
C GLY E 359 -10.66 21.21 0.87
N ILE E 360 -9.53 21.20 0.17
CA ILE E 360 -8.83 22.43 -0.16
C ILE E 360 -9.74 23.24 -1.08
N ARG E 361 -10.28 24.35 -0.59
CA ARG E 361 -11.23 25.13 -1.38
C ARG E 361 -10.53 25.87 -2.52
N PRO E 362 -9.41 26.58 -2.30
CA PRO E 362 -8.69 27.14 -3.46
C PRO E 362 -8.21 26.09 -4.45
N ALA E 363 -7.91 24.88 -3.97
CA ALA E 363 -7.43 23.77 -4.80
C ALA E 363 -6.20 24.16 -5.61
N ILE E 364 -5.27 24.89 -4.99
CA ILE E 364 -4.07 25.34 -5.68
C ILE E 364 -3.02 24.23 -5.61
N ASN E 365 -2.67 23.68 -6.76
CA ASN E 365 -1.61 22.67 -6.83
C ASN E 365 -0.27 23.37 -6.73
N VAL E 366 0.23 23.57 -5.51
CA VAL E 366 1.48 24.27 -5.30
C VAL E 366 2.65 23.55 -5.96
N GLY E 367 2.50 22.27 -6.27
CA GLY E 367 3.56 21.56 -6.97
C GLY E 367 3.78 22.11 -8.37
N LEU E 368 2.70 22.40 -9.09
CA LEU E 368 2.80 22.90 -10.45
C LEU E 368 2.58 24.41 -10.53
N SER E 369 1.73 24.95 -9.67
CA SER E 369 1.45 26.39 -9.68
C SER E 369 2.72 27.16 -9.35
N VAL E 370 3.23 27.89 -10.35
CA VAL E 370 4.49 28.62 -10.21
C VAL E 370 4.31 29.99 -10.85
N SER E 371 5.10 30.95 -10.39
CA SER E 371 5.12 32.29 -10.95
C SER E 371 6.53 32.59 -11.43
N ARG E 372 6.64 33.15 -12.63
CA ARG E 372 7.95 33.53 -13.15
C ARG E 372 8.57 34.70 -12.39
N VAL E 373 7.81 35.35 -11.52
CA VAL E 373 8.35 36.40 -10.65
C VAL E 373 8.11 36.00 -9.20
N GLY E 374 9.15 36.11 -8.38
CA GLY E 374 9.11 35.72 -7.00
C GLY E 374 9.19 36.90 -6.06
N SER E 375 10.40 37.23 -5.61
CA SER E 375 10.62 38.38 -4.75
C SER E 375 10.07 39.65 -5.39
N ALA E 376 10.34 39.86 -6.67
CA ALA E 376 9.71 40.96 -7.39
C ALA E 376 8.20 40.76 -7.44
N ALA E 377 7.47 41.86 -7.38
CA ALA E 377 6.00 41.83 -7.37
C ALA E 377 5.47 41.07 -6.15
N GLN E 378 6.02 41.37 -4.97
CA GLN E 378 5.55 40.78 -3.73
C GLN E 378 5.75 41.79 -2.61
N VAL E 379 4.73 41.93 -1.75
CA VAL E 379 4.86 42.82 -0.61
C VAL E 379 5.96 42.31 0.31
N LYS E 380 6.78 43.23 0.80
CA LYS E 380 7.97 42.82 1.54
C LYS E 380 7.59 42.16 2.86
N ALA E 381 6.43 42.53 3.41
CA ALA E 381 5.98 41.93 4.67
C ALA E 381 5.77 40.43 4.52
N LEU E 382 5.45 39.98 3.30
CA LEU E 382 5.33 38.56 2.99
C LEU E 382 6.58 38.02 2.33
N LYS E 383 7.74 38.46 2.81
CA LYS E 383 9.01 38.21 2.14
C LYS E 383 10.10 38.07 3.20
N GLN E 384 11.36 38.29 2.80
CA GLN E 384 12.54 38.02 3.64
C GLN E 384 12.38 38.48 5.09
N VAL E 385 11.60 39.53 5.36
CA VAL E 385 11.38 39.91 6.75
C VAL E 385 10.68 38.79 7.50
N ALA E 386 9.76 38.08 6.86
CA ALA E 386 9.13 36.93 7.49
C ALA E 386 10.04 35.71 7.40
N GLY E 387 11.08 35.78 6.58
CA GLY E 387 12.07 34.73 6.50
C GLY E 387 11.63 33.50 5.74
N SER E 388 10.69 32.75 6.30
CA SER E 388 10.29 31.49 5.68
C SER E 388 9.42 31.73 4.44
N LEU E 389 8.75 32.89 4.36
CA LEU E 389 8.02 33.25 3.15
C LEU E 389 8.94 33.47 1.96
N LYS E 390 10.25 33.24 2.14
CA LYS E 390 11.13 33.06 0.99
C LYS E 390 11.19 31.60 0.57
N LEU E 391 10.87 30.67 1.47
CA LEU E 391 11.18 29.26 1.26
C LEU E 391 10.08 28.33 1.76
N PHE E 392 8.83 28.79 1.87
CA PHE E 392 7.74 27.82 2.03
C PHE E 392 7.56 26.92 0.82
N LEU E 393 7.99 27.35 -0.36
CA LEU E 393 7.83 26.47 -1.53
C LEU E 393 8.57 25.15 -1.32
N ALA E 394 9.81 25.22 -0.82
CA ALA E 394 10.56 24.01 -0.53
C ALA E 394 9.89 23.19 0.57
N GLN E 395 9.36 23.86 1.59
CA GLN E 395 8.73 23.14 2.70
C GLN E 395 7.49 22.38 2.23
N TYR E 396 6.66 23.02 1.42
CA TYR E 396 5.47 22.33 0.91
C TYR E 396 5.82 21.27 -0.13
N ARG E 397 6.95 21.42 -0.83
CA ARG E 397 7.39 20.34 -1.68
C ARG E 397 7.85 19.13 -0.87
N GLU E 398 8.60 19.36 0.20
CA GLU E 398 9.11 18.23 0.98
C GLU E 398 8.00 17.55 1.75
N VAL E 399 7.03 18.31 2.27
CA VAL E 399 5.95 17.67 3.03
C VAL E 399 5.14 16.74 2.12
N ALA E 400 4.95 17.12 0.86
CA ALA E 400 4.34 16.22 -0.10
C ALA E 400 5.30 15.11 -0.50
N ALA E 401 6.60 15.36 -0.39
CA ALA E 401 7.62 14.40 -0.78
C ALA E 401 7.88 13.31 0.25
N PHE E 402 7.16 13.30 1.38
CA PHE E 402 7.37 12.25 2.39
C PHE E 402 6.05 11.76 2.98
N ALA E 403 5.00 11.71 2.16
CA ALA E 403 3.67 11.43 2.67
C ALA E 403 3.54 9.97 3.10
N GLN E 404 3.77 9.03 2.19
CA GLN E 404 3.91 7.64 2.59
C GLN E 404 5.15 6.97 2.03
N PHE E 405 5.55 7.30 0.80
CA PHE E 405 6.79 6.79 0.25
C PHE E 405 8.00 7.27 1.04
N GLY E 406 8.01 8.52 1.47
CA GLY E 406 9.01 9.00 2.40
C GLY E 406 8.51 8.87 3.83
N SER E 407 8.23 7.64 4.26
CA SER E 407 7.56 7.40 5.54
C SER E 407 8.35 7.99 6.70
N ASP E 408 7.65 8.37 7.75
CA ASP E 408 8.26 9.02 8.90
C ASP E 408 9.31 8.13 9.53
N LEU E 409 10.54 8.65 9.59
CA LEU E 409 11.68 7.91 10.14
C LEU E 409 11.95 8.29 11.59
N ASP E 410 12.16 9.58 11.85
CA ASP E 410 12.46 10.03 13.21
C ASP E 410 11.57 11.22 13.60
N ALA E 411 11.87 11.85 14.72
CA ALA E 411 11.04 12.94 15.22
C ALA E 411 11.03 14.13 14.27
N SER E 412 12.10 14.34 13.52
CA SER E 412 12.11 15.43 12.54
C SER E 412 11.05 15.21 11.47
N THR E 413 10.92 13.97 10.99
CA THR E 413 9.90 13.65 10.01
C THR E 413 8.49 13.87 10.57
N LYS E 414 8.25 13.45 11.82
CA LYS E 414 6.94 13.67 12.43
C LYS E 414 6.64 15.15 12.58
N GLN E 415 7.64 15.94 12.99
CA GLN E 415 7.46 17.38 13.13
C GLN E 415 7.11 18.02 11.79
N THR E 416 7.86 17.65 10.75
CA THR E 416 7.57 18.20 9.42
C THR E 416 6.19 17.76 8.93
N LEU E 417 5.80 16.52 9.22
CA LEU E 417 4.47 16.06 8.84
C LEU E 417 3.39 16.92 9.49
N VAL E 418 3.48 17.10 10.81
CA VAL E 418 2.48 17.88 11.53
C VAL E 418 2.46 19.31 11.02
N ARG E 419 3.64 19.91 10.85
CA ARG E 419 3.75 21.26 10.33
C ARG E 419 3.06 21.41 8.99
N GLY E 420 3.38 20.49 8.07
CA GLY E 420 2.81 20.58 6.73
C GLY E 420 1.30 20.40 6.71
N GLU E 421 0.79 19.42 7.47
CA GLU E 421 -0.65 19.19 7.43
C GLU E 421 -1.41 20.33 8.12
N ARG E 422 -0.86 20.85 9.22
CA ARG E 422 -1.45 22.03 9.85
C ARG E 422 -1.47 23.21 8.88
N LEU E 423 -0.38 23.42 8.14
CA LEU E 423 -0.34 24.52 7.19
C LEU E 423 -1.36 24.33 6.07
N THR E 424 -1.43 23.12 5.50
CA THR E 424 -2.38 22.87 4.42
C THR E 424 -3.81 23.10 4.90
N GLN E 425 -4.10 22.73 6.15
CA GLN E 425 -5.41 23.06 6.71
C GLN E 425 -5.54 24.55 6.97
N LEU E 426 -4.42 25.25 7.13
CA LEU E 426 -4.46 26.69 7.40
C LEU E 426 -4.70 27.49 6.13
N LEU E 427 -4.12 27.06 5.00
CA LEU E 427 -4.24 27.82 3.76
C LEU E 427 -5.66 27.84 3.22
N LYS E 428 -6.55 27.01 3.77
CA LYS E 428 -7.93 27.00 3.31
C LYS E 428 -8.58 28.36 3.51
N GLN E 429 -9.38 28.78 2.54
CA GLN E 429 -10.14 30.01 2.59
C GLN E 429 -11.49 29.77 1.93
N ASN E 430 -12.42 30.69 2.16
CA ASN E 430 -13.76 30.60 1.60
C ASN E 430 -13.94 31.70 0.56
N GLN E 431 -14.78 31.42 -0.43
CA GLN E 431 -15.05 32.39 -1.46
C GLN E 431 -15.83 33.58 -0.88
N TYR E 432 -15.75 34.71 -1.58
CA TYR E 432 -16.44 35.94 -1.22
C TYR E 432 -15.92 36.50 0.11
N SER E 433 -14.69 36.15 0.47
CA SER E 433 -14.06 36.62 1.71
C SER E 433 -12.61 36.96 1.44
N PRO E 434 -12.36 38.05 0.71
CA PRO E 434 -10.97 38.48 0.49
C PRO E 434 -10.32 38.94 1.77
N LEU E 435 -9.00 38.76 1.85
CA LEU E 435 -8.24 39.11 3.02
C LEU E 435 -7.15 40.11 2.65
N ALA E 436 -6.47 40.66 3.65
CA ALA E 436 -5.48 41.70 3.43
C ALA E 436 -4.11 41.28 3.96
N THR E 437 -3.06 41.88 3.39
CA THR E 437 -1.70 41.48 3.72
C THR E 437 -1.40 41.64 5.20
N GLU E 438 -1.89 42.73 5.80
CA GLU E 438 -1.59 43.00 7.21
C GLU E 438 -2.09 41.89 8.12
N GLU E 439 -3.08 41.10 7.69
CA GLU E 439 -3.46 39.93 8.46
C GLU E 439 -3.08 38.62 7.81
N GLN E 440 -2.56 38.64 6.57
CA GLN E 440 -1.82 37.47 6.09
C GLN E 440 -0.59 37.23 6.95
N VAL E 441 0.20 38.29 7.19
CA VAL E 441 1.50 38.13 7.82
C VAL E 441 1.40 37.42 9.17
N PRO E 442 0.50 37.82 10.09
CA PRO E 442 0.45 37.11 11.38
C PRO E 442 0.12 35.63 11.29
N LEU E 443 -0.82 35.25 10.43
CA LEU E 443 -1.26 33.86 10.39
C LEU E 443 -0.15 32.93 9.95
N ILE E 444 0.52 33.26 8.85
CA ILE E 444 1.62 32.42 8.36
C ILE E 444 2.87 32.57 9.23
N TYR E 445 3.09 33.74 9.83
CA TYR E 445 4.18 33.85 10.81
C TYR E 445 3.96 32.92 11.98
N ALA E 446 2.71 32.77 12.43
CA ALA E 446 2.40 31.76 13.44
C ALA E 446 2.67 30.35 12.92
N GLY E 447 2.78 30.20 11.60
CA GLY E 447 3.06 28.90 11.01
C GLY E 447 4.51 28.47 11.13
N VAL E 448 5.37 29.29 11.73
CA VAL E 448 6.76 28.93 11.95
C VAL E 448 7.08 28.82 13.44
N ASN E 449 6.50 29.66 14.28
CA ASN E 449 6.71 29.59 15.72
C ASN E 449 5.39 29.23 16.39
N GLY E 450 5.07 27.94 16.37
CA GLY E 450 3.93 27.36 17.05
C GLY E 450 2.77 27.17 16.10
N HIS E 451 2.69 25.99 15.48
CA HIS E 451 1.59 25.63 14.61
C HIS E 451 1.16 24.20 14.88
N LEU E 452 2.10 23.38 15.32
CA LEU E 452 1.81 22.00 15.70
C LEU E 452 1.01 21.94 16.99
N ASP E 453 1.10 22.96 17.83
CA ASP E 453 0.31 23.07 19.04
C ASP E 453 -1.07 23.66 18.79
N GLY E 454 -1.48 23.79 17.53
CA GLY E 454 -2.81 24.22 17.19
C GLY E 454 -3.85 23.29 17.79
N ILE E 455 -5.05 23.80 18.05
CA ILE E 455 -6.03 23.03 18.81
C ILE E 455 -6.79 22.11 17.87
N GLU E 456 -6.17 20.97 17.55
CA GLU E 456 -6.60 19.90 16.65
C GLU E 456 -7.07 20.42 15.28
N LEU E 457 -7.01 19.55 14.27
CA LEU E 457 -7.12 20.02 12.89
C LEU E 457 -8.47 20.65 12.59
N SER E 458 -9.56 20.02 13.04
CA SER E 458 -10.88 20.54 12.69
C SER E 458 -11.13 21.91 13.30
N ARG E 459 -10.34 22.30 14.30
CA ARG E 459 -10.44 23.60 14.94
C ARG E 459 -9.18 24.44 14.79
N ILE E 460 -8.58 24.45 13.60
CA ILE E 460 -7.52 25.43 13.33
C ILE E 460 -8.09 26.64 12.60
N GLY E 461 -9.26 26.50 11.98
CA GLY E 461 -9.88 27.63 11.30
C GLY E 461 -10.31 28.73 12.26
N GLU E 462 -11.02 28.39 13.32
CA GLU E 462 -11.35 29.42 14.29
C GLU E 462 -10.10 29.82 15.06
N PHE E 463 -9.07 28.97 15.04
CA PHE E 463 -7.77 29.39 15.58
C PHE E 463 -7.21 30.56 14.80
N GLU E 464 -7.25 30.48 13.47
CA GLU E 464 -6.75 31.59 12.67
C GLU E 464 -7.66 32.81 12.81
N SER E 465 -8.98 32.59 12.89
CA SER E 465 -9.89 33.72 13.06
C SER E 465 -9.68 34.40 14.40
N SER E 466 -9.49 33.63 15.47
CA SER E 466 -9.27 34.18 16.78
C SER E 466 -7.90 34.85 16.88
N PHE E 467 -6.92 34.33 16.16
CA PHE E 467 -5.62 35.00 16.08
C PHE E 467 -5.78 36.35 15.40
N LEU E 468 -6.56 36.41 14.33
CA LEU E 468 -6.85 37.67 13.66
C LEU E 468 -7.59 38.63 14.59
N SER E 469 -8.51 38.11 15.40
CA SER E 469 -9.21 38.96 16.36
C SER E 469 -8.26 39.48 17.43
N TYR E 470 -7.40 38.61 17.95
CA TYR E 470 -6.46 38.99 19.00
C TYR E 470 -5.39 39.95 18.48
N LEU E 471 -5.23 40.03 17.16
CA LEU E 471 -4.32 41.02 16.59
C LEU E 471 -5.03 42.28 16.10
N LYS E 472 -6.33 42.22 15.79
CA LYS E 472 -7.02 43.44 15.40
C LYS E 472 -7.47 44.18 16.65
N SER E 473 -7.91 43.45 17.66
CA SER E 473 -8.07 44.02 18.98
C SER E 473 -6.73 43.96 19.71
N ASN E 474 -6.48 44.96 20.56
CA ASN E 474 -5.40 45.11 21.55
C ASN E 474 -4.03 45.07 20.89
N HIS E 475 -4.00 44.93 19.56
CA HIS E 475 -2.74 44.78 18.83
C HIS E 475 -2.81 45.46 17.46
N ASN E 476 -3.67 46.48 17.33
CA ASN E 476 -3.82 47.16 16.05
C ASN E 476 -2.54 47.85 15.61
N GLU E 477 -1.65 48.16 16.56
CA GLU E 477 -0.40 48.83 16.21
C GLU E 477 0.46 47.97 15.29
N LEU E 478 0.52 46.67 15.57
CA LEU E 478 1.26 45.75 14.71
C LEU E 478 0.68 45.74 13.30
N LEU E 479 -0.65 45.60 13.20
CA LEU E 479 -1.29 45.51 11.89
C LEU E 479 -1.06 46.78 11.09
N THR E 480 -1.25 47.93 11.74
CA THR E 480 -0.97 49.19 11.08
C THR E 480 0.48 49.24 10.62
N GLU E 481 1.42 49.17 11.55
CA GLU E 481 2.82 49.33 11.22
C GLU E 481 3.22 48.45 10.05
N ILE E 482 2.76 47.18 10.03
CA ILE E 482 3.08 46.33 8.90
C ILE E 482 2.25 46.66 7.66
N ARG E 483 1.17 47.43 7.78
CA ARG E 483 0.40 47.73 6.57
C ARG E 483 0.81 49.02 5.88
N GLU E 484 1.30 50.05 6.59
CA GLU E 484 1.78 51.21 5.83
C GLU E 484 3.22 51.03 5.36
N LYS E 485 4.11 50.54 6.23
CA LYS E 485 5.51 50.44 5.83
C LYS E 485 5.74 49.24 4.91
N GLY E 486 4.90 48.21 5.03
CA GLY E 486 4.94 47.08 4.13
C GLY E 486 6.00 46.05 4.41
N GLU E 487 6.76 46.18 5.50
CA GLU E 487 7.78 45.21 5.87
C GLU E 487 7.87 45.14 7.39
N LEU E 488 8.69 44.21 7.88
CA LEU E 488 8.80 43.91 9.30
C LEU E 488 10.20 44.27 9.76
N SER E 489 10.29 45.30 10.62
CA SER E 489 11.57 45.73 11.15
C SER E 489 11.98 44.82 12.33
N LYS E 490 13.21 45.00 12.80
CA LYS E 490 13.74 44.12 13.84
C LYS E 490 12.88 44.19 15.10
N GLU E 491 12.60 45.39 15.59
CA GLU E 491 11.69 45.54 16.71
C GLU E 491 10.29 45.06 16.35
N LEU E 492 9.90 45.25 15.09
CA LEU E 492 8.60 44.76 14.63
C LEU E 492 8.58 43.23 14.61
N LEU E 493 9.68 42.61 14.19
CA LEU E 493 9.78 41.15 14.29
C LEU E 493 9.67 40.69 15.74
N ALA E 494 10.34 41.39 16.65
CA ALA E 494 10.27 41.02 18.06
C ALA E 494 8.84 41.14 18.59
N SER E 495 8.16 42.22 18.25
CA SER E 495 6.77 42.41 18.72
C SER E 495 5.85 41.36 18.13
N LEU E 496 6.02 41.03 16.85
CA LEU E 496 5.19 40.02 16.22
C LEU E 496 5.42 38.65 16.85
N LYS E 497 6.68 38.31 17.11
CA LYS E 497 6.99 37.05 17.78
C LYS E 497 6.37 37.02 19.17
N SER E 498 6.46 38.12 19.90
CA SER E 498 5.90 38.19 21.24
C SER E 498 4.39 37.98 21.20
N ALA E 499 3.70 38.63 20.26
CA ALA E 499 2.25 38.47 20.15
C ALA E 499 1.88 37.05 19.76
N THR E 500 2.62 36.46 18.81
CA THR E 500 2.32 35.10 18.38
C THR E 500 2.48 34.13 19.54
N GLU E 501 3.58 34.23 20.29
CA GLU E 501 3.76 33.34 21.44
C GLU E 501 2.78 33.64 22.56
N SER E 502 2.36 34.90 22.72
CA SER E 502 1.37 35.23 23.73
C SER E 502 0.03 34.54 23.44
N PHE E 503 -0.41 34.57 22.18
CA PHE E 503 -1.65 33.86 21.87
C PHE E 503 -1.45 32.35 21.80
N VAL E 504 -0.22 31.90 21.54
CA VAL E 504 0.08 30.47 21.61
C VAL E 504 -0.11 29.97 23.04
N ALA E 505 0.39 30.72 24.03
CA ALA E 505 0.17 30.36 25.42
C ALA E 505 -1.31 30.43 25.78
N THR E 506 -2.06 31.28 25.08
CA THR E 506 -3.49 31.42 25.33
C THR E 506 -4.25 30.16 24.90
N GLN F 3 -31.03 25.79 -63.48
CA GLN F 3 -29.74 26.26 -63.96
C GLN F 3 -29.37 25.58 -65.27
N PRO F 4 -29.30 26.37 -66.35
CA PRO F 4 -28.99 25.81 -67.67
C PRO F 4 -27.64 25.12 -67.73
N THR F 5 -26.57 25.85 -67.41
CA THR F 5 -25.21 25.34 -67.49
C THR F 5 -24.43 25.75 -66.25
N GLU F 6 -23.25 25.17 -66.10
CA GLU F 6 -22.37 25.44 -64.97
C GLU F 6 -21.00 25.88 -65.48
N VAL F 7 -20.16 26.33 -64.55
CA VAL F 7 -18.83 26.84 -64.88
C VAL F 7 -17.98 25.72 -65.48
N SER F 8 -17.36 25.99 -66.62
CA SER F 8 -16.56 24.98 -67.29
C SER F 8 -15.32 24.63 -66.48
N SER F 9 -14.56 25.64 -66.06
CA SER F 9 -13.26 25.43 -65.46
C SER F 9 -13.25 25.86 -63.98
N ILE F 10 -12.85 24.94 -63.12
CA ILE F 10 -12.41 25.30 -61.78
C ILE F 10 -10.90 25.36 -61.69
N LEU F 11 -10.17 24.73 -62.60
CA LEU F 11 -8.72 24.80 -62.69
C LEU F 11 -8.32 24.39 -64.09
N GLU F 12 -7.09 24.76 -64.47
CA GLU F 12 -6.60 24.43 -65.80
C GLU F 12 -5.08 24.48 -65.78
N GLU F 13 -4.45 23.42 -66.28
CA GLU F 13 -2.99 23.42 -66.41
C GLU F 13 -2.53 24.41 -67.48
N ARG F 14 -3.37 24.70 -68.47
CA ARG F 14 -3.01 25.64 -69.52
C ARG F 14 -3.58 27.01 -69.14
N ILE F 15 -2.71 28.01 -69.06
CA ILE F 15 -3.11 29.36 -68.65
C ILE F 15 -2.73 30.43 -69.67
N LYS F 16 -1.92 30.11 -70.66
CA LYS F 16 -1.50 31.07 -71.68
C LYS F 16 -1.86 30.48 -73.05
N GLY F 17 -3.09 30.72 -73.48
CA GLY F 17 -3.59 30.17 -74.73
C GLY F 17 -3.25 31.01 -75.94
N VAL F 18 -1.96 31.14 -76.24
CA VAL F 18 -1.51 31.91 -77.39
C VAL F 18 -1.45 31.06 -78.66
N SER F 19 -1.36 29.74 -78.53
CA SER F 19 -1.31 28.81 -79.66
C SER F 19 -0.13 29.13 -80.58
N ASP F 20 1.06 28.95 -80.02
CA ASP F 20 2.33 29.16 -80.71
C ASP F 20 3.38 28.27 -80.04
N GLU F 21 4.65 28.56 -80.31
CA GLU F 21 5.82 27.97 -79.65
C GLU F 21 5.81 26.43 -79.68
N ALA F 22 6.09 25.85 -80.86
CA ALA F 22 6.24 24.41 -81.00
C ALA F 22 7.60 23.94 -80.47
N ASN F 23 7.95 22.68 -80.77
CA ASN F 23 9.24 22.05 -80.46
C ASN F 23 9.66 22.19 -78.98
N LEU F 24 8.68 22.03 -78.09
CA LEU F 24 8.95 21.84 -76.66
C LEU F 24 8.99 20.36 -76.30
N ASN F 25 9.50 19.52 -77.20
CA ASN F 25 9.71 18.12 -76.87
C ASN F 25 11.02 17.89 -76.12
N GLU F 26 12.08 18.59 -76.51
CA GLU F 26 13.36 18.55 -75.80
C GLU F 26 13.60 19.76 -74.92
N THR F 27 12.70 20.75 -74.97
CA THR F 27 12.80 21.95 -74.17
C THR F 27 11.46 22.21 -73.49
N GLY F 28 11.43 23.22 -72.63
CA GLY F 28 10.21 23.55 -71.92
C GLY F 28 10.29 24.91 -71.27
N ARG F 29 9.24 25.25 -70.53
CA ARG F 29 9.13 26.55 -69.88
C ARG F 29 8.66 26.33 -68.44
N VAL F 30 9.24 27.09 -67.51
CA VAL F 30 8.87 26.95 -66.11
C VAL F 30 7.54 27.64 -65.86
N LEU F 31 6.56 26.87 -65.38
CA LEU F 31 5.25 27.42 -65.05
C LEU F 31 5.18 27.98 -63.65
N ALA F 32 5.62 27.21 -62.66
CA ALA F 32 5.59 27.65 -61.27
C ALA F 32 6.71 26.96 -60.51
N VAL F 33 7.26 27.65 -59.52
CA VAL F 33 8.37 27.13 -58.73
C VAL F 33 8.13 27.51 -57.26
N GLY F 34 8.72 26.71 -56.37
CA GLY F 34 8.61 26.95 -54.95
C GLY F 34 8.77 25.69 -54.12
N ASP F 35 9.41 25.81 -52.97
CA ASP F 35 9.61 24.69 -52.04
C ASP F 35 10.35 23.52 -52.72
N GLY F 36 11.36 23.85 -53.51
CA GLY F 36 12.20 22.82 -54.10
C GLY F 36 11.58 22.06 -55.26
N ILE F 37 10.44 22.52 -55.77
CA ILE F 37 9.80 21.90 -56.92
C ILE F 37 9.56 22.97 -57.97
N ALA F 38 9.41 22.55 -59.22
CA ALA F 38 9.24 23.47 -60.34
C ALA F 38 8.41 22.79 -61.42
N ARG F 39 7.15 23.19 -61.54
CA ARG F 39 6.31 22.72 -62.64
C ARG F 39 6.80 23.33 -63.95
N VAL F 40 6.92 22.49 -64.98
CA VAL F 40 7.48 22.90 -66.26
C VAL F 40 6.54 22.47 -67.37
N PHE F 41 6.17 23.40 -68.24
CA PHE F 41 5.41 23.07 -69.44
C PHE F 41 6.35 22.71 -70.58
N GLY F 42 6.10 21.55 -71.21
CA GLY F 42 6.92 21.07 -72.30
C GLY F 42 7.55 19.73 -71.96
N LEU F 43 8.75 19.50 -72.49
CA LEU F 43 9.49 18.26 -72.29
C LEU F 43 8.65 17.05 -72.69
N ASN F 44 8.13 17.11 -73.92
CA ASN F 44 7.26 16.04 -74.40
C ASN F 44 7.98 14.70 -74.54
N ASN F 45 9.30 14.71 -74.63
CA ASN F 45 10.07 13.47 -74.74
C ASN F 45 10.89 13.18 -73.49
N ILE F 46 10.53 13.80 -72.35
CA ILE F 46 11.24 13.53 -71.11
C ILE F 46 10.95 12.11 -70.65
N GLN F 47 11.93 11.50 -69.98
CA GLN F 47 11.75 10.19 -69.38
C GLN F 47 11.50 10.32 -67.88
N ALA F 48 11.12 9.20 -67.27
CA ALA F 48 10.92 9.16 -65.82
C ALA F 48 12.24 9.37 -65.11
N GLU F 49 12.20 10.13 -64.01
CA GLU F 49 13.35 10.47 -63.17
C GLU F 49 14.58 10.88 -63.99
N GLU F 50 14.36 11.46 -65.17
CA GLU F 50 15.45 11.85 -66.04
C GLU F 50 16.12 13.13 -65.52
N LEU F 51 17.44 13.19 -65.65
CA LEU F 51 18.16 14.41 -65.35
C LEU F 51 17.74 15.52 -66.30
N VAL F 52 17.70 16.74 -65.78
CA VAL F 52 17.29 17.90 -66.56
C VAL F 52 18.11 19.10 -66.11
N GLU F 53 18.38 19.99 -67.05
CA GLU F 53 19.26 21.13 -66.83
C GLU F 53 18.47 22.43 -67.01
N PHE F 54 18.70 23.38 -66.11
CA PHE F 54 18.02 24.67 -66.15
C PHE F 54 18.95 25.74 -66.70
N SER F 55 18.35 26.88 -67.04
CA SER F 55 19.11 28.00 -67.59
C SER F 55 20.08 28.59 -66.58
N SER F 56 19.83 28.43 -65.28
CA SER F 56 20.67 29.00 -64.25
C SER F 56 21.77 28.05 -63.78
N GLY F 57 21.85 26.85 -64.35
CA GLY F 57 22.91 25.92 -64.01
C GLY F 57 22.55 24.86 -62.98
N VAL F 58 21.39 24.97 -62.32
CA VAL F 58 21.00 23.98 -61.34
C VAL F 58 20.31 22.82 -62.03
N LYS F 59 20.52 21.61 -61.52
CA LYS F 59 20.00 20.39 -62.12
C LYS F 59 18.69 19.97 -61.46
N GLY F 60 17.98 19.06 -62.13
CA GLY F 60 16.70 18.60 -61.65
C GLY F 60 16.47 17.15 -62.03
N MET F 61 15.43 16.58 -61.43
CA MET F 61 15.10 15.16 -61.58
C MET F 61 13.59 15.05 -61.79
N ALA F 62 13.19 14.38 -62.86
CA ALA F 62 11.81 14.42 -63.33
C ALA F 62 10.99 13.31 -62.69
N LEU F 63 10.50 13.56 -61.47
CA LEU F 63 9.65 12.58 -60.79
C LEU F 63 8.22 12.61 -61.35
N ASN F 64 7.62 13.78 -61.40
CA ASN F 64 6.20 13.91 -61.71
C ASN F 64 6.03 14.46 -63.12
N LEU F 65 5.49 13.63 -64.01
CA LEU F 65 5.19 14.05 -65.37
C LEU F 65 3.68 13.94 -65.61
N GLU F 66 2.99 15.03 -65.31
CA GLU F 66 1.56 15.14 -65.59
C GLU F 66 1.34 15.32 -67.09
N PRO F 67 0.11 15.05 -67.58
CA PRO F 67 -0.17 15.21 -69.01
C PRO F 67 0.16 16.60 -69.54
N GLY F 68 -0.12 17.63 -68.73
CA GLY F 68 0.14 18.99 -69.14
C GLY F 68 1.55 19.46 -68.85
N GLN F 69 1.96 19.38 -67.58
CA GLN F 69 3.27 19.85 -67.15
C GLN F 69 4.03 18.71 -66.49
N VAL F 70 5.32 18.94 -66.26
CA VAL F 70 6.19 17.98 -65.58
C VAL F 70 6.67 18.60 -64.28
N GLY F 71 6.51 17.88 -63.18
CA GLY F 71 6.99 18.33 -61.90
C GLY F 71 8.43 17.94 -61.67
N ILE F 72 9.33 18.92 -61.64
CA ILE F 72 10.76 18.69 -61.54
C ILE F 72 11.19 18.97 -60.11
N VAL F 73 11.84 18.00 -59.47
CA VAL F 73 12.40 18.23 -58.15
C VAL F 73 13.82 18.76 -58.32
N LEU F 74 14.20 19.68 -57.44
CA LEU F 74 15.39 20.49 -57.68
C LEU F 74 16.51 20.15 -56.71
N PHE F 75 17.71 19.95 -57.25
CA PHE F 75 18.87 19.55 -56.47
C PHE F 75 19.53 20.73 -55.75
N GLY F 76 19.18 21.95 -56.10
CA GLY F 76 19.77 23.11 -55.44
C GLY F 76 18.74 24.01 -54.81
N SER F 77 19.07 25.29 -54.67
CA SER F 77 18.15 26.26 -54.09
C SER F 77 17.17 26.75 -55.15
N ASP F 78 15.99 27.14 -54.66
CA ASP F 78 14.98 27.73 -55.54
C ASP F 78 15.30 29.17 -55.91
N ARG F 79 16.36 29.73 -55.33
CA ARG F 79 16.75 31.10 -55.64
C ARG F 79 17.16 31.25 -57.10
N LEU F 80 17.90 30.28 -57.63
CA LEU F 80 18.49 30.42 -58.96
C LEU F 80 17.41 30.39 -60.05
N VAL F 81 16.32 29.67 -59.81
CA VAL F 81 15.33 29.44 -60.85
C VAL F 81 14.29 30.55 -60.86
N LYS F 82 13.56 30.65 -61.97
CA LYS F 82 12.56 31.68 -62.18
C LYS F 82 11.38 31.11 -62.94
N GLU F 83 10.23 31.77 -62.80
CA GLU F 83 9.06 31.43 -63.59
C GLU F 83 9.21 32.02 -64.99
N GLY F 84 9.39 31.16 -65.98
CA GLY F 84 9.63 31.58 -67.34
C GLY F 84 11.03 31.31 -67.87
N GLU F 85 11.84 30.55 -67.14
CA GLU F 85 13.16 30.19 -67.63
C GLU F 85 13.07 29.01 -68.60
N LEU F 86 14.03 28.96 -69.53
CA LEU F 86 14.08 27.86 -70.49
C LEU F 86 14.82 26.68 -69.86
N VAL F 87 14.32 25.48 -70.12
CA VAL F 87 14.82 24.26 -69.51
C VAL F 87 15.11 23.23 -70.60
N LYS F 88 16.24 22.54 -70.47
CA LYS F 88 16.67 21.54 -71.45
C LYS F 88 16.91 20.21 -70.75
N ARG F 89 16.47 19.13 -71.39
CA ARG F 89 16.70 17.79 -70.87
C ARG F 89 18.12 17.34 -71.19
N THR F 90 18.70 16.54 -70.29
CA THR F 90 20.07 16.08 -70.49
C THR F 90 20.12 14.78 -71.29
N GLY F 91 19.09 13.95 -71.21
CA GLY F 91 19.04 12.70 -71.95
C GLY F 91 19.52 11.47 -71.19
N ASN F 92 19.93 11.62 -69.93
CA ASN F 92 20.46 10.50 -69.17
C ASN F 92 19.75 10.39 -67.82
N ILE F 93 19.65 9.15 -67.34
CA ILE F 93 19.08 8.87 -66.03
C ILE F 93 20.17 9.01 -64.98
N VAL F 94 19.76 9.08 -63.71
CA VAL F 94 20.68 9.18 -62.58
C VAL F 94 21.77 8.12 -62.68
N ASP F 95 23.02 8.56 -62.62
CA ASP F 95 24.17 7.67 -62.71
C ASP F 95 25.32 8.26 -61.91
N VAL F 96 26.25 7.39 -61.53
CA VAL F 96 27.37 7.78 -60.67
C VAL F 96 28.66 7.15 -61.20
N PRO F 97 29.79 7.88 -61.18
CA PRO F 97 31.07 7.25 -61.51
C PRO F 97 31.44 6.17 -60.52
N VAL F 98 31.58 4.93 -60.98
CA VAL F 98 31.91 3.80 -60.13
C VAL F 98 33.28 3.27 -60.52
N GLY F 99 33.94 2.62 -59.56
CA GLY F 99 35.25 2.06 -59.79
C GLY F 99 36.04 1.91 -58.50
N PRO F 100 37.31 1.54 -58.63
CA PRO F 100 38.17 1.37 -57.44
C PRO F 100 38.85 2.66 -56.98
N GLY F 101 38.85 3.71 -57.78
CA GLY F 101 39.42 4.98 -57.38
C GLY F 101 38.65 5.70 -56.30
N LEU F 102 37.41 5.30 -56.04
CA LEU F 102 36.63 5.86 -54.96
C LEU F 102 37.21 5.56 -53.58
N LEU F 103 38.07 4.55 -53.48
CA LEU F 103 38.70 4.21 -52.21
C LEU F 103 39.49 5.41 -51.67
N GLY F 104 39.31 5.69 -50.39
CA GLY F 104 40.02 6.77 -49.75
C GLY F 104 39.51 8.16 -50.03
N ARG F 105 38.34 8.29 -50.67
CA ARG F 105 37.80 9.58 -51.03
C ARG F 105 36.36 9.72 -50.52
N VAL F 106 35.97 10.95 -50.23
CA VAL F 106 34.61 11.26 -49.80
C VAL F 106 33.90 11.99 -50.94
N VAL F 107 32.75 11.48 -51.34
CA VAL F 107 32.04 12.05 -52.49
C VAL F 107 30.62 12.43 -52.11
N ASP F 108 29.92 13.10 -53.01
CA ASP F 108 28.56 13.56 -52.81
C ASP F 108 27.59 12.46 -53.22
N ALA F 109 26.29 12.75 -53.13
CA ALA F 109 25.25 11.81 -53.51
C ALA F 109 25.18 11.58 -55.02
N LEU F 110 26.02 12.24 -55.81
CA LEU F 110 26.08 12.03 -57.25
C LEU F 110 27.48 11.82 -57.78
N GLY F 111 28.47 11.62 -56.90
CA GLY F 111 29.82 11.31 -57.33
C GLY F 111 30.79 12.47 -57.38
N ASN F 112 30.39 13.65 -56.93
CA ASN F 112 31.29 14.79 -56.92
C ASN F 112 32.20 14.72 -55.71
N PRO F 113 33.52 14.83 -55.88
CA PRO F 113 34.42 14.81 -54.72
C PRO F 113 34.22 16.00 -53.81
N ILE F 114 33.91 15.74 -52.54
CA ILE F 114 33.71 16.80 -51.54
C ILE F 114 34.86 16.85 -50.55
N ASP F 115 35.84 15.95 -50.68
CA ASP F 115 37.00 15.96 -49.80
C ASP F 115 38.09 16.91 -50.25
N GLY F 116 37.97 17.48 -51.44
CA GLY F 116 38.97 18.41 -51.94
C GLY F 116 40.33 17.81 -52.17
N LYS F 117 40.38 16.59 -52.71
CA LYS F 117 41.63 15.91 -52.98
C LYS F 117 41.93 15.78 -54.46
N GLY F 118 41.10 16.32 -55.33
CA GLY F 118 41.33 16.25 -56.77
C GLY F 118 40.25 15.49 -57.50
N PRO F 119 40.43 15.33 -58.81
CA PRO F 119 39.44 14.60 -59.61
C PRO F 119 39.32 13.15 -59.19
N ILE F 120 38.13 12.59 -59.37
CA ILE F 120 37.87 11.20 -59.02
C ILE F 120 38.17 10.31 -60.23
N ASP F 121 38.94 9.25 -60.01
CA ASP F 121 39.16 8.24 -61.02
C ASP F 121 38.09 7.17 -60.93
N ALA F 122 37.48 6.85 -62.07
CA ALA F 122 36.37 5.91 -62.11
C ALA F 122 36.58 4.90 -63.22
N ALA F 123 36.15 3.66 -62.96
CA ALA F 123 36.19 2.59 -63.94
C ALA F 123 34.89 2.46 -64.73
N GLY F 124 33.88 3.25 -64.42
CA GLY F 124 32.62 3.14 -65.11
C GLY F 124 31.61 4.13 -64.55
N ARG F 125 30.37 4.02 -65.06
CA ARG F 125 29.29 4.91 -64.62
C ARG F 125 28.00 4.09 -64.65
N SER F 126 27.61 3.58 -63.50
CA SER F 126 26.40 2.77 -63.40
C SER F 126 25.21 3.62 -62.95
N ARG F 127 24.02 3.16 -63.31
CA ARG F 127 22.80 3.85 -62.92
C ARG F 127 22.59 3.76 -61.42
N ALA F 128 22.08 4.84 -60.83
CA ALA F 128 21.80 4.85 -59.40
C ALA F 128 20.67 3.87 -59.05
N GLN F 129 19.64 3.82 -59.89
CA GLN F 129 18.49 2.95 -59.67
C GLN F 129 18.64 1.73 -60.57
N VAL F 130 19.09 0.62 -59.98
CA VAL F 130 19.30 -0.63 -60.69
C VAL F 130 18.60 -1.75 -59.94
N LYS F 131 17.97 -2.64 -60.70
CA LYS F 131 17.27 -3.78 -60.13
C LYS F 131 18.23 -4.71 -59.41
N ALA F 132 17.69 -5.43 -58.44
CA ALA F 132 18.45 -6.37 -57.62
C ALA F 132 18.64 -7.70 -58.36
N PRO F 133 19.65 -8.47 -57.99
CA PRO F 133 19.82 -9.80 -58.59
C PRO F 133 18.62 -10.69 -58.31
N GLY F 134 18.35 -11.60 -59.25
CA GLY F 134 17.19 -12.45 -59.19
C GLY F 134 17.28 -13.52 -58.11
N ILE F 135 16.43 -14.53 -58.25
CA ILE F 135 16.34 -15.59 -57.26
C ILE F 135 17.38 -16.69 -57.45
N LEU F 136 17.71 -17.05 -58.69
CA LEU F 136 18.69 -18.09 -58.98
C LEU F 136 20.13 -17.61 -58.87
N PRO F 137 20.50 -16.42 -59.40
CA PRO F 137 21.92 -16.02 -59.38
C PRO F 137 22.49 -15.80 -58.00
N ARG F 138 21.69 -16.01 -56.96
CA ARG F 138 22.13 -15.89 -55.58
C ARG F 138 22.44 -17.27 -55.02
N ARG F 139 23.20 -17.29 -53.92
CA ARG F 139 23.51 -18.53 -53.21
C ARG F 139 23.37 -18.28 -51.71
N SER F 140 23.45 -19.36 -50.94
CA SER F 140 23.32 -19.28 -49.50
C SER F 140 24.52 -18.57 -48.89
N VAL F 141 24.27 -17.79 -47.84
CA VAL F 141 25.33 -17.06 -47.16
C VAL F 141 26.05 -18.01 -46.20
N HIS F 142 27.37 -18.15 -46.37
CA HIS F 142 28.15 -19.03 -45.52
C HIS F 142 29.36 -18.31 -44.94
N GLU F 143 29.92 -17.36 -45.68
CA GLU F 143 31.08 -16.65 -45.20
C GLU F 143 30.68 -15.64 -44.12
N PRO F 144 31.33 -15.66 -42.97
CA PRO F 144 30.96 -14.75 -41.88
C PRO F 144 31.62 -13.38 -42.01
N VAL F 145 30.94 -12.38 -41.44
CA VAL F 145 31.47 -11.03 -41.34
C VAL F 145 31.83 -10.79 -39.88
N GLN F 146 33.12 -10.57 -39.62
CA GLN F 146 33.62 -10.43 -38.26
C GLN F 146 33.59 -8.95 -37.89
N THR F 147 32.58 -8.54 -37.12
CA THR F 147 32.44 -7.15 -36.71
C THR F 147 33.46 -6.72 -35.69
N GLY F 148 34.06 -7.66 -34.97
CA GLY F 148 34.93 -7.34 -33.86
C GLY F 148 34.25 -7.27 -32.52
N LEU F 149 32.93 -7.16 -32.50
CA LEU F 149 32.17 -7.21 -31.26
C LEU F 149 31.89 -8.66 -30.88
N LYS F 150 32.38 -9.09 -29.73
CA LYS F 150 32.16 -10.46 -29.28
C LYS F 150 30.67 -10.73 -29.07
N ALA F 151 29.92 -9.72 -28.64
CA ALA F 151 28.48 -9.87 -28.52
C ALA F 151 27.83 -10.09 -29.87
N VAL F 152 28.22 -9.31 -30.87
CA VAL F 152 27.65 -9.44 -32.20
C VAL F 152 28.14 -10.73 -32.86
N ASP F 153 29.45 -11.00 -32.76
CA ASP F 153 30.03 -12.12 -33.50
C ASP F 153 29.64 -13.48 -32.93
N ALA F 154 29.13 -13.53 -31.70
CA ALA F 154 28.78 -14.80 -31.07
C ALA F 154 27.28 -15.05 -31.02
N LEU F 155 26.49 -14.01 -30.72
CA LEU F 155 25.06 -14.20 -30.54
C LEU F 155 24.27 -13.89 -31.81
N VAL F 156 24.67 -12.88 -32.56
CA VAL F 156 23.96 -12.49 -33.78
C VAL F 156 24.94 -12.43 -34.94
N PRO F 157 25.38 -13.57 -35.47
CA PRO F 157 26.43 -13.57 -36.49
C PRO F 157 25.97 -12.87 -37.76
N ILE F 158 26.92 -12.20 -38.42
CA ILE F 158 26.66 -11.52 -39.68
C ILE F 158 27.42 -12.23 -40.80
N GLY F 159 26.75 -12.38 -41.94
CA GLY F 159 27.33 -13.09 -43.05
C GLY F 159 27.43 -12.23 -44.28
N ARG F 160 28.37 -12.61 -45.16
CA ARG F 160 28.60 -11.88 -46.40
C ARG F 160 27.39 -12.03 -47.30
N GLY F 161 26.61 -10.96 -47.42
CA GLY F 161 25.40 -11.00 -48.23
C GLY F 161 24.13 -10.93 -47.41
N GLN F 162 24.24 -10.61 -46.13
CA GLN F 162 23.10 -10.51 -45.23
C GLN F 162 22.70 -9.05 -45.03
N ARG F 163 21.45 -8.85 -44.61
CA ARG F 163 20.93 -7.55 -44.24
C ARG F 163 20.62 -7.58 -42.75
N GLU F 164 21.25 -6.69 -41.99
CA GLU F 164 21.07 -6.63 -40.54
C GLU F 164 20.74 -5.20 -40.14
N LEU F 165 19.67 -5.04 -39.38
CA LEU F 165 19.20 -3.71 -38.98
C LEU F 165 19.76 -3.34 -37.62
N ILE F 166 20.35 -2.15 -37.52
CA ILE F 166 20.81 -1.62 -36.23
C ILE F 166 19.70 -0.72 -35.72
N ILE F 167 18.78 -1.32 -34.98
CA ILE F 167 17.61 -0.61 -34.45
C ILE F 167 17.91 -0.17 -33.03
N GLY F 168 17.53 1.07 -32.71
CA GLY F 168 17.75 1.59 -31.38
C GLY F 168 17.32 3.03 -31.29
N ASP F 169 17.36 3.56 -30.07
CA ASP F 169 16.98 4.93 -29.80
C ASP F 169 18.14 5.87 -30.11
N ARG F 170 17.89 7.17 -29.98
CA ARG F 170 18.94 8.16 -30.13
C ARG F 170 19.97 8.03 -29.02
N GLN F 171 21.23 8.34 -29.35
CA GLN F 171 22.35 8.27 -28.40
C GLN F 171 22.42 6.91 -27.73
N THR F 172 22.43 5.85 -28.54
CA THR F 172 22.53 4.48 -28.04
C THR F 172 23.81 3.77 -28.47
N GLY F 173 24.49 4.27 -29.50
CA GLY F 173 25.71 3.63 -29.96
C GLY F 173 25.53 2.89 -31.26
N LYS F 174 24.51 3.27 -32.04
CA LYS F 174 24.21 2.57 -33.27
C LYS F 174 25.36 2.68 -34.27
N THR F 175 25.91 3.88 -34.45
CA THR F 175 27.02 4.06 -35.38
C THR F 175 28.30 3.39 -34.87
N ALA F 176 28.43 3.23 -33.55
CA ALA F 176 29.66 2.66 -33.00
C ALA F 176 29.88 1.23 -33.47
N VAL F 177 28.81 0.44 -33.55
CA VAL F 177 28.93 -0.94 -34.00
C VAL F 177 29.47 -0.99 -35.43
N ALA F 178 28.88 -0.17 -36.31
CA ALA F 178 29.34 -0.14 -37.69
C ALA F 178 30.79 0.31 -37.78
N LEU F 179 31.16 1.35 -37.01
CA LEU F 179 32.53 1.85 -37.06
C LEU F 179 33.52 0.79 -36.56
N ASP F 180 33.15 0.07 -35.51
CA ASP F 180 34.01 -1.00 -35.01
C ASP F 180 34.16 -2.10 -36.05
N THR F 181 33.09 -2.39 -36.80
CA THR F 181 33.19 -3.35 -37.90
C THR F 181 34.17 -2.85 -38.96
N ILE F 182 34.07 -1.57 -39.32
CA ILE F 182 34.95 -1.00 -40.34
C ILE F 182 36.40 -1.12 -39.90
N LEU F 183 36.68 -0.81 -38.64
CA LEU F 183 38.04 -0.94 -38.12
C LEU F 183 38.48 -2.39 -38.09
N ASN F 184 37.60 -3.30 -37.68
CA ASN F 184 37.97 -4.71 -37.59
C ASN F 184 38.31 -5.29 -38.96
N GLN F 185 37.72 -4.75 -40.03
CA GLN F 185 38.04 -5.26 -41.37
C GLN F 185 39.49 -5.00 -41.79
N LYS F 186 40.21 -4.14 -41.06
CA LYS F 186 41.57 -3.79 -41.48
C LYS F 186 42.52 -4.98 -41.36
N ARG F 187 42.18 -5.97 -40.53
CA ARG F 187 43.08 -7.10 -40.34
C ARG F 187 43.30 -7.86 -41.64
N TRP F 188 42.29 -7.92 -42.49
CA TRP F 188 42.40 -8.59 -43.78
C TRP F 188 42.41 -7.63 -44.96
N ASN F 189 41.97 -6.38 -44.79
CA ASN F 189 42.03 -5.44 -45.90
C ASN F 189 43.45 -5.07 -46.27
N ASN F 190 44.42 -5.29 -45.38
CA ASN F 190 45.83 -5.00 -45.65
C ASN F 190 46.60 -6.26 -46.03
N GLY F 191 45.90 -7.35 -46.31
CA GLY F 191 46.52 -8.61 -46.69
C GLY F 191 46.66 -8.75 -48.19
N SER F 192 46.56 -9.98 -48.67
CA SER F 192 46.70 -10.26 -50.09
C SER F 192 45.49 -11.01 -50.63
N ASP F 193 44.90 -11.87 -49.81
CA ASP F 193 43.76 -12.67 -50.24
C ASP F 193 42.51 -11.80 -50.41
N GLU F 194 42.07 -11.63 -51.65
CA GLU F 194 40.92 -10.77 -51.93
C GLU F 194 39.60 -11.37 -51.42
N SER F 195 39.53 -12.69 -51.27
CA SER F 195 38.29 -13.30 -50.77
C SER F 195 38.06 -12.98 -49.30
N LYS F 196 39.09 -12.53 -48.57
CA LYS F 196 38.93 -12.11 -47.19
C LYS F 196 38.83 -10.59 -47.04
N LYS F 197 39.27 -9.83 -48.03
CA LYS F 197 39.17 -8.38 -47.97
C LYS F 197 37.70 -7.96 -48.04
N LEU F 198 37.31 -7.04 -47.17
CA LEU F 198 35.95 -6.52 -47.12
C LEU F 198 36.00 -5.01 -47.23
N TYR F 199 35.75 -4.49 -48.43
CA TYR F 199 35.73 -3.05 -48.63
C TYR F 199 34.49 -2.45 -47.98
N CYS F 200 34.62 -1.22 -47.52
CA CYS F 200 33.60 -0.57 -46.71
C CYS F 200 33.17 0.73 -47.36
N VAL F 201 31.87 0.98 -47.37
CA VAL F 201 31.30 2.23 -47.88
C VAL F 201 30.30 2.72 -46.85
N TYR F 202 30.46 3.96 -46.40
CA TYR F 202 29.58 4.54 -45.39
C TYR F 202 28.65 5.56 -46.05
N VAL F 203 27.40 5.58 -45.61
CA VAL F 203 26.39 6.47 -46.17
C VAL F 203 25.99 7.46 -45.08
N ALA F 204 26.15 8.75 -45.36
CA ALA F 204 25.75 9.81 -44.44
C ALA F 204 24.48 10.47 -44.98
N VAL F 205 23.36 10.25 -44.30
CA VAL F 205 22.06 10.77 -44.73
C VAL F 205 21.60 11.76 -43.68
N GLY F 206 21.52 13.03 -44.06
CA GLY F 206 20.98 14.07 -43.18
C GLY F 206 21.78 14.33 -41.93
N GLN F 207 23.00 13.85 -41.84
CA GLN F 207 23.82 14.04 -40.65
C GLN F 207 24.52 15.40 -40.70
N LYS F 208 24.91 15.89 -39.53
CA LYS F 208 25.64 17.16 -39.48
C LYS F 208 27.01 17.00 -40.11
N ARG F 209 27.44 18.03 -40.83
CA ARG F 209 28.71 17.95 -41.57
C ARG F 209 29.89 17.83 -40.63
N SER F 210 29.85 18.51 -39.48
CA SER F 210 30.91 18.36 -38.49
C SER F 210 30.98 16.93 -37.97
N THR F 211 29.84 16.27 -37.83
CA THR F 211 29.85 14.86 -37.44
C THR F 211 30.61 14.02 -38.45
N VAL F 212 30.37 14.28 -39.74
CA VAL F 212 31.10 13.58 -40.79
C VAL F 212 32.58 13.90 -40.72
N ALA F 213 32.93 15.14 -40.38
CA ALA F 213 34.34 15.51 -40.27
C ALA F 213 35.02 14.72 -39.16
N GLN F 214 34.41 14.68 -37.97
CA GLN F 214 34.97 13.88 -36.88
C GLN F 214 35.04 12.41 -37.27
N LEU F 215 34.02 11.93 -37.96
CA LEU F 215 34.00 10.54 -38.42
C LEU F 215 35.20 10.23 -39.29
N VAL F 216 35.41 11.02 -40.35
CA VAL F 216 36.48 10.74 -41.28
C VAL F 216 37.84 10.90 -40.60
N GLN F 217 37.94 11.88 -39.70
CA GLN F 217 39.16 12.02 -38.91
C GLN F 217 39.48 10.74 -38.16
N THR F 218 38.48 10.16 -37.51
CA THR F 218 38.68 8.92 -36.77
C THR F 218 39.06 7.78 -37.71
N LEU F 219 38.44 7.73 -38.90
CA LEU F 219 38.82 6.70 -39.86
C LEU F 219 40.29 6.81 -40.27
N GLU F 220 40.79 8.03 -40.52
CA GLU F 220 42.22 8.13 -40.83
C GLU F 220 43.08 7.81 -39.61
N GLN F 221 42.61 8.12 -38.41
CA GLN F 221 43.42 7.88 -37.22
C GLN F 221 43.71 6.39 -37.02
N HIS F 222 42.79 5.51 -37.42
CA HIS F 222 43.01 4.08 -37.35
C HIS F 222 43.42 3.47 -38.68
N ASP F 223 43.76 4.31 -39.66
CA ASP F 223 44.23 3.88 -40.97
C ASP F 223 43.22 2.94 -41.64
N ALA F 224 41.94 3.25 -41.43
CA ALA F 224 40.85 2.58 -42.12
C ALA F 224 40.37 3.36 -43.33
N MET F 225 40.97 4.50 -43.64
CA MET F 225 40.48 5.36 -44.70
C MET F 225 40.70 4.71 -46.07
N LYS F 226 41.76 3.91 -46.21
CA LYS F 226 42.18 3.42 -47.52
C LYS F 226 41.14 2.49 -48.15
N TYR F 227 40.42 1.72 -47.34
CA TYR F 227 39.44 0.78 -47.85
C TYR F 227 38.01 1.25 -47.60
N SER F 228 37.83 2.55 -47.38
CA SER F 228 36.53 3.09 -47.04
C SER F 228 36.15 4.19 -48.01
N ILE F 229 34.85 4.22 -48.36
CA ILE F 229 34.28 5.26 -49.20
C ILE F 229 33.11 5.86 -48.45
N ILE F 230 32.99 7.18 -48.46
CA ILE F 230 31.95 7.88 -47.72
C ILE F 230 31.16 8.73 -48.70
N VAL F 231 29.87 8.44 -48.83
CA VAL F 231 28.93 9.31 -49.51
C VAL F 231 28.20 10.13 -48.45
N ALA F 232 28.20 11.45 -48.63
CA ALA F 232 27.70 12.37 -47.60
C ALA F 232 26.57 13.21 -48.19
N ALA F 233 25.34 12.86 -47.82
CA ALA F 233 24.17 13.71 -48.10
C ALA F 233 23.72 14.27 -46.77
N THR F 234 24.32 15.39 -46.38
CA THR F 234 24.03 16.00 -45.09
C THR F 234 22.67 16.68 -45.11
N ALA F 235 22.31 17.28 -43.98
CA ALA F 235 21.00 17.92 -43.88
C ALA F 235 20.91 19.17 -44.74
N SER F 236 22.05 19.82 -45.03
CA SER F 236 22.06 21.04 -45.81
C SER F 236 21.68 20.84 -47.27
N GLU F 237 22.07 19.72 -47.88
CA GLU F 237 21.78 19.49 -49.29
C GLU F 237 20.29 19.33 -49.51
N ALA F 238 19.88 19.50 -50.75
CA ALA F 238 18.48 19.35 -51.12
C ALA F 238 18.00 17.94 -50.83
N ALA F 239 16.74 17.84 -50.41
CA ALA F 239 16.14 16.56 -50.05
C ALA F 239 16.26 15.49 -51.13
N PRO F 240 16.09 15.79 -52.43
CA PRO F 240 16.31 14.74 -53.44
C PRO F 240 17.70 14.11 -53.39
N LEU F 241 18.74 14.90 -53.09
CA LEU F 241 20.08 14.31 -52.95
C LEU F 241 20.12 13.33 -51.79
N GLN F 242 19.50 13.69 -50.67
CA GLN F 242 19.38 12.77 -49.54
C GLN F 242 18.55 11.55 -49.90
N TYR F 243 17.65 11.69 -50.87
CA TYR F 243 16.85 10.57 -51.34
C TYR F 243 17.66 9.64 -52.25
N LEU F 244 18.60 10.18 -53.01
CA LEU F 244 19.36 9.39 -53.96
C LEU F 244 20.66 8.81 -53.40
N ALA F 245 21.19 9.38 -52.31
CA ALA F 245 22.47 8.94 -51.77
C ALA F 245 22.53 7.44 -51.48
N PRO F 246 21.52 6.85 -50.82
CA PRO F 246 21.58 5.40 -50.60
C PRO F 246 21.68 4.58 -51.89
N PHE F 247 20.99 5.02 -52.96
CA PHE F 247 21.02 4.26 -54.20
C PHE F 247 22.37 4.35 -54.90
N THR F 248 22.98 5.52 -54.90
CA THR F 248 24.31 5.64 -55.51
C THR F 248 25.34 4.86 -54.69
N ALA F 249 25.20 4.87 -53.36
CA ALA F 249 26.07 4.02 -52.55
C ALA F 249 25.86 2.54 -52.86
N ALA F 250 24.62 2.14 -53.06
CA ALA F 250 24.34 0.75 -53.42
C ALA F 250 24.97 0.38 -54.76
N SER F 251 24.92 1.30 -55.72
CA SER F 251 25.58 1.05 -57.01
C SER F 251 27.08 0.93 -56.85
N ILE F 252 27.67 1.80 -56.01
CA ILE F 252 29.10 1.74 -55.76
C ILE F 252 29.47 0.37 -55.17
N GLY F 253 28.67 -0.11 -54.21
CA GLY F 253 28.91 -1.43 -53.66
C GLY F 253 28.71 -2.54 -54.66
N GLU F 254 27.71 -2.39 -55.53
CA GLU F 254 27.45 -3.41 -56.55
C GLU F 254 28.59 -3.51 -57.54
N TRP F 255 29.32 -2.41 -57.76
CA TRP F 255 30.53 -2.49 -58.58
C TRP F 255 31.48 -3.55 -58.03
N PHE F 256 31.80 -3.45 -56.74
CA PHE F 256 32.68 -4.44 -56.11
C PHE F 256 32.05 -5.82 -56.14
N ARG F 257 30.74 -5.90 -55.87
CA ARG F 257 30.08 -7.19 -55.79
C ARG F 257 30.14 -7.92 -57.13
N ASP F 258 29.86 -7.22 -58.22
CA ASP F 258 29.88 -7.81 -59.55
C ASP F 258 31.29 -7.99 -60.09
N ASN F 259 32.28 -7.31 -59.52
CA ASN F 259 33.68 -7.54 -59.90
C ASN F 259 34.34 -8.65 -59.09
N GLY F 260 33.56 -9.43 -58.35
CA GLY F 260 34.05 -10.59 -57.65
C GLY F 260 34.54 -10.33 -56.25
N LYS F 261 34.65 -9.07 -55.83
CA LYS F 261 35.14 -8.76 -54.49
C LYS F 261 33.99 -8.79 -53.49
N HIS F 262 34.32 -8.55 -52.23
CA HIS F 262 33.35 -8.46 -51.16
C HIS F 262 33.36 -7.05 -50.58
N ALA F 263 32.18 -6.46 -50.42
CA ALA F 263 32.06 -5.08 -49.97
C ALA F 263 31.04 -5.00 -48.85
N LEU F 264 31.28 -4.05 -47.94
CA LEU F 264 30.40 -3.78 -46.82
C LEU F 264 29.81 -2.39 -46.99
N ILE F 265 28.50 -2.28 -46.88
CA ILE F 265 27.78 -1.03 -47.05
C ILE F 265 27.06 -0.71 -45.76
N VAL F 266 27.19 0.53 -45.30
CA VAL F 266 26.54 1.00 -44.08
C VAL F 266 25.58 2.11 -44.48
N TYR F 267 24.30 1.75 -44.67
CA TYR F 267 23.29 2.73 -45.03
C TYR F 267 23.09 3.79 -43.96
N ASP F 268 23.38 3.47 -42.70
CA ASP F 268 23.14 4.37 -41.58
C ASP F 268 21.69 4.85 -41.58
N ASP F 269 21.48 6.15 -41.37
CA ASP F 269 20.14 6.69 -41.20
C ASP F 269 19.27 6.49 -42.43
N LEU F 270 18.25 5.64 -42.30
CA LEU F 270 17.23 5.50 -43.34
C LEU F 270 15.93 6.19 -42.99
N SER F 271 15.70 6.48 -41.70
CA SER F 271 14.53 7.26 -41.31
C SER F 271 14.58 8.65 -41.89
N LYS F 272 15.76 9.29 -41.90
CA LYS F 272 15.89 10.59 -42.54
C LYS F 272 15.67 10.50 -44.05
N GLN F 273 16.10 9.41 -44.67
CA GLN F 273 15.82 9.21 -46.09
C GLN F 273 14.32 9.10 -46.34
N ALA F 274 13.61 8.37 -45.47
CA ALA F 274 12.15 8.28 -45.59
C ALA F 274 11.51 9.64 -45.37
N VAL F 275 12.03 10.43 -44.43
CA VAL F 275 11.51 11.78 -44.21
C VAL F 275 11.71 12.64 -45.46
N ALA F 276 12.88 12.52 -46.10
CA ALA F 276 13.12 13.25 -47.34
C ALA F 276 12.12 12.83 -48.41
N TYR F 277 11.87 11.52 -48.54
CA TYR F 277 10.88 11.07 -49.52
C TYR F 277 9.49 11.59 -49.17
N ARG F 278 9.17 11.68 -47.89
CA ARG F 278 7.91 12.28 -47.46
C ARG F 278 7.83 13.72 -47.96
N GLN F 279 8.89 14.48 -47.76
CA GLN F 279 8.91 15.87 -48.21
C GLN F 279 8.70 15.97 -49.71
N LEU F 280 9.41 15.14 -50.46
CA LEU F 280 9.27 15.12 -51.91
C LEU F 280 7.84 14.83 -52.32
N SER F 281 7.26 13.74 -51.80
CA SER F 281 5.94 13.33 -52.23
C SER F 281 4.88 14.35 -51.84
N LEU F 282 4.96 14.89 -50.62
CA LEU F 282 3.99 15.90 -50.21
C LEU F 282 4.10 17.17 -51.06
N LEU F 283 5.32 17.61 -51.36
CA LEU F 283 5.49 18.79 -52.18
C LEU F 283 5.08 18.58 -53.64
N LEU F 284 4.98 17.33 -54.09
CA LEU F 284 4.46 17.01 -55.41
C LEU F 284 2.99 16.61 -55.38
N ARG F 285 2.26 16.96 -54.32
CA ARG F 285 0.82 16.73 -54.22
C ARG F 285 0.48 15.25 -54.36
N ARG F 286 1.38 14.39 -53.91
CA ARG F 286 1.00 12.98 -53.98
C ARG F 286 0.14 12.62 -52.77
N PRO F 287 -0.77 11.65 -52.92
CA PRO F 287 -1.65 11.28 -51.80
C PRO F 287 -0.85 10.77 -50.62
N PRO F 288 -1.07 11.36 -49.44
CA PRO F 288 -0.34 10.92 -48.25
C PRO F 288 -0.92 9.63 -47.68
N GLY F 289 -0.28 9.14 -46.62
CA GLY F 289 -0.66 7.89 -45.99
C GLY F 289 -0.50 7.95 -44.50
N ARG F 290 0.02 6.86 -43.92
CA ARG F 290 0.15 6.76 -42.48
C ARG F 290 1.17 7.76 -41.97
N GLU F 291 0.76 8.58 -41.00
CA GLU F 291 1.42 9.82 -40.60
C GLU F 291 1.99 10.57 -41.81
N ALA F 292 1.17 10.74 -42.85
CA ALA F 292 1.48 11.53 -44.04
C ALA F 292 2.68 11.01 -44.83
N TYR F 293 3.15 9.80 -44.53
CA TYR F 293 4.20 9.21 -45.32
C TYR F 293 3.68 8.85 -46.71
N PRO F 294 4.55 8.89 -47.73
CA PRO F 294 4.14 8.49 -49.08
C PRO F 294 3.79 7.01 -49.11
N GLY F 295 3.08 6.62 -50.16
CA GLY F 295 2.74 5.22 -50.33
C GLY F 295 3.98 4.36 -50.51
N ASP F 296 4.68 4.54 -51.63
CA ASP F 296 5.77 3.64 -52.01
C ASP F 296 7.05 3.95 -51.25
N VAL F 297 6.96 3.88 -49.92
CA VAL F 297 8.15 3.91 -49.08
C VAL F 297 8.57 2.50 -48.68
N PHE F 298 7.60 1.60 -48.47
CA PHE F 298 7.92 0.19 -48.34
C PHE F 298 8.58 -0.34 -49.61
N TYR F 299 8.02 0.03 -50.76
CA TYR F 299 8.61 -0.31 -52.04
C TYR F 299 10.00 0.31 -52.19
N LEU F 300 10.14 1.55 -51.74
CA LEU F 300 11.43 2.25 -51.80
C LEU F 300 12.50 1.50 -51.02
N HIS F 301 12.21 1.19 -49.75
CA HIS F 301 13.20 0.52 -48.91
C HIS F 301 13.44 -0.90 -49.38
N SER F 302 12.43 -1.56 -49.93
CA SER F 302 12.64 -2.89 -50.50
C SER F 302 13.60 -2.84 -51.67
N ARG F 303 13.42 -1.88 -52.59
CA ARG F 303 14.35 -1.73 -53.69
C ARG F 303 15.76 -1.45 -53.18
N LEU F 304 15.87 -0.58 -52.18
CA LEU F 304 17.19 -0.23 -51.67
C LEU F 304 17.88 -1.44 -51.04
N LEU F 305 17.16 -2.20 -50.22
CA LEU F 305 17.78 -3.24 -49.41
C LEU F 305 18.00 -4.53 -50.19
N GLU F 306 17.12 -4.85 -51.13
CA GLU F 306 17.25 -6.13 -51.83
C GLU F 306 18.44 -6.16 -52.78
N ARG F 307 19.05 -5.00 -53.05
CA ARG F 307 20.19 -4.96 -53.97
C ARG F 307 21.40 -5.67 -53.37
N ALA F 308 21.51 -5.70 -52.06
CA ALA F 308 22.57 -6.44 -51.41
C ALA F 308 22.30 -7.94 -51.48
N ALA F 309 23.30 -8.72 -51.90
CA ALA F 309 23.12 -10.15 -52.08
C ALA F 309 24.47 -10.85 -52.05
N LYS F 310 24.40 -12.18 -52.07
CA LYS F 310 25.59 -13.04 -52.14
C LYS F 310 25.55 -13.75 -53.50
N LEU F 311 26.37 -13.26 -54.43
CA LEU F 311 26.38 -13.81 -55.78
C LEU F 311 26.95 -15.23 -55.78
N SER F 312 26.47 -16.03 -56.73
CA SER F 312 26.94 -17.39 -56.87
C SER F 312 28.29 -17.42 -57.60
N GLU F 313 28.88 -18.62 -57.66
CA GLU F 313 30.21 -18.77 -58.23
C GLU F 313 30.25 -18.41 -59.71
N LYS F 314 29.18 -18.73 -60.45
CA LYS F 314 29.18 -18.47 -61.89
C LYS F 314 29.31 -16.98 -62.19
N GLU F 315 28.76 -16.13 -61.32
CA GLU F 315 28.78 -14.70 -61.56
C GLU F 315 29.99 -14.01 -60.94
N GLY F 316 30.79 -14.73 -60.16
CA GLY F 316 31.98 -14.14 -59.55
C GLY F 316 32.04 -14.31 -58.05
N SER F 317 30.98 -14.87 -57.46
CA SER F 317 30.89 -15.11 -56.02
C SER F 317 31.12 -13.83 -55.22
N GLY F 318 30.48 -12.75 -55.69
CA GLY F 318 30.51 -11.48 -54.99
C GLY F 318 29.52 -11.46 -53.83
N SER F 319 29.62 -10.40 -53.03
CA SER F 319 28.77 -10.26 -51.85
C SER F 319 28.59 -8.79 -51.50
N LEU F 320 27.40 -8.47 -51.00
CA LEU F 320 27.10 -7.15 -50.44
C LEU F 320 26.33 -7.37 -49.15
N THR F 321 26.90 -6.92 -48.03
CA THR F 321 26.26 -7.05 -46.72
C THR F 321 25.77 -5.67 -46.30
N ALA F 322 24.46 -5.57 -46.09
CA ALA F 322 23.85 -4.28 -45.79
C ALA F 322 23.60 -4.13 -44.29
N LEU F 323 23.95 -2.96 -43.75
CA LEU F 323 23.76 -2.65 -42.34
C LEU F 323 22.99 -1.34 -42.22
N PRO F 324 21.69 -1.34 -42.54
CA PRO F 324 20.89 -0.13 -42.33
C PRO F 324 20.73 0.17 -40.85
N VAL F 325 20.66 1.46 -40.52
CA VAL F 325 20.49 1.92 -39.16
C VAL F 325 19.19 2.72 -39.11
N ILE F 326 18.21 2.21 -38.38
CA ILE F 326 16.91 2.85 -38.23
C ILE F 326 16.80 3.32 -36.78
N GLU F 327 16.53 4.61 -36.60
CA GLU F 327 16.32 5.16 -35.27
C GLU F 327 14.83 5.20 -34.96
N THR F 328 14.45 4.68 -33.80
CA THR F 328 13.07 4.66 -33.39
C THR F 328 12.84 5.67 -32.26
N GLN F 329 11.65 6.25 -32.24
CA GLN F 329 11.32 7.32 -31.31
C GLN F 329 10.59 6.72 -30.11
N GLY F 330 11.15 6.89 -28.92
CA GLY F 330 10.52 6.39 -27.71
C GLY F 330 10.46 4.89 -27.60
N GLY F 331 11.30 4.17 -28.33
CA GLY F 331 11.28 2.72 -28.29
C GLY F 331 10.16 2.07 -29.08
N ASP F 332 9.39 2.85 -29.82
CA ASP F 332 8.26 2.32 -30.60
C ASP F 332 8.81 1.59 -31.82
N VAL F 333 8.89 0.27 -31.72
CA VAL F 333 9.34 -0.55 -32.84
C VAL F 333 8.14 -0.87 -33.71
N SER F 334 6.95 -0.42 -33.28
CA SER F 334 5.71 -0.62 -34.02
C SER F 334 5.41 0.52 -34.97
N ALA F 335 6.30 1.50 -35.08
CA ALA F 335 6.09 2.61 -35.99
C ALA F 335 6.22 2.12 -37.44
N TYR F 336 5.61 2.89 -38.34
CA TYR F 336 5.40 2.44 -39.72
C TYR F 336 6.71 2.12 -40.44
N ILE F 337 7.66 3.05 -40.43
CA ILE F 337 8.96 2.79 -41.04
C ILE F 337 9.72 1.67 -40.33
N PRO F 338 9.79 1.63 -38.98
CA PRO F 338 10.41 0.47 -38.33
C PRO F 338 9.75 -0.85 -38.69
N THR F 339 8.42 -0.88 -38.77
CA THR F 339 7.74 -2.11 -39.16
C THR F 339 8.07 -2.50 -40.59
N ASN F 340 8.18 -1.53 -41.49
CA ASN F 340 8.54 -1.82 -42.86
C ASN F 340 9.96 -2.39 -42.94
N VAL F 341 10.92 -1.72 -42.30
CA VAL F 341 12.32 -2.11 -42.44
C VAL F 341 12.59 -3.44 -41.74
N ILE F 342 11.93 -3.68 -40.60
CA ILE F 342 12.18 -4.92 -39.87
C ILE F 342 11.69 -6.12 -40.68
N SER F 343 10.64 -5.92 -41.47
CA SER F 343 10.17 -6.99 -42.34
C SER F 343 11.16 -7.26 -43.48
N ILE F 344 11.84 -6.21 -43.96
CA ILE F 344 12.79 -6.39 -45.05
C ILE F 344 14.02 -7.16 -44.58
N THR F 345 14.59 -6.75 -43.44
CA THR F 345 15.94 -7.17 -43.09
C THR F 345 15.96 -8.61 -42.57
N ASP F 346 17.15 -9.21 -42.61
CA ASP F 346 17.36 -10.57 -42.16
C ASP F 346 17.94 -10.58 -40.74
N GLY F 347 17.18 -10.07 -39.77
CA GLY F 347 17.65 -9.99 -38.40
C GLY F 347 17.91 -8.56 -37.98
N GLN F 348 17.88 -8.34 -36.67
CA GLN F 348 17.95 -6.99 -36.11
C GLN F 348 18.90 -6.98 -34.92
N ILE F 349 19.50 -5.82 -34.67
CA ILE F 349 20.36 -5.61 -33.51
C ILE F 349 19.74 -4.52 -32.64
N PHE F 350 19.03 -4.92 -31.58
CA PHE F 350 18.34 -3.97 -30.73
C PHE F 350 19.30 -3.35 -29.73
N LEU F 351 19.38 -2.02 -29.75
CA LEU F 351 20.21 -1.27 -28.82
C LEU F 351 19.31 -0.42 -27.92
N GLU F 352 19.49 -0.57 -26.61
CA GLU F 352 18.66 0.10 -25.63
C GLU F 352 19.48 1.12 -24.85
N ALA F 353 18.79 2.15 -24.35
CA ALA F 353 19.42 3.19 -23.55
C ALA F 353 19.58 2.79 -22.09
N GLU F 354 18.61 2.09 -21.52
CA GLU F 354 18.74 1.63 -20.14
C GLU F 354 19.88 0.63 -19.98
N LEU F 355 20.10 -0.22 -20.99
CA LEU F 355 21.25 -1.10 -20.98
C LEU F 355 22.54 -0.29 -21.00
N PHE F 356 22.56 0.78 -21.78
CA PHE F 356 23.73 1.66 -21.82
C PHE F 356 23.96 2.29 -20.47
N TYR F 357 22.88 2.68 -19.78
CA TYR F 357 23.01 3.30 -18.46
C TYR F 357 23.45 2.32 -17.38
N LYS F 358 23.00 1.06 -17.43
CA LYS F 358 23.42 0.12 -16.38
C LYS F 358 24.90 -0.19 -16.42
N GLY F 359 25.61 0.17 -17.50
CA GLY F 359 27.03 -0.09 -17.63
C GLY F 359 27.38 -1.02 -18.76
N ILE F 360 26.40 -1.76 -19.30
CA ILE F 360 26.65 -2.60 -20.46
C ILE F 360 26.94 -1.67 -21.63
N ARG F 361 28.22 -1.55 -22.00
CA ARG F 361 28.60 -0.51 -22.95
C ARG F 361 28.17 -0.85 -24.37
N PRO F 362 28.44 -2.06 -24.89
CA PRO F 362 27.70 -2.50 -26.09
C PRO F 362 26.30 -2.91 -25.69
N ALA F 363 25.31 -2.08 -26.03
CA ALA F 363 23.97 -2.21 -25.46
C ALA F 363 23.07 -3.15 -26.25
N ILE F 364 23.66 -4.12 -26.95
CA ILE F 364 22.90 -5.07 -27.76
C ILE F 364 22.00 -5.87 -26.83
N ASN F 365 20.69 -5.68 -26.95
CA ASN F 365 19.72 -6.44 -26.18
C ASN F 365 19.62 -7.83 -26.80
N VAL F 366 20.38 -8.78 -26.27
CA VAL F 366 20.45 -10.13 -26.84
C VAL F 366 19.11 -10.84 -26.83
N GLY F 367 18.24 -10.57 -25.85
CA GLY F 367 16.95 -11.23 -25.81
C GLY F 367 16.04 -10.84 -26.95
N LEU F 368 16.24 -9.66 -27.54
CA LEU F 368 15.42 -9.21 -28.66
C LEU F 368 16.13 -9.30 -30.00
N SER F 369 17.45 -9.09 -30.02
CA SER F 369 18.19 -9.19 -31.27
C SER F 369 18.18 -10.63 -31.78
N VAL F 370 18.14 -10.78 -33.10
CA VAL F 370 18.05 -12.09 -33.73
C VAL F 370 18.76 -12.03 -35.08
N SER F 371 19.22 -13.19 -35.54
CA SER F 371 19.85 -13.32 -36.86
C SER F 371 19.20 -14.48 -37.58
N ARG F 372 18.67 -14.21 -38.79
CA ARG F 372 17.98 -15.26 -39.53
C ARG F 372 18.94 -16.34 -40.03
N VAL F 373 20.11 -15.94 -40.52
CA VAL F 373 21.07 -16.93 -41.00
C VAL F 373 21.59 -17.78 -39.84
N GLY F 374 21.56 -17.24 -38.63
CA GLY F 374 21.99 -18.01 -37.47
C GLY F 374 23.47 -18.28 -37.50
N SER F 375 23.84 -19.51 -37.13
CA SER F 375 25.23 -19.92 -37.02
C SER F 375 25.82 -20.37 -38.35
N ALA F 376 25.03 -20.37 -39.44
CA ALA F 376 25.56 -20.83 -40.72
C ALA F 376 26.74 -19.97 -41.17
N ALA F 377 26.60 -18.65 -41.07
CA ALA F 377 27.71 -17.75 -41.38
C ALA F 377 28.43 -17.32 -40.11
N GLN F 378 29.05 -18.28 -39.42
CA GLN F 378 29.76 -18.00 -38.17
C GLN F 378 31.02 -18.83 -38.12
N VAL F 379 32.04 -18.31 -37.43
CA VAL F 379 33.26 -19.07 -37.21
C VAL F 379 32.93 -20.33 -36.42
N LYS F 380 33.56 -21.45 -36.80
CA LYS F 380 33.18 -22.74 -36.24
C LYS F 380 33.45 -22.81 -34.74
N ALA F 381 34.54 -22.20 -34.28
CA ALA F 381 34.81 -22.15 -32.85
C ALA F 381 33.73 -21.36 -32.11
N LEU F 382 33.31 -20.24 -32.70
CA LEU F 382 32.21 -19.48 -32.12
C LEU F 382 30.94 -20.32 -32.06
N LYS F 383 30.70 -21.12 -33.09
CA LYS F 383 29.55 -22.02 -33.07
C LYS F 383 29.66 -23.04 -31.94
N GLN F 384 30.87 -23.56 -31.73
CA GLN F 384 31.09 -24.55 -30.69
C GLN F 384 30.86 -23.96 -29.30
N VAL F 385 31.20 -22.69 -29.12
CA VAL F 385 31.25 -22.13 -27.78
C VAL F 385 30.01 -21.26 -27.50
N ALA F 386 29.18 -21.04 -28.52
CA ALA F 386 28.07 -20.11 -28.39
C ALA F 386 26.75 -20.70 -27.92
N GLY F 387 26.50 -22.00 -28.13
CA GLY F 387 25.24 -22.57 -27.68
C GLY F 387 25.08 -22.53 -26.17
N SER F 388 26.14 -22.94 -25.45
CA SER F 388 26.11 -22.85 -24.00
C SER F 388 25.98 -21.40 -23.55
N LEU F 389 26.65 -20.48 -24.24
CA LEU F 389 26.56 -19.07 -23.90
C LEU F 389 25.14 -18.56 -24.01
N LYS F 390 24.46 -18.85 -25.13
CA LYS F 390 23.10 -18.35 -25.31
C LYS F 390 22.14 -19.01 -24.33
N LEU F 391 22.32 -20.30 -24.05
CA LEU F 391 21.48 -20.95 -23.07
C LEU F 391 21.65 -20.33 -21.68
N PHE F 392 22.91 -20.07 -21.30
CA PHE F 392 23.18 -19.47 -20.00
C PHE F 392 22.59 -18.07 -19.91
N LEU F 393 22.70 -17.29 -20.98
CA LEU F 393 22.11 -15.95 -20.99
C LEU F 393 20.60 -16.02 -20.85
N ALA F 394 19.95 -16.95 -21.57
CA ALA F 394 18.51 -17.09 -21.46
C ALA F 394 18.10 -17.44 -20.03
N GLN F 395 18.81 -18.40 -19.43
CA GLN F 395 18.50 -18.79 -18.05
C GLN F 395 18.72 -17.63 -17.09
N TYR F 396 19.80 -16.87 -17.29
CA TYR F 396 20.08 -15.74 -16.41
C TYR F 396 18.99 -14.68 -16.50
N ARG F 397 18.50 -14.41 -17.72
CA ARG F 397 17.37 -13.50 -17.87
C ARG F 397 16.12 -14.04 -17.18
N GLU F 398 15.88 -15.35 -17.28
CA GLU F 398 14.72 -15.92 -16.59
C GLU F 398 14.82 -15.77 -15.08
N VAL F 399 16.00 -15.98 -14.52
CA VAL F 399 16.17 -15.97 -13.06
C VAL F 399 16.64 -14.60 -12.59
N ALA F 400 16.58 -13.61 -13.48
CA ALA F 400 17.07 -12.28 -13.12
C ALA F 400 16.21 -11.62 -12.05
N ALA F 401 14.96 -12.07 -11.89
CA ALA F 401 14.07 -11.44 -10.93
C ALA F 401 14.50 -11.72 -9.49
N PHE F 402 15.17 -12.85 -9.25
CA PHE F 402 15.60 -13.24 -7.91
C PHE F 402 17.02 -12.76 -7.65
N ALA F 403 17.18 -11.43 -7.63
CA ALA F 403 18.50 -10.85 -7.45
C ALA F 403 18.54 -9.78 -6.37
N GLN F 404 17.43 -9.07 -6.18
CA GLN F 404 17.38 -7.91 -5.29
C GLN F 404 17.09 -8.27 -3.84
N PHE F 405 17.30 -9.52 -3.45
CA PHE F 405 17.08 -9.96 -2.07
C PHE F 405 18.04 -11.10 -1.74
N GLY F 406 17.75 -11.85 -0.68
CA GLY F 406 18.63 -12.93 -0.27
C GLY F 406 18.97 -13.87 -1.41
N SER F 407 18.00 -14.16 -2.27
CA SER F 407 18.21 -14.78 -3.57
C SER F 407 18.90 -16.14 -3.49
N ASP F 408 18.67 -16.90 -2.42
CA ASP F 408 19.25 -18.24 -2.36
C ASP F 408 18.49 -19.18 -3.29
N LEU F 409 17.22 -19.45 -2.98
CA LEU F 409 16.28 -20.12 -3.87
C LEU F 409 16.85 -21.38 -4.53
N ASP F 410 17.76 -22.05 -3.80
CA ASP F 410 18.54 -23.28 -4.07
C ASP F 410 19.81 -22.96 -4.86
N ALA F 411 20.74 -23.91 -4.91
CA ALA F 411 22.03 -23.67 -5.53
C ALA F 411 21.90 -23.39 -7.03
N SER F 412 20.86 -23.94 -7.67
CA SER F 412 20.71 -23.77 -9.11
C SER F 412 20.54 -22.30 -9.49
N THR F 413 19.65 -21.60 -8.79
CA THR F 413 19.37 -20.21 -9.13
C THR F 413 20.59 -19.33 -8.91
N LYS F 414 21.29 -19.51 -7.79
CA LYS F 414 22.47 -18.70 -7.53
C LYS F 414 23.60 -19.01 -8.51
N GLN F 415 23.77 -20.29 -8.89
CA GLN F 415 24.76 -20.63 -9.89
C GLN F 415 24.44 -19.97 -11.23
N THR F 416 23.16 -20.01 -11.64
CA THR F 416 22.77 -19.35 -12.87
C THR F 416 22.99 -17.84 -12.80
N LEU F 417 22.68 -17.23 -11.65
CA LEU F 417 22.89 -15.81 -11.48
C LEU F 417 24.38 -15.46 -11.63
N VAL F 418 25.24 -16.22 -10.95
CA VAL F 418 26.67 -15.95 -11.01
C VAL F 418 27.17 -16.10 -12.44
N ARG F 419 26.82 -17.22 -13.08
CA ARG F 419 27.29 -17.46 -14.44
C ARG F 419 26.81 -16.37 -15.38
N GLY F 420 25.53 -16.00 -15.30
CA GLY F 420 25.00 -15.01 -16.21
C GLY F 420 25.57 -13.62 -15.98
N GLU F 421 25.76 -13.24 -14.72
CA GLU F 421 26.30 -11.91 -14.46
C GLU F 421 27.76 -11.81 -14.85
N ARG F 422 28.56 -12.84 -14.60
CA ARG F 422 29.94 -12.81 -15.07
C ARG F 422 30.02 -12.88 -16.60
N LEU F 423 29.04 -13.53 -17.23
CA LEU F 423 28.99 -13.50 -18.69
C LEU F 423 28.66 -12.10 -19.21
N THR F 424 27.68 -11.44 -18.60
CA THR F 424 27.36 -10.07 -19.02
C THR F 424 28.56 -9.16 -18.81
N GLN F 425 29.28 -9.33 -17.71
CA GLN F 425 30.53 -8.60 -17.53
C GLN F 425 31.56 -8.98 -18.58
N LEU F 426 31.49 -10.22 -19.08
CA LEU F 426 32.44 -10.67 -20.09
C LEU F 426 32.20 -10.03 -21.44
N LEU F 427 31.00 -9.48 -21.67
CA LEU F 427 30.63 -9.04 -23.01
C LEU F 427 30.76 -7.53 -23.21
N LYS F 428 31.31 -6.79 -22.26
CA LYS F 428 31.49 -5.36 -22.47
C LYS F 428 32.75 -5.08 -23.28
N GLN F 429 32.69 -4.06 -24.12
CA GLN F 429 33.84 -3.66 -24.93
C GLN F 429 33.94 -2.14 -24.93
N ASN F 430 35.17 -1.64 -25.04
CA ASN F 430 35.39 -0.21 -25.15
C ASN F 430 35.22 0.25 -26.59
N GLN F 431 35.01 1.55 -26.76
CA GLN F 431 34.76 2.08 -28.09
C GLN F 431 36.04 2.06 -28.92
N TYR F 432 35.88 1.76 -30.21
CA TYR F 432 36.98 1.71 -31.16
C TYR F 432 38.07 0.73 -30.73
N SER F 433 37.67 -0.40 -30.14
CA SER F 433 38.59 -1.44 -29.71
C SER F 433 38.10 -2.80 -30.21
N PRO F 434 38.17 -3.04 -31.51
CA PRO F 434 37.69 -4.31 -32.05
C PRO F 434 38.55 -5.48 -31.59
N LEU F 435 37.93 -6.65 -31.50
CA LEU F 435 38.61 -7.89 -31.14
C LEU F 435 38.45 -8.92 -32.24
N ALA F 436 39.56 -9.58 -32.58
CA ALA F 436 39.55 -10.64 -33.57
C ALA F 436 39.05 -11.95 -32.96
N THR F 437 38.71 -12.90 -33.84
CA THR F 437 38.13 -14.16 -33.38
C THR F 437 39.10 -14.99 -32.55
N GLU F 438 40.38 -15.01 -32.92
CA GLU F 438 41.35 -15.87 -32.24
C GLU F 438 41.52 -15.52 -30.76
N GLU F 439 41.37 -14.24 -30.40
CA GLU F 439 41.39 -13.85 -29.00
C GLU F 439 40.01 -13.82 -28.37
N GLN F 440 38.94 -13.75 -29.18
CA GLN F 440 37.60 -13.83 -28.62
C GLN F 440 37.30 -15.22 -28.09
N VAL F 441 37.61 -16.26 -28.86
CA VAL F 441 37.19 -17.63 -28.57
C VAL F 441 37.58 -18.06 -27.15
N PRO F 442 38.83 -17.88 -26.70
CA PRO F 442 39.16 -18.33 -25.33
C PRO F 442 38.34 -17.66 -24.25
N LEU F 443 37.94 -16.40 -24.46
CA LEU F 443 37.22 -15.68 -23.42
C LEU F 443 35.82 -16.23 -23.22
N ILE F 444 35.09 -16.45 -24.32
CA ILE F 444 33.77 -17.06 -24.19
C ILE F 444 33.90 -18.50 -23.73
N TYR F 445 34.98 -19.20 -24.11
CA TYR F 445 35.22 -20.54 -23.57
C TYR F 445 35.32 -20.51 -22.05
N ALA F 446 36.16 -19.62 -21.52
CA ALA F 446 36.30 -19.50 -20.07
C ALA F 446 34.99 -19.08 -19.44
N GLY F 447 34.22 -18.22 -20.11
CA GLY F 447 32.94 -17.80 -19.58
C GLY F 447 31.95 -18.94 -19.45
N VAL F 448 31.91 -19.82 -20.45
CA VAL F 448 30.94 -20.92 -20.45
C VAL F 448 31.44 -22.15 -19.72
N ASN F 449 32.72 -22.24 -19.40
CA ASN F 449 33.27 -23.40 -18.71
C ASN F 449 33.49 -23.16 -17.22
N GLY F 450 33.00 -22.05 -16.67
CA GLY F 450 33.04 -21.84 -15.25
C GLY F 450 34.40 -21.53 -14.66
N HIS F 451 35.38 -21.16 -15.47
CA HIS F 451 36.70 -20.79 -14.98
C HIS F 451 36.78 -19.33 -14.56
N LEU F 452 35.64 -18.66 -14.37
CA LEU F 452 35.60 -17.26 -14.00
C LEU F 452 34.70 -16.98 -12.79
N ASP F 453 33.97 -17.97 -12.30
CA ASP F 453 33.03 -17.73 -11.20
C ASP F 453 33.77 -17.31 -9.93
N GLY F 454 34.95 -17.87 -9.69
CA GLY F 454 35.72 -17.47 -8.53
C GLY F 454 36.14 -16.01 -8.58
N ILE F 455 36.52 -15.53 -9.78
CA ILE F 455 36.89 -14.14 -9.92
C ILE F 455 35.67 -13.26 -9.77
N GLU F 456 35.79 -12.22 -8.95
CA GLU F 456 34.67 -11.32 -8.70
C GLU F 456 34.39 -10.47 -9.95
N LEU F 457 33.19 -9.87 -9.96
CA LEU F 457 32.74 -9.14 -11.14
C LEU F 457 33.58 -7.89 -11.41
N SER F 458 34.22 -7.34 -10.38
CA SER F 458 34.95 -6.10 -10.55
C SER F 458 36.22 -6.26 -11.38
N ARG F 459 36.80 -7.47 -11.42
CA ARG F 459 38.06 -7.70 -12.11
C ARG F 459 37.87 -8.50 -13.41
N ILE F 460 36.67 -8.49 -13.97
CA ILE F 460 36.45 -9.17 -15.25
C ILE F 460 37.25 -8.49 -16.36
N GLY F 461 37.27 -7.15 -16.39
CA GLY F 461 38.11 -6.46 -17.34
C GLY F 461 39.58 -6.72 -17.11
N GLU F 462 39.99 -6.75 -15.83
CA GLU F 462 41.36 -7.16 -15.50
C GLU F 462 41.62 -8.59 -15.96
N PHE F 463 40.64 -9.47 -15.74
CA PHE F 463 40.73 -10.83 -16.28
C PHE F 463 40.93 -10.78 -17.77
N GLU F 464 40.13 -9.97 -18.48
CA GLU F 464 40.29 -9.79 -19.92
C GLU F 464 41.72 -9.46 -20.29
N SER F 465 42.22 -8.32 -19.80
CA SER F 465 43.53 -7.82 -20.23
C SER F 465 44.65 -8.80 -19.85
N SER F 466 44.65 -9.27 -18.60
CA SER F 466 45.72 -10.13 -18.14
C SER F 466 45.71 -11.48 -18.87
N PHE F 467 44.51 -12.04 -19.09
CA PHE F 467 44.40 -13.31 -19.80
C PHE F 467 44.90 -13.17 -21.23
N LEU F 468 44.53 -12.09 -21.90
CA LEU F 468 45.03 -11.87 -23.26
C LEU F 468 46.55 -11.74 -23.28
N SER F 469 47.11 -10.96 -22.35
CA SER F 469 48.56 -10.81 -22.32
C SER F 469 49.25 -12.14 -22.05
N TYR F 470 48.68 -12.95 -21.16
CA TYR F 470 49.30 -14.22 -20.81
C TYR F 470 49.24 -15.21 -21.98
N LEU F 471 48.12 -15.24 -22.70
CA LEU F 471 48.02 -16.09 -23.87
C LEU F 471 48.98 -15.65 -24.97
N LYS F 472 49.09 -14.34 -25.21
CA LYS F 472 50.06 -13.86 -26.20
C LYS F 472 51.48 -14.23 -25.79
N SER F 473 51.82 -14.08 -24.51
CA SER F 473 53.18 -14.39 -24.08
C SER F 473 53.46 -15.89 -24.12
N ASN F 474 52.65 -16.69 -23.42
CA ASN F 474 52.97 -18.10 -23.27
C ASN F 474 52.52 -18.95 -24.46
N HIS F 475 51.21 -19.01 -24.70
CA HIS F 475 50.66 -19.90 -25.73
C HIS F 475 50.22 -19.10 -26.96
N ASN F 476 51.22 -18.68 -27.74
CA ASN F 476 50.91 -17.98 -28.98
C ASN F 476 50.46 -18.94 -30.07
N GLU F 477 51.02 -20.16 -30.09
CA GLU F 477 50.69 -21.11 -31.14
C GLU F 477 49.20 -21.44 -31.16
N LEU F 478 48.55 -21.47 -29.99
CA LEU F 478 47.12 -21.71 -29.94
C LEU F 478 46.37 -20.63 -30.69
N LEU F 479 46.71 -19.36 -30.45
CA LEU F 479 46.05 -18.25 -31.14
C LEU F 479 46.31 -18.32 -32.63
N THR F 480 47.55 -18.62 -33.03
CA THR F 480 47.87 -18.72 -34.45
C THR F 480 47.04 -19.80 -35.14
N GLU F 481 46.98 -20.99 -34.56
CA GLU F 481 46.23 -22.07 -35.22
C GLU F 481 44.73 -21.85 -35.14
N ILE F 482 44.25 -21.14 -34.12
CA ILE F 482 42.84 -20.76 -34.09
C ILE F 482 42.52 -19.82 -35.24
N ARG F 483 43.40 -18.85 -35.48
CA ARG F 483 43.23 -17.97 -36.62
C ARG F 483 43.31 -18.72 -37.94
N GLU F 484 44.17 -19.74 -38.01
CA GLU F 484 44.37 -20.47 -39.26
C GLU F 484 43.24 -21.44 -39.56
N LYS F 485 43.04 -22.44 -38.69
CA LYS F 485 42.04 -23.47 -38.94
C LYS F 485 40.62 -22.93 -38.71
N GLY F 486 40.36 -22.41 -37.52
CA GLY F 486 39.07 -21.87 -37.18
C GLY F 486 38.12 -22.80 -36.47
N GLU F 487 38.60 -23.94 -35.96
CA GLU F 487 37.76 -24.85 -35.20
C GLU F 487 38.53 -25.36 -34.01
N LEU F 488 37.80 -25.82 -32.99
CA LEU F 488 38.40 -26.31 -31.75
C LEU F 488 38.63 -27.82 -31.88
N SER F 489 39.88 -28.18 -32.12
CA SER F 489 40.26 -29.60 -32.10
C SER F 489 40.31 -30.10 -30.66
N LYS F 490 40.24 -31.42 -30.51
CA LYS F 490 40.24 -32.01 -29.17
C LYS F 490 41.52 -31.69 -28.43
N GLU F 491 42.65 -31.80 -29.11
CA GLU F 491 43.93 -31.40 -28.52
C GLU F 491 43.90 -29.92 -28.15
N LEU F 492 43.34 -29.09 -29.04
CA LEU F 492 43.18 -27.69 -28.72
C LEU F 492 42.22 -27.48 -27.56
N LEU F 493 41.13 -28.23 -27.50
CA LEU F 493 40.20 -28.07 -26.38
C LEU F 493 40.92 -28.35 -25.07
N ALA F 494 41.71 -29.42 -25.03
CA ALA F 494 42.48 -29.74 -23.83
C ALA F 494 43.51 -28.65 -23.50
N SER F 495 44.23 -28.17 -24.51
CA SER F 495 45.25 -27.15 -24.27
C SER F 495 44.63 -25.85 -23.76
N LEU F 496 43.52 -25.43 -24.35
CA LEU F 496 42.83 -24.23 -23.90
C LEU F 496 42.30 -24.41 -22.48
N LYS F 497 41.76 -25.59 -22.17
CA LYS F 497 41.30 -25.86 -20.81
C LYS F 497 42.46 -25.77 -19.83
N SER F 498 43.62 -26.32 -20.20
CA SER F 498 44.79 -26.26 -19.32
C SER F 498 45.24 -24.81 -19.11
N ALA F 499 45.25 -24.01 -20.18
CA ALA F 499 45.64 -22.62 -20.05
C ALA F 499 44.69 -21.85 -19.14
N THR F 500 43.38 -22.08 -19.30
CA THR F 500 42.41 -21.43 -18.44
C THR F 500 42.57 -21.88 -16.99
N GLU F 501 42.85 -23.17 -16.78
CA GLU F 501 43.06 -23.66 -15.42
C GLU F 501 44.29 -22.99 -14.79
N SER F 502 45.37 -22.86 -15.55
CA SER F 502 46.56 -22.20 -15.02
C SER F 502 46.27 -20.76 -14.67
N PHE F 503 45.57 -20.04 -15.56
CA PHE F 503 45.32 -18.62 -15.29
C PHE F 503 44.37 -18.43 -14.12
N VAL F 504 43.34 -19.26 -14.01
CA VAL F 504 42.44 -19.15 -12.87
C VAL F 504 43.14 -19.56 -11.58
N ALA F 505 44.12 -20.45 -11.66
CA ALA F 505 44.95 -20.74 -10.49
C ALA F 505 45.75 -19.52 -10.07
N THR F 506 46.32 -18.80 -11.05
CA THR F 506 47.04 -17.57 -10.73
C THR F 506 46.13 -16.34 -10.70
N PHE F 507 44.87 -16.48 -11.13
CA PHE F 507 43.89 -15.38 -11.09
C PHE F 507 44.36 -14.13 -11.83
N SER G 1 -7.50 -9.49 -85.68
CA SER G 1 -8.32 -8.30 -85.50
C SER G 1 -7.46 -7.08 -85.20
N THR G 2 -8.07 -5.91 -85.20
CA THR G 2 -7.35 -4.69 -84.91
C THR G 2 -6.99 -4.62 -83.43
N PRO G 3 -5.71 -4.53 -83.08
CA PRO G 3 -5.35 -4.43 -81.66
C PRO G 3 -5.79 -3.10 -81.06
N ILE G 4 -6.15 -3.13 -79.79
CA ILE G 4 -6.52 -1.92 -79.06
C ILE G 4 -5.25 -1.24 -78.59
N THR G 5 -5.05 0.01 -79.00
CA THR G 5 -3.84 0.75 -78.72
C THR G 5 -4.15 2.11 -78.13
N GLY G 6 -3.20 2.66 -77.38
CA GLY G 6 -3.33 3.97 -76.77
C GLY G 6 -1.98 4.59 -76.50
N LYS G 7 -2.01 5.75 -75.88
CA LYS G 7 -0.80 6.52 -75.60
C LYS G 7 -0.71 6.82 -74.11
N VAL G 8 0.49 6.67 -73.55
CA VAL G 8 0.70 7.00 -72.15
C VAL G 8 0.69 8.51 -71.98
N THR G 9 -0.08 8.99 -71.01
CA THR G 9 -0.17 10.41 -70.71
C THR G 9 0.61 10.83 -69.49
N ALA G 10 0.63 10.01 -68.44
CA ALA G 10 1.32 10.35 -67.21
C ALA G 10 1.67 9.08 -66.44
N VAL G 11 2.87 9.06 -65.87
CA VAL G 11 3.26 8.04 -64.89
C VAL G 11 3.52 8.77 -63.58
N ILE G 12 2.68 8.52 -62.58
CA ILE G 12 2.84 9.13 -61.27
C ILE G 12 3.15 8.03 -60.26
N GLY G 13 4.43 7.92 -59.88
CA GLY G 13 4.86 6.77 -59.10
C GLY G 13 4.58 5.51 -59.87
N ALA G 14 4.04 4.50 -59.17
CA ALA G 14 3.64 3.27 -59.85
C ALA G 14 2.36 3.48 -60.67
N ILE G 15 1.59 4.52 -60.36
CA ILE G 15 0.35 4.77 -61.07
C ILE G 15 0.66 5.30 -62.46
N VAL G 16 0.02 4.72 -63.47
CA VAL G 16 0.24 5.08 -64.87
C VAL G 16 -1.11 5.47 -65.47
N ASP G 17 -1.17 6.65 -66.09
CA ASP G 17 -2.38 7.09 -66.76
C ASP G 17 -2.20 6.99 -68.27
N VAL G 18 -3.14 6.33 -68.93
CA VAL G 18 -3.07 6.06 -70.37
C VAL G 18 -4.34 6.57 -71.02
N HIS G 19 -4.20 7.31 -72.12
CA HIS G 19 -5.34 7.82 -72.89
C HIS G 19 -5.61 6.89 -74.06
N PHE G 20 -6.87 6.46 -74.19
CA PHE G 20 -7.28 5.62 -75.29
C PHE G 20 -8.13 6.41 -76.27
N GLU G 21 -8.56 5.75 -77.35
CA GLU G 21 -9.40 6.39 -78.35
C GLU G 21 -10.86 6.03 -78.08
N GLN G 22 -11.74 6.48 -78.96
CA GLN G 22 -13.18 6.29 -78.76
C GLN G 22 -13.56 4.83 -78.88
N SER G 23 -14.41 4.38 -77.96
CA SER G 23 -14.97 3.03 -77.97
C SER G 23 -13.87 1.97 -77.97
N GLU G 24 -12.74 2.29 -77.33
CA GLU G 24 -11.62 1.36 -77.23
C GLU G 24 -11.20 1.04 -75.80
N LEU G 25 -11.80 1.69 -74.80
CA LEU G 25 -11.38 1.47 -73.43
C LEU G 25 -11.75 0.06 -72.99
N PRO G 26 -10.85 -0.68 -72.36
CA PRO G 26 -11.21 -1.99 -71.81
C PRO G 26 -11.94 -1.84 -70.48
N ALA G 27 -12.33 -2.97 -69.92
CA ALA G 27 -12.83 -2.99 -68.56
C ALA G 27 -11.67 -2.90 -67.59
N ILE G 28 -11.97 -2.56 -66.34
CA ILE G 28 -10.93 -2.49 -65.32
C ILE G 28 -10.48 -3.91 -64.98
N LEU G 29 -9.36 -4.00 -64.25
CA LEU G 29 -8.71 -5.25 -63.89
C LEU G 29 -8.14 -5.96 -65.12
N ASN G 30 -8.28 -5.35 -66.28
CA ASN G 30 -7.72 -5.91 -67.50
C ASN G 30 -6.21 -5.65 -67.55
N ALA G 31 -5.52 -6.47 -68.34
CA ALA G 31 -4.08 -6.39 -68.47
C ALA G 31 -3.70 -5.55 -69.68
N LEU G 32 -2.83 -4.58 -69.47
CA LEU G 32 -2.26 -3.76 -70.53
C LEU G 32 -0.80 -4.12 -70.70
N GLU G 33 -0.21 -3.69 -71.82
CA GLU G 33 1.15 -4.12 -72.17
C GLU G 33 1.83 -3.03 -72.99
N ILE G 34 3.08 -2.73 -72.65
CA ILE G 34 3.93 -1.83 -73.44
C ILE G 34 5.24 -2.54 -73.72
N LYS G 35 5.90 -2.15 -74.81
CA LYS G 35 7.19 -2.74 -75.18
C LYS G 35 8.31 -1.91 -74.57
N THR G 36 8.90 -2.42 -73.51
CA THR G 36 10.09 -1.77 -72.99
C THR G 36 11.32 -2.63 -73.28
N PRO G 37 12.50 -2.01 -73.42
CA PRO G 37 13.71 -2.80 -73.71
C PRO G 37 13.98 -3.91 -72.69
N GLN G 38 13.66 -3.66 -71.42
CA GLN G 38 13.89 -4.65 -70.38
C GLN G 38 13.00 -5.87 -70.58
N GLY G 39 11.72 -5.66 -70.89
CA GLY G 39 10.78 -6.75 -71.02
C GLY G 39 9.34 -6.29 -71.24
N LYS G 40 8.42 -6.85 -70.47
CA LYS G 40 7.00 -6.51 -70.57
C LYS G 40 6.56 -5.79 -69.29
N LEU G 41 6.33 -4.49 -69.40
CA LEU G 41 5.60 -3.76 -68.36
C LEU G 41 4.11 -3.94 -68.58
N VAL G 42 3.42 -4.51 -67.61
CA VAL G 42 1.99 -4.76 -67.71
C VAL G 42 1.25 -3.88 -66.71
N LEU G 43 0.10 -3.36 -67.12
CA LEU G 43 -0.66 -2.40 -66.34
C LEU G 43 -2.06 -2.96 -66.12
N GLU G 44 -2.49 -2.99 -64.86
CA GLU G 44 -3.84 -3.43 -64.52
C GLU G 44 -4.75 -2.21 -64.38
N VAL G 45 -5.80 -2.16 -65.19
CA VAL G 45 -6.69 -1.01 -65.17
C VAL G 45 -7.47 -0.98 -63.87
N ALA G 46 -7.45 0.15 -63.18
CA ALA G 46 -8.14 0.33 -61.91
C ALA G 46 -9.39 1.20 -62.03
N GLN G 47 -9.29 2.35 -62.68
CA GLN G 47 -10.42 3.26 -62.77
C GLN G 47 -10.47 3.86 -64.16
N HIS G 48 -11.69 4.22 -64.58
CA HIS G 48 -11.90 5.03 -65.77
C HIS G 48 -12.10 6.49 -65.34
N LEU G 49 -11.21 7.36 -65.80
CA LEU G 49 -11.22 8.76 -65.41
C LEU G 49 -11.98 9.65 -66.39
N GLY G 50 -12.69 9.07 -67.34
CA GLY G 50 -13.37 9.85 -68.36
C GLY G 50 -12.41 10.27 -69.45
N GLU G 51 -12.96 11.01 -70.42
CA GLU G 51 -12.24 11.48 -71.60
C GLU G 51 -11.35 10.40 -72.20
N ASN G 52 -11.82 9.14 -72.22
CA ASN G 52 -11.07 8.03 -72.80
C ASN G 52 -9.70 7.87 -72.16
N THR G 53 -9.63 8.07 -70.85
CA THR G 53 -8.41 7.88 -70.07
C THR G 53 -8.69 6.90 -68.94
N VAL G 54 -7.74 6.00 -68.71
CA VAL G 54 -7.88 4.98 -67.67
C VAL G 54 -6.69 5.08 -66.73
N ARG G 55 -6.94 4.81 -65.45
CA ARG G 55 -5.90 4.81 -64.43
C ARG G 55 -5.49 3.37 -64.16
N THR G 56 -4.21 3.07 -64.34
CA THR G 56 -3.70 1.72 -64.22
C THR G 56 -2.56 1.68 -63.20
N ILE G 57 -2.35 0.50 -62.62
CA ILE G 57 -1.32 0.27 -61.63
C ILE G 57 -0.27 -0.66 -62.24
N ALA G 58 1.00 -0.29 -62.10
CA ALA G 58 2.09 -1.04 -62.72
C ALA G 58 2.47 -2.24 -61.87
N MET G 59 2.61 -3.40 -62.53
CA MET G 59 3.07 -4.62 -61.90
C MET G 59 4.59 -4.75 -61.90
N ASP G 60 5.29 -3.83 -62.54
CA ASP G 60 6.75 -3.87 -62.61
C ASP G 60 7.27 -2.44 -62.60
N GLY G 61 8.56 -2.31 -62.34
CA GLY G 61 9.18 -1.01 -62.20
C GLY G 61 8.96 -0.10 -63.38
N THR G 62 8.46 1.10 -63.12
CA THR G 62 8.16 2.08 -64.17
C THR G 62 9.24 3.16 -64.17
N GLU G 63 10.32 2.86 -64.90
CA GLU G 63 11.44 3.76 -65.02
C GLU G 63 11.72 4.05 -66.50
N GLY G 64 12.12 5.29 -66.77
CA GLY G 64 12.39 5.69 -68.14
C GLY G 64 11.16 5.70 -69.03
N LEU G 65 10.01 6.08 -68.50
CA LEU G 65 8.77 6.13 -69.26
C LEU G 65 8.60 7.50 -69.90
N VAL G 66 8.06 7.53 -71.11
CA VAL G 66 7.86 8.75 -71.87
C VAL G 66 6.40 8.82 -72.29
N ARG G 67 5.80 10.01 -72.11
CA ARG G 67 4.43 10.21 -72.54
C ARG G 67 4.30 10.02 -74.05
N GLY G 68 3.28 9.27 -74.47
CA GLY G 68 3.06 9.02 -75.88
C GLY G 68 3.61 7.70 -76.37
N GLU G 69 4.00 6.83 -75.44
CA GLU G 69 4.46 5.50 -75.82
C GLU G 69 3.28 4.58 -76.07
N LYS G 70 3.46 3.66 -77.01
CA LYS G 70 2.35 2.80 -77.45
C LYS G 70 2.05 1.74 -76.38
N VAL G 71 0.77 1.41 -76.24
CA VAL G 71 0.28 0.42 -75.30
C VAL G 71 -0.69 -0.50 -76.03
N LEU G 72 -0.84 -1.71 -75.52
CA LEU G 72 -1.70 -2.71 -76.14
C LEU G 72 -2.54 -3.39 -75.07
N ASP G 73 -3.84 -3.57 -75.35
CA ASP G 73 -4.73 -4.26 -74.43
C ASP G 73 -4.73 -5.76 -74.72
N THR G 74 -4.48 -6.57 -73.70
CA THR G 74 -4.56 -8.01 -73.86
C THR G 74 -5.97 -8.46 -74.19
N GLY G 75 -6.97 -7.86 -73.53
CA GLY G 75 -8.35 -8.23 -73.77
C GLY G 75 -9.06 -8.61 -72.49
N GLY G 76 -8.31 -9.15 -71.52
CA GLY G 76 -8.86 -9.52 -70.24
C GLY G 76 -7.87 -9.26 -69.12
N PRO G 77 -8.10 -9.87 -67.96
CA PRO G 77 -7.18 -9.68 -66.84
C PRO G 77 -5.85 -10.35 -67.11
N ILE G 78 -4.94 -10.21 -66.15
CA ILE G 78 -3.63 -10.86 -66.22
C ILE G 78 -3.85 -12.36 -66.22
N SER G 79 -3.43 -13.04 -67.28
CA SER G 79 -3.64 -14.47 -67.43
C SER G 79 -2.33 -15.20 -67.17
N VAL G 80 -2.36 -16.15 -66.25
CA VAL G 80 -1.17 -16.91 -65.85
C VAL G 80 -1.19 -18.25 -66.57
N PRO G 81 -0.06 -18.72 -67.09
CA PRO G 81 -0.03 -20.08 -67.66
C PRO G 81 -0.34 -21.11 -66.59
N VAL G 82 -1.31 -21.97 -66.88
CA VAL G 82 -1.87 -22.87 -65.89
C VAL G 82 -1.89 -24.29 -66.44
N GLY G 83 -1.60 -25.26 -65.59
CA GLY G 83 -1.57 -26.64 -66.00
C GLY G 83 -0.59 -27.41 -65.14
N ARG G 84 -0.48 -28.71 -65.44
CA ARG G 84 0.47 -29.56 -64.73
C ARG G 84 1.92 -29.21 -65.06
N GLU G 85 2.17 -28.47 -66.13
CA GLU G 85 3.52 -28.04 -66.46
C GLU G 85 4.06 -27.04 -65.46
N THR G 86 3.20 -26.36 -64.71
CA THR G 86 3.65 -25.36 -63.75
C THR G 86 4.43 -26.00 -62.61
N LEU G 87 4.15 -27.27 -62.31
CA LEU G 87 4.84 -27.98 -61.24
C LEU G 87 6.34 -28.07 -61.53
N GLY G 88 7.15 -27.52 -60.63
CA GLY G 88 8.59 -27.53 -60.77
C GLY G 88 9.18 -26.27 -61.34
N ARG G 89 8.34 -25.30 -61.73
CA ARG G 89 8.81 -24.06 -62.33
C ARG G 89 8.53 -22.89 -61.40
N ILE G 90 9.39 -21.88 -61.47
CA ILE G 90 9.21 -20.65 -60.71
C ILE G 90 8.52 -19.64 -61.61
N ILE G 91 7.31 -19.23 -61.23
CA ILE G 91 6.51 -18.34 -62.06
C ILE G 91 6.24 -17.06 -61.27
N ASN G 92 5.94 -15.97 -61.97
CA ASN G 92 5.72 -14.68 -61.32
C ASN G 92 4.26 -14.26 -61.42
N VAL G 93 3.98 -13.03 -60.99
CA VAL G 93 2.61 -12.51 -61.07
C VAL G 93 2.16 -12.37 -62.52
N ILE G 94 3.05 -11.93 -63.41
CA ILE G 94 2.68 -11.72 -64.80
C ILE G 94 2.66 -13.02 -65.59
N GLY G 95 3.01 -14.14 -64.97
CA GLY G 95 3.01 -15.41 -65.65
C GLY G 95 4.22 -15.68 -66.50
N GLU G 96 5.36 -15.09 -66.16
CA GLU G 96 6.61 -15.33 -66.88
C GLU G 96 7.54 -16.18 -66.04
N PRO G 97 8.09 -17.26 -66.59
CA PRO G 97 8.98 -18.11 -65.80
C PRO G 97 10.30 -17.42 -65.45
N ILE G 98 10.52 -17.18 -64.16
CA ILE G 98 11.77 -16.58 -63.70
C ILE G 98 12.72 -17.68 -63.25
N ASP G 99 12.43 -18.91 -63.63
CA ASP G 99 13.29 -20.05 -63.34
C ASP G 99 14.30 -20.30 -64.45
N GLU G 100 14.22 -19.55 -65.55
CA GLU G 100 15.08 -19.67 -66.73
C GLU G 100 15.39 -21.13 -67.06
N ARG G 101 14.32 -21.94 -67.11
CA ARG G 101 14.40 -23.33 -67.55
C ARG G 101 13.56 -23.53 -68.80
N GLY G 102 13.53 -22.54 -69.68
CA GLY G 102 12.70 -22.59 -70.86
C GLY G 102 11.33 -22.00 -70.60
N PRO G 103 10.53 -21.86 -71.66
CA PRO G 103 9.17 -21.32 -71.49
C PRO G 103 8.24 -22.34 -70.84
N ILE G 104 7.10 -21.85 -70.41
CA ILE G 104 6.06 -22.69 -69.82
C ILE G 104 5.20 -23.26 -70.94
N LYS G 105 5.10 -24.59 -70.99
CA LYS G 105 4.37 -25.28 -72.06
C LYS G 105 2.92 -25.58 -71.67
N SER G 106 2.34 -24.77 -70.80
CA SER G 106 0.95 -24.97 -70.42
C SER G 106 0.03 -24.67 -71.61
N LYS G 107 -0.97 -25.54 -71.81
CA LYS G 107 -1.87 -25.38 -72.94
C LYS G 107 -2.97 -24.37 -72.64
N LEU G 108 -3.37 -24.22 -71.38
CA LEU G 108 -4.44 -23.31 -71.00
C LEU G 108 -3.85 -22.05 -70.37
N ARG G 109 -4.66 -21.00 -70.36
CA ARG G 109 -4.23 -19.67 -69.94
C ARG G 109 -5.43 -18.99 -69.29
N LYS G 110 -5.48 -19.01 -67.96
CA LYS G 110 -6.69 -18.50 -67.30
C LYS G 110 -6.42 -17.16 -66.64
N PRO G 111 -7.40 -16.25 -66.65
CA PRO G 111 -7.23 -14.97 -65.96
C PRO G 111 -7.22 -15.15 -64.45
N ILE G 112 -6.53 -14.24 -63.77
CA ILE G 112 -6.43 -14.33 -62.31
C ILE G 112 -7.67 -13.79 -61.61
N HIS G 113 -8.47 -12.96 -62.29
CA HIS G 113 -9.69 -12.39 -61.70
C HIS G 113 -10.87 -13.27 -62.11
N ALA G 114 -11.40 -14.01 -61.15
CA ALA G 114 -12.56 -14.88 -61.36
C ALA G 114 -13.52 -14.70 -60.19
N ASP G 115 -14.65 -15.39 -60.28
CA ASP G 115 -15.63 -15.30 -59.21
C ASP G 115 -15.61 -16.56 -58.36
N PRO G 116 -15.94 -16.46 -57.08
CA PRO G 116 -16.02 -17.66 -56.25
C PRO G 116 -17.15 -18.55 -56.70
N PRO G 117 -17.07 -19.85 -56.43
CA PRO G 117 -18.17 -20.75 -56.79
C PRO G 117 -19.47 -20.31 -56.15
N SER G 118 -20.57 -20.48 -56.89
CA SER G 118 -21.87 -20.02 -56.42
C SER G 118 -22.29 -20.81 -55.17
N PHE G 119 -23.38 -20.33 -54.56
CA PHE G 119 -23.85 -20.92 -53.31
C PHE G 119 -24.24 -22.38 -53.50
N ALA G 120 -24.88 -22.69 -54.63
CA ALA G 120 -25.30 -24.07 -54.89
C ALA G 120 -24.10 -25.01 -54.99
N GLU G 121 -23.03 -24.57 -55.67
CA GLU G 121 -21.85 -25.40 -55.84
C GLU G 121 -21.06 -25.59 -54.57
N GLN G 122 -21.27 -24.75 -53.56
CA GLN G 122 -20.55 -24.88 -52.30
C GLN G 122 -20.93 -26.18 -51.61
N SER G 123 -19.92 -26.88 -51.08
CA SER G 123 -20.17 -28.12 -50.36
C SER G 123 -20.91 -27.82 -49.06
N THR G 124 -21.92 -28.63 -48.77
CA THR G 124 -22.80 -28.42 -47.62
C THR G 124 -22.40 -29.23 -46.40
N SER G 125 -21.24 -29.90 -46.43
CA SER G 125 -20.78 -30.73 -45.34
C SER G 125 -19.37 -30.30 -44.93
N ALA G 126 -19.16 -30.12 -43.62
CA ALA G 126 -17.84 -29.82 -43.09
C ALA G 126 -17.00 -31.10 -43.09
N GLU G 127 -15.94 -31.12 -43.89
CA GLU G 127 -15.15 -32.32 -44.11
C GLU G 127 -13.80 -32.22 -43.42
N ILE G 128 -13.26 -33.37 -43.04
CA ILE G 128 -11.98 -33.47 -42.37
C ILE G 128 -10.92 -33.87 -43.38
N LEU G 129 -9.70 -33.36 -43.18
CA LEU G 129 -8.57 -33.68 -44.05
C LEU G 129 -7.41 -34.14 -43.18
N GLU G 130 -6.90 -35.33 -43.46
CA GLU G 130 -5.79 -35.87 -42.69
C GLU G 130 -4.52 -35.09 -42.98
N THR G 131 -3.78 -34.72 -41.93
CA THR G 131 -2.59 -33.91 -42.08
C THR G 131 -1.31 -34.73 -42.04
N GLY G 132 -1.35 -35.93 -41.50
CA GLY G 132 -0.14 -36.72 -41.29
C GLY G 132 0.51 -36.47 -39.95
N ILE G 133 0.54 -35.21 -39.52
CA ILE G 133 1.09 -34.86 -38.21
C ILE G 133 0.11 -35.27 -37.13
N LYS G 134 0.58 -36.08 -36.18
CA LYS G 134 -0.30 -36.67 -35.17
C LYS G 134 -0.98 -35.61 -34.32
N VAL G 135 -0.19 -34.70 -33.74
CA VAL G 135 -0.74 -33.68 -32.86
C VAL G 135 -1.67 -32.75 -33.65
N VAL G 136 -1.32 -32.48 -34.91
CA VAL G 136 -2.14 -31.58 -35.71
C VAL G 136 -3.49 -32.22 -36.01
N ASP G 137 -3.49 -33.43 -36.57
CA ASP G 137 -4.76 -34.06 -36.94
C ASP G 137 -5.47 -34.68 -35.75
N LEU G 138 -4.95 -34.51 -34.53
CA LEU G 138 -5.71 -34.94 -33.35
C LEU G 138 -6.28 -33.76 -32.58
N LEU G 139 -5.43 -32.78 -32.23
CA LEU G 139 -5.88 -31.70 -31.36
C LEU G 139 -6.32 -30.46 -32.13
N ALA G 140 -5.74 -30.17 -33.29
CA ALA G 140 -6.19 -29.05 -34.09
C ALA G 140 -6.33 -29.47 -35.55
N PRO G 141 -7.27 -30.36 -35.87
CA PRO G 141 -7.33 -30.91 -37.22
C PRO G 141 -7.65 -29.84 -38.26
N TYR G 142 -7.13 -30.05 -39.47
CA TYR G 142 -7.29 -29.07 -40.54
C TYR G 142 -8.62 -29.30 -41.24
N ALA G 143 -9.24 -28.22 -41.71
CA ALA G 143 -10.50 -28.32 -42.45
C ALA G 143 -10.22 -28.55 -43.93
N ARG G 144 -10.88 -29.54 -44.50
CA ARG G 144 -10.81 -29.76 -45.94
C ARG G 144 -11.43 -28.55 -46.64
N GLY G 145 -10.60 -27.71 -47.22
CA GLY G 145 -11.05 -26.42 -47.72
C GLY G 145 -11.00 -25.30 -46.69
N GLY G 146 -10.20 -25.45 -45.63
CA GLY G 146 -10.15 -24.47 -44.57
C GLY G 146 -9.20 -23.32 -44.87
N LYS G 147 -9.02 -22.47 -43.87
CA LYS G 147 -8.20 -21.26 -43.97
C LYS G 147 -7.18 -21.23 -42.83
N ILE G 148 -6.47 -22.34 -42.66
CA ILE G 148 -5.56 -22.53 -41.53
C ILE G 148 -4.56 -21.38 -41.43
N GLY G 149 -4.44 -20.80 -40.23
CA GLY G 149 -3.51 -19.72 -40.00
C GLY G 149 -2.31 -20.14 -39.18
N LEU G 150 -1.13 -20.13 -39.80
CA LEU G 150 0.10 -20.53 -39.11
C LEU G 150 0.63 -19.38 -38.27
N PHE G 151 0.50 -19.49 -36.95
CA PHE G 151 1.01 -18.46 -36.04
C PHE G 151 2.38 -18.85 -35.51
N GLY G 152 3.38 -18.92 -36.38
CA GLY G 152 4.71 -19.33 -35.97
C GLY G 152 5.65 -18.17 -35.73
N GLY G 153 6.89 -18.31 -36.19
CA GLY G 153 7.91 -17.29 -35.98
C GLY G 153 9.20 -17.62 -36.70
N ALA G 154 10.33 -17.38 -36.02
CA ALA G 154 11.64 -17.65 -36.59
C ALA G 154 12.33 -18.74 -35.79
N GLY G 155 13.07 -19.58 -36.49
CA GLY G 155 13.76 -20.69 -35.85
C GLY G 155 12.83 -21.71 -35.21
N VAL G 156 11.64 -21.89 -35.77
CA VAL G 156 10.66 -22.83 -35.24
C VAL G 156 10.35 -23.96 -36.21
N GLY G 157 11.10 -24.07 -37.30
CA GLY G 157 10.81 -25.06 -38.32
C GLY G 157 9.51 -24.78 -39.03
N LYS G 158 9.25 -23.50 -39.32
CA LYS G 158 8.05 -23.15 -40.07
C LYS G 158 8.09 -23.76 -41.47
N THR G 159 9.24 -23.72 -42.12
CA THR G 159 9.36 -24.32 -43.45
C THR G 159 9.22 -25.83 -43.39
N VAL G 160 9.98 -26.50 -42.51
CA VAL G 160 9.96 -27.96 -42.49
C VAL G 160 8.55 -28.47 -42.25
N PHE G 161 7.75 -27.73 -41.47
CA PHE G 161 6.33 -28.04 -41.37
C PHE G 161 5.66 -27.97 -42.73
N ILE G 162 6.01 -26.97 -43.54
CA ILE G 162 5.39 -26.80 -44.85
C ILE G 162 5.74 -27.97 -45.77
N GLN G 163 7.02 -28.35 -45.82
CA GLN G 163 7.38 -29.46 -46.70
C GLN G 163 6.79 -30.77 -46.20
N GLU G 164 6.70 -30.95 -44.89
CA GLU G 164 6.06 -32.15 -44.37
C GLU G 164 4.59 -32.20 -44.76
N LEU G 165 3.90 -31.06 -44.69
CA LEU G 165 2.51 -31.02 -45.12
C LEU G 165 2.38 -31.32 -46.61
N ILE G 166 3.28 -30.77 -47.43
CA ILE G 166 3.23 -31.03 -48.86
C ILE G 166 3.42 -32.50 -49.15
N ASN G 167 4.42 -33.12 -48.52
CA ASN G 167 4.68 -34.54 -48.74
C ASN G 167 3.50 -35.39 -48.27
N ASN G 168 2.95 -35.05 -47.10
CA ASN G 168 1.84 -35.83 -46.56
C ASN G 168 0.60 -35.72 -47.44
N ILE G 169 0.32 -34.52 -47.96
CA ILE G 169 -0.86 -34.38 -48.82
C ILE G 169 -0.62 -35.04 -50.18
N ALA G 170 0.62 -35.01 -50.67
CA ALA G 170 0.93 -35.69 -51.93
C ALA G 170 0.75 -37.20 -51.80
N LYS G 171 1.20 -37.77 -50.69
CA LYS G 171 1.02 -39.20 -50.46
C LYS G 171 -0.43 -39.56 -50.21
N ALA G 172 -1.11 -38.77 -49.37
CA ALA G 172 -2.42 -39.18 -48.87
C ALA G 172 -3.47 -39.26 -49.98
N HIS G 173 -3.89 -38.11 -50.51
CA HIS G 173 -4.98 -38.16 -51.48
C HIS G 173 -4.52 -37.91 -52.92
N GLY G 174 -4.14 -36.66 -53.21
CA GLY G 174 -3.68 -36.28 -54.52
C GLY G 174 -2.76 -35.07 -54.50
N GLY G 175 -2.31 -34.69 -53.31
CA GLY G 175 -1.91 -33.31 -53.06
C GLY G 175 -0.86 -32.79 -54.02
N PHE G 176 -1.21 -31.73 -54.74
CA PHE G 176 -0.27 -30.93 -55.53
C PHE G 176 -0.36 -29.51 -55.00
N SER G 177 0.39 -29.23 -53.93
CA SER G 177 0.28 -27.94 -53.27
C SER G 177 0.83 -26.83 -54.17
N VAL G 178 0.42 -25.60 -53.88
CA VAL G 178 0.92 -24.41 -54.58
C VAL G 178 1.41 -23.44 -53.52
N PHE G 179 2.70 -23.11 -53.56
CA PHE G 179 3.27 -22.18 -52.61
C PHE G 179 3.24 -20.77 -53.20
N THR G 180 2.64 -19.83 -52.47
CA THR G 180 2.53 -18.45 -52.90
C THR G 180 3.34 -17.59 -51.94
N GLY G 181 4.55 -17.21 -52.38
CA GLY G 181 5.41 -16.40 -51.55
C GLY G 181 5.14 -14.93 -51.71
N VAL G 182 3.99 -14.48 -51.22
CA VAL G 182 3.65 -13.06 -51.25
C VAL G 182 4.72 -12.28 -50.47
N GLY G 183 5.32 -11.31 -51.13
CA GLY G 183 6.45 -10.60 -50.54
C GLY G 183 7.59 -11.54 -50.22
N GLU G 184 8.17 -12.16 -51.25
CA GLU G 184 9.30 -13.06 -51.04
C GLU G 184 10.58 -12.28 -50.81
N ARG G 185 11.36 -12.72 -49.82
CA ARG G 185 12.58 -12.04 -49.43
C ARG G 185 13.75 -12.30 -50.37
N THR G 186 13.58 -13.24 -51.31
CA THR G 186 14.46 -13.58 -52.44
C THR G 186 15.78 -14.16 -51.95
N ARG G 187 15.99 -14.18 -50.64
CA ARG G 187 17.06 -14.99 -50.07
C ARG G 187 16.47 -16.25 -49.46
N GLU G 188 15.46 -16.09 -48.61
CA GLU G 188 14.65 -17.21 -48.16
C GLU G 188 14.05 -17.94 -49.35
N GLY G 189 13.71 -17.23 -50.42
CA GLY G 189 13.18 -17.87 -51.61
C GLY G 189 14.19 -18.80 -52.27
N ASN G 190 15.43 -18.33 -52.44
CA ASN G 190 16.47 -19.16 -53.03
C ASN G 190 16.78 -20.36 -52.14
N ASP G 191 16.86 -20.13 -50.83
CA ASP G 191 17.08 -21.24 -49.90
C ASP G 191 15.94 -22.24 -49.97
N LEU G 192 14.70 -21.74 -50.10
CA LEU G 192 13.55 -22.62 -50.19
C LEU G 192 13.58 -23.45 -51.47
N TYR G 193 13.99 -22.83 -52.58
CA TYR G 193 14.10 -23.57 -53.84
C TYR G 193 15.17 -24.65 -53.74
N ARG G 194 16.30 -24.34 -53.12
CA ARG G 194 17.35 -25.33 -52.92
C ARG G 194 16.84 -26.47 -52.04
N GLU G 195 16.07 -26.13 -50.99
CA GLU G 195 15.50 -27.15 -50.13
C GLU G 195 14.47 -28.00 -50.88
N MET G 196 13.71 -27.37 -51.78
CA MET G 196 12.80 -28.11 -52.64
C MET G 196 13.54 -29.15 -53.44
N LYS G 197 14.64 -28.75 -54.08
CA LYS G 197 15.42 -29.70 -54.88
C LYS G 197 16.01 -30.79 -54.00
N GLU G 198 16.51 -30.42 -52.82
CA GLU G 198 17.13 -31.42 -51.93
C GLU G 198 16.10 -32.40 -51.37
N THR G 199 14.95 -31.89 -50.93
CA THR G 199 13.94 -32.75 -50.32
C THR G 199 13.26 -33.68 -51.31
N GLY G 200 13.41 -33.43 -52.61
CA GLY G 200 12.81 -34.27 -53.63
C GLY G 200 11.39 -33.88 -54.01
N VAL G 201 10.80 -32.92 -53.31
CA VAL G 201 9.45 -32.45 -53.67
C VAL G 201 9.48 -31.84 -55.07
N ILE G 202 10.48 -31.00 -55.34
CA ILE G 202 10.73 -30.47 -56.67
C ILE G 202 11.74 -31.39 -57.34
N ASN G 203 11.31 -32.05 -58.42
CA ASN G 203 12.15 -32.97 -59.18
C ASN G 203 12.35 -32.38 -60.57
N LEU G 204 13.55 -31.86 -60.82
CA LEU G 204 13.83 -31.25 -62.11
C LEU G 204 13.71 -32.26 -63.24
N GLU G 205 14.38 -33.41 -63.11
CA GLU G 205 14.29 -34.44 -64.13
C GLU G 205 12.98 -35.20 -64.05
N GLY G 206 12.43 -35.36 -62.85
CA GLY G 206 11.19 -36.09 -62.67
C GLY G 206 9.98 -35.17 -62.57
N GLU G 207 8.96 -35.61 -61.86
CA GLU G 207 7.75 -34.82 -61.64
C GLU G 207 7.79 -34.16 -60.27
N SER G 208 7.31 -32.92 -60.21
CA SER G 208 7.25 -32.16 -58.98
C SER G 208 5.83 -32.17 -58.42
N LYS G 209 5.72 -31.80 -57.15
CA LYS G 209 4.43 -31.79 -56.47
C LYS G 209 3.99 -30.40 -56.05
N VAL G 210 4.76 -29.36 -56.38
CA VAL G 210 4.42 -28.00 -55.96
C VAL G 210 4.91 -27.03 -57.03
N ALA G 211 4.12 -25.97 -57.25
CA ALA G 211 4.50 -24.88 -58.15
C ALA G 211 4.85 -23.66 -57.29
N LEU G 212 6.03 -23.09 -57.52
CA LEU G 212 6.53 -22.00 -56.69
C LEU G 212 6.29 -20.66 -57.38
N VAL G 213 5.16 -20.06 -57.05
CA VAL G 213 4.84 -18.71 -57.48
C VAL G 213 5.11 -17.75 -56.33
N PHE G 214 5.90 -16.71 -56.60
CA PHE G 214 6.14 -15.69 -55.59
C PHE G 214 6.65 -14.42 -56.26
N GLY G 215 6.15 -13.28 -55.77
CA GLY G 215 6.67 -11.99 -56.16
C GLY G 215 7.56 -11.44 -55.07
N GLN G 216 8.80 -11.09 -55.43
CA GLN G 216 9.76 -10.67 -54.43
C GLN G 216 9.36 -9.33 -53.82
N MET G 217 9.95 -9.03 -52.67
CA MET G 217 9.55 -7.84 -51.91
C MET G 217 9.96 -6.57 -52.62
N ASN G 218 10.91 -6.65 -53.56
CA ASN G 218 11.36 -5.49 -54.32
C ASN G 218 10.44 -5.12 -55.47
N GLU G 219 9.41 -5.92 -55.74
CA GLU G 219 8.49 -5.61 -56.82
C GLU G 219 7.60 -4.42 -56.43
N PRO G 220 7.07 -3.70 -57.41
CA PRO G 220 6.20 -2.57 -57.08
C PRO G 220 4.93 -3.04 -56.42
N PRO G 221 4.29 -2.18 -55.63
CA PRO G 221 3.03 -2.56 -54.99
C PRO G 221 1.97 -2.93 -56.04
N GLY G 222 1.14 -3.90 -55.70
CA GLY G 222 0.12 -4.39 -56.60
C GLY G 222 0.47 -5.76 -57.14
N ALA G 223 1.74 -5.94 -57.56
CA ALA G 223 2.22 -7.28 -57.89
C ALA G 223 2.21 -8.16 -56.65
N ARG G 224 2.66 -7.62 -55.52
CA ARG G 224 2.53 -8.28 -54.23
C ARG G 224 1.08 -8.46 -53.82
N ALA G 225 0.15 -7.71 -54.41
CA ALA G 225 -1.27 -7.88 -54.15
C ALA G 225 -1.95 -8.76 -55.20
N ARG G 226 -1.20 -9.30 -56.16
CA ARG G 226 -1.77 -10.14 -57.20
C ARG G 226 -1.12 -11.50 -57.30
N VAL G 227 0.06 -11.70 -56.69
CA VAL G 227 0.69 -13.02 -56.69
C VAL G 227 -0.21 -14.04 -56.00
N ALA G 228 -0.89 -13.62 -54.93
CA ALA G 228 -1.83 -14.50 -54.25
C ALA G 228 -2.96 -14.91 -55.17
N LEU G 229 -3.47 -13.97 -55.96
CA LEU G 229 -4.54 -14.29 -56.90
C LEU G 229 -4.04 -15.25 -57.98
N THR G 230 -2.81 -15.06 -58.46
CA THR G 230 -2.24 -15.99 -59.43
C THR G 230 -2.17 -17.41 -58.86
N GLY G 231 -1.63 -17.53 -57.65
CA GLY G 231 -1.54 -18.85 -57.03
C GLY G 231 -2.91 -19.46 -56.77
N LEU G 232 -3.88 -18.62 -56.39
CA LEU G 232 -5.23 -19.10 -56.17
C LEU G 232 -5.86 -19.59 -57.46
N THR G 233 -5.59 -18.90 -58.57
CA THR G 233 -6.08 -19.36 -59.87
C THR G 233 -5.46 -20.72 -60.22
N ILE G 234 -4.17 -20.88 -59.97
CA ILE G 234 -3.51 -22.16 -60.24
C ILE G 234 -4.17 -23.27 -59.42
N ALA G 235 -4.37 -23.01 -58.13
CA ALA G 235 -4.97 -24.01 -57.25
C ALA G 235 -6.40 -24.33 -57.67
N GLU G 236 -7.17 -23.30 -58.03
CA GLU G 236 -8.56 -23.52 -58.45
C GLU G 236 -8.62 -24.35 -59.73
N TYR G 237 -7.73 -24.09 -60.68
CA TYR G 237 -7.66 -24.95 -61.87
C TYR G 237 -7.32 -26.38 -61.49
N PHE G 238 -6.33 -26.56 -60.61
CA PHE G 238 -5.99 -27.91 -60.18
C PHE G 238 -7.12 -28.59 -59.43
N ARG G 239 -8.05 -27.83 -58.86
CA ARG G 239 -9.21 -28.38 -58.18
C ARG G 239 -10.41 -28.57 -59.09
N ASP G 240 -10.73 -27.58 -59.94
CA ASP G 240 -11.94 -27.63 -60.75
C ASP G 240 -11.80 -28.45 -62.01
N GLU G 241 -10.60 -28.91 -62.35
CA GLU G 241 -10.38 -29.73 -63.54
C GLU G 241 -9.70 -31.06 -63.24
N GLU G 242 -9.32 -31.32 -61.99
CA GLU G 242 -8.72 -32.59 -61.61
C GLU G 242 -9.31 -33.22 -60.36
N GLY G 243 -10.10 -32.48 -59.59
CA GLY G 243 -10.77 -33.06 -58.43
C GLY G 243 -9.86 -33.45 -57.29
N GLN G 244 -8.69 -32.81 -57.18
CA GLN G 244 -7.74 -33.10 -56.13
C GLN G 244 -7.98 -32.20 -54.93
N ASP G 245 -7.43 -32.60 -53.78
CA ASP G 245 -7.48 -31.81 -52.56
C ASP G 245 -6.21 -30.98 -52.49
N VAL G 246 -6.21 -29.89 -53.26
CA VAL G 246 -5.02 -29.05 -53.41
C VAL G 246 -4.80 -28.23 -52.13
N LEU G 247 -3.53 -27.95 -51.85
CA LEU G 247 -3.15 -27.03 -50.79
C LEU G 247 -2.66 -25.73 -51.39
N LEU G 248 -2.60 -24.70 -50.55
CA LEU G 248 -2.12 -23.38 -50.95
C LEU G 248 -1.45 -22.73 -49.75
N PHE G 249 -0.22 -22.27 -49.94
CA PHE G 249 0.56 -21.67 -48.87
C PHE G 249 0.80 -20.19 -49.17
N ILE G 250 0.49 -19.34 -48.21
CA ILE G 250 0.68 -17.89 -48.30
C ILE G 250 1.86 -17.52 -47.42
N ASP G 251 2.81 -16.78 -47.99
CA ASP G 251 3.99 -16.37 -47.22
C ASP G 251 3.59 -15.52 -46.02
N ASN G 252 2.78 -14.49 -46.25
CA ASN G 252 2.27 -13.68 -45.16
C ASN G 252 1.02 -12.95 -45.65
N ILE G 253 -0.14 -13.33 -45.12
CA ILE G 253 -1.38 -12.65 -45.49
C ILE G 253 -1.35 -11.19 -45.05
N PHE G 254 -0.62 -10.90 -43.96
CA PHE G 254 -0.46 -9.51 -43.54
C PHE G 254 0.24 -8.69 -44.61
N ARG G 255 1.21 -9.29 -45.31
CA ARG G 255 1.85 -8.58 -46.41
C ARG G 255 0.86 -8.31 -47.55
N PHE G 256 -0.04 -9.25 -47.83
CA PHE G 256 -1.06 -8.99 -48.85
C PHE G 256 -1.96 -7.85 -48.44
N THR G 257 -2.38 -7.81 -47.17
CA THR G 257 -3.23 -6.71 -46.71
C THR G 257 -2.47 -5.38 -46.76
N GLN G 258 -1.18 -5.41 -46.40
CA GLN G 258 -0.37 -4.18 -46.45
C GLN G 258 -0.24 -3.68 -47.89
N ALA G 259 -0.04 -4.60 -48.83
CA ALA G 259 0.01 -4.21 -50.23
C ALA G 259 -1.32 -3.64 -50.70
N GLY G 260 -2.43 -4.27 -50.30
CA GLY G 260 -3.74 -3.76 -50.67
C GLY G 260 -4.00 -2.36 -50.14
N SER G 261 -3.63 -2.12 -48.88
CA SER G 261 -3.72 -0.77 -48.33
C SER G 261 -2.81 0.19 -49.07
N GLU G 262 -1.62 -0.30 -49.45
CA GLU G 262 -0.67 0.52 -50.18
C GLU G 262 -1.22 0.93 -51.54
N VAL G 263 -1.88 0.00 -52.23
CA VAL G 263 -2.43 0.30 -53.55
C VAL G 263 -3.49 1.38 -53.45
N SER G 264 -4.38 1.27 -52.45
CA SER G 264 -5.47 2.22 -52.32
C SER G 264 -4.96 3.63 -52.09
N ALA G 265 -3.91 3.78 -51.29
CA ALA G 265 -3.34 5.10 -51.05
C ALA G 265 -2.81 5.71 -52.35
N LEU G 266 -2.18 4.91 -53.20
CA LEU G 266 -1.65 5.42 -54.45
C LEU G 266 -2.76 5.89 -55.37
N LEU G 267 -3.87 5.15 -55.44
CA LEU G 267 -5.01 5.57 -56.24
C LEU G 267 -5.58 6.90 -55.75
N GLY G 268 -5.67 7.06 -54.44
CA GLY G 268 -6.21 8.28 -53.87
C GLY G 268 -7.33 8.04 -52.88
N ARG G 269 -7.64 6.77 -52.63
CA ARG G 269 -8.66 6.43 -51.66
C ARG G 269 -8.22 6.82 -50.25
N ILE G 270 -9.19 7.19 -49.42
CA ILE G 270 -8.91 7.59 -48.05
C ILE G 270 -8.68 6.35 -47.19
N PRO G 271 -7.53 6.22 -46.54
CA PRO G 271 -7.31 5.08 -45.63
C PRO G 271 -8.32 5.09 -44.50
N SER G 272 -8.87 3.91 -44.21
CA SER G 272 -10.03 3.88 -43.32
C SER G 272 -9.68 3.93 -41.84
N ALA G 273 -9.15 2.83 -41.29
CA ALA G 273 -8.99 2.81 -39.84
C ALA G 273 -7.58 3.14 -39.40
N VAL G 274 -6.64 2.25 -39.68
CA VAL G 274 -5.23 2.49 -39.33
C VAL G 274 -4.41 2.43 -40.60
N GLY G 275 -4.29 3.55 -41.30
CA GLY G 275 -3.63 3.56 -42.60
C GLY G 275 -4.09 2.45 -43.53
N TYR G 276 -5.28 1.90 -43.28
CA TYR G 276 -5.77 0.72 -43.97
C TYR G 276 -6.77 1.11 -45.06
N GLN G 277 -6.76 0.32 -46.13
CA GLN G 277 -7.62 0.62 -47.27
C GLN G 277 -9.08 0.51 -46.84
N PRO G 278 -9.97 1.33 -47.40
CA PRO G 278 -11.40 1.19 -47.09
C PRO G 278 -11.98 -0.15 -47.52
N THR G 279 -11.37 -0.82 -48.49
CA THR G 279 -11.85 -2.09 -49.00
C THR G 279 -11.10 -3.28 -48.41
N LEU G 280 -10.66 -3.17 -47.16
CA LEU G 280 -9.92 -4.25 -46.52
C LEU G 280 -10.77 -5.51 -46.44
N ALA G 281 -11.99 -5.37 -45.89
CA ALA G 281 -12.87 -6.53 -45.77
C ALA G 281 -13.24 -7.08 -47.14
N THR G 282 -13.51 -6.20 -48.10
CA THR G 282 -13.90 -6.64 -49.44
C THR G 282 -12.77 -7.42 -50.10
N ASP G 283 -11.54 -6.91 -50.03
CA ASP G 283 -10.41 -7.60 -50.63
C ASP G 283 -10.14 -8.93 -49.94
N MET G 284 -10.22 -8.94 -48.61
CA MET G 284 -10.01 -10.18 -47.86
C MET G 284 -11.05 -11.23 -48.23
N GLY G 285 -12.32 -10.82 -48.33
CA GLY G 285 -13.36 -11.76 -48.72
C GLY G 285 -13.18 -12.25 -50.13
N LEU G 286 -12.81 -11.35 -51.06
CA LEU G 286 -12.60 -11.76 -52.44
C LEU G 286 -11.48 -12.79 -52.54
N LEU G 287 -10.40 -12.59 -51.78
CA LEU G 287 -9.30 -13.54 -51.80
C LEU G 287 -9.70 -14.86 -51.15
N GLN G 288 -10.42 -14.79 -50.02
CA GLN G 288 -10.63 -15.97 -49.19
C GLN G 288 -11.90 -16.73 -49.52
N GLU G 289 -12.70 -16.25 -50.47
CA GLU G 289 -13.94 -16.95 -50.79
C GLU G 289 -13.74 -17.95 -51.93
N ARG G 290 -12.79 -17.66 -52.82
CA ARG G 290 -12.46 -18.61 -53.88
C ARG G 290 -11.69 -19.81 -53.35
N ILE G 291 -11.00 -19.67 -52.23
CA ILE G 291 -10.30 -20.77 -51.59
C ILE G 291 -11.32 -21.52 -50.73
N THR G 292 -11.97 -22.52 -51.32
CA THR G 292 -13.05 -23.22 -50.64
C THR G 292 -13.23 -24.59 -51.29
N THR G 293 -14.00 -25.44 -50.61
CA THR G 293 -14.31 -26.78 -51.10
C THR G 293 -15.56 -26.73 -51.98
N THR G 294 -15.56 -27.53 -53.03
CA THR G 294 -16.67 -27.61 -53.97
C THR G 294 -17.12 -29.06 -54.12
N LYS G 295 -18.07 -29.28 -55.02
CA LYS G 295 -18.53 -30.64 -55.31
C LYS G 295 -17.46 -31.49 -55.97
N LYS G 296 -16.64 -30.89 -56.85
CA LYS G 296 -15.61 -31.65 -57.55
C LYS G 296 -14.45 -31.98 -56.62
N GLY G 297 -13.80 -30.96 -56.06
CA GLY G 297 -12.66 -31.14 -55.19
C GLY G 297 -12.67 -30.10 -54.08
N SER G 298 -11.49 -29.91 -53.49
CA SER G 298 -11.34 -28.96 -52.39
C SER G 298 -9.94 -28.36 -52.46
N VAL G 299 -9.83 -27.15 -51.92
CA VAL G 299 -8.54 -26.45 -51.80
C VAL G 299 -8.45 -25.88 -50.38
N THR G 300 -7.40 -26.24 -49.67
CA THR G 300 -7.18 -25.80 -48.29
C THR G 300 -5.97 -24.88 -48.26
N SER G 301 -6.12 -23.72 -47.62
CA SER G 301 -5.07 -22.71 -47.58
C SER G 301 -4.42 -22.72 -46.20
N VAL G 302 -3.09 -22.71 -46.19
CA VAL G 302 -2.33 -22.56 -44.95
C VAL G 302 -1.56 -21.25 -45.02
N GLN G 303 -2.09 -20.21 -44.37
CA GLN G 303 -1.47 -18.89 -44.44
C GLN G 303 -0.73 -18.58 -43.15
N ALA G 304 0.44 -17.95 -43.31
CA ALA G 304 1.20 -17.44 -42.18
C ALA G 304 0.75 -16.03 -41.88
N VAL G 305 0.42 -15.77 -40.62
CA VAL G 305 -0.17 -14.50 -40.19
C VAL G 305 0.79 -13.81 -39.25
N TYR G 306 1.11 -12.55 -39.54
CA TYR G 306 1.88 -11.70 -38.66
C TYR G 306 0.94 -10.73 -37.96
N VAL G 307 1.11 -10.59 -36.65
CA VAL G 307 0.25 -9.76 -35.83
C VAL G 307 1.02 -8.46 -35.51
N PRO G 308 0.62 -7.32 -36.06
CA PRO G 308 1.35 -6.07 -35.80
C PRO G 308 1.32 -5.70 -34.32
N ALA G 309 2.51 -5.35 -33.80
CA ALA G 309 2.68 -4.88 -32.42
C ALA G 309 2.09 -5.86 -31.41
N ASP G 310 2.00 -7.13 -31.81
CA ASP G 310 1.40 -8.18 -31.00
C ASP G 310 0.01 -7.79 -30.54
N ASP G 311 -0.71 -7.12 -31.42
CA ASP G 311 -2.05 -6.60 -31.15
C ASP G 311 -3.07 -7.45 -31.88
N LEU G 312 -3.81 -8.26 -31.12
CA LEU G 312 -4.90 -9.05 -31.70
C LEU G 312 -6.05 -8.19 -32.19
N THR G 313 -6.10 -6.92 -31.78
CA THR G 313 -7.20 -6.04 -32.11
C THR G 313 -6.99 -5.26 -33.40
N ASP G 314 -5.83 -5.40 -34.03
CA ASP G 314 -5.55 -4.64 -35.25
C ASP G 314 -6.53 -5.06 -36.35
N PRO G 315 -7.02 -4.12 -37.17
CA PRO G 315 -8.07 -4.48 -38.14
C PRO G 315 -7.71 -5.59 -39.10
N ALA G 316 -6.48 -5.61 -39.63
CA ALA G 316 -6.09 -6.65 -40.57
C ALA G 316 -6.06 -8.04 -39.92
N PRO G 317 -5.46 -8.21 -38.72
CA PRO G 317 -5.59 -9.51 -38.05
C PRO G 317 -7.03 -9.94 -37.82
N ALA G 318 -7.92 -9.02 -37.44
CA ALA G 318 -9.31 -9.39 -37.24
C ALA G 318 -9.96 -9.82 -38.55
N THR G 319 -9.68 -9.10 -39.63
CA THR G 319 -10.25 -9.45 -40.93
C THR G 319 -9.78 -10.81 -41.38
N THR G 320 -8.51 -11.14 -41.11
CA THR G 320 -8.03 -12.50 -41.36
C THR G 320 -8.70 -13.50 -40.42
N PHE G 321 -8.96 -13.10 -39.18
CA PHE G 321 -9.61 -13.98 -38.22
C PHE G 321 -11.01 -14.35 -38.68
N ALA G 322 -11.64 -13.48 -39.48
CA ALA G 322 -12.95 -13.79 -40.03
C ALA G 322 -12.92 -15.09 -40.83
N HIS G 323 -11.78 -15.42 -41.42
CA HIS G 323 -11.62 -16.62 -42.23
C HIS G 323 -10.39 -17.39 -41.74
N LEU G 324 -10.59 -18.24 -40.73
CA LEU G 324 -9.49 -19.09 -40.29
C LEU G 324 -9.86 -20.56 -40.12
N ASP G 325 -11.07 -20.84 -39.63
CA ASP G 325 -11.41 -22.17 -39.12
C ASP G 325 -10.44 -22.56 -38.01
N ALA G 326 -9.40 -23.32 -38.35
CA ALA G 326 -8.42 -23.76 -37.37
C ALA G 326 -7.15 -22.90 -37.45
N THR G 327 -6.33 -23.00 -36.41
CA THR G 327 -5.09 -22.26 -36.34
C THR G 327 -4.01 -23.15 -35.74
N THR G 328 -2.75 -22.82 -36.04
CA THR G 328 -1.58 -23.55 -35.54
C THR G 328 -0.55 -22.54 -35.07
N VAL G 329 -0.39 -22.44 -33.74
CA VAL G 329 0.59 -21.53 -33.15
C VAL G 329 1.86 -22.30 -32.84
N LEU G 330 2.80 -22.32 -33.80
CA LEU G 330 4.07 -22.99 -33.59
C LEU G 330 4.80 -22.39 -32.39
N SER G 331 5.16 -23.26 -31.44
CA SER G 331 5.78 -22.78 -30.20
C SER G 331 7.13 -22.16 -30.48
N ARG G 332 7.35 -20.96 -29.96
CA ARG G 332 8.63 -20.26 -30.09
C ARG G 332 9.61 -20.88 -29.10
N GLY G 333 10.19 -22.01 -29.50
CA GLY G 333 11.15 -22.70 -28.68
C GLY G 333 10.60 -23.34 -27.42
N ILE G 334 9.29 -23.28 -27.20
CA ILE G 334 8.67 -23.91 -26.03
C ILE G 334 8.73 -25.42 -26.22
N SER G 335 8.08 -25.91 -27.28
CA SER G 335 8.12 -27.33 -27.58
C SER G 335 9.28 -27.70 -28.50
N GLU G 336 9.90 -26.71 -29.15
CA GLU G 336 11.05 -27.00 -30.00
C GLU G 336 12.20 -27.59 -29.19
N LEU G 337 12.27 -27.24 -27.90
CA LEU G 337 13.19 -27.90 -26.97
C LEU G 337 12.61 -29.27 -26.67
N GLY G 338 12.98 -30.25 -27.50
CA GLY G 338 12.35 -31.55 -27.44
C GLY G 338 11.56 -31.89 -28.69
N ILE G 339 10.22 -31.84 -28.57
CA ILE G 339 9.35 -32.28 -29.65
C ILE G 339 9.66 -31.51 -30.93
N TYR G 340 9.96 -32.25 -32.00
CA TYR G 340 10.34 -31.60 -33.27
C TYR G 340 9.20 -30.79 -33.87
N PRO G 341 7.94 -31.30 -33.97
CA PRO G 341 6.86 -30.48 -34.54
C PRO G 341 6.72 -29.11 -33.89
N ALA G 342 6.68 -29.07 -32.56
CA ALA G 342 6.66 -27.82 -31.80
C ALA G 342 5.47 -26.95 -32.21
N VAL G 343 4.28 -27.46 -31.93
CA VAL G 343 3.03 -26.82 -32.34
C VAL G 343 2.31 -26.16 -31.18
N ASP G 344 2.77 -26.35 -29.94
CA ASP G 344 2.14 -25.79 -28.75
C ASP G 344 0.66 -26.17 -28.73
N PRO G 345 0.34 -27.43 -28.43
CA PRO G 345 -1.05 -27.89 -28.57
C PRO G 345 -2.05 -27.16 -27.68
N LEU G 346 -1.61 -26.53 -26.59
CA LEU G 346 -2.51 -25.80 -25.72
C LEU G 346 -2.87 -24.41 -26.24
N ASP G 347 -2.25 -23.98 -27.33
CA ASP G 347 -2.55 -22.68 -27.95
C ASP G 347 -3.18 -22.82 -29.33
N SER G 348 -2.78 -23.82 -30.10
CA SER G 348 -3.38 -24.04 -31.42
C SER G 348 -4.77 -24.64 -31.25
N LYS G 349 -5.78 -23.98 -31.80
CA LYS G 349 -7.16 -24.38 -31.65
C LYS G 349 -7.79 -24.67 -33.02
N SER G 350 -8.95 -25.30 -32.99
CA SER G 350 -9.67 -25.66 -34.21
C SER G 350 -11.17 -25.56 -33.95
N ARG G 351 -11.89 -25.02 -34.93
CA ARG G 351 -13.34 -24.91 -34.85
C ARG G 351 -14.05 -26.22 -35.15
N LEU G 352 -13.46 -27.10 -35.96
CA LEU G 352 -14.12 -28.33 -36.38
C LEU G 352 -14.03 -29.43 -35.34
N LEU G 353 -13.30 -29.20 -34.24
CA LEU G 353 -13.12 -30.24 -33.22
C LEU G 353 -14.43 -30.36 -32.43
N ASP G 354 -15.41 -31.01 -33.08
CA ASP G 354 -16.70 -31.26 -32.47
C ASP G 354 -17.13 -32.68 -32.80
N ALA G 355 -17.96 -33.24 -31.91
CA ALA G 355 -18.37 -34.64 -32.07
C ALA G 355 -19.14 -34.86 -33.37
N ALA G 356 -19.80 -33.81 -33.89
CA ALA G 356 -20.56 -33.97 -35.12
C ALA G 356 -19.65 -34.17 -36.33
N VAL G 357 -18.41 -33.70 -36.27
CA VAL G 357 -17.50 -33.80 -37.40
C VAL G 357 -16.46 -34.90 -37.18
N VAL G 358 -15.63 -34.75 -36.15
CA VAL G 358 -14.55 -35.68 -35.94
C VAL G 358 -15.01 -36.95 -35.23
N GLY G 359 -16.22 -36.97 -34.71
CA GLY G 359 -16.71 -38.12 -33.97
C GLY G 359 -16.63 -37.90 -32.47
N GLN G 360 -17.49 -38.62 -31.75
CA GLN G 360 -17.55 -38.49 -30.30
C GLN G 360 -16.25 -38.93 -29.65
N GLU G 361 -15.68 -40.05 -30.10
CA GLU G 361 -14.46 -40.57 -29.50
C GLU G 361 -13.28 -39.63 -29.72
N HIS G 362 -13.20 -39.03 -30.90
CA HIS G 362 -12.12 -38.09 -31.19
C HIS G 362 -12.20 -36.87 -30.28
N TYR G 363 -13.42 -36.32 -30.12
CA TYR G 363 -13.61 -35.21 -29.20
C TYR G 363 -13.24 -35.60 -27.78
N ASP G 364 -13.65 -36.80 -27.35
CA ASP G 364 -13.37 -37.24 -25.99
C ASP G 364 -11.87 -37.32 -25.75
N VAL G 365 -11.14 -37.99 -26.64
CA VAL G 365 -9.71 -38.17 -26.43
C VAL G 365 -8.99 -36.84 -26.51
N ALA G 366 -9.38 -35.97 -27.44
CA ALA G 366 -8.73 -34.66 -27.55
C ALA G 366 -8.96 -33.83 -26.30
N SER G 367 -10.20 -33.85 -25.78
CA SER G 367 -10.51 -33.09 -24.58
C SER G 367 -9.72 -33.61 -23.38
N LYS G 368 -9.65 -34.94 -23.22
CA LYS G 368 -8.89 -35.49 -22.11
C LYS G 368 -7.41 -35.14 -22.22
N VAL G 369 -6.86 -35.21 -23.44
CA VAL G 369 -5.45 -34.89 -23.64
C VAL G 369 -5.18 -33.43 -23.28
N GLN G 370 -6.04 -32.51 -23.76
CA GLN G 370 -5.79 -31.10 -23.51
C GLN G 370 -5.97 -30.75 -22.04
N GLU G 371 -6.95 -31.36 -21.36
CA GLU G 371 -7.12 -31.06 -19.94
C GLU G 371 -5.99 -31.66 -19.12
N THR G 372 -5.49 -32.85 -19.50
CA THR G 372 -4.34 -33.42 -18.81
C THR G 372 -3.11 -32.53 -18.96
N LEU G 373 -2.90 -32.03 -20.18
CA LEU G 373 -1.78 -31.12 -20.40
C LEU G 373 -1.93 -29.83 -19.61
N GLN G 374 -3.15 -29.30 -19.54
CA GLN G 374 -3.40 -28.09 -18.75
C GLN G 374 -3.11 -28.32 -17.28
N THR G 375 -3.57 -29.44 -16.73
CA THR G 375 -3.31 -29.75 -15.32
C THR G 375 -1.82 -29.94 -15.07
N TYR G 376 -1.13 -30.62 -15.98
CA TYR G 376 0.30 -30.82 -15.83
C TYR G 376 1.05 -29.51 -15.88
N LYS G 377 0.65 -28.61 -16.78
CA LYS G 377 1.26 -27.28 -16.85
C LYS G 377 1.01 -26.51 -15.55
N SER G 378 -0.20 -26.59 -15.02
CA SER G 378 -0.52 -25.93 -13.77
C SER G 378 0.29 -26.47 -12.59
N LEU G 379 0.58 -27.78 -12.58
CA LEU G 379 1.40 -28.37 -11.53
C LEU G 379 2.90 -28.19 -11.76
N GLN G 380 3.31 -27.80 -12.97
CA GLN G 380 4.73 -27.63 -13.26
C GLN G 380 5.42 -26.68 -12.30
N ASP G 381 4.72 -25.66 -11.81
CA ASP G 381 5.36 -24.70 -10.91
C ASP G 381 5.84 -25.38 -9.62
N ILE G 382 4.92 -26.10 -8.96
CA ILE G 382 5.30 -26.78 -7.72
C ILE G 382 6.19 -27.99 -7.99
N ILE G 383 6.13 -28.54 -9.22
CA ILE G 383 7.12 -29.55 -9.60
C ILE G 383 8.51 -28.95 -9.65
N ALA G 384 8.62 -27.74 -10.20
CA ALA G 384 9.91 -27.06 -10.25
C ALA G 384 10.40 -26.68 -8.86
N ILE G 385 9.47 -26.29 -7.97
CA ILE G 385 9.89 -25.87 -6.63
C ILE G 385 10.42 -27.06 -5.83
N LEU G 386 9.55 -28.06 -5.58
CA LEU G 386 9.94 -29.21 -4.77
C LEU G 386 10.30 -30.35 -5.69
N GLY G 387 9.39 -30.82 -6.54
CA GLY G 387 9.67 -31.98 -7.36
C GLY G 387 8.46 -32.85 -7.59
N MET G 388 8.56 -34.12 -7.24
CA MET G 388 7.50 -35.10 -7.48
C MET G 388 6.80 -35.53 -6.19
N ASP G 389 7.36 -35.18 -5.03
CA ASP G 389 6.83 -35.68 -3.77
C ASP G 389 5.54 -34.97 -3.37
N GLU G 390 5.48 -33.64 -3.56
CA GLU G 390 4.34 -32.87 -3.08
C GLU G 390 3.03 -33.25 -3.75
N LEU G 391 3.10 -33.97 -4.87
CA LEU G 391 1.90 -34.33 -5.60
C LEU G 391 1.29 -35.62 -5.04
N SER G 392 -0.04 -35.68 -5.06
CA SER G 392 -0.75 -36.86 -4.63
C SER G 392 -0.58 -37.97 -5.65
N GLU G 393 -1.04 -39.18 -5.30
CA GLU G 393 -0.85 -40.32 -6.19
C GLU G 393 -1.53 -40.11 -7.53
N GLN G 394 -2.75 -39.57 -7.52
CA GLN G 394 -3.41 -39.24 -8.78
C GLN G 394 -2.76 -38.05 -9.47
N ASP G 395 -2.26 -37.08 -8.70
CA ASP G 395 -1.51 -35.98 -9.29
C ASP G 395 -0.25 -36.47 -9.96
N LYS G 396 0.49 -37.37 -9.29
CA LYS G 396 1.69 -37.94 -9.90
C LYS G 396 1.35 -38.74 -11.13
N LEU G 397 0.28 -39.54 -11.09
CA LEU G 397 -0.13 -40.31 -12.27
C LEU G 397 -0.46 -39.39 -13.43
N THR G 398 -1.22 -38.33 -13.17
CA THR G 398 -1.58 -37.40 -14.24
C THR G 398 -0.35 -36.69 -14.80
N VAL G 399 0.58 -36.29 -13.93
CA VAL G 399 1.79 -35.61 -14.40
C VAL G 399 2.62 -36.53 -15.29
N GLU G 400 2.82 -37.77 -14.85
CA GLU G 400 3.61 -38.71 -15.63
C GLU G 400 2.91 -39.04 -16.95
N ARG G 401 1.59 -39.23 -16.92
CA ARG G 401 0.85 -39.52 -18.15
C ARG G 401 0.91 -38.35 -19.12
N ALA G 402 0.80 -37.12 -18.62
CA ALA G 402 0.87 -35.95 -19.49
C ALA G 402 2.27 -35.78 -20.07
N ARG G 403 3.30 -36.11 -19.29
CA ARG G 403 4.66 -36.11 -19.84
C ARG G 403 4.78 -37.14 -20.96
N LYS G 404 4.20 -38.32 -20.77
CA LYS G 404 4.20 -39.33 -21.83
C LYS G 404 3.48 -38.82 -23.07
N ILE G 405 2.34 -38.16 -22.88
CA ILE G 405 1.57 -37.62 -24.00
C ILE G 405 2.39 -36.55 -24.73
N GLN G 406 3.05 -35.68 -23.98
CA GLN G 406 3.87 -34.62 -24.57
C GLN G 406 4.99 -35.22 -25.40
N ARG G 407 5.64 -36.27 -24.89
CA ARG G 407 6.66 -36.95 -25.68
C ARG G 407 6.06 -37.63 -26.91
N PHE G 408 4.84 -38.18 -26.77
CA PHE G 408 4.22 -38.92 -27.85
C PHE G 408 3.65 -38.02 -28.93
N LEU G 409 3.51 -36.72 -28.65
CA LEU G 409 3.06 -35.78 -29.67
C LEU G 409 4.04 -35.71 -30.84
N SER G 410 5.32 -35.98 -30.58
CA SER G 410 6.34 -35.91 -31.62
C SER G 410 6.10 -36.97 -32.69
N GLN G 411 6.54 -36.67 -33.90
CA GLN G 411 6.41 -37.57 -35.04
C GLN G 411 7.58 -37.35 -36.00
N PRO G 412 8.26 -38.40 -36.43
CA PRO G 412 9.33 -38.23 -37.42
C PRO G 412 8.78 -37.69 -38.73
N PHE G 413 9.59 -36.87 -39.40
CA PHE G 413 9.18 -36.20 -40.63
C PHE G 413 9.84 -36.85 -41.83
N ALA G 414 9.03 -37.10 -42.88
CA ALA G 414 9.56 -37.64 -44.12
C ALA G 414 10.41 -36.63 -44.87
N VAL G 415 10.28 -35.34 -44.54
CA VAL G 415 11.17 -34.33 -45.11
C VAL G 415 12.38 -34.06 -44.23
N ALA G 416 12.42 -34.64 -43.02
CA ALA G 416 13.58 -34.55 -42.15
C ALA G 416 14.43 -35.81 -42.19
N GLU G 417 14.21 -36.68 -43.18
CA GLU G 417 15.04 -37.86 -43.33
C GLU G 417 16.51 -37.50 -43.45
N VAL G 418 16.83 -36.54 -44.32
CA VAL G 418 18.22 -36.14 -44.52
C VAL G 418 18.72 -35.35 -43.32
N PHE G 419 17.81 -34.91 -42.45
CA PHE G 419 18.23 -34.00 -41.39
C PHE G 419 18.97 -34.73 -40.28
N THR G 420 18.28 -35.58 -39.51
CA THR G 420 19.05 -36.35 -38.54
C THR G 420 19.28 -37.81 -38.94
N GLY G 421 18.27 -38.67 -38.72
CA GLY G 421 18.30 -40.01 -39.27
C GLY G 421 16.95 -40.70 -39.41
N ILE G 422 15.88 -40.03 -39.00
CA ILE G 422 14.68 -40.75 -38.54
C ILE G 422 13.66 -40.96 -39.65
N PRO G 423 13.20 -42.20 -39.86
CA PRO G 423 12.17 -42.45 -40.88
C PRO G 423 10.82 -41.85 -40.49
N GLY G 424 10.37 -40.89 -41.28
CA GLY G 424 9.06 -40.30 -41.05
C GLY G 424 7.95 -41.29 -41.36
N LYS G 425 6.86 -41.17 -40.62
CA LYS G 425 5.72 -42.05 -40.77
C LYS G 425 4.44 -41.25 -40.96
N LEU G 426 3.63 -41.64 -41.95
CA LEU G 426 2.35 -41.02 -42.23
C LEU G 426 1.32 -41.69 -41.33
N VAL G 427 1.28 -41.25 -40.07
CA VAL G 427 0.35 -41.82 -39.10
C VAL G 427 -1.06 -41.34 -39.43
N ARG G 428 -1.95 -42.29 -39.72
CA ARG G 428 -3.33 -41.96 -40.04
C ARG G 428 -4.03 -41.39 -38.81
N LEU G 429 -5.06 -40.56 -39.05
CA LEU G 429 -5.78 -39.95 -37.94
C LEU G 429 -6.47 -41.01 -37.09
N LYS G 430 -6.96 -42.08 -37.71
CA LYS G 430 -7.55 -43.18 -36.93
C LYS G 430 -6.48 -43.85 -36.07
N ASP G 431 -5.30 -44.09 -36.63
CA ASP G 431 -4.21 -44.64 -35.84
C ASP G 431 -3.81 -43.68 -34.75
N THR G 432 -3.81 -42.38 -35.04
CA THR G 432 -3.47 -41.37 -34.04
C THR G 432 -4.42 -41.40 -32.86
N VAL G 433 -5.73 -41.41 -33.14
CA VAL G 433 -6.71 -41.38 -32.06
C VAL G 433 -6.67 -42.68 -31.27
N ALA G 434 -6.50 -43.82 -31.96
CA ALA G 434 -6.39 -45.09 -31.26
C ALA G 434 -5.17 -45.10 -30.34
N SER G 435 -4.02 -44.64 -30.84
CA SER G 435 -2.81 -44.64 -30.04
C SER G 435 -2.94 -43.72 -28.83
N PHE G 436 -3.46 -42.51 -29.05
CA PHE G 436 -3.58 -41.56 -27.95
C PHE G 436 -4.59 -42.01 -26.91
N LYS G 437 -5.72 -42.62 -27.33
CA LYS G 437 -6.65 -43.16 -26.35
C LYS G 437 -6.09 -44.36 -25.62
N ALA G 438 -5.26 -45.18 -26.29
CA ALA G 438 -4.62 -46.29 -25.61
C ALA G 438 -3.67 -45.79 -24.53
N VAL G 439 -2.89 -44.75 -24.83
CA VAL G 439 -2.04 -44.15 -23.81
C VAL G 439 -2.90 -43.52 -22.71
N LEU G 440 -4.05 -42.94 -23.09
CA LEU G 440 -4.93 -42.30 -22.13
C LEU G 440 -5.48 -43.30 -21.11
N GLU G 441 -5.83 -44.50 -21.58
CA GLU G 441 -6.49 -45.48 -20.70
C GLU G 441 -5.58 -45.87 -19.54
N GLY G 442 -4.27 -45.85 -19.76
CA GLY G 442 -3.32 -46.03 -18.67
C GLY G 442 -2.75 -47.42 -18.52
N LYS G 443 -2.64 -48.14 -19.64
CA LYS G 443 -2.05 -49.48 -19.65
C LYS G 443 -0.61 -49.46 -20.14
N TYR G 444 -0.07 -48.29 -20.48
CA TYR G 444 1.29 -48.13 -20.99
C TYR G 444 2.14 -47.25 -20.09
N ASP G 445 1.93 -47.31 -18.78
CA ASP G 445 2.72 -46.48 -17.87
C ASP G 445 4.12 -47.04 -17.68
N ASN G 446 4.29 -48.36 -17.80
CA ASN G 446 5.59 -48.97 -17.53
C ASN G 446 6.57 -48.73 -18.69
N ILE G 447 6.05 -48.47 -19.89
CA ILE G 447 6.88 -48.01 -21.00
C ILE G 447 7.51 -46.68 -20.62
N PRO G 448 8.81 -46.49 -20.82
CA PRO G 448 9.43 -45.21 -20.45
C PRO G 448 8.98 -44.07 -21.34
N GLU G 449 9.23 -42.85 -20.87
CA GLU G 449 8.74 -41.67 -21.58
C GLU G 449 9.43 -41.49 -22.93
N HIS G 450 10.73 -41.83 -23.01
CA HIS G 450 11.49 -41.64 -24.24
C HIS G 450 11.11 -42.64 -25.34
N ALA G 451 10.35 -43.69 -25.01
CA ALA G 451 9.87 -44.59 -26.04
C ALA G 451 8.73 -43.98 -26.87
N PHE G 452 8.20 -42.84 -26.44
CA PHE G 452 7.26 -42.07 -27.22
C PHE G 452 7.92 -40.96 -28.02
N TYR G 453 9.18 -40.63 -27.69
CA TYR G 453 9.87 -39.53 -28.35
C TYR G 453 10.37 -39.94 -29.72
N MET G 454 10.14 -39.08 -30.71
CA MET G 454 10.51 -39.34 -32.11
C MET G 454 9.89 -40.65 -32.60
N VAL G 455 8.62 -40.84 -32.25
CA VAL G 455 7.91 -42.09 -32.52
C VAL G 455 6.54 -41.76 -33.10
N GLY G 456 6.10 -42.58 -34.06
CA GLY G 456 4.83 -42.38 -34.71
C GLY G 456 3.71 -43.19 -34.09
N GLY G 457 3.33 -44.29 -34.73
CA GLY G 457 2.26 -45.13 -34.22
C GLY G 457 2.63 -45.80 -32.91
N ILE G 458 1.59 -46.23 -32.19
CA ILE G 458 1.79 -46.79 -30.87
C ILE G 458 2.53 -48.12 -30.92
N GLU G 459 2.33 -48.91 -31.97
CA GLU G 459 3.14 -50.11 -32.15
C GLU G 459 4.61 -49.75 -32.25
N ASP G 460 4.93 -48.57 -32.79
CA ASP G 460 6.31 -48.11 -32.78
C ASP G 460 6.77 -47.79 -31.37
N VAL G 461 5.87 -47.28 -30.50
CA VAL G 461 6.21 -47.11 -29.09
C VAL G 461 6.59 -48.45 -28.47
N VAL G 462 5.78 -49.48 -28.75
CA VAL G 462 6.05 -50.81 -28.21
C VAL G 462 7.40 -51.32 -28.72
N ALA G 463 7.65 -51.16 -30.03
CA ALA G 463 8.91 -51.64 -30.61
C ALA G 463 10.10 -50.91 -30.03
N LYS G 464 9.97 -49.59 -29.84
CA LYS G 464 11.07 -48.81 -29.26
C LYS G 464 11.33 -49.24 -27.82
N ALA G 465 10.27 -49.53 -27.07
CA ALA G 465 10.45 -50.05 -25.72
C ALA G 465 11.16 -51.39 -25.74
N GLU G 466 10.80 -52.26 -26.68
CA GLU G 466 11.48 -53.55 -26.79
C GLU G 466 12.96 -53.38 -27.13
N LYS G 467 13.29 -52.45 -28.02
CA LYS G 467 14.71 -52.29 -28.36
C LYS G 467 15.47 -51.66 -27.19
N LEU G 468 14.83 -50.77 -26.44
CA LEU G 468 15.44 -50.24 -25.23
C LEU G 468 15.73 -51.35 -24.24
N ALA G 469 14.78 -52.27 -24.06
CA ALA G 469 14.99 -53.40 -23.17
C ALA G 469 16.13 -54.29 -23.68
N ALA G 470 16.17 -54.53 -24.99
CA ALA G 470 17.20 -55.39 -25.56
C ALA G 470 18.59 -54.78 -25.37
N GLU G 471 18.72 -53.47 -25.58
CA GLU G 471 20.00 -52.82 -25.37
C GLU G 471 20.31 -52.58 -23.89
N ALA G 472 19.32 -52.73 -23.02
CA ALA G 472 19.55 -52.62 -21.59
C ALA G 472 20.12 -53.92 -21.03
N ASN G 473 19.39 -55.02 -21.18
CA ASN G 473 19.87 -56.32 -20.74
C ASN G 473 19.72 -57.36 -21.84
N SER H 1 -50.41 37.54 -53.18
CA SER H 1 -49.28 37.79 -54.04
C SER H 1 -48.99 36.60 -54.94
N THR H 2 -48.08 36.77 -55.89
CA THR H 2 -47.73 35.68 -56.80
C THR H 2 -47.02 34.58 -56.02
N PRO H 3 -47.29 33.31 -56.30
CA PRO H 3 -46.58 32.22 -55.62
C PRO H 3 -45.16 32.10 -56.15
N ILE H 4 -44.19 32.21 -55.23
CA ILE H 4 -42.78 32.09 -55.60
C ILE H 4 -42.51 30.63 -55.97
N THR H 5 -42.11 30.39 -57.22
CA THR H 5 -41.94 29.05 -57.75
C THR H 5 -40.56 28.89 -58.36
N GLY H 6 -39.99 27.70 -58.20
CA GLY H 6 -38.67 27.40 -58.74
C GLY H 6 -38.52 25.96 -59.17
N LYS H 7 -37.31 25.56 -59.53
CA LYS H 7 -37.05 24.21 -60.03
C LYS H 7 -35.99 23.55 -59.15
N VAL H 8 -36.19 22.27 -58.85
CA VAL H 8 -35.21 21.52 -58.07
C VAL H 8 -34.09 21.06 -59.00
N THR H 9 -32.85 21.36 -58.63
CA THR H 9 -31.70 20.99 -59.45
C THR H 9 -30.97 19.78 -58.90
N ALA H 10 -30.65 19.79 -57.61
CA ALA H 10 -29.88 18.72 -57.01
C ALA H 10 -30.60 18.17 -55.78
N VAL H 11 -30.57 16.84 -55.66
CA VAL H 11 -31.09 16.15 -54.49
C VAL H 11 -29.98 15.26 -53.96
N ILE H 12 -29.29 15.72 -52.93
CA ILE H 12 -28.10 15.03 -52.42
C ILE H 12 -28.45 14.52 -51.03
N GLY H 13 -28.87 13.26 -50.96
CA GLY H 13 -29.25 12.69 -49.68
C GLY H 13 -30.41 13.46 -49.09
N ALA H 14 -30.15 14.11 -47.94
CA ALA H 14 -31.12 14.97 -47.30
C ALA H 14 -30.95 16.44 -47.69
N ILE H 15 -30.07 16.73 -48.64
CA ILE H 15 -29.78 18.09 -49.08
C ILE H 15 -30.36 18.28 -50.48
N VAL H 16 -31.13 19.35 -50.66
CA VAL H 16 -31.80 19.64 -51.93
C VAL H 16 -31.40 21.03 -52.37
N ASP H 17 -31.00 21.16 -53.64
CA ASP H 17 -30.65 22.44 -54.25
C ASP H 17 -31.77 22.86 -55.19
N VAL H 18 -32.22 24.11 -55.05
CA VAL H 18 -33.33 24.63 -55.83
C VAL H 18 -32.87 25.88 -56.57
N HIS H 19 -33.13 25.93 -57.87
CA HIS H 19 -32.86 27.11 -58.67
C HIS H 19 -34.15 27.92 -58.81
N PHE H 20 -34.05 29.22 -58.59
CA PHE H 20 -35.20 30.11 -58.62
C PHE H 20 -35.08 31.10 -59.77
N GLU H 21 -36.00 32.06 -59.83
CA GLU H 21 -36.08 32.98 -60.95
C GLU H 21 -35.79 34.41 -60.52
N GLN H 22 -36.01 35.37 -61.42
CA GLN H 22 -35.62 36.75 -61.21
C GLN H 22 -36.11 37.30 -59.86
N SER H 23 -35.16 37.66 -59.00
CA SER H 23 -35.43 38.25 -57.70
C SER H 23 -36.43 37.44 -56.87
N GLU H 24 -36.52 36.14 -57.13
CA GLU H 24 -37.44 35.26 -56.42
C GLU H 24 -36.74 34.49 -55.31
N LEU H 25 -35.56 34.92 -54.90
CA LEU H 25 -34.79 34.17 -53.91
C LEU H 25 -35.48 34.23 -52.55
N PRO H 26 -35.79 33.09 -51.95
CA PRO H 26 -36.40 33.09 -50.61
C PRO H 26 -35.40 33.46 -49.53
N ALA H 27 -35.82 33.36 -48.27
CA ALA H 27 -34.97 33.72 -47.14
C ALA H 27 -34.35 32.47 -46.53
N ILE H 28 -33.27 32.69 -45.79
CA ILE H 28 -32.65 31.61 -45.04
C ILE H 28 -33.61 31.11 -43.98
N LEU H 29 -33.60 29.80 -43.71
CA LEU H 29 -34.41 29.19 -42.66
C LEU H 29 -35.91 29.39 -42.92
N ASN H 30 -36.26 29.54 -44.19
CA ASN H 30 -37.65 29.78 -44.59
C ASN H 30 -38.21 28.53 -45.24
N ALA H 31 -39.42 28.14 -44.84
CA ALA H 31 -40.03 26.93 -45.34
C ALA H 31 -40.33 27.04 -46.83
N LEU H 32 -39.98 25.99 -47.56
CA LEU H 32 -40.36 25.81 -48.95
C LEU H 32 -41.42 24.72 -49.01
N GLU H 33 -41.82 24.32 -50.22
CA GLU H 33 -42.86 23.31 -50.32
C GLU H 33 -42.73 22.47 -51.59
N ILE H 34 -42.80 21.15 -51.42
CA ILE H 34 -42.83 20.20 -52.54
C ILE H 34 -44.09 19.36 -52.41
N LYS H 35 -44.89 19.32 -53.48
CA LYS H 35 -46.11 18.52 -53.49
C LYS H 35 -45.73 17.08 -53.79
N THR H 36 -45.44 16.33 -52.74
CA THR H 36 -45.17 14.91 -52.90
C THR H 36 -46.47 14.12 -52.92
N PRO H 37 -46.48 12.96 -53.58
CA PRO H 37 -47.69 12.12 -53.56
C PRO H 37 -48.13 11.73 -52.17
N GLN H 38 -47.18 11.47 -51.26
CA GLN H 38 -47.53 11.14 -49.88
C GLN H 38 -48.13 12.34 -49.16
N GLY H 39 -47.53 13.51 -49.34
CA GLY H 39 -48.00 14.70 -48.65
C GLY H 39 -47.18 15.94 -48.94
N LYS H 40 -46.84 16.69 -47.90
CA LYS H 40 -46.12 17.95 -48.03
C LYS H 40 -44.68 17.75 -47.58
N LEU H 41 -43.74 18.14 -48.44
CA LEU H 41 -42.31 18.11 -48.13
C LEU H 41 -41.79 19.53 -48.11
N VAL H 42 -41.45 20.02 -46.92
CA VAL H 42 -40.93 21.38 -46.79
C VAL H 42 -39.41 21.35 -46.90
N LEU H 43 -38.83 22.42 -47.45
CA LEU H 43 -37.40 22.54 -47.68
C LEU H 43 -36.89 23.78 -46.96
N GLU H 44 -36.48 23.60 -45.71
CA GLU H 44 -35.90 24.70 -44.96
C GLU H 44 -34.58 25.14 -45.61
N VAL H 45 -34.46 26.43 -45.85
CA VAL H 45 -33.29 26.96 -46.54
C VAL H 45 -32.14 27.12 -45.55
N ALA H 46 -30.99 26.55 -45.89
CA ALA H 46 -29.81 26.61 -45.03
C ALA H 46 -28.80 27.66 -45.50
N GLN H 47 -28.43 27.62 -46.78
CA GLN H 47 -27.42 28.52 -47.30
C GLN H 47 -27.81 28.97 -48.70
N HIS H 48 -27.24 30.10 -49.10
CA HIS H 48 -27.41 30.64 -50.44
C HIS H 48 -26.15 30.38 -51.25
N LEU H 49 -26.34 29.87 -52.47
CA LEU H 49 -25.22 29.52 -53.34
C LEU H 49 -25.01 30.51 -54.47
N GLY H 50 -25.92 31.46 -54.66
CA GLY H 50 -25.82 32.40 -55.75
C GLY H 50 -26.48 31.87 -57.01
N GLU H 51 -26.39 32.69 -58.06
CA GLU H 51 -27.01 32.41 -59.35
C GLU H 51 -28.45 31.93 -59.20
N ASN H 52 -29.21 32.59 -58.31
CA ASN H 52 -30.61 32.24 -58.05
C ASN H 52 -30.75 30.77 -57.64
N THR H 53 -29.79 30.28 -56.85
CA THR H 53 -29.82 28.91 -56.34
C THR H 53 -29.59 28.95 -54.84
N VAL H 54 -30.34 28.11 -54.13
CA VAL H 54 -30.30 28.06 -52.66
C VAL H 54 -30.14 26.61 -52.23
N ARG H 55 -29.38 26.40 -51.17
CA ARG H 55 -29.21 25.07 -50.59
C ARG H 55 -30.20 24.92 -49.43
N THR H 56 -30.96 23.84 -49.44
CA THR H 56 -32.05 23.64 -48.50
C THR H 56 -31.91 22.32 -47.75
N ILE H 57 -32.60 22.23 -46.63
CA ILE H 57 -32.63 21.02 -45.80
C ILE H 57 -34.05 20.47 -45.83
N ALA H 58 -34.16 19.17 -46.12
CA ALA H 58 -35.46 18.52 -46.15
C ALA H 58 -35.83 18.00 -44.76
N MET H 59 -37.06 18.29 -44.34
CA MET H 59 -37.57 17.83 -43.06
C MET H 59 -38.18 16.44 -43.13
N ASP H 60 -38.34 15.90 -44.34
CA ASP H 60 -38.81 14.55 -44.55
C ASP H 60 -37.87 13.85 -45.52
N GLY H 61 -38.12 12.56 -45.74
CA GLY H 61 -37.34 11.79 -46.68
C GLY H 61 -37.45 12.33 -48.10
N THR H 62 -36.35 12.32 -48.84
CA THR H 62 -36.31 12.84 -50.19
C THR H 62 -36.59 11.76 -51.24
N GLU H 63 -37.35 10.73 -50.89
CA GLU H 63 -37.67 9.67 -51.84
C GLU H 63 -38.48 10.20 -53.02
N GLY H 64 -38.13 9.75 -54.21
CA GLY H 64 -38.90 10.09 -55.40
C GLY H 64 -38.76 11.53 -55.85
N LEU H 65 -37.65 12.18 -55.55
CA LEU H 65 -37.42 13.57 -55.93
C LEU H 65 -36.75 13.60 -57.30
N VAL H 66 -37.46 14.12 -58.29
CA VAL H 66 -36.93 14.27 -59.65
C VAL H 66 -36.43 15.69 -59.81
N ARG H 67 -35.27 15.84 -60.46
CA ARG H 67 -34.73 17.16 -60.75
C ARG H 67 -35.71 17.93 -61.62
N GLY H 68 -35.97 19.19 -61.26
CA GLY H 68 -36.85 20.02 -62.04
C GLY H 68 -38.30 20.03 -61.56
N GLU H 69 -38.55 19.46 -60.38
CA GLU H 69 -39.88 19.48 -59.80
C GLU H 69 -40.24 20.88 -59.31
N LYS H 70 -41.53 21.18 -59.33
CA LYS H 70 -42.01 22.49 -58.91
C LYS H 70 -41.88 22.65 -57.41
N VAL H 71 -41.37 23.80 -56.97
CA VAL H 71 -41.25 24.12 -55.56
C VAL H 71 -42.07 25.37 -55.27
N LEU H 72 -42.51 25.49 -54.03
CA LEU H 72 -43.35 26.62 -53.60
C LEU H 72 -42.78 27.20 -52.31
N ASP H 73 -42.73 28.53 -52.24
CA ASP H 73 -42.22 29.19 -51.04
C ASP H 73 -43.35 29.50 -50.07
N THR H 74 -43.18 29.09 -48.82
CA THR H 74 -44.19 29.39 -47.80
C THR H 74 -44.23 30.89 -47.50
N GLY H 75 -43.06 31.52 -47.41
CA GLY H 75 -43.00 32.94 -47.15
C GLY H 75 -42.41 33.28 -45.80
N GLY H 76 -42.08 32.25 -45.01
CA GLY H 76 -41.52 32.45 -43.70
C GLY H 76 -40.95 31.17 -43.12
N PRO H 77 -40.45 31.24 -41.89
CA PRO H 77 -39.95 30.03 -41.23
C PRO H 77 -41.07 29.04 -40.98
N ILE H 78 -40.69 27.84 -40.57
CA ILE H 78 -41.66 26.78 -40.26
C ILE H 78 -42.60 27.28 -39.18
N SER H 79 -43.90 27.15 -39.43
CA SER H 79 -44.92 27.62 -38.49
C SER H 79 -45.59 26.42 -37.82
N VAL H 80 -45.74 26.50 -36.50
CA VAL H 80 -46.36 25.42 -35.74
C VAL H 80 -47.50 25.97 -34.90
N PRO H 81 -48.53 25.18 -34.64
CA PRO H 81 -49.61 25.61 -33.74
C PRO H 81 -49.08 25.89 -32.34
N VAL H 82 -49.61 26.93 -31.71
CA VAL H 82 -49.25 27.28 -30.33
C VAL H 82 -50.52 27.66 -29.58
N GLY H 83 -50.61 27.19 -28.34
CA GLY H 83 -51.73 27.50 -27.47
C GLY H 83 -52.09 26.34 -26.57
N ARG H 84 -53.03 26.58 -25.67
CA ARG H 84 -53.48 25.57 -24.73
C ARG H 84 -54.14 24.38 -25.41
N GLU H 85 -54.67 24.57 -26.61
CA GLU H 85 -55.25 23.46 -27.37
C GLU H 85 -54.20 22.40 -27.69
N THR H 86 -52.92 22.78 -27.78
CA THR H 86 -51.88 21.80 -28.08
C THR H 86 -51.69 20.83 -26.94
N LEU H 87 -52.09 21.20 -25.72
CA LEU H 87 -52.00 20.30 -24.59
C LEU H 87 -52.87 19.06 -24.83
N GLY H 88 -52.27 17.88 -24.75
CA GLY H 88 -52.95 16.63 -25.04
C GLY H 88 -52.90 16.22 -26.49
N ARG H 89 -52.31 17.04 -27.35
CA ARG H 89 -52.17 16.72 -28.78
C ARG H 89 -50.71 16.43 -29.06
N ILE H 90 -50.45 15.30 -29.71
CA ILE H 90 -49.09 14.94 -30.08
C ILE H 90 -48.81 15.48 -31.47
N ILE H 91 -47.80 16.33 -31.60
CA ILE H 91 -47.49 17.01 -32.85
C ILE H 91 -46.14 16.54 -33.36
N ASN H 92 -45.70 17.09 -34.50
CA ASN H 92 -44.46 16.67 -35.12
C ASN H 92 -43.51 17.84 -35.34
N VAL H 93 -42.44 17.61 -36.09
CA VAL H 93 -41.47 18.66 -36.38
C VAL H 93 -42.08 19.81 -37.16
N ILE H 94 -43.13 19.56 -37.96
CA ILE H 94 -43.78 20.60 -38.72
C ILE H 94 -45.02 21.16 -38.01
N GLY H 95 -45.67 20.37 -37.17
CA GLY H 95 -46.84 20.82 -36.43
C GLY H 95 -48.12 20.07 -36.73
N GLU H 96 -48.13 19.15 -37.69
CA GLU H 96 -49.34 18.39 -37.96
C GLU H 96 -49.64 17.46 -36.79
N PRO H 97 -50.89 17.39 -36.34
CA PRO H 97 -51.22 16.46 -35.24
C PRO H 97 -51.07 15.01 -35.64
N ILE H 98 -50.11 14.31 -35.04
CA ILE H 98 -49.87 12.91 -35.33
C ILE H 98 -50.62 12.00 -34.34
N ASP H 99 -51.49 12.58 -33.52
CA ASP H 99 -52.33 11.80 -32.61
C ASP H 99 -53.68 11.44 -33.20
N GLU H 100 -53.92 11.79 -34.47
CA GLU H 100 -55.15 11.49 -35.21
C GLU H 100 -56.41 11.81 -34.39
N ARG H 101 -56.29 12.79 -33.50
CA ARG H 101 -57.41 13.24 -32.70
C ARG H 101 -58.12 14.43 -33.33
N GLY H 102 -58.11 14.53 -34.65
CA GLY H 102 -58.71 15.64 -35.35
C GLY H 102 -57.70 16.71 -35.66
N PRO H 103 -58.11 17.70 -36.46
CA PRO H 103 -57.20 18.83 -36.76
C PRO H 103 -56.97 19.68 -35.51
N ILE H 104 -55.80 20.32 -35.45
CA ILE H 104 -55.53 21.22 -34.35
C ILE H 104 -56.21 22.55 -34.61
N LYS H 105 -56.87 23.09 -33.59
CA LYS H 105 -57.65 24.32 -33.69
C LYS H 105 -56.93 25.51 -33.10
N SER H 106 -55.61 25.59 -33.31
CA SER H 106 -54.80 26.65 -32.72
C SER H 106 -55.24 28.03 -33.21
N LYS H 107 -55.13 29.00 -32.31
CA LYS H 107 -55.45 30.38 -32.62
C LYS H 107 -54.26 31.18 -33.13
N LEU H 108 -53.05 30.88 -32.64
CA LEU H 108 -51.84 31.55 -33.08
C LEU H 108 -50.88 30.54 -33.70
N ARG H 109 -50.01 31.04 -34.57
CA ARG H 109 -48.96 30.21 -35.17
C ARG H 109 -47.67 31.01 -35.08
N LYS H 110 -46.62 30.40 -34.50
CA LYS H 110 -45.42 31.20 -34.34
C LYS H 110 -44.24 30.60 -35.09
N PRO H 111 -43.30 31.43 -35.53
CA PRO H 111 -42.10 30.91 -36.20
C PRO H 111 -41.25 30.08 -35.25
N ILE H 112 -40.55 29.09 -35.82
CA ILE H 112 -39.68 28.22 -35.04
C ILE H 112 -38.44 28.92 -34.54
N HIS H 113 -37.84 29.79 -35.34
CA HIS H 113 -36.54 30.39 -35.04
C HIS H 113 -36.78 31.77 -34.41
N ALA H 114 -36.39 31.90 -33.14
CA ALA H 114 -36.52 33.14 -32.39
C ALA H 114 -35.13 33.59 -31.94
N ASP H 115 -35.11 34.60 -31.07
CA ASP H 115 -33.85 35.16 -30.58
C ASP H 115 -33.82 35.14 -29.05
N PRO H 116 -32.63 35.09 -28.45
CA PRO H 116 -32.54 35.10 -26.99
C PRO H 116 -33.11 36.37 -26.41
N PRO H 117 -33.69 36.31 -25.20
CA PRO H 117 -34.39 37.47 -24.65
C PRO H 117 -33.49 38.52 -24.04
N SER H 118 -32.40 38.87 -24.73
CA SER H 118 -31.51 39.96 -24.35
C SER H 118 -31.09 39.91 -22.88
N PHE H 119 -31.00 41.07 -22.23
CA PHE H 119 -30.69 41.16 -20.81
C PHE H 119 -31.93 41.38 -19.95
N ALA H 120 -33.10 40.97 -20.43
CA ALA H 120 -34.28 40.90 -19.57
C ALA H 120 -34.29 39.61 -18.77
N GLU H 121 -33.18 39.35 -18.07
CA GLU H 121 -32.92 38.09 -17.40
C GLU H 121 -32.87 38.32 -15.91
N GLN H 122 -33.73 37.63 -15.17
CA GLN H 122 -33.61 37.58 -13.72
C GLN H 122 -32.71 36.43 -13.32
N SER H 123 -32.24 36.46 -12.08
CA SER H 123 -31.42 35.40 -11.54
C SER H 123 -31.90 35.06 -10.13
N THR H 124 -32.84 34.13 -10.04
CA THR H 124 -33.36 33.65 -8.77
C THR H 124 -32.78 32.25 -8.54
N SER H 125 -31.54 32.20 -8.07
CA SER H 125 -30.88 30.92 -7.78
C SER H 125 -30.98 30.62 -6.29
N ALA H 126 -32.23 30.46 -5.84
CA ALA H 126 -32.49 30.16 -4.44
C ALA H 126 -33.63 29.18 -4.25
N GLU H 127 -34.18 28.61 -5.31
CA GLU H 127 -35.35 27.74 -5.25
C GLU H 127 -34.89 26.29 -5.43
N ILE H 128 -34.60 25.63 -4.31
CA ILE H 128 -34.20 24.23 -4.35
C ILE H 128 -35.44 23.38 -4.60
N LEU H 129 -35.52 22.79 -5.80
CA LEU H 129 -36.66 21.95 -6.14
C LEU H 129 -36.52 20.59 -5.47
N GLU H 130 -37.51 20.25 -4.64
CA GLU H 130 -37.49 18.97 -3.93
C GLU H 130 -37.76 17.84 -4.93
N THR H 131 -36.72 17.06 -5.22
CA THR H 131 -36.85 15.96 -6.17
C THR H 131 -37.29 14.66 -5.51
N GLY H 132 -36.76 14.35 -4.34
CA GLY H 132 -37.09 13.10 -3.67
C GLY H 132 -35.94 12.11 -3.70
N ILE H 133 -35.11 12.19 -4.74
CA ILE H 133 -33.96 11.29 -4.84
C ILE H 133 -32.89 11.74 -3.87
N LYS H 134 -32.37 10.80 -3.08
CA LYS H 134 -31.46 11.15 -2.00
C LYS H 134 -30.16 11.76 -2.53
N VAL H 135 -29.57 11.15 -3.56
CA VAL H 135 -28.25 11.56 -4.01
C VAL H 135 -28.27 12.97 -4.59
N VAL H 136 -29.29 13.29 -5.39
CA VAL H 136 -29.31 14.56 -6.09
C VAL H 136 -29.61 15.71 -5.12
N ASP H 137 -30.48 15.46 -4.14
CA ASP H 137 -30.86 16.52 -3.21
C ASP H 137 -29.68 16.99 -2.38
N LEU H 138 -28.77 16.07 -2.06
CA LEU H 138 -27.62 16.40 -1.22
C LEU H 138 -26.51 17.12 -2.00
N LEU H 139 -25.96 16.46 -3.02
CA LEU H 139 -24.73 16.91 -3.65
C LEU H 139 -24.96 17.82 -4.85
N ALA H 140 -26.16 17.86 -5.40
CA ALA H 140 -26.41 18.71 -6.56
C ALA H 140 -27.89 19.08 -6.63
N PRO H 141 -28.36 19.98 -5.77
CA PRO H 141 -29.79 20.33 -5.76
C PRO H 141 -30.24 20.90 -7.10
N TYR H 142 -31.44 20.52 -7.50
CA TYR H 142 -32.00 21.01 -8.76
C TYR H 142 -32.75 22.32 -8.53
N ALA H 143 -32.38 23.33 -9.31
CA ALA H 143 -33.03 24.63 -9.23
C ALA H 143 -34.35 24.61 -9.99
N ARG H 144 -35.32 25.39 -9.48
CA ARG H 144 -36.61 25.50 -10.12
C ARG H 144 -36.57 26.36 -11.37
N GLY H 145 -35.52 27.17 -11.53
CA GLY H 145 -35.37 27.99 -12.72
C GLY H 145 -34.07 27.73 -13.45
N GLY H 146 -33.64 26.48 -13.48
CA GLY H 146 -32.37 26.13 -14.08
C GLY H 146 -32.45 25.10 -15.19
N LYS H 147 -31.31 24.55 -15.57
CA LYS H 147 -31.21 23.57 -16.63
C LYS H 147 -30.46 22.35 -16.13
N ILE H 148 -31.05 21.16 -16.30
CA ILE H 148 -30.66 19.96 -15.56
C ILE H 148 -29.87 19.03 -16.47
N GLY H 149 -28.79 18.47 -15.96
CA GLY H 149 -27.82 17.78 -16.80
C GLY H 149 -28.22 16.45 -17.39
N LEU H 150 -28.31 15.39 -16.58
CA LEU H 150 -28.59 14.04 -17.05
C LEU H 150 -27.66 13.62 -18.20
N PHE H 151 -26.40 13.37 -17.85
CA PHE H 151 -25.46 12.79 -18.79
C PHE H 151 -25.40 11.28 -18.58
N GLY H 152 -24.68 10.60 -19.46
CA GLY H 152 -24.51 9.15 -19.35
C GLY H 152 -24.53 8.44 -20.68
N GLY H 153 -23.96 7.25 -20.71
CA GLY H 153 -23.84 6.46 -21.92
C GLY H 153 -25.07 5.61 -22.18
N ALA H 154 -24.89 4.59 -23.02
CA ALA H 154 -25.99 3.70 -23.37
C ALA H 154 -26.36 2.80 -22.20
N GLY H 155 -27.65 2.72 -21.92
CA GLY H 155 -28.15 1.84 -20.88
C GLY H 155 -27.67 2.19 -19.48
N VAL H 156 -27.48 3.47 -19.20
CA VAL H 156 -27.11 3.90 -17.87
C VAL H 156 -28.32 4.34 -17.05
N GLY H 157 -29.50 4.44 -17.65
CA GLY H 157 -30.70 4.74 -16.90
C GLY H 157 -31.07 6.21 -16.87
N LYS H 158 -30.66 6.98 -17.87
CA LYS H 158 -31.02 8.39 -17.89
C LYS H 158 -32.52 8.58 -18.14
N THR H 159 -33.11 7.77 -19.02
CA THR H 159 -34.55 7.89 -19.27
C THR H 159 -35.37 7.50 -18.05
N VAL H 160 -34.91 6.50 -17.29
CA VAL H 160 -35.60 6.14 -16.05
C VAL H 160 -35.55 7.30 -15.06
N PHE H 161 -34.42 8.00 -15.00
CA PHE H 161 -34.31 9.16 -14.12
C PHE H 161 -35.27 10.25 -14.55
N ILE H 162 -35.42 10.44 -15.87
CA ILE H 162 -36.40 11.40 -16.40
C ILE H 162 -37.82 11.00 -16.02
N GLN H 163 -38.13 9.71 -16.11
CA GLN H 163 -39.47 9.25 -15.72
C GLN H 163 -39.70 9.45 -14.23
N GLU H 164 -38.68 9.22 -13.41
CA GLU H 164 -38.82 9.49 -11.98
C GLU H 164 -39.09 10.97 -11.72
N LEU H 165 -38.39 11.85 -12.43
CA LEU H 165 -38.61 13.28 -12.26
C LEU H 165 -40.01 13.68 -12.71
N ILE H 166 -40.46 13.17 -13.86
CA ILE H 166 -41.80 13.48 -14.33
C ILE H 166 -42.86 12.92 -13.39
N ASN H 167 -42.54 11.85 -12.67
CA ASN H 167 -43.44 11.31 -11.66
C ASN H 167 -43.49 12.15 -10.40
N ASN H 168 -42.35 12.68 -9.96
CA ASN H 168 -42.28 13.39 -8.68
C ASN H 168 -42.49 14.89 -8.79
N ILE H 169 -42.22 15.50 -9.95
CA ILE H 169 -42.27 16.94 -10.07
C ILE H 169 -43.51 17.41 -10.82
N ALA H 170 -43.79 16.78 -11.96
CA ALA H 170 -44.87 17.25 -12.82
C ALA H 170 -46.23 17.14 -12.12
N LYS H 171 -46.45 16.05 -11.39
CA LYS H 171 -47.74 15.85 -10.73
C LYS H 171 -48.05 16.95 -9.73
N ALA H 172 -47.11 17.20 -8.82
CA ALA H 172 -47.31 18.21 -7.78
C ALA H 172 -46.66 19.54 -8.15
N HIS H 173 -47.14 20.18 -9.21
CA HIS H 173 -46.61 21.47 -9.62
C HIS H 173 -47.69 22.26 -10.36
N GLY H 174 -47.75 23.56 -10.10
CA GLY H 174 -48.66 24.43 -10.81
C GLY H 174 -48.00 25.11 -12.00
N GLY H 175 -48.22 24.56 -13.19
CA GLY H 175 -47.62 25.12 -14.38
C GLY H 175 -47.48 24.05 -15.45
N PHE H 176 -47.64 24.50 -16.69
CA PHE H 176 -47.62 23.61 -17.84
C PHE H 176 -46.22 23.02 -18.04
N SER H 177 -46.18 21.90 -18.75
CA SER H 177 -44.93 21.20 -19.03
C SER H 177 -44.93 20.75 -20.47
N VAL H 178 -43.76 20.69 -21.09
CA VAL H 178 -43.60 20.31 -22.48
C VAL H 178 -42.51 19.25 -22.58
N PHE H 179 -42.82 18.14 -23.27
CA PHE H 179 -41.85 17.09 -23.54
C PHE H 179 -41.58 17.08 -25.04
N THR H 180 -40.33 17.33 -25.43
CA THR H 180 -40.00 17.41 -26.86
C THR H 180 -39.61 16.03 -27.38
N GLY H 181 -38.72 15.35 -26.69
CA GLY H 181 -38.38 13.98 -27.08
C GLY H 181 -37.64 13.91 -28.40
N VAL H 182 -36.38 14.34 -28.42
CA VAL H 182 -35.58 14.40 -29.63
C VAL H 182 -34.87 13.06 -29.82
N GLY H 183 -35.27 12.33 -30.85
CA GLY H 183 -34.49 11.18 -31.30
C GLY H 183 -34.38 10.04 -30.33
N GLU H 184 -35.50 9.63 -29.73
CA GLU H 184 -35.50 8.44 -28.89
C GLU H 184 -36.33 7.36 -29.56
N ARG H 185 -36.40 6.18 -28.95
CA ARG H 185 -37.17 5.07 -29.47
C ARG H 185 -38.66 5.38 -29.38
N THR H 186 -39.39 5.05 -30.44
CA THR H 186 -40.84 5.26 -30.44
C THR H 186 -41.52 4.44 -29.35
N ARG H 187 -40.90 3.31 -28.96
CA ARG H 187 -41.45 2.51 -27.87
C ARG H 187 -41.47 3.31 -26.57
N GLU H 188 -40.38 4.01 -26.27
CA GLU H 188 -40.32 4.83 -25.06
C GLU H 188 -41.39 5.92 -25.08
N GLY H 189 -41.55 6.57 -26.22
CA GLY H 189 -42.58 7.58 -26.38
C GLY H 189 -43.96 7.03 -26.17
N ASN H 190 -44.20 5.81 -26.69
CA ASN H 190 -45.52 5.20 -26.52
C ASN H 190 -45.79 4.86 -25.06
N ASP H 191 -44.80 4.30 -24.36
CA ASP H 191 -44.96 4.03 -22.94
C ASP H 191 -45.22 5.31 -22.16
N LEU H 192 -44.48 6.37 -22.47
CA LEU H 192 -44.62 7.64 -21.77
C LEU H 192 -46.00 8.25 -22.01
N TYR H 193 -46.47 8.21 -23.26
CA TYR H 193 -47.82 8.65 -23.60
C TYR H 193 -48.87 7.87 -22.80
N ARG H 194 -48.78 6.54 -22.84
CA ARG H 194 -49.73 5.73 -22.09
C ARG H 194 -49.73 6.11 -20.62
N GLU H 195 -48.54 6.12 -20.01
CA GLU H 195 -48.45 6.35 -18.58
C GLU H 195 -49.04 7.70 -18.18
N MET H 196 -48.80 8.74 -19.00
CA MET H 196 -49.45 10.01 -18.67
C MET H 196 -50.97 9.91 -18.85
N LYS H 197 -51.42 9.03 -19.74
CA LYS H 197 -52.87 8.85 -19.89
C LYS H 197 -53.48 8.21 -18.64
N GLU H 198 -52.90 7.10 -18.16
CA GLU H 198 -53.48 6.45 -16.99
C GLU H 198 -53.33 7.31 -15.73
N THR H 199 -52.19 7.98 -15.59
CA THR H 199 -51.97 8.79 -14.38
C THR H 199 -53.00 9.91 -14.27
N GLY H 200 -53.36 10.52 -15.40
CA GLY H 200 -54.36 11.56 -15.40
C GLY H 200 -53.81 12.92 -15.77
N VAL H 201 -52.50 12.98 -16.03
CA VAL H 201 -51.88 14.23 -16.43
C VAL H 201 -52.46 14.74 -17.73
N ILE H 202 -52.73 13.85 -18.68
CA ILE H 202 -53.43 14.19 -19.92
C ILE H 202 -54.69 13.33 -19.99
N ASN H 203 -55.84 13.98 -20.16
CA ASN H 203 -57.10 13.29 -20.34
C ASN H 203 -57.62 13.64 -21.73
N LEU H 204 -58.02 12.61 -22.48
CA LEU H 204 -58.52 12.82 -23.84
C LEU H 204 -59.77 13.70 -23.86
N GLU H 205 -60.50 13.76 -22.76
CA GLU H 205 -61.69 14.60 -22.63
C GLU H 205 -61.62 15.43 -21.36
N GLY H 206 -60.43 15.96 -21.07
CA GLY H 206 -60.22 16.74 -19.87
C GLY H 206 -59.38 17.98 -20.08
N GLU H 207 -58.48 18.26 -19.14
CA GLU H 207 -57.65 19.47 -19.21
C GLU H 207 -56.34 19.22 -19.93
N SER H 208 -55.55 18.25 -19.44
CA SER H 208 -54.22 17.94 -19.95
C SER H 208 -53.23 19.06 -19.66
N LYS H 209 -52.08 18.72 -19.08
CA LYS H 209 -51.10 19.70 -18.65
C LYS H 209 -49.78 19.58 -19.39
N VAL H 210 -49.69 18.72 -20.41
CA VAL H 210 -48.46 18.48 -21.15
C VAL H 210 -48.76 18.64 -22.63
N ALA H 211 -47.89 19.37 -23.32
CA ALA H 211 -47.92 19.45 -24.79
C ALA H 211 -46.85 18.49 -25.29
N LEU H 212 -47.28 17.49 -26.06
CA LEU H 212 -46.39 16.40 -26.47
C LEU H 212 -45.85 16.67 -27.86
N VAL H 213 -44.56 16.97 -27.93
CA VAL H 213 -43.84 17.02 -29.19
C VAL H 213 -43.06 15.72 -29.31
N PHE H 214 -42.80 15.29 -30.54
CA PHE H 214 -42.11 14.02 -30.75
C PHE H 214 -41.33 14.03 -32.04
N GLY H 215 -40.03 13.87 -31.94
CA GLY H 215 -39.19 13.55 -33.09
C GLY H 215 -38.24 12.42 -32.73
N GLN H 216 -38.41 11.28 -33.38
CA GLN H 216 -37.65 10.08 -33.06
C GLN H 216 -36.45 9.99 -34.00
N MET H 217 -35.76 8.85 -33.98
CA MET H 217 -34.72 8.62 -34.97
C MET H 217 -35.27 8.18 -36.32
N ASN H 218 -36.58 7.92 -36.44
CA ASN H 218 -37.12 7.60 -37.75
C ASN H 218 -37.17 8.83 -38.65
N GLU H 219 -37.22 10.02 -38.07
CA GLU H 219 -37.19 11.23 -38.86
C GLU H 219 -35.81 11.40 -39.49
N PRO H 220 -35.71 12.03 -40.65
CA PRO H 220 -34.40 12.35 -41.23
C PRO H 220 -33.68 13.36 -40.35
N PRO H 221 -32.37 13.57 -40.60
CA PRO H 221 -31.58 14.45 -39.72
C PRO H 221 -32.17 15.84 -39.52
N GLY H 222 -32.73 16.42 -40.59
CA GLY H 222 -33.28 17.77 -40.47
C GLY H 222 -34.41 17.86 -39.46
N ALA H 223 -35.35 16.91 -39.51
CA ALA H 223 -36.43 16.89 -38.54
C ALA H 223 -35.91 16.65 -37.13
N ARG H 224 -34.93 15.75 -36.99
CA ARG H 224 -34.34 15.50 -35.68
C ARG H 224 -33.58 16.71 -35.13
N ALA H 225 -33.15 17.62 -36.01
CA ALA H 225 -32.46 18.83 -35.59
C ALA H 225 -33.41 20.01 -35.42
N ARG H 226 -34.63 19.90 -35.94
CA ARG H 226 -35.58 21.01 -35.83
C ARG H 226 -36.64 20.78 -34.76
N VAL H 227 -36.89 19.52 -34.39
CA VAL H 227 -37.95 19.20 -33.46
C VAL H 227 -37.69 19.80 -32.08
N ALA H 228 -36.42 19.89 -31.67
CA ALA H 228 -36.10 20.53 -30.40
C ALA H 228 -36.52 21.99 -30.40
N LEU H 229 -36.24 22.70 -31.49
CA LEU H 229 -36.68 24.08 -31.61
C LEU H 229 -38.19 24.19 -31.65
N THR H 230 -38.86 23.22 -32.29
CA THR H 230 -40.32 23.23 -32.31
C THR H 230 -40.90 23.12 -30.90
N GLY H 231 -40.37 22.20 -30.09
CA GLY H 231 -40.83 22.11 -28.72
C GLY H 231 -40.49 23.35 -27.91
N LEU H 232 -39.30 23.90 -28.15
CA LEU H 232 -38.91 25.13 -27.46
C LEU H 232 -39.85 26.27 -27.79
N THR H 233 -40.36 26.30 -29.01
CA THR H 233 -41.33 27.34 -29.40
C THR H 233 -42.61 27.23 -28.58
N ILE H 234 -43.09 26.01 -28.36
CA ILE H 234 -44.26 25.80 -27.51
C ILE H 234 -43.97 26.27 -26.10
N ALA H 235 -42.79 25.92 -25.58
CA ALA H 235 -42.42 26.35 -24.24
C ALA H 235 -42.41 27.88 -24.14
N GLU H 236 -41.87 28.54 -25.17
CA GLU H 236 -41.80 29.99 -25.16
C GLU H 236 -43.19 30.62 -25.24
N TYR H 237 -44.09 30.03 -26.03
CA TYR H 237 -45.43 30.58 -26.10
C TYR H 237 -46.13 30.45 -24.75
N PHE H 238 -45.95 29.32 -24.05
CA PHE H 238 -46.59 29.15 -22.76
C PHE H 238 -45.96 30.05 -21.68
N ARG H 239 -44.66 30.31 -21.76
CA ARG H 239 -44.06 31.22 -20.80
C ARG H 239 -44.46 32.67 -21.04
N ASP H 240 -44.58 33.11 -22.30
CA ASP H 240 -44.88 34.52 -22.54
C ASP H 240 -46.37 34.82 -22.53
N GLU H 241 -47.12 34.24 -23.46
CA GLU H 241 -48.54 34.58 -23.59
C GLU H 241 -49.35 34.19 -22.37
N GLU H 242 -49.04 33.03 -21.78
CA GLU H 242 -49.80 32.56 -20.63
C GLU H 242 -49.21 32.98 -19.30
N GLY H 243 -47.93 33.32 -19.26
CA GLY H 243 -47.29 33.73 -18.01
C GLY H 243 -47.28 32.65 -16.96
N GLN H 244 -46.99 31.42 -17.37
CA GLN H 244 -46.98 30.27 -16.47
C GLN H 244 -45.56 29.75 -16.31
N ASP H 245 -45.37 28.92 -15.28
CA ASP H 245 -44.08 28.27 -15.04
C ASP H 245 -44.04 26.99 -15.87
N VAL H 246 -43.22 27.04 -16.92
CA VAL H 246 -43.14 25.90 -17.84
C VAL H 246 -42.02 24.95 -17.41
N LEU H 247 -42.15 23.69 -17.83
CA LEU H 247 -41.34 22.58 -17.33
C LEU H 247 -40.82 21.76 -18.51
N LEU H 248 -40.19 22.44 -19.48
CA LEU H 248 -39.68 21.80 -20.68
C LEU H 248 -38.89 20.52 -20.41
N PHE H 249 -39.19 19.48 -21.17
CA PHE H 249 -38.48 18.19 -21.06
C PHE H 249 -38.04 17.81 -22.46
N ILE H 250 -36.82 17.27 -22.58
CA ILE H 250 -36.36 16.62 -23.80
C ILE H 250 -35.99 15.19 -23.43
N ASP H 251 -35.62 14.40 -24.43
CA ASP H 251 -35.04 13.10 -24.15
C ASP H 251 -33.55 13.03 -24.44
N ASN H 252 -33.07 13.75 -25.45
CA ASN H 252 -31.64 13.70 -25.80
C ASN H 252 -31.32 14.93 -26.64
N ILE H 253 -30.43 15.78 -26.11
CA ILE H 253 -29.96 16.93 -26.88
C ILE H 253 -28.77 16.58 -27.77
N PHE H 254 -28.08 15.47 -27.47
CA PHE H 254 -26.94 15.08 -28.29
C PHE H 254 -27.38 14.72 -29.70
N ARG H 255 -28.61 14.24 -29.87
CA ARG H 255 -29.12 13.92 -31.19
C ARG H 255 -29.21 15.15 -32.08
N PHE H 256 -29.47 16.32 -31.48
CA PHE H 256 -29.50 17.56 -32.25
C PHE H 256 -28.15 17.85 -32.89
N THR H 257 -27.08 17.81 -32.09
CA THR H 257 -25.74 18.03 -32.64
C THR H 257 -25.35 16.91 -33.59
N GLN H 258 -25.80 15.69 -33.32
CA GLN H 258 -25.51 14.58 -34.23
C GLN H 258 -26.14 14.81 -35.60
N ALA H 259 -27.40 15.26 -35.63
CA ALA H 259 -28.05 15.57 -36.91
C ALA H 259 -27.40 16.78 -37.58
N GLY H 260 -26.96 17.77 -36.80
CA GLY H 260 -26.20 18.86 -37.37
C GLY H 260 -24.94 18.38 -38.05
N SER H 261 -24.21 17.46 -37.42
CA SER H 261 -23.05 16.84 -38.06
C SER H 261 -23.44 16.04 -39.30
N GLU H 262 -24.58 15.35 -39.25
CA GLU H 262 -25.09 14.65 -40.42
C GLU H 262 -25.24 15.58 -41.61
N VAL H 263 -25.89 16.73 -41.40
CA VAL H 263 -26.19 17.61 -42.53
C VAL H 263 -24.97 18.44 -42.91
N SER H 264 -24.02 18.62 -41.99
CA SER H 264 -22.85 19.46 -42.26
C SER H 264 -21.99 18.90 -43.37
N ALA H 265 -21.77 17.58 -43.36
CA ALA H 265 -20.87 16.96 -44.33
C ALA H 265 -21.34 17.21 -45.76
N LEU H 266 -22.64 16.99 -46.02
CA LEU H 266 -23.18 17.24 -47.34
C LEU H 266 -23.46 18.71 -47.58
N LEU H 267 -23.50 19.53 -46.53
CA LEU H 267 -23.73 20.96 -46.71
C LEU H 267 -22.51 21.63 -47.34
N GLY H 268 -21.34 21.03 -47.20
CA GLY H 268 -20.14 21.54 -47.84
C GLY H 268 -19.26 22.39 -46.94
N ARG H 269 -18.96 21.90 -45.75
CA ARG H 269 -18.09 22.60 -44.82
C ARG H 269 -16.94 21.70 -44.41
N ILE H 270 -15.80 22.31 -44.09
CA ILE H 270 -14.63 21.55 -43.66
C ILE H 270 -14.93 20.87 -42.33
N PRO H 271 -14.68 19.57 -42.19
CA PRO H 271 -14.99 18.89 -40.93
C PRO H 271 -14.21 19.47 -39.77
N SER H 272 -14.84 19.50 -38.61
CA SER H 272 -14.24 19.96 -37.37
C SER H 272 -13.61 18.77 -36.65
N ALA H 273 -13.27 18.96 -35.36
CA ALA H 273 -12.66 17.88 -34.59
C ALA H 273 -13.56 16.67 -34.53
N VAL H 274 -12.94 15.48 -34.56
CA VAL H 274 -13.58 14.16 -34.60
C VAL H 274 -14.85 14.17 -35.44
N GLY H 275 -14.80 14.83 -36.59
CA GLY H 275 -15.88 14.81 -37.55
C GLY H 275 -17.18 15.42 -37.08
N TYR H 276 -17.11 16.56 -36.42
CA TYR H 276 -18.29 17.31 -36.03
C TYR H 276 -18.47 18.53 -36.94
N GLN H 277 -19.62 19.17 -36.82
CA GLN H 277 -19.85 20.39 -37.59
C GLN H 277 -19.02 21.54 -37.02
N PRO H 278 -18.53 22.43 -37.88
CA PRO H 278 -17.84 23.62 -37.35
C PRO H 278 -18.73 24.49 -36.49
N THR H 279 -20.02 24.56 -36.81
CA THR H 279 -20.97 25.38 -36.05
C THR H 279 -21.65 24.55 -34.97
N LEU H 280 -20.83 23.98 -34.10
CA LEU H 280 -21.34 23.21 -32.97
C LEU H 280 -21.69 24.11 -31.79
N ALA H 281 -20.72 24.86 -31.29
CA ALA H 281 -20.96 25.73 -30.15
C ALA H 281 -21.99 26.80 -30.46
N THR H 282 -21.89 27.41 -31.65
CA THR H 282 -22.81 28.49 -32.00
C THR H 282 -24.25 28.00 -32.07
N ASP H 283 -24.49 26.92 -32.82
CA ASP H 283 -25.85 26.41 -32.95
C ASP H 283 -26.38 25.89 -31.63
N MET H 284 -25.54 25.19 -30.86
CA MET H 284 -26.01 24.64 -29.59
C MET H 284 -26.33 25.76 -28.59
N GLY H 285 -25.54 26.84 -28.61
CA GLY H 285 -25.83 28.00 -27.80
C GLY H 285 -27.10 28.70 -28.23
N LEU H 286 -27.33 28.81 -29.54
CA LEU H 286 -28.58 29.37 -30.03
C LEU H 286 -29.77 28.56 -29.53
N LEU H 287 -29.64 27.22 -29.56
CA LEU H 287 -30.72 26.37 -29.09
C LEU H 287 -30.94 26.50 -27.59
N GLN H 288 -29.86 26.58 -26.81
CA GLN H 288 -29.96 26.51 -25.35
C GLN H 288 -29.94 27.87 -24.68
N GLU H 289 -29.97 28.96 -25.44
CA GLU H 289 -30.06 30.28 -24.82
C GLU H 289 -31.49 30.79 -24.84
N ARG H 290 -32.27 30.37 -25.84
CA ARG H 290 -33.68 30.70 -25.86
C ARG H 290 -34.39 30.10 -24.64
N ILE H 291 -33.91 28.96 -24.16
CA ILE H 291 -34.44 28.37 -22.94
C ILE H 291 -33.78 29.08 -21.74
N THR H 292 -34.55 29.98 -21.11
CA THR H 292 -34.00 30.79 -20.03
C THR H 292 -35.16 31.30 -19.16
N THR H 293 -34.79 31.79 -17.98
CA THR H 293 -35.79 32.10 -16.96
C THR H 293 -36.72 33.22 -17.38
N THR H 294 -36.23 34.19 -18.16
CA THR H 294 -37.14 35.07 -18.89
C THR H 294 -38.08 35.88 -17.99
N LYS H 295 -37.60 37.02 -17.48
CA LYS H 295 -38.22 37.82 -16.41
C LYS H 295 -39.73 37.68 -16.31
N LYS H 296 -40.47 37.84 -17.41
CA LYS H 296 -41.91 37.59 -17.35
C LYS H 296 -42.13 36.09 -17.49
N GLY H 297 -42.00 35.38 -16.38
CA GLY H 297 -42.14 33.95 -16.34
C GLY H 297 -40.91 33.25 -15.79
N SER H 298 -40.92 31.93 -15.89
CA SER H 298 -39.81 31.10 -15.45
C SER H 298 -39.93 29.73 -16.10
N VAL H 299 -38.78 29.06 -16.26
CA VAL H 299 -38.72 27.75 -16.88
C VAL H 299 -37.74 26.87 -16.12
N THR H 300 -38.09 25.60 -15.96
CA THR H 300 -37.13 24.56 -15.63
C THR H 300 -37.07 23.58 -16.80
N SER H 301 -35.85 23.21 -17.19
CA SER H 301 -35.62 22.35 -18.36
C SER H 301 -34.69 21.22 -17.92
N VAL H 302 -35.23 20.00 -17.87
CA VAL H 302 -34.44 18.83 -17.54
C VAL H 302 -33.82 18.29 -18.81
N GLN H 303 -32.60 18.73 -19.11
CA GLN H 303 -31.89 18.31 -20.31
C GLN H 303 -31.50 16.85 -20.17
N ALA H 304 -31.05 16.24 -21.25
CA ALA H 304 -30.58 14.86 -21.22
C ALA H 304 -29.57 14.67 -22.35
N VAL H 305 -28.39 14.17 -22.02
CA VAL H 305 -27.29 14.11 -22.98
C VAL H 305 -26.75 12.70 -23.05
N TYR H 306 -26.42 12.27 -24.27
CA TYR H 306 -25.77 10.99 -24.51
C TYR H 306 -24.30 11.23 -24.80
N VAL H 307 -23.42 10.60 -24.02
CA VAL H 307 -21.98 10.69 -24.22
C VAL H 307 -21.57 9.62 -25.23
N PRO H 308 -20.87 9.96 -26.30
CA PRO H 308 -20.47 8.93 -27.27
C PRO H 308 -19.34 8.06 -26.73
N ALA H 309 -19.58 6.75 -26.71
CA ALA H 309 -18.58 5.76 -26.28
C ALA H 309 -18.07 6.06 -24.87
N ASP H 310 -18.97 6.59 -24.03
CA ASP H 310 -18.65 6.91 -22.63
C ASP H 310 -17.44 7.83 -22.54
N ASP H 311 -17.38 8.80 -23.45
CA ASP H 311 -16.31 9.79 -23.50
C ASP H 311 -16.85 11.12 -23.01
N LEU H 312 -16.44 11.53 -21.81
CA LEU H 312 -16.83 12.83 -21.28
C LEU H 312 -16.10 13.98 -21.95
N THR H 313 -15.04 13.70 -22.69
CA THR H 313 -14.27 14.73 -23.40
C THR H 313 -14.74 14.92 -24.84
N ASP H 314 -15.81 14.25 -25.24
CA ASP H 314 -16.33 14.43 -26.59
C ASP H 314 -16.78 15.88 -26.78
N PRO H 315 -16.57 16.48 -27.95
CA PRO H 315 -16.83 17.91 -28.12
C PRO H 315 -18.26 18.34 -27.77
N ALA H 316 -19.27 17.55 -28.14
CA ALA H 316 -20.64 17.94 -27.84
C ALA H 316 -20.94 17.92 -26.35
N PRO H 317 -20.69 16.84 -25.60
CA PRO H 317 -20.88 16.91 -24.14
C PRO H 317 -20.00 17.95 -23.48
N ALA H 318 -18.75 18.11 -23.93
CA ALA H 318 -17.86 19.09 -23.33
C ALA H 318 -18.41 20.50 -23.52
N THR H 319 -19.00 20.77 -24.69
CA THR H 319 -19.56 22.08 -24.95
C THR H 319 -20.85 22.30 -24.17
N THR H 320 -21.68 21.26 -24.04
CA THR H 320 -22.95 21.44 -23.35
C THR H 320 -22.78 21.46 -21.83
N PHE H 321 -21.62 21.03 -21.31
CA PHE H 321 -21.33 21.22 -19.89
C PHE H 321 -21.47 22.68 -19.46
N ALA H 322 -20.96 23.61 -20.25
CA ALA H 322 -20.90 25.01 -19.83
C ALA H 322 -22.28 25.65 -19.73
N HIS H 323 -23.28 25.13 -20.42
CA HIS H 323 -24.62 25.70 -20.42
C HIS H 323 -25.57 25.01 -19.45
N LEU H 324 -25.04 24.38 -18.40
CA LEU H 324 -25.86 23.70 -17.41
C LEU H 324 -25.35 24.03 -16.02
N ASP H 325 -26.27 24.25 -15.08
CA ASP H 325 -25.90 24.55 -13.70
C ASP H 325 -25.94 23.28 -12.84
N ALA H 326 -27.04 22.55 -12.90
CA ALA H 326 -27.14 21.27 -12.21
C ALA H 326 -26.92 20.12 -13.19
N THR H 327 -25.93 19.29 -12.91
CA THR H 327 -25.51 18.24 -13.82
C THR H 327 -25.58 16.89 -13.12
N THR H 328 -25.68 15.84 -13.94
CA THR H 328 -25.72 14.46 -13.44
C THR H 328 -25.07 13.58 -14.49
N VAL H 329 -23.96 12.93 -14.12
CA VAL H 329 -23.15 12.21 -15.09
C VAL H 329 -23.58 10.76 -15.30
N LEU H 330 -24.07 10.08 -14.26
CA LEU H 330 -24.51 8.70 -14.35
C LEU H 330 -23.41 7.80 -14.92
N SER H 331 -22.32 7.72 -14.17
CA SER H 331 -21.18 6.93 -14.59
C SER H 331 -21.53 5.44 -14.67
N ARG H 332 -20.95 4.76 -15.66
CA ARG H 332 -21.24 3.34 -15.86
C ARG H 332 -20.67 2.48 -14.74
N GLY H 333 -19.45 2.79 -14.27
CA GLY H 333 -18.85 1.97 -13.24
C GLY H 333 -19.76 1.79 -12.04
N ILE H 334 -20.45 2.86 -11.64
CA ILE H 334 -21.45 2.73 -10.60
C ILE H 334 -22.56 1.78 -11.03
N SER H 335 -22.84 1.70 -12.34
CA SER H 335 -23.90 0.81 -12.81
C SER H 335 -23.49 -0.66 -12.67
N GLU H 336 -22.27 -1.01 -13.10
CA GLU H 336 -21.84 -2.38 -12.86
C GLU H 336 -21.55 -2.68 -11.38
N LEU H 337 -21.31 -1.66 -10.56
CA LEU H 337 -21.28 -1.90 -9.12
C LEU H 337 -22.65 -2.19 -8.54
N GLY H 338 -23.72 -2.00 -9.31
CA GLY H 338 -25.06 -2.32 -8.87
C GLY H 338 -25.79 -1.20 -8.17
N ILE H 339 -25.12 -0.08 -7.90
CA ILE H 339 -25.77 1.05 -7.25
C ILE H 339 -26.60 1.81 -8.27
N TYR H 340 -27.92 1.67 -8.18
CA TYR H 340 -28.84 2.35 -9.09
C TYR H 340 -29.68 3.32 -8.25
N PRO H 341 -29.67 4.63 -8.59
CA PRO H 341 -29.08 5.28 -9.78
C PRO H 341 -27.56 5.21 -9.83
N ALA H 342 -27.00 5.17 -11.04
CA ALA H 342 -25.57 5.04 -11.24
C ALA H 342 -24.86 6.39 -11.31
N VAL H 343 -25.42 7.42 -10.68
CA VAL H 343 -24.81 8.74 -10.70
C VAL H 343 -23.50 8.72 -9.91
N ASP H 344 -22.47 9.34 -10.47
CA ASP H 344 -21.19 9.45 -9.79
C ASP H 344 -21.25 10.63 -8.82
N PRO H 345 -21.16 10.39 -7.51
CA PRO H 345 -21.25 11.52 -6.57
C PRO H 345 -20.10 12.50 -6.66
N LEU H 346 -18.98 12.09 -7.26
CA LEU H 346 -17.77 12.92 -7.32
C LEU H 346 -17.74 13.81 -8.56
N ASP H 347 -18.81 13.77 -9.36
CA ASP H 347 -18.81 14.56 -10.58
C ASP H 347 -20.19 15.17 -10.83
N SER H 348 -21.11 15.03 -9.87
CA SER H 348 -22.47 15.53 -10.08
C SER H 348 -22.48 17.04 -10.14
N LYS H 349 -22.15 17.70 -9.03
CA LYS H 349 -21.78 19.12 -8.97
C LYS H 349 -22.88 20.09 -9.39
N SER H 350 -23.10 21.13 -8.60
CA SER H 350 -24.10 22.15 -8.90
C SER H 350 -23.73 23.46 -8.23
N ARG H 351 -24.28 24.55 -8.77
CA ARG H 351 -24.03 25.88 -8.22
C ARG H 351 -24.74 26.12 -6.89
N LEU H 352 -25.95 25.58 -6.73
CA LEU H 352 -26.77 25.85 -5.54
C LEU H 352 -26.17 25.31 -4.25
N LEU H 353 -25.15 24.45 -4.34
CA LEU H 353 -24.53 23.87 -3.14
C LEU H 353 -23.59 24.89 -2.51
N ASP H 354 -24.19 25.92 -1.90
CA ASP H 354 -23.47 26.92 -1.15
C ASP H 354 -24.17 27.14 0.19
N ALA H 355 -23.37 27.45 1.21
CA ALA H 355 -23.89 27.55 2.58
C ALA H 355 -25.00 28.60 2.70
N ALA H 356 -24.91 29.69 1.93
CA ALA H 356 -25.94 30.72 1.99
C ALA H 356 -27.30 30.20 1.52
N VAL H 357 -27.30 29.37 0.47
CA VAL H 357 -28.55 28.95 -0.13
C VAL H 357 -29.09 27.67 0.52
N VAL H 358 -28.25 26.64 0.61
CA VAL H 358 -28.76 25.35 1.06
C VAL H 358 -28.66 25.22 2.58
N GLY H 359 -27.84 26.05 3.22
CA GLY H 359 -27.67 25.97 4.66
C GLY H 359 -26.28 25.49 5.06
N GLN H 360 -25.78 26.00 6.18
CA GLN H 360 -24.44 25.65 6.63
C GLN H 360 -24.32 24.16 6.96
N GLU H 361 -25.32 23.62 7.64
CA GLU H 361 -25.29 22.21 8.01
C GLU H 361 -25.26 21.31 6.78
N HIS H 362 -26.09 21.63 5.78
CA HIS H 362 -26.12 20.85 4.56
C HIS H 362 -24.80 20.93 3.82
N TYR H 363 -24.20 22.12 3.77
CA TYR H 363 -22.91 22.29 3.11
C TYR H 363 -21.84 21.44 3.78
N ASP H 364 -21.78 21.46 5.12
CA ASP H 364 -20.79 20.67 5.83
C ASP H 364 -21.03 19.18 5.63
N VAL H 365 -22.28 18.75 5.67
CA VAL H 365 -22.60 17.34 5.46
C VAL H 365 -22.16 16.89 4.07
N ALA H 366 -22.48 17.68 3.05
CA ALA H 366 -22.10 17.34 1.69
C ALA H 366 -20.59 17.31 1.54
N SER H 367 -19.90 18.28 2.15
CA SER H 367 -18.44 18.31 2.08
C SER H 367 -17.83 17.06 2.70
N LYS H 368 -18.31 16.67 3.89
CA LYS H 368 -17.76 15.50 4.54
C LYS H 368 -18.07 14.22 3.77
N VAL H 369 -19.26 14.14 3.17
CA VAL H 369 -19.58 13.00 2.31
C VAL H 369 -18.62 12.93 1.14
N GLN H 370 -18.33 14.09 0.53
CA GLN H 370 -17.40 14.14 -0.58
C GLN H 370 -16.01 13.67 -0.16
N GLU H 371 -15.56 14.10 1.03
CA GLU H 371 -14.27 13.65 1.53
C GLU H 371 -14.24 12.15 1.74
N THR H 372 -15.28 11.61 2.38
CA THR H 372 -15.32 10.18 2.66
C THR H 372 -15.30 9.38 1.37
N LEU H 373 -16.06 9.81 0.37
CA LEU H 373 -16.11 9.11 -0.91
C LEU H 373 -14.82 9.28 -1.71
N GLN H 374 -14.15 10.42 -1.60
CA GLN H 374 -12.93 10.66 -2.37
C GLN H 374 -11.73 9.94 -1.80
N THR H 375 -11.69 9.74 -0.48
CA THR H 375 -10.62 8.93 0.11
C THR H 375 -10.62 7.52 -0.46
N TYR H 376 -11.82 6.96 -0.66
CA TYR H 376 -11.94 5.63 -1.24
C TYR H 376 -11.32 5.58 -2.63
N LYS H 377 -11.65 6.57 -3.47
CA LYS H 377 -11.10 6.59 -4.83
C LYS H 377 -9.59 6.79 -4.79
N SER H 378 -9.10 7.60 -3.86
CA SER H 378 -7.66 7.81 -3.74
C SER H 378 -6.94 6.52 -3.36
N LEU H 379 -7.52 5.74 -2.46
CA LEU H 379 -6.88 4.51 -1.99
C LEU H 379 -7.24 3.28 -2.82
N GLN H 380 -8.08 3.44 -3.84
CA GLN H 380 -8.49 2.30 -4.66
C GLN H 380 -7.31 1.49 -5.18
N ASP H 381 -6.30 2.18 -5.71
CA ASP H 381 -5.17 1.47 -6.33
C ASP H 381 -4.45 0.59 -5.33
N ILE H 382 -4.23 1.12 -4.11
CA ILE H 382 -3.59 0.33 -3.06
C ILE H 382 -4.48 -0.84 -2.65
N ILE H 383 -5.78 -0.57 -2.50
CA ILE H 383 -6.72 -1.62 -2.08
C ILE H 383 -6.82 -2.70 -3.13
N ALA H 384 -6.84 -2.30 -4.41
CA ALA H 384 -7.08 -3.26 -5.50
C ALA H 384 -5.99 -4.32 -5.56
N ILE H 385 -4.73 -3.91 -5.41
CA ILE H 385 -3.62 -4.85 -5.56
C ILE H 385 -3.28 -5.50 -4.22
N LEU H 386 -2.94 -4.69 -3.22
CA LEU H 386 -2.49 -5.21 -1.93
C LEU H 386 -3.68 -5.70 -1.10
N GLY H 387 -4.61 -4.82 -0.81
CA GLY H 387 -5.74 -5.16 0.03
C GLY H 387 -5.90 -4.15 1.15
N MET H 388 -7.05 -4.23 1.81
CA MET H 388 -7.38 -3.30 2.88
C MET H 388 -6.54 -3.52 4.13
N ASP H 389 -6.01 -4.72 4.35
CA ASP H 389 -5.20 -4.99 5.53
C ASP H 389 -3.87 -4.26 5.53
N GLU H 390 -3.43 -3.75 4.37
CA GLU H 390 -2.19 -3.00 4.27
C GLU H 390 -2.39 -1.52 4.54
N LEU H 391 -3.62 -1.10 4.85
CA LEU H 391 -3.95 0.28 5.14
C LEU H 391 -3.81 0.56 6.63
N SER H 392 -3.84 1.85 6.98
CA SER H 392 -3.82 2.24 8.37
C SER H 392 -5.23 2.13 8.97
N GLU H 393 -5.30 2.24 10.29
CA GLU H 393 -6.59 2.13 10.98
C GLU H 393 -7.53 3.25 10.56
N GLN H 394 -7.03 4.48 10.45
CA GLN H 394 -7.87 5.58 9.97
C GLN H 394 -8.28 5.35 8.52
N ASP H 395 -7.37 4.83 7.69
CA ASP H 395 -7.72 4.51 6.32
C ASP H 395 -8.80 3.44 6.25
N LYS H 396 -8.70 2.42 7.11
CA LYS H 396 -9.72 1.38 7.16
C LYS H 396 -11.07 1.96 7.57
N LEU H 397 -11.09 2.81 8.59
CA LEU H 397 -12.34 3.43 9.03
C LEU H 397 -12.95 4.26 7.90
N THR H 398 -12.12 5.07 7.23
CA THR H 398 -12.63 5.91 6.14
C THR H 398 -13.14 5.06 4.99
N VAL H 399 -12.44 3.98 4.62
CA VAL H 399 -12.85 3.20 3.47
C VAL H 399 -14.14 2.44 3.76
N GLU H 400 -14.28 1.91 4.98
CA GLU H 400 -15.55 1.23 5.30
C GLU H 400 -16.71 2.22 5.40
N ARG H 401 -16.47 3.40 5.96
CA ARG H 401 -17.51 4.43 5.96
C ARG H 401 -17.89 4.83 4.54
N ALA H 402 -16.90 4.94 3.65
CA ALA H 402 -17.16 5.29 2.27
C ALA H 402 -17.97 4.20 1.57
N ARG H 403 -17.66 2.93 1.84
CA ARG H 403 -18.44 1.85 1.27
C ARG H 403 -19.89 1.91 1.75
N LYS H 404 -20.08 2.13 3.05
CA LYS H 404 -21.43 2.26 3.59
C LYS H 404 -22.17 3.41 2.94
N ILE H 405 -21.51 4.57 2.80
CA ILE H 405 -22.14 5.72 2.18
C ILE H 405 -22.53 5.42 0.74
N GLN H 406 -21.56 5.04 -0.10
CA GLN H 406 -21.82 4.83 -1.52
C GLN H 406 -22.85 3.72 -1.75
N ARG H 407 -22.98 2.76 -0.83
CA ARG H 407 -24.11 1.84 -0.90
C ARG H 407 -25.41 2.49 -0.46
N PHE H 408 -25.36 3.45 0.45
CA PHE H 408 -26.56 4.14 0.91
C PHE H 408 -27.09 5.17 -0.07
N LEU H 409 -26.27 5.66 -1.02
CA LEU H 409 -26.78 6.58 -2.02
C LEU H 409 -27.83 5.96 -2.91
N SER H 410 -27.87 4.64 -3.01
CA SER H 410 -28.87 3.98 -3.85
C SER H 410 -30.27 4.21 -3.30
N GLN H 411 -31.24 4.28 -4.22
CA GLN H 411 -32.63 4.55 -3.86
C GLN H 411 -33.55 3.87 -4.85
N PRO H 412 -34.56 3.14 -4.38
CA PRO H 412 -35.53 2.53 -5.30
C PRO H 412 -36.33 3.60 -6.03
N PHE H 413 -36.72 3.29 -7.26
CA PHE H 413 -37.54 4.18 -8.07
C PHE H 413 -38.93 3.58 -8.28
N ALA H 414 -39.94 4.45 -8.26
CA ALA H 414 -41.31 4.01 -8.51
C ALA H 414 -41.54 3.63 -9.97
N VAL H 415 -40.59 3.93 -10.85
CA VAL H 415 -40.74 3.56 -12.25
C VAL H 415 -40.05 2.23 -12.54
N ALA H 416 -38.90 2.00 -11.92
CA ALA H 416 -38.10 0.80 -12.17
C ALA H 416 -38.28 -0.26 -11.10
N GLU H 417 -39.48 -0.36 -10.50
CA GLU H 417 -39.70 -1.40 -9.51
C GLU H 417 -39.71 -2.79 -10.13
N VAL H 418 -40.05 -2.88 -11.42
CA VAL H 418 -40.01 -4.16 -12.12
C VAL H 418 -38.58 -4.68 -12.23
N PHE H 419 -37.59 -3.78 -12.32
CA PHE H 419 -36.19 -4.17 -12.42
C PHE H 419 -35.53 -4.34 -11.06
N THR H 420 -36.24 -4.03 -9.97
CA THR H 420 -35.69 -4.17 -8.63
C THR H 420 -36.52 -5.09 -7.74
N GLY H 421 -37.84 -5.09 -7.89
CA GLY H 421 -38.70 -5.84 -7.00
C GLY H 421 -39.01 -5.15 -5.69
N ILE H 422 -38.51 -3.94 -5.49
CA ILE H 422 -38.76 -3.16 -4.28
C ILE H 422 -39.62 -1.97 -4.67
N PRO H 423 -40.72 -1.70 -3.98
CA PRO H 423 -41.53 -0.52 -4.32
C PRO H 423 -40.73 0.76 -4.19
N GLY H 424 -41.03 1.73 -5.07
CA GLY H 424 -40.31 2.98 -5.05
C GLY H 424 -40.56 3.76 -3.77
N LYS H 425 -39.57 4.55 -3.38
CA LYS H 425 -39.64 5.33 -2.16
C LYS H 425 -39.09 6.73 -2.41
N LEU H 426 -39.57 7.68 -1.60
CA LEU H 426 -39.14 9.08 -1.71
C LEU H 426 -38.66 9.55 -0.36
N VAL H 427 -37.58 10.33 -0.35
CA VAL H 427 -36.96 10.83 0.87
C VAL H 427 -36.89 12.35 0.80
N ARG H 428 -37.31 13.01 1.87
CA ARG H 428 -37.23 14.46 1.92
C ARG H 428 -35.80 14.91 2.19
N LEU H 429 -35.52 16.17 1.86
CA LEU H 429 -34.17 16.70 2.00
C LEU H 429 -33.73 16.72 3.47
N LYS H 430 -34.61 17.19 4.35
CA LYS H 430 -34.27 17.26 5.77
C LYS H 430 -34.03 15.87 6.36
N ASP H 431 -34.74 14.85 5.86
CA ASP H 431 -34.51 13.49 6.32
C ASP H 431 -33.17 12.95 5.83
N THR H 432 -32.85 13.13 4.56
CA THR H 432 -31.62 12.54 4.01
C THR H 432 -30.38 13.24 4.55
N VAL H 433 -30.42 14.56 4.74
CA VAL H 433 -29.24 15.24 5.29
C VAL H 433 -28.99 14.77 6.71
N ALA H 434 -30.05 14.61 7.51
CA ALA H 434 -29.89 14.12 8.87
C ALA H 434 -29.38 12.69 8.89
N SER H 435 -29.89 11.84 8.01
CA SER H 435 -29.43 10.46 7.96
C SER H 435 -27.95 10.40 7.58
N PHE H 436 -27.55 11.18 6.57
CA PHE H 436 -26.15 11.18 6.15
C PHE H 436 -25.24 11.71 7.24
N LYS H 437 -25.66 12.77 7.95
CA LYS H 437 -24.84 13.28 9.04
C LYS H 437 -24.73 12.26 10.17
N ALA H 438 -25.82 11.53 10.44
CA ALA H 438 -25.78 10.50 11.47
C ALA H 438 -24.81 9.39 11.10
N VAL H 439 -24.82 8.97 9.83
CA VAL H 439 -23.88 7.95 9.39
C VAL H 439 -22.46 8.47 9.44
N LEU H 440 -22.25 9.74 9.06
CA LEU H 440 -20.93 10.33 9.08
C LEU H 440 -20.36 10.39 10.50
N GLU H 441 -21.21 10.72 11.48
CA GLU H 441 -20.73 10.83 12.86
C GLU H 441 -20.23 9.49 13.39
N GLY H 442 -20.58 8.39 12.73
CA GLY H 442 -20.22 7.06 13.20
C GLY H 442 -21.27 6.40 14.06
N LYS H 443 -22.48 6.97 14.12
CA LYS H 443 -23.54 6.38 14.93
C LYS H 443 -23.91 4.98 14.46
N TYR H 444 -23.70 4.69 13.17
CA TYR H 444 -24.03 3.40 12.59
C TYR H 444 -22.80 2.86 11.86
N ASP H 445 -21.93 2.20 12.60
CA ASP H 445 -20.80 1.49 12.03
C ASP H 445 -20.82 -0.01 12.32
N ASN H 446 -21.51 -0.44 13.37
CA ASN H 446 -21.74 -1.86 13.61
C ASN H 446 -22.74 -2.45 12.62
N ILE H 447 -23.56 -1.61 11.99
CA ILE H 447 -24.52 -2.09 11.00
C ILE H 447 -23.78 -2.67 9.81
N PRO H 448 -24.18 -3.82 9.28
CA PRO H 448 -23.55 -4.34 8.06
C PRO H 448 -23.76 -3.38 6.89
N GLU H 449 -22.73 -3.32 6.03
CA GLU H 449 -22.78 -2.43 4.86
C GLU H 449 -23.92 -2.78 3.91
N HIS H 450 -24.30 -4.05 3.83
CA HIS H 450 -25.39 -4.47 2.93
C HIS H 450 -26.73 -3.87 3.33
N ALA H 451 -26.89 -3.43 4.57
CA ALA H 451 -28.16 -2.90 5.04
C ALA H 451 -28.50 -1.54 4.45
N PHE H 452 -27.57 -0.91 3.76
CA PHE H 452 -27.77 0.42 3.18
C PHE H 452 -28.24 0.36 1.73
N TYR H 453 -28.55 -0.82 1.20
CA TYR H 453 -28.80 -0.99 -0.22
C TYR H 453 -30.29 -1.05 -0.48
N MET H 454 -30.77 -0.24 -1.43
CA MET H 454 -32.20 -0.09 -1.69
C MET H 454 -32.98 0.29 -0.43
N VAL H 455 -32.64 1.43 0.17
CA VAL H 455 -33.32 1.91 1.36
C VAL H 455 -33.60 3.40 1.22
N GLY H 456 -34.38 3.95 2.15
CA GLY H 456 -34.65 5.38 2.16
C GLY H 456 -33.90 6.10 3.27
N GLY H 457 -34.58 6.39 4.38
CA GLY H 457 -33.97 7.02 5.52
C GLY H 457 -33.14 6.05 6.33
N ILE H 458 -32.45 6.60 7.34
CA ILE H 458 -31.62 5.77 8.22
C ILE H 458 -32.47 4.76 8.99
N GLU H 459 -33.73 5.09 9.26
CA GLU H 459 -34.62 4.11 9.91
C GLU H 459 -34.81 2.88 9.06
N ASP H 460 -34.88 3.05 7.73
CA ASP H 460 -34.95 1.89 6.85
C ASP H 460 -33.67 1.07 6.92
N VAL H 461 -32.52 1.72 7.04
CA VAL H 461 -31.26 0.99 7.22
C VAL H 461 -31.30 0.19 8.51
N VAL H 462 -31.80 0.79 9.59
CA VAL H 462 -31.90 0.09 10.87
C VAL H 462 -32.80 -1.12 10.75
N ALA H 463 -33.94 -0.96 10.10
CA ALA H 463 -34.87 -2.07 9.93
C ALA H 463 -34.26 -3.19 9.08
N LYS H 464 -33.57 -2.81 7.99
CA LYS H 464 -32.95 -3.80 7.13
C LYS H 464 -31.85 -4.56 7.88
N ALA H 465 -31.08 -3.84 8.70
CA ALA H 465 -30.07 -4.50 9.53
C ALA H 465 -30.71 -5.45 10.51
N GLU H 466 -31.85 -5.05 11.09
CA GLU H 466 -32.57 -5.92 12.01
C GLU H 466 -32.98 -7.22 11.32
N LYS H 467 -33.56 -7.12 10.13
CA LYS H 467 -33.94 -8.33 9.39
C LYS H 467 -32.70 -9.16 9.03
N LEU H 468 -31.63 -8.51 8.58
CA LEU H 468 -30.44 -9.24 8.17
C LEU H 468 -29.83 -10.01 9.33
N ALA H 469 -29.77 -9.39 10.52
CA ALA H 469 -29.29 -10.09 11.70
C ALA H 469 -30.29 -11.13 12.18
N ALA H 470 -31.57 -10.97 11.83
CA ALA H 470 -32.60 -11.87 12.33
C ALA H 470 -32.58 -13.21 11.60
N GLU H 471 -32.81 -13.20 10.29
CA GLU H 471 -32.94 -14.46 9.56
C GLU H 471 -31.71 -14.78 8.72
N ALA H 472 -31.12 -13.77 8.08
CA ALA H 472 -29.95 -14.01 7.23
C ALA H 472 -28.75 -14.48 8.04
N ASN H 473 -28.55 -13.88 9.21
CA ASN H 473 -27.44 -14.27 10.07
C ASN H 473 -27.94 -14.84 11.39
N THR I 2 14.10 53.02 -62.30
CA THR I 2 12.81 52.47 -61.87
C THR I 2 12.92 50.98 -61.62
N PRO I 3 12.66 50.55 -60.38
CA PRO I 3 12.70 49.12 -60.06
C PRO I 3 11.45 48.39 -60.52
N ILE I 4 11.38 47.10 -60.24
CA ILE I 4 10.22 46.30 -60.63
C ILE I 4 9.05 46.65 -59.74
N THR I 5 7.89 46.93 -60.34
CA THR I 5 6.72 47.39 -59.63
C THR I 5 5.60 46.35 -59.74
N GLY I 6 4.98 46.03 -58.60
CA GLY I 6 3.89 45.09 -58.58
C GLY I 6 2.67 45.59 -57.84
N LYS I 7 1.53 44.93 -58.04
CA LYS I 7 0.27 45.32 -57.43
C LYS I 7 -0.18 44.22 -56.47
N VAL I 8 -0.74 44.63 -55.33
CA VAL I 8 -1.27 43.65 -54.38
C VAL I 8 -2.57 43.07 -54.93
N THR I 9 -2.67 41.75 -54.95
CA THR I 9 -3.83 41.06 -55.48
C THR I 9 -4.63 40.31 -54.43
N ALA I 10 -3.97 39.76 -53.41
CA ALA I 10 -4.66 39.01 -52.37
C ALA I 10 -3.93 39.18 -51.05
N VAL I 11 -4.70 39.26 -49.97
CA VAL I 11 -4.16 39.37 -48.62
C VAL I 11 -4.93 38.37 -47.76
N ILE I 12 -4.31 37.23 -47.48
CA ILE I 12 -4.92 36.21 -46.64
C ILE I 12 -4.02 35.96 -45.43
N GLY I 13 -4.40 36.53 -44.29
CA GLY I 13 -3.55 36.41 -43.11
C GLY I 13 -2.20 37.06 -43.37
N ALA I 14 -1.13 36.31 -43.09
CA ALA I 14 0.22 36.79 -43.37
C ALA I 14 0.63 36.58 -44.82
N ILE I 15 -0.17 35.88 -45.62
CA ILE I 15 0.15 35.62 -47.02
C ILE I 15 -0.34 36.80 -47.85
N VAL I 16 0.56 37.40 -48.61
CA VAL I 16 0.24 38.51 -49.50
C VAL I 16 0.64 38.09 -50.91
N ASP I 17 -0.30 38.19 -51.85
CA ASP I 17 -0.05 37.82 -53.23
C ASP I 17 0.08 39.09 -54.07
N VAL I 18 1.20 39.20 -54.78
CA VAL I 18 1.51 40.39 -55.56
C VAL I 18 1.69 39.99 -57.02
N HIS I 19 0.97 40.66 -57.92
CA HIS I 19 1.10 40.45 -59.35
C HIS I 19 1.99 41.55 -59.92
N PHE I 20 3.03 41.15 -60.66
CA PHE I 20 3.92 42.09 -61.32
C PHE I 20 3.52 42.15 -62.79
N GLU I 21 2.92 43.26 -63.20
CA GLU I 21 2.45 43.39 -64.58
C GLU I 21 3.61 43.32 -65.57
N GLN I 22 4.75 43.91 -65.20
CA GLN I 22 5.94 43.77 -66.02
C GLN I 22 6.38 42.32 -66.06
N SER I 23 6.92 41.90 -67.20
CA SER I 23 7.34 40.51 -67.37
C SER I 23 8.43 40.14 -66.38
N GLU I 24 9.33 41.08 -66.07
CA GLU I 24 10.39 40.81 -65.12
C GLU I 24 9.80 40.59 -63.73
N LEU I 25 10.29 39.56 -63.04
CA LEU I 25 9.76 39.18 -61.74
C LEU I 25 10.89 39.11 -60.72
N PRO I 26 10.65 39.59 -59.50
CA PRO I 26 11.65 39.37 -58.43
C PRO I 26 11.70 37.90 -58.04
N ALA I 27 12.91 37.38 -57.87
CA ALA I 27 13.07 35.99 -57.48
C ALA I 27 12.61 35.79 -56.05
N ILE I 28 12.55 34.53 -55.63
CA ILE I 28 12.21 34.24 -54.25
C ILE I 28 13.29 34.79 -53.33
N LEU I 29 12.95 34.97 -52.07
CA LEU I 29 13.87 35.46 -51.04
C LEU I 29 14.29 36.92 -51.28
N ASN I 30 13.73 37.55 -52.31
CA ASN I 30 13.90 38.99 -52.47
C ASN I 30 12.99 39.73 -51.49
N ALA I 31 13.52 40.81 -50.91
CA ALA I 31 12.71 41.66 -50.05
C ALA I 31 11.89 42.61 -50.90
N LEU I 32 10.65 42.86 -50.47
CA LEU I 32 9.75 43.77 -51.14
C LEU I 32 9.44 44.95 -50.23
N GLU I 33 9.12 46.08 -50.84
CA GLU I 33 8.87 47.31 -50.10
C GLU I 33 7.53 47.89 -50.53
N ILE I 34 6.66 48.15 -49.56
CA ILE I 34 5.36 48.76 -49.80
C ILE I 34 5.19 49.90 -48.81
N LYS I 35 4.46 50.95 -49.22
CA LYS I 35 4.30 52.13 -48.39
C LYS I 35 3.14 51.96 -47.43
N THR I 36 3.44 51.82 -46.14
CA THR I 36 2.43 51.80 -45.09
C THR I 36 2.48 53.11 -44.31
N PRO I 37 1.34 53.57 -43.74
CA PRO I 37 1.32 54.89 -43.10
C PRO I 37 2.37 55.10 -42.03
N GLN I 38 2.66 54.07 -41.23
CA GLN I 38 3.62 54.23 -40.15
C GLN I 38 5.06 54.17 -40.67
N GLY I 39 5.47 53.00 -41.15
CA GLY I 39 6.82 52.82 -41.67
C GLY I 39 6.85 52.31 -43.09
N LYS I 40 7.45 51.14 -43.28
CA LYS I 40 7.48 50.47 -44.58
C LYS I 40 7.37 48.98 -44.35
N LEU I 41 6.17 48.43 -44.60
CA LEU I 41 5.95 46.99 -44.48
C LEU I 41 6.73 46.27 -45.57
N VAL I 42 7.44 45.21 -45.19
CA VAL I 42 8.28 44.47 -46.11
C VAL I 42 7.70 43.09 -46.34
N LEU I 43 7.85 42.59 -47.56
CA LEU I 43 7.34 41.28 -47.95
C LEU I 43 8.50 40.35 -48.26
N GLU I 44 8.18 39.12 -48.65
CA GLU I 44 9.18 38.09 -48.83
C GLU I 44 8.71 37.01 -49.79
N VAL I 45 9.24 37.00 -51.01
CA VAL I 45 8.77 36.06 -52.02
C VAL I 45 9.20 34.66 -51.64
N ALA I 46 8.25 33.73 -51.63
CA ALA I 46 8.51 32.32 -51.37
C ALA I 46 8.14 31.42 -52.53
N GLN I 47 7.10 31.75 -53.29
CA GLN I 47 6.67 30.91 -54.41
C GLN I 47 6.38 31.80 -55.61
N HIS I 48 6.62 31.24 -56.79
CA HIS I 48 6.21 31.84 -58.06
C HIS I 48 4.95 31.12 -58.54
N LEU I 49 3.80 31.66 -58.17
CA LEU I 49 2.51 31.02 -58.43
C LEU I 49 2.27 30.82 -59.92
N GLY I 50 2.58 31.84 -60.71
CA GLY I 50 2.36 31.80 -62.15
C GLY I 50 1.61 33.04 -62.60
N GLU I 51 1.59 33.24 -63.92
CA GLU I 51 0.95 34.41 -64.53
C GLU I 51 1.51 35.71 -63.94
N ASN I 52 2.83 35.73 -63.77
CA ASN I 52 3.54 36.88 -63.22
C ASN I 52 3.01 37.26 -61.84
N THR I 53 2.74 36.26 -61.01
CA THR I 53 2.27 36.46 -59.65
C THR I 53 3.15 35.66 -58.69
N VAL I 54 3.55 36.30 -57.59
CA VAL I 54 4.43 35.69 -56.60
C VAL I 54 3.72 35.69 -55.26
N ARG I 55 3.94 34.61 -54.49
CA ARG I 55 3.36 34.49 -53.16
C ARG I 55 4.39 34.96 -52.12
N THR I 56 3.97 35.87 -51.26
CA THR I 56 4.87 36.50 -50.30
C THR I 56 4.32 36.38 -48.89
N ILE I 57 5.25 36.43 -47.93
CA ILE I 57 4.92 36.44 -46.50
C ILE I 57 5.42 37.76 -45.92
N ALA I 58 4.63 38.36 -45.03
CA ALA I 58 4.96 39.67 -44.51
C ALA I 58 5.71 39.55 -43.18
N MET I 59 6.76 40.34 -43.03
CA MET I 59 7.52 40.38 -41.80
C MET I 59 6.78 41.12 -40.68
N ASP I 60 5.86 42.01 -41.04
CA ASP I 60 5.04 42.71 -40.05
C ASP I 60 3.57 42.46 -40.35
N GLY I 61 2.67 43.03 -39.56
CA GLY I 61 1.26 42.80 -39.74
C GLY I 61 0.74 43.31 -41.07
N THR I 62 -0.24 42.59 -41.62
CA THR I 62 -0.87 42.95 -42.88
C THR I 62 -2.12 43.80 -42.68
N GLU I 63 -2.27 44.42 -41.52
CA GLU I 63 -3.45 45.23 -41.23
C GLU I 63 -3.43 46.50 -42.07
N GLY I 64 -4.58 46.83 -42.66
CA GLY I 64 -4.76 48.05 -43.40
C GLY I 64 -4.43 47.99 -44.88
N LEU I 65 -4.13 46.81 -45.41
CA LEU I 65 -3.73 46.69 -46.81
C LEU I 65 -4.95 46.63 -47.71
N VAL I 66 -4.84 47.22 -48.89
CA VAL I 66 -5.88 47.14 -49.90
C VAL I 66 -5.30 46.45 -51.14
N ARG I 67 -6.19 45.94 -52.00
CA ARG I 67 -5.78 45.28 -53.22
C ARG I 67 -5.48 46.34 -54.27
N GLY I 68 -4.20 46.52 -54.56
CA GLY I 68 -3.79 47.51 -55.54
C GLY I 68 -2.65 48.38 -55.08
N GLU I 69 -2.14 48.13 -53.88
CA GLU I 69 -1.04 48.90 -53.34
C GLU I 69 0.21 48.72 -54.18
N LYS I 70 0.97 49.81 -54.34
CA LYS I 70 2.22 49.75 -55.08
C LYS I 70 3.26 48.95 -54.29
N VAL I 71 3.96 48.05 -54.97
CA VAL I 71 4.96 47.19 -54.37
C VAL I 71 6.29 47.45 -55.05
N LEU I 72 7.32 47.71 -54.26
CA LEU I 72 8.65 48.01 -54.76
C LEU I 72 9.58 46.83 -54.52
N ASP I 73 10.34 46.46 -55.54
CA ASP I 73 11.29 45.36 -55.42
C ASP I 73 12.65 45.91 -54.99
N THR I 74 13.13 45.46 -53.83
CA THR I 74 14.41 45.92 -53.32
C THR I 74 15.58 45.33 -54.10
N GLY I 75 15.39 44.19 -54.75
CA GLY I 75 16.45 43.56 -55.50
C GLY I 75 17.50 42.93 -54.61
N GLY I 76 17.09 41.98 -53.78
CA GLY I 76 17.98 41.30 -52.87
C GLY I 76 17.28 40.83 -51.62
N PRO I 77 17.93 39.96 -50.85
CA PRO I 77 17.34 39.50 -49.59
C PRO I 77 17.35 40.60 -48.53
N ILE I 78 16.85 40.29 -47.34
CA ILE I 78 16.86 41.27 -46.25
C ILE I 78 18.30 41.55 -45.87
N SER I 79 18.70 42.82 -46.00
CA SER I 79 20.04 43.22 -45.58
C SER I 79 20.00 43.72 -44.15
N VAL I 80 20.88 43.18 -43.32
CA VAL I 80 20.97 43.54 -41.90
C VAL I 80 22.32 44.22 -41.69
N PRO I 81 22.39 45.34 -40.99
CA PRO I 81 23.68 45.96 -40.72
C PRO I 81 24.57 45.03 -39.92
N VAL I 82 25.84 44.94 -40.32
CA VAL I 82 26.82 44.08 -39.67
C VAL I 82 28.07 44.90 -39.40
N GLY I 83 28.64 44.72 -38.22
CA GLY I 83 29.83 45.45 -37.84
C GLY I 83 29.93 45.56 -36.33
N ARG I 84 31.07 46.08 -35.90
CA ARG I 84 31.32 46.34 -34.49
C ARG I 84 30.38 47.40 -33.93
N GLU I 85 29.79 48.23 -34.80
CA GLU I 85 28.85 49.26 -34.38
C GLU I 85 27.49 48.70 -33.97
N THR I 86 27.19 47.45 -34.33
CA THR I 86 25.94 46.80 -33.94
C THR I 86 25.95 46.35 -32.49
N LEU I 87 27.11 46.37 -31.84
CA LEU I 87 27.22 45.92 -30.46
C LEU I 87 26.49 46.90 -29.54
N GLY I 88 25.77 46.35 -28.56
CA GLY I 88 25.02 47.17 -27.63
C GLY I 88 23.77 47.79 -28.21
N ARG I 89 23.30 47.32 -29.36
CA ARG I 89 22.12 47.86 -30.01
C ARG I 89 21.06 46.76 -30.09
N ILE I 90 19.80 47.17 -30.21
CA ILE I 90 18.68 46.24 -30.33
C ILE I 90 18.16 46.32 -31.76
N ILE I 91 18.16 45.19 -32.47
CA ILE I 91 17.90 45.17 -33.89
C ILE I 91 16.67 44.30 -34.19
N ASN I 92 15.81 44.83 -35.05
CA ASN I 92 14.65 44.08 -35.52
C ASN I 92 15.04 43.02 -36.54
N VAL I 93 14.03 42.40 -37.16
CA VAL I 93 14.26 41.35 -38.14
C VAL I 93 14.70 41.88 -39.49
N ILE I 94 14.39 43.13 -39.82
CA ILE I 94 14.79 43.71 -41.09
C ILE I 94 15.83 44.81 -40.92
N GLY I 95 16.56 44.78 -39.80
CA GLY I 95 17.77 45.59 -39.68
C GLY I 95 17.66 46.86 -38.86
N GLU I 96 16.51 47.53 -38.91
CA GLU I 96 16.37 48.83 -38.24
C GLU I 96 16.48 48.66 -36.73
N PRO I 97 17.06 49.62 -36.02
CA PRO I 97 17.26 49.46 -34.58
C PRO I 97 15.98 49.58 -33.78
N ILE I 98 15.93 48.92 -32.62
CA ILE I 98 14.77 49.03 -31.74
C ILE I 98 15.00 50.15 -30.72
N ASP I 99 16.15 50.13 -30.06
CA ASP I 99 16.51 51.17 -29.10
C ASP I 99 16.59 52.52 -29.80
N GLU I 100 15.99 53.54 -29.19
CA GLU I 100 15.95 54.87 -29.79
C GLU I 100 17.29 55.59 -29.65
N ARG I 101 18.32 55.02 -30.28
CA ARG I 101 19.68 55.56 -30.20
C ARG I 101 20.22 55.97 -31.56
N GLY I 102 19.35 56.23 -32.54
CA GLY I 102 19.79 56.69 -33.84
C GLY I 102 20.06 55.55 -34.81
N PRO I 103 20.39 55.90 -36.05
CA PRO I 103 20.69 54.86 -37.04
C PRO I 103 21.98 54.13 -36.69
N ILE I 104 22.05 52.88 -37.15
CA ILE I 104 23.24 52.04 -36.92
C ILE I 104 24.20 52.35 -38.06
N LYS I 105 25.13 53.25 -37.80
CA LYS I 105 26.13 53.62 -38.79
C LYS I 105 27.10 52.47 -39.03
N SER I 106 27.07 51.93 -40.25
CA SER I 106 27.94 50.81 -40.61
C SER I 106 28.21 50.90 -42.10
N LYS I 107 29.20 50.11 -42.57
CA LYS I 107 29.55 50.13 -43.98
C LYS I 107 29.32 48.78 -44.66
N LEU I 108 28.70 47.82 -43.99
CA LEU I 108 28.50 46.49 -44.57
C LEU I 108 27.06 46.07 -44.31
N ARG I 109 26.37 45.66 -45.37
CA ARG I 109 25.00 45.15 -45.29
C ARG I 109 24.98 43.76 -45.92
N LYS I 110 24.81 42.74 -45.08
CA LYS I 110 24.84 41.39 -45.65
C LYS I 110 23.44 40.80 -45.73
N PRO I 111 23.15 40.01 -46.76
CA PRO I 111 21.87 39.32 -46.83
C PRO I 111 21.75 38.25 -45.76
N ILE I 112 20.52 38.02 -45.32
CA ILE I 112 20.29 37.04 -44.25
C ILE I 112 20.11 35.62 -44.79
N HIS I 113 20.28 35.42 -46.10
CA HIS I 113 20.16 34.11 -46.71
C HIS I 113 21.50 33.77 -47.36
N ALA I 114 22.28 32.94 -46.70
CA ALA I 114 23.58 32.50 -47.18
C ALA I 114 23.61 30.97 -47.28
N ASP I 115 24.77 30.43 -47.61
CA ASP I 115 24.96 29.00 -47.73
C ASP I 115 25.83 28.49 -46.58
N PRO I 116 25.61 27.27 -46.11
CA PRO I 116 26.43 26.75 -45.03
C PRO I 116 27.86 26.53 -45.50
N PRO I 117 28.83 26.58 -44.59
CA PRO I 117 30.22 26.35 -44.98
C PRO I 117 30.44 24.95 -45.54
N SER I 118 31.40 24.84 -46.45
CA SER I 118 31.67 23.59 -47.13
C SER I 118 32.34 22.60 -46.18
N PHE I 119 32.38 21.33 -46.62
CA PHE I 119 33.02 20.28 -45.83
C PHE I 119 34.51 20.53 -45.66
N ALA I 120 35.17 21.04 -46.70
CA ALA I 120 36.58 21.40 -46.58
C ALA I 120 36.82 22.52 -45.58
N GLU I 121 35.77 23.28 -45.23
CA GLU I 121 35.87 24.31 -44.22
C GLU I 121 35.45 23.83 -42.83
N GLN I 122 35.09 22.56 -42.70
CA GLN I 122 34.65 22.02 -41.41
C GLN I 122 35.85 21.85 -40.49
N SER I 123 35.77 22.47 -39.31
CA SER I 123 36.83 22.38 -38.33
C SER I 123 36.51 21.32 -37.27
N THR I 124 37.33 21.26 -36.22
CA THR I 124 37.11 20.31 -35.14
C THR I 124 37.60 20.95 -33.85
N SER I 125 37.11 20.43 -32.72
CA SER I 125 37.47 20.99 -31.42
C SER I 125 37.38 19.91 -30.36
N ALA I 126 38.18 20.07 -29.31
CA ALA I 126 38.14 19.18 -28.16
C ALA I 126 38.26 19.90 -26.83
N GLU I 127 38.29 21.24 -26.82
CA GLU I 127 38.41 21.98 -25.58
C GLU I 127 37.13 21.88 -24.77
N ILE I 128 37.26 21.98 -23.45
CA ILE I 128 36.13 21.86 -22.53
C ILE I 128 35.81 23.24 -21.97
N LEU I 129 34.56 23.65 -22.12
CA LEU I 129 34.10 24.93 -21.56
C LEU I 129 33.82 24.74 -20.07
N GLU I 130 34.63 25.36 -19.24
CA GLU I 130 34.38 25.33 -17.80
C GLU I 130 33.20 26.25 -17.48
N THR I 131 32.09 25.64 -17.04
CA THR I 131 30.86 26.39 -16.79
C THR I 131 30.62 26.68 -15.32
N GLY I 132 31.21 25.91 -14.42
CA GLY I 132 30.97 26.07 -13.00
C GLY I 132 29.73 25.39 -12.47
N ILE I 133 28.95 24.75 -13.33
CA ILE I 133 27.77 23.99 -12.93
C ILE I 133 28.16 22.53 -12.85
N LYS I 134 27.81 21.89 -11.74
CA LYS I 134 28.29 20.54 -11.44
C LYS I 134 27.84 19.53 -12.48
N VAL I 135 26.55 19.56 -12.83
CA VAL I 135 25.98 18.50 -13.66
C VAL I 135 26.54 18.55 -15.08
N VAL I 136 26.59 19.76 -15.65
CA VAL I 136 26.99 19.91 -17.06
C VAL I 136 28.51 19.94 -17.17
N ASP I 137 29.19 19.72 -16.06
CA ASP I 137 30.65 19.60 -16.09
C ASP I 137 31.07 18.20 -15.67
N LEU I 138 30.12 17.44 -15.13
CA LEU I 138 30.41 16.07 -14.71
C LEU I 138 29.83 15.02 -15.63
N LEU I 139 28.65 15.25 -16.19
CA LEU I 139 27.98 14.23 -16.99
C LEU I 139 27.94 14.61 -18.46
N ALA I 140 27.74 15.89 -18.76
CA ALA I 140 27.66 16.38 -20.14
C ALA I 140 28.58 17.59 -20.30
N PRO I 141 29.88 17.37 -20.37
CA PRO I 141 30.82 18.49 -20.55
C PRO I 141 30.57 19.22 -21.86
N TYR I 142 30.79 20.53 -21.84
CA TYR I 142 30.56 21.37 -23.00
C TYR I 142 31.85 21.59 -23.76
N ALA I 143 31.75 21.58 -25.09
CA ALA I 143 32.90 21.71 -25.96
C ALA I 143 32.97 23.11 -26.55
N ARG I 144 34.14 23.75 -26.46
CA ARG I 144 34.34 25.08 -27.02
C ARG I 144 34.23 24.98 -28.54
N GLY I 145 33.44 25.87 -29.13
CA GLY I 145 33.16 25.78 -30.55
C GLY I 145 32.26 24.60 -30.86
N GLY I 146 31.20 24.44 -30.08
CA GLY I 146 30.29 23.32 -30.27
C GLY I 146 28.85 23.76 -30.13
N LYS I 147 27.96 22.78 -30.20
CA LYS I 147 26.53 23.00 -30.12
C LYS I 147 26.00 22.48 -28.79
N ILE I 148 25.28 23.34 -28.07
CA ILE I 148 24.68 22.99 -26.79
C ILE I 148 23.17 23.10 -26.90
N GLY I 149 22.47 22.04 -26.51
CA GLY I 149 21.03 22.01 -26.59
C GLY I 149 20.33 21.88 -25.26
N LEU I 150 19.57 22.91 -24.88
CA LEU I 150 18.82 22.90 -23.63
C LEU I 150 17.38 22.48 -23.92
N PHE I 151 17.16 21.17 -23.82
CA PHE I 151 15.83 20.62 -24.03
C PHE I 151 15.02 20.67 -22.74
N GLY I 152 13.75 21.06 -22.87
CA GLY I 152 12.88 21.13 -21.72
C GLY I 152 11.53 21.69 -22.11
N GLY I 153 10.58 21.51 -21.20
CA GLY I 153 9.22 21.97 -21.39
C GLY I 153 9.04 23.42 -20.95
N ALA I 154 7.79 23.77 -20.65
CA ALA I 154 7.44 25.12 -20.22
C ALA I 154 7.48 25.15 -18.70
N GLY I 155 8.37 25.96 -18.15
CA GLY I 155 8.46 26.12 -16.72
C GLY I 155 9.53 25.26 -16.07
N VAL I 156 10.49 24.79 -16.86
CA VAL I 156 11.52 23.91 -16.34
C VAL I 156 12.78 24.69 -15.95
N GLY I 157 13.05 25.79 -16.63
CA GLY I 157 14.19 26.61 -16.29
C GLY I 157 15.21 26.79 -17.39
N LYS I 158 14.75 26.75 -18.65
CA LYS I 158 15.66 26.93 -19.78
C LYS I 158 16.23 28.35 -19.80
N THR I 159 15.37 29.37 -19.67
CA THR I 159 15.84 30.74 -19.75
C THR I 159 16.77 31.08 -18.58
N VAL I 160 16.48 30.54 -17.39
CA VAL I 160 17.36 30.75 -16.24
C VAL I 160 18.74 30.18 -16.53
N PHE I 161 18.78 28.98 -17.12
CA PHE I 161 20.04 28.36 -17.47
C PHE I 161 20.79 29.19 -18.51
N ILE I 162 20.06 29.73 -19.49
CA ILE I 162 20.68 30.60 -20.49
C ILE I 162 21.30 31.83 -19.83
N GLN I 163 20.56 32.45 -18.90
CA GLN I 163 21.07 33.64 -18.23
C GLN I 163 22.30 33.31 -17.39
N GLU I 164 22.29 32.16 -16.71
CA GLU I 164 23.45 31.76 -15.92
C GLU I 164 24.67 31.52 -16.82
N LEU I 165 24.46 30.83 -17.94
CA LEU I 165 25.57 30.62 -18.87
C LEU I 165 26.09 31.94 -19.43
N ILE I 166 25.20 32.87 -19.73
CA ILE I 166 25.62 34.21 -20.13
C ILE I 166 26.53 34.79 -19.06
N ASN I 167 26.01 34.95 -17.85
CA ASN I 167 26.75 35.60 -16.76
C ASN I 167 28.11 34.95 -16.55
N ASN I 168 28.18 33.62 -16.65
CA ASN I 168 29.44 32.93 -16.41
C ASN I 168 30.41 33.05 -17.58
N ILE I 169 30.01 32.61 -18.77
CA ILE I 169 30.96 32.45 -19.86
C ILE I 169 31.11 33.75 -20.65
N ALA I 170 29.99 34.39 -21.00
CA ALA I 170 30.02 35.49 -21.97
C ALA I 170 30.94 36.61 -21.51
N LYS I 171 30.92 36.92 -20.22
CA LYS I 171 31.83 37.91 -19.66
C LYS I 171 33.27 37.44 -19.82
N ALA I 172 34.13 38.33 -20.32
CA ALA I 172 35.56 38.06 -20.48
C ALA I 172 35.82 36.94 -21.48
N HIS I 173 35.41 35.72 -21.14
CA HIS I 173 35.72 34.55 -21.97
C HIS I 173 34.93 34.56 -23.27
N GLY I 174 35.54 35.06 -24.33
CA GLY I 174 34.89 35.15 -25.62
C GLY I 174 35.17 36.47 -26.30
N GLY I 175 35.58 36.42 -27.57
CA GLY I 175 35.87 37.64 -28.29
C GLY I 175 34.66 38.54 -28.43
N PHE I 176 33.52 37.94 -28.79
CA PHE I 176 32.25 38.64 -28.91
C PHE I 176 31.13 37.65 -28.67
N SER I 177 29.90 38.16 -28.60
CA SER I 177 28.74 37.31 -28.41
C SER I 177 27.52 38.01 -28.98
N VAL I 178 26.58 37.22 -29.48
CA VAL I 178 25.32 37.72 -30.02
C VAL I 178 24.18 36.92 -29.41
N PHE I 179 23.14 37.61 -28.95
CA PHE I 179 21.96 36.97 -28.39
C PHE I 179 20.78 37.24 -29.30
N THR I 180 20.09 36.19 -29.73
CA THR I 180 18.98 36.28 -30.66
C THR I 180 17.71 35.85 -29.94
N GLY I 181 16.79 36.79 -29.73
CA GLY I 181 15.50 36.47 -29.16
C GLY I 181 14.51 36.02 -30.22
N VAL I 182 14.10 34.76 -30.17
CA VAL I 182 13.20 34.19 -31.17
C VAL I 182 11.91 33.77 -30.48
N GLY I 183 10.83 34.48 -30.77
CA GLY I 183 9.51 34.18 -30.26
C GLY I 183 9.46 33.92 -28.77
N GLU I 184 9.83 34.92 -27.97
CA GLU I 184 10.03 34.76 -26.54
C GLU I 184 9.47 35.98 -25.81
N ARG I 185 9.26 35.84 -24.50
CA ARG I 185 8.60 36.88 -23.72
C ARG I 185 9.38 38.19 -23.77
N THR I 186 8.67 39.29 -24.04
CA THR I 186 9.33 40.59 -24.11
C THR I 186 9.78 41.06 -22.74
N ARG I 187 9.08 40.64 -21.68
CA ARG I 187 9.50 40.98 -20.33
C ARG I 187 10.90 40.41 -20.05
N GLU I 188 11.12 39.15 -20.42
CA GLU I 188 12.44 38.55 -20.23
C GLU I 188 13.47 39.21 -21.13
N GLY I 189 13.06 39.68 -22.31
CA GLY I 189 13.97 40.43 -23.15
C GLY I 189 14.42 41.72 -22.49
N ASN I 190 13.48 42.42 -21.84
CA ASN I 190 13.87 43.60 -21.07
C ASN I 190 14.77 43.23 -19.90
N ASP I 191 14.52 42.06 -19.29
CA ASP I 191 15.36 41.57 -18.20
C ASP I 191 16.80 41.37 -18.69
N LEU I 192 16.96 40.65 -19.81
CA LEU I 192 18.27 40.53 -20.43
C LEU I 192 18.87 41.90 -20.67
N TYR I 193 18.09 42.82 -21.22
CA TYR I 193 18.66 44.10 -21.63
C TYR I 193 19.21 44.87 -20.43
N ARG I 194 18.46 44.96 -19.32
CA ARG I 194 18.97 45.79 -18.23
C ARG I 194 20.07 45.08 -17.46
N GLU I 195 20.03 43.74 -17.38
CA GLU I 195 21.17 43.03 -16.79
C GLU I 195 22.43 43.24 -17.61
N MET I 196 22.28 43.25 -18.94
CA MET I 196 23.42 43.53 -19.81
C MET I 196 23.95 44.93 -19.54
N LYS I 197 23.05 45.92 -19.46
CA LYS I 197 23.53 47.30 -19.28
C LYS I 197 24.15 47.50 -17.90
N GLU I 198 23.59 46.90 -16.86
CA GLU I 198 24.15 47.09 -15.52
C GLU I 198 25.42 46.29 -15.29
N THR I 199 25.61 45.16 -15.98
CA THR I 199 26.81 44.36 -15.76
C THR I 199 28.03 45.00 -16.39
N GLY I 200 27.84 45.74 -17.48
CA GLY I 200 28.93 46.39 -18.18
C GLY I 200 29.36 45.68 -19.44
N VAL I 201 28.78 44.53 -19.76
CA VAL I 201 29.13 43.85 -21.01
C VAL I 201 28.72 44.69 -22.21
N ILE I 202 27.68 45.51 -22.05
CA ILE I 202 27.31 46.51 -23.05
C ILE I 202 27.39 47.86 -22.36
N ASN I 203 28.07 48.81 -23.01
CA ASN I 203 28.23 50.17 -22.49
C ASN I 203 27.66 51.13 -23.51
N LEU I 204 26.66 51.92 -23.10
CA LEU I 204 26.02 52.82 -24.05
C LEU I 204 26.91 54.00 -24.40
N GLU I 205 27.66 54.53 -23.44
CA GLU I 205 28.73 55.47 -23.77
C GLU I 205 30.09 54.77 -23.82
N GLY I 206 30.17 53.65 -24.52
CA GLY I 206 31.41 52.91 -24.54
C GLY I 206 31.32 51.69 -25.42
N GLU I 207 32.33 50.84 -25.33
CA GLU I 207 32.38 49.62 -26.12
C GLU I 207 31.49 48.55 -25.48
N SER I 208 30.83 47.76 -26.34
CA SER I 208 29.97 46.68 -25.90
C SER I 208 30.56 45.34 -26.32
N LYS I 209 29.95 44.27 -25.80
CA LYS I 209 30.39 42.91 -26.13
C LYS I 209 29.27 42.01 -26.63
N VAL I 210 28.01 42.44 -26.55
CA VAL I 210 26.87 41.60 -26.94
C VAL I 210 26.03 42.38 -27.93
N ALA I 211 25.65 41.73 -29.03
CA ALA I 211 24.69 42.28 -29.98
C ALA I 211 23.35 41.61 -29.79
N LEU I 212 22.28 42.40 -29.82
CA LEU I 212 20.94 41.94 -29.47
C LEU I 212 20.01 42.12 -30.67
N VAL I 213 19.50 41.00 -31.19
CA VAL I 213 18.43 41.02 -32.17
C VAL I 213 17.23 40.27 -31.59
N PHE I 214 16.05 40.86 -31.70
CA PHE I 214 14.87 40.34 -31.03
C PHE I 214 13.73 40.12 -32.00
N GLY I 215 13.23 38.90 -32.03
CA GLY I 215 11.93 38.61 -32.63
C GLY I 215 11.10 37.86 -31.62
N GLN I 216 10.04 38.49 -31.11
CA GLN I 216 9.31 37.90 -30.00
C GLN I 216 7.95 37.40 -30.48
N MET I 217 7.13 36.95 -29.54
CA MET I 217 5.86 36.34 -29.94
C MET I 217 4.91 37.39 -30.50
N ASN I 218 5.10 38.65 -30.12
CA ASN I 218 4.21 39.71 -30.62
C ASN I 218 4.34 39.89 -32.12
N GLU I 219 5.54 39.69 -32.66
CA GLU I 219 5.71 39.81 -34.10
C GLU I 219 4.96 38.69 -34.82
N PRO I 220 4.54 38.94 -36.06
CA PRO I 220 3.87 37.91 -36.84
C PRO I 220 4.83 36.79 -37.20
N PRO I 221 4.33 35.68 -37.74
CA PRO I 221 5.19 34.51 -38.02
C PRO I 221 6.40 34.80 -38.88
N GLY I 222 6.25 35.69 -39.86
CA GLY I 222 7.33 35.96 -40.79
C GLY I 222 8.58 36.47 -40.11
N ALA I 223 8.41 37.41 -39.18
CA ALA I 223 9.55 37.94 -38.44
C ALA I 223 10.17 36.87 -37.54
N ARG I 224 9.33 36.04 -36.94
CA ARG I 224 9.79 34.94 -36.09
C ARG I 224 10.52 33.85 -36.87
N ALA I 225 10.31 33.79 -38.19
CA ALA I 225 11.01 32.81 -39.02
C ALA I 225 12.28 33.37 -39.66
N ARG I 226 12.63 34.64 -39.39
CA ARG I 226 13.79 35.26 -40.02
C ARG I 226 14.72 35.95 -39.03
N VAL I 227 14.27 36.24 -37.81
CA VAL I 227 15.16 36.83 -36.82
C VAL I 227 16.34 35.92 -36.51
N ALA I 228 16.12 34.61 -36.44
CA ALA I 228 17.22 33.67 -36.24
C ALA I 228 18.23 33.75 -37.38
N LEU I 229 17.76 33.87 -38.62
CA LEU I 229 18.66 34.04 -39.74
C LEU I 229 19.43 35.36 -39.68
N THR I 230 18.81 36.43 -39.21
CA THR I 230 19.55 37.68 -39.01
C THR I 230 20.65 37.51 -37.98
N GLY I 231 20.35 36.83 -36.88
CA GLY I 231 21.38 36.54 -35.89
C GLY I 231 22.49 35.69 -36.46
N LEU I 232 22.14 34.71 -37.29
CA LEU I 232 23.15 33.92 -38.00
C LEU I 232 24.01 34.81 -38.88
N THR I 233 23.40 35.76 -39.57
CA THR I 233 24.16 36.64 -40.46
C THR I 233 25.19 37.44 -39.66
N ILE I 234 24.76 38.05 -38.55
CA ILE I 234 25.68 38.87 -37.78
C ILE I 234 26.78 38.01 -37.15
N ALA I 235 26.42 36.83 -36.64
CA ALA I 235 27.41 35.95 -36.03
C ALA I 235 28.43 35.47 -37.07
N GLU I 236 27.96 35.10 -38.26
CA GLU I 236 28.87 34.64 -39.30
C GLU I 236 29.77 35.77 -39.77
N TYR I 237 29.23 37.00 -39.85
CA TYR I 237 30.07 38.13 -40.23
C TYR I 237 31.18 38.35 -39.22
N PHE I 238 30.85 38.27 -37.93
CA PHE I 238 31.89 38.37 -36.91
C PHE I 238 32.91 37.24 -37.01
N ARG I 239 32.43 36.01 -37.24
CA ARG I 239 33.33 34.87 -37.26
C ARG I 239 34.30 34.94 -38.44
N ASP I 240 33.80 35.27 -39.63
CA ASP I 240 34.61 35.17 -40.86
C ASP I 240 35.51 36.38 -41.04
N GLU I 241 34.92 37.56 -41.20
CA GLU I 241 35.71 38.75 -41.52
C GLU I 241 36.65 39.13 -40.38
N GLU I 242 36.15 39.10 -39.14
CA GLU I 242 36.96 39.50 -38.01
C GLU I 242 37.82 38.37 -37.45
N GLY I 243 37.57 37.13 -37.84
CA GLY I 243 38.33 36.01 -37.33
C GLY I 243 38.26 35.89 -35.82
N GLN I 244 37.06 36.07 -35.28
CA GLN I 244 36.84 36.11 -33.83
C GLN I 244 36.00 34.93 -33.40
N ASP I 245 36.16 34.55 -32.13
CA ASP I 245 35.38 33.48 -31.52
C ASP I 245 34.14 34.10 -30.89
N VAL I 246 32.97 33.81 -31.45
CA VAL I 246 31.73 34.42 -31.00
C VAL I 246 30.89 33.38 -30.27
N LEU I 247 29.92 33.88 -29.49
CA LEU I 247 29.02 33.03 -28.70
C LEU I 247 27.59 33.31 -29.18
N LEU I 248 27.09 32.47 -30.07
CA LEU I 248 25.74 32.60 -30.59
C LEU I 248 24.77 32.06 -29.54
N PHE I 249 23.97 32.93 -28.95
CA PHE I 249 23.03 32.55 -27.90
C PHE I 249 21.61 32.68 -28.42
N ILE I 250 21.13 31.59 -29.02
CA ILE I 250 19.76 31.53 -29.49
C ILE I 250 18.87 31.03 -28.35
N ASP I 251 17.63 31.49 -28.31
CA ASP I 251 16.65 30.97 -27.36
C ASP I 251 15.40 30.51 -28.10
N ASN I 252 14.86 29.36 -27.71
CA ASN I 252 13.63 28.80 -28.25
C ASN I 252 13.69 28.70 -29.78
N ILE I 253 14.69 27.95 -30.24
CA ILE I 253 14.82 27.68 -31.68
C ILE I 253 13.63 26.92 -32.24
N PHE I 254 12.88 26.23 -31.37
CA PHE I 254 11.65 25.57 -31.81
C PHE I 254 10.66 26.57 -32.41
N ARG I 255 10.73 27.82 -31.98
CA ARG I 255 9.80 28.84 -32.49
C ARG I 255 9.98 29.07 -33.98
N PHE I 256 11.20 28.89 -34.51
CA PHE I 256 11.41 29.06 -35.94
C PHE I 256 10.65 28.01 -36.74
N THR I 257 10.77 26.74 -36.35
CA THR I 257 10.02 25.68 -37.02
C THR I 257 8.53 25.85 -36.80
N GLN I 258 8.13 26.33 -35.62
CA GLN I 258 6.72 26.57 -35.36
C GLN I 258 6.18 27.66 -36.29
N ALA I 259 6.96 28.72 -36.50
CA ALA I 259 6.57 29.77 -37.43
C ALA I 259 6.52 29.26 -38.87
N GLY I 260 7.44 28.36 -39.24
CA GLY I 260 7.35 27.74 -40.55
C GLY I 260 6.08 26.95 -40.74
N SER I 261 5.74 26.08 -39.79
CA SER I 261 4.48 25.36 -39.84
C SER I 261 3.30 26.32 -39.77
N GLU I 262 3.52 27.50 -39.18
CA GLU I 262 2.46 28.49 -39.03
C GLU I 262 1.95 28.98 -40.39
N VAL I 263 2.84 29.21 -41.34
CA VAL I 263 2.43 29.66 -42.67
C VAL I 263 2.48 28.55 -43.71
N SER I 264 2.88 27.34 -43.32
CA SER I 264 2.90 26.23 -44.27
C SER I 264 1.53 25.96 -44.87
N ALA I 265 0.50 25.94 -44.03
CA ALA I 265 -0.84 25.60 -44.51
C ALA I 265 -1.36 26.63 -45.52
N LEU I 266 -1.21 27.91 -45.20
CA LEU I 266 -1.68 28.97 -46.09
C LEU I 266 -0.86 29.08 -47.37
N LEU I 267 0.38 28.58 -47.36
CA LEU I 267 1.19 28.61 -48.57
C LEU I 267 0.65 27.64 -49.62
N GLY I 268 -0.10 26.64 -49.21
CA GLY I 268 -0.63 25.66 -50.13
C GLY I 268 0.14 24.36 -50.12
N ARG I 269 0.60 23.96 -48.94
CA ARG I 269 1.37 22.73 -48.76
C ARG I 269 0.54 21.75 -47.95
N ILE I 270 0.53 20.49 -48.37
CA ILE I 270 -0.14 19.44 -47.61
C ILE I 270 0.57 19.29 -46.28
N PRO I 271 -0.15 19.29 -45.15
CA PRO I 271 0.51 19.17 -43.86
C PRO I 271 1.19 17.81 -43.70
N SER I 272 2.23 17.79 -42.88
CA SER I 272 2.98 16.58 -42.57
C SER I 272 2.39 15.93 -41.32
N ALA I 273 3.12 14.96 -40.76
CA ALA I 273 2.64 14.27 -39.58
C ALA I 273 2.45 15.24 -38.42
N VAL I 274 1.40 14.99 -37.64
CA VAL I 274 1.00 15.76 -36.46
C VAL I 274 1.14 17.26 -36.71
N GLY I 275 0.73 17.70 -37.90
CA GLY I 275 0.57 19.10 -38.19
C GLY I 275 1.80 19.99 -38.23
N TYR I 276 2.87 19.53 -38.87
CA TYR I 276 4.04 20.36 -39.15
C TYR I 276 4.24 20.53 -40.65
N GLN I 277 5.10 21.49 -41.00
CA GLN I 277 5.41 21.72 -42.40
C GLN I 277 6.19 20.53 -42.97
N PRO I 278 5.96 20.17 -44.23
CA PRO I 278 6.70 19.04 -44.81
C PRO I 278 8.20 19.32 -44.96
N THR I 279 8.62 20.58 -44.94
CA THR I 279 10.00 20.96 -45.24
C THR I 279 10.78 21.36 -44.00
N LEU I 280 10.31 20.97 -42.81
CA LEU I 280 10.98 21.40 -41.58
C LEU I 280 12.42 20.92 -41.52
N ALA I 281 12.67 19.67 -41.91
CA ALA I 281 14.00 19.08 -41.78
C ALA I 281 15.02 19.85 -42.61
N THR I 282 14.70 20.15 -43.87
CA THR I 282 15.67 20.79 -44.75
C THR I 282 15.97 22.22 -44.31
N ASP I 283 14.94 23.01 -44.03
CA ASP I 283 15.17 24.39 -43.64
C ASP I 283 15.91 24.47 -42.30
N MET I 284 15.52 23.65 -41.33
CA MET I 284 16.17 23.71 -40.04
C MET I 284 17.61 23.18 -40.12
N GLY I 285 17.84 22.19 -41.00
CA GLY I 285 19.20 21.75 -41.24
C GLY I 285 20.05 22.82 -41.86
N LEU I 286 19.48 23.58 -42.80
CA LEU I 286 20.19 24.74 -43.35
C LEU I 286 20.56 25.72 -42.24
N LEU I 287 19.59 26.04 -41.38
CA LEU I 287 19.84 27.00 -40.30
C LEU I 287 20.92 26.49 -39.35
N GLN I 288 20.87 25.20 -39.00
CA GLN I 288 21.82 24.66 -38.04
C GLN I 288 23.22 24.50 -38.64
N GLU I 289 23.33 24.03 -39.88
CA GLU I 289 24.64 23.91 -40.51
C GLU I 289 25.22 25.27 -40.90
N ARG I 290 24.40 26.33 -40.90
CA ARG I 290 24.99 27.66 -40.94
C ARG I 290 25.64 28.00 -39.59
N ILE I 291 25.33 27.24 -38.54
CA ILE I 291 25.97 27.39 -37.24
C ILE I 291 27.05 26.32 -37.12
N THR I 292 28.30 26.68 -37.41
CA THR I 292 29.38 25.72 -37.31
C THR I 292 30.71 26.44 -37.14
N THR I 293 31.67 25.75 -36.54
CA THR I 293 33.02 26.25 -36.38
C THR I 293 33.82 25.98 -37.65
N THR I 294 34.28 27.04 -38.29
CA THR I 294 35.05 26.94 -39.51
C THR I 294 36.54 27.06 -39.21
N LYS I 295 37.35 27.06 -40.26
CA LYS I 295 38.79 27.25 -40.11
C LYS I 295 39.17 28.73 -40.04
N LYS I 296 38.23 29.64 -40.30
CA LYS I 296 38.47 31.06 -40.17
C LYS I 296 38.21 31.56 -38.74
N GLY I 297 37.29 30.92 -38.03
CA GLY I 297 36.97 31.30 -36.67
C GLY I 297 36.12 30.24 -36.01
N SER I 298 35.83 30.45 -34.74
CA SER I 298 35.06 29.51 -33.93
C SER I 298 33.77 30.18 -33.46
N VAL I 299 32.70 29.40 -33.40
CA VAL I 299 31.41 29.84 -32.87
C VAL I 299 31.00 28.84 -31.80
N THR I 300 30.57 29.35 -30.65
CA THR I 300 30.08 28.49 -29.57
C THR I 300 28.58 28.77 -29.42
N SER I 301 27.76 27.82 -29.83
CA SER I 301 26.32 28.00 -29.88
C SER I 301 25.65 27.27 -28.72
N VAL I 302 24.85 28.02 -27.96
CA VAL I 302 24.03 27.46 -26.89
C VAL I 302 22.60 27.94 -27.13
N GLN I 303 21.75 27.03 -27.61
CA GLN I 303 20.36 27.36 -27.90
C GLN I 303 19.44 26.41 -27.15
N ALA I 304 18.37 26.96 -26.60
CA ALA I 304 17.38 26.17 -25.85
C ALA I 304 16.30 25.68 -26.81
N VAL I 305 15.89 24.44 -26.63
CA VAL I 305 14.87 23.81 -27.48
C VAL I 305 13.66 23.50 -26.60
N TYR I 306 12.53 24.14 -26.90
CA TYR I 306 11.30 23.85 -26.19
C TYR I 306 10.64 22.62 -26.81
N VAL I 307 10.39 21.60 -25.98
CA VAL I 307 9.71 20.38 -26.41
C VAL I 307 8.22 20.58 -26.16
N PRO I 308 7.36 20.42 -27.16
CA PRO I 308 5.92 20.62 -26.95
C PRO I 308 5.35 19.53 -26.06
N ALA I 309 4.69 19.95 -24.98
CA ALA I 309 4.07 19.04 -24.00
C ALA I 309 5.07 18.01 -23.51
N ASP I 310 6.26 18.51 -23.12
CA ASP I 310 7.38 17.72 -22.57
C ASP I 310 7.48 16.33 -23.19
N ASP I 311 7.41 16.28 -24.52
CA ASP I 311 7.53 15.05 -25.29
C ASP I 311 8.82 15.11 -26.08
N LEU I 312 9.70 14.13 -25.86
CA LEU I 312 10.97 14.10 -26.58
C LEU I 312 10.85 13.43 -27.94
N THR I 313 9.72 12.81 -28.23
CA THR I 313 9.49 12.16 -29.52
C THR I 313 8.81 13.07 -30.54
N ASP I 314 8.55 14.33 -30.17
CA ASP I 314 7.98 15.26 -31.13
C ASP I 314 8.97 15.47 -32.28
N PRO I 315 8.47 15.58 -33.53
CA PRO I 315 9.39 15.63 -34.67
C PRO I 315 10.44 16.72 -34.59
N ALA I 316 10.05 17.91 -34.11
CA ALA I 316 10.99 19.03 -34.10
C ALA I 316 12.15 18.80 -33.14
N PRO I 317 11.95 18.59 -31.83
CA PRO I 317 13.11 18.33 -30.96
C PRO I 317 13.89 17.09 -31.34
N ALA I 318 13.19 16.03 -31.77
CA ALA I 318 13.87 14.80 -32.16
C ALA I 318 14.80 15.05 -33.34
N THR I 319 14.35 15.83 -34.32
CA THR I 319 15.20 16.10 -35.47
C THR I 319 16.30 17.10 -35.12
N THR I 320 16.05 17.99 -34.16
CA THR I 320 17.12 18.86 -33.67
C THR I 320 18.22 18.06 -32.98
N PHE I 321 17.86 16.95 -32.34
CA PHE I 321 18.84 16.16 -31.58
C PHE I 321 20.03 15.77 -32.45
N ALA I 322 19.80 15.50 -33.73
CA ALA I 322 20.86 15.13 -34.65
C ALA I 322 21.82 16.28 -34.95
N HIS I 323 21.45 17.52 -34.63
CA HIS I 323 22.29 18.67 -34.91
C HIS I 323 23.09 19.18 -33.72
N LEU I 324 22.95 18.58 -32.55
CA LEU I 324 23.54 19.11 -31.33
C LEU I 324 24.58 18.14 -30.79
N ASP I 325 25.77 18.67 -30.49
CA ASP I 325 26.88 17.86 -29.99
C ASP I 325 26.64 17.40 -28.56
N ALA I 326 26.52 18.37 -27.64
CA ALA I 326 26.33 18.07 -26.22
C ALA I 326 24.91 18.44 -25.84
N THR I 327 24.01 17.48 -25.94
CA THR I 327 22.62 17.73 -25.58
C THR I 327 22.45 17.70 -24.07
N THR I 328 21.85 18.75 -23.53
CA THR I 328 21.56 18.85 -22.10
C THR I 328 20.05 18.96 -21.91
N VAL I 329 19.37 17.82 -21.83
CA VAL I 329 17.93 17.81 -21.69
C VAL I 329 17.56 18.03 -20.23
N LEU I 330 16.60 18.92 -20.00
CA LEU I 330 16.09 19.19 -18.66
C LEU I 330 14.75 18.49 -18.48
N SER I 331 14.59 17.82 -17.33
CA SER I 331 13.42 17.01 -17.05
C SER I 331 12.55 17.69 -16.01
N ARG I 332 11.23 17.60 -16.22
CA ARG I 332 10.28 18.19 -15.29
C ARG I 332 10.34 17.51 -13.93
N GLY I 333 10.35 16.17 -13.92
CA GLY I 333 10.19 15.44 -12.67
C GLY I 333 11.17 15.88 -11.59
N ILE I 334 12.46 15.85 -11.91
CA ILE I 334 13.45 16.33 -10.96
C ILE I 334 13.32 17.82 -10.69
N SER I 335 12.60 18.56 -11.55
CA SER I 335 12.36 19.96 -11.25
C SER I 335 11.33 20.13 -10.14
N GLU I 336 10.23 19.36 -10.17
CA GLU I 336 9.36 19.45 -9.00
C GLU I 336 9.91 18.68 -7.80
N LEU I 337 10.88 17.79 -8.00
CA LEU I 337 11.55 17.18 -6.86
C LEU I 337 12.44 18.15 -6.11
N GLY I 338 12.65 19.36 -6.63
CA GLY I 338 13.39 20.41 -5.95
C GLY I 338 14.74 20.72 -6.56
N ILE I 339 15.25 19.82 -7.40
CA ILE I 339 16.53 20.07 -8.06
C ILE I 339 16.29 20.99 -9.24
N TYR I 340 16.39 22.30 -9.00
CA TYR I 340 16.08 23.33 -9.97
C TYR I 340 17.09 23.43 -11.12
N PRO I 341 18.36 23.07 -10.93
CA PRO I 341 19.21 22.84 -12.12
C PRO I 341 18.56 21.91 -13.13
N ALA I 342 17.86 20.89 -12.64
CA ALA I 342 16.89 20.13 -13.42
C ALA I 342 17.48 19.43 -14.63
N VAL I 343 18.81 19.31 -14.69
CA VAL I 343 19.44 18.57 -15.77
C VAL I 343 19.31 17.09 -15.47
N ASP I 344 18.69 16.34 -16.37
CA ASP I 344 18.50 14.92 -16.18
C ASP I 344 19.85 14.21 -16.15
N PRO I 345 20.19 13.51 -15.07
CA PRO I 345 21.51 12.87 -15.00
C PRO I 345 21.73 11.80 -16.05
N LEU I 346 20.67 11.14 -16.51
CA LEU I 346 20.81 10.02 -17.42
C LEU I 346 20.66 10.45 -18.88
N ASP I 347 19.51 11.06 -19.21
CA ASP I 347 19.20 11.35 -20.61
C ASP I 347 20.15 12.37 -21.21
N SER I 348 20.55 13.37 -20.42
CA SER I 348 21.50 14.38 -20.90
C SER I 348 22.84 13.74 -21.21
N LYS I 349 23.21 13.69 -22.49
CA LYS I 349 24.44 13.06 -22.94
C LYS I 349 25.23 14.00 -23.82
N SER I 350 26.55 13.83 -23.80
CA SER I 350 27.45 14.66 -24.59
C SER I 350 28.46 13.77 -25.31
N ARG I 351 28.92 14.25 -26.46
CA ARG I 351 29.95 13.57 -27.23
C ARG I 351 31.34 13.74 -26.65
N LEU I 352 31.59 14.83 -25.94
CA LEU I 352 32.92 15.12 -25.40
C LEU I 352 33.30 14.20 -24.24
N LEU I 353 32.34 13.45 -23.69
CA LEU I 353 32.63 12.58 -22.55
C LEU I 353 33.33 11.30 -22.99
N ASP I 354 34.66 11.28 -22.89
CA ASP I 354 35.43 10.09 -23.18
C ASP I 354 36.77 10.18 -22.44
N ALA I 355 37.39 9.01 -22.20
CA ALA I 355 38.64 8.97 -21.46
C ALA I 355 39.77 9.70 -22.17
N ALA I 356 39.66 9.88 -23.48
CA ALA I 356 40.71 10.52 -24.26
C ALA I 356 40.75 12.03 -24.11
N VAL I 357 39.72 12.64 -23.50
CA VAL I 357 39.65 14.09 -23.35
C VAL I 357 39.54 14.48 -21.88
N VAL I 358 38.48 14.04 -21.20
CA VAL I 358 38.25 14.45 -19.82
C VAL I 358 39.16 13.73 -18.83
N GLY I 359 39.92 12.74 -19.29
CA GLY I 359 40.74 11.96 -18.38
C GLY I 359 40.08 10.67 -17.97
N GLN I 360 40.88 9.65 -17.67
CA GLN I 360 40.33 8.35 -17.31
C GLN I 360 39.53 8.43 -16.01
N GLU I 361 40.05 9.14 -15.02
CA GLU I 361 39.40 9.21 -13.71
C GLU I 361 38.05 9.92 -13.79
N HIS I 362 37.97 11.01 -14.55
CA HIS I 362 36.70 11.71 -14.73
C HIS I 362 35.68 10.82 -15.41
N TYR I 363 36.11 10.09 -16.44
CA TYR I 363 35.22 9.18 -17.14
C TYR I 363 34.72 8.08 -16.20
N ASP I 364 35.61 7.54 -15.37
CA ASP I 364 35.21 6.50 -14.42
C ASP I 364 34.19 7.05 -13.43
N VAL I 365 34.43 8.23 -12.88
CA VAL I 365 33.52 8.81 -11.91
C VAL I 365 32.15 9.05 -12.55
N ALA I 366 32.15 9.60 -13.78
CA ALA I 366 30.89 9.86 -14.46
C ALA I 366 30.12 8.57 -14.72
N SER I 367 30.83 7.53 -15.18
CA SER I 367 30.17 6.26 -15.45
C SER I 367 29.57 5.66 -14.18
N LYS I 368 30.34 5.70 -13.08
CA LYS I 368 29.84 5.13 -11.83
C LYS I 368 28.63 5.89 -11.31
N VAL I 369 28.68 7.23 -11.33
CA VAL I 369 27.53 7.97 -10.83
C VAL I 369 26.31 7.74 -11.73
N GLN I 370 26.53 7.64 -13.04
CA GLN I 370 25.40 7.40 -13.95
C GLN I 370 24.78 6.03 -13.70
N GLU I 371 25.60 5.00 -13.48
CA GLU I 371 25.04 3.68 -13.26
C GLU I 371 24.38 3.59 -11.89
N THR I 372 24.89 4.34 -10.91
CA THR I 372 24.20 4.37 -9.62
C THR I 372 22.83 5.02 -9.72
N LEU I 373 22.71 6.14 -10.46
CA LEU I 373 21.39 6.71 -10.70
C LEU I 373 20.49 5.76 -11.47
N GLN I 374 21.06 5.06 -12.45
CA GLN I 374 20.32 4.02 -13.18
C GLN I 374 19.74 2.98 -12.22
N THR I 375 20.59 2.44 -11.34
CA THR I 375 20.12 1.43 -10.39
C THR I 375 19.06 2.01 -9.47
N TYR I 376 19.23 3.24 -9.02
CA TYR I 376 18.25 3.86 -8.15
C TYR I 376 16.89 3.96 -8.83
N LYS I 377 16.87 4.46 -10.07
CA LYS I 377 15.58 4.66 -10.72
C LYS I 377 14.96 3.32 -11.13
N SER I 378 15.78 2.28 -11.34
CA SER I 378 15.24 0.96 -11.62
C SER I 378 14.49 0.38 -10.42
N LEU I 379 14.92 0.73 -9.20
CA LEU I 379 14.29 0.23 -7.99
C LEU I 379 13.18 1.13 -7.45
N GLN I 380 12.78 2.17 -8.21
CA GLN I 380 11.80 3.12 -7.70
C GLN I 380 10.45 2.44 -7.40
N ASP I 381 10.06 1.49 -8.25
CA ASP I 381 8.81 0.77 -8.01
C ASP I 381 8.84 0.03 -6.68
N ILE I 382 9.91 -0.73 -6.44
CA ILE I 382 10.03 -1.53 -5.23
C ILE I 382 9.92 -0.64 -4.00
N ILE I 383 10.64 0.47 -4.00
CA ILE I 383 10.66 1.41 -2.89
C ILE I 383 9.29 2.02 -2.67
N ALA I 384 8.64 2.43 -3.76
CA ALA I 384 7.42 3.21 -3.66
C ALA I 384 6.19 2.37 -3.30
N ILE I 385 5.83 1.40 -4.14
CA ILE I 385 4.55 0.73 -3.96
C ILE I 385 4.68 -0.42 -2.96
N LEU I 386 5.78 -1.16 -3.03
CA LEU I 386 5.99 -2.27 -2.11
C LEU I 386 6.55 -1.79 -0.77
N GLY I 387 7.73 -1.18 -0.82
CA GLY I 387 8.35 -0.69 0.40
C GLY I 387 9.85 -0.82 0.31
N MET I 388 10.52 0.05 1.07
CA MET I 388 11.97 0.09 1.09
C MET I 388 12.58 -0.90 2.08
N ASP I 389 11.78 -1.50 2.96
CA ASP I 389 12.33 -2.38 3.99
C ASP I 389 12.60 -3.79 3.47
N GLU I 390 12.09 -4.15 2.30
CA GLU I 390 12.26 -5.49 1.74
C GLU I 390 13.40 -5.54 0.73
N LEU I 391 14.43 -4.72 0.92
CA LEU I 391 15.57 -4.68 0.02
C LEU I 391 16.79 -5.28 0.68
N SER I 392 17.75 -5.70 -0.15
CA SER I 392 19.03 -6.14 0.38
C SER I 392 19.84 -4.96 0.88
N GLU I 393 20.88 -5.26 1.67
CA GLU I 393 21.70 -4.21 2.25
C GLU I 393 22.41 -3.40 1.16
N GLN I 394 22.91 -4.07 0.13
CA GLN I 394 23.54 -3.35 -0.97
C GLN I 394 22.55 -2.47 -1.72
N ASP I 395 21.34 -3.00 -1.96
CA ASP I 395 20.31 -2.21 -2.62
C ASP I 395 20.01 -0.95 -1.83
N LYS I 396 19.81 -1.09 -0.52
CA LYS I 396 19.56 0.08 0.32
C LYS I 396 20.71 1.07 0.22
N LEU I 397 21.94 0.61 0.51
CA LEU I 397 23.10 1.50 0.50
C LEU I 397 23.20 2.27 -0.82
N THR I 398 22.97 1.58 -1.94
CA THR I 398 22.94 2.26 -3.22
C THR I 398 21.83 3.29 -3.28
N VAL I 399 20.68 2.99 -2.67
CA VAL I 399 19.56 3.93 -2.69
C VAL I 399 19.92 5.22 -1.96
N GLU I 400 20.45 5.10 -0.73
CA GLU I 400 20.82 6.32 -0.01
C GLU I 400 21.94 7.07 -0.73
N ARG I 401 22.93 6.34 -1.26
CA ARG I 401 24.00 7.02 -1.98
C ARG I 401 23.47 7.78 -3.18
N ALA I 402 22.57 7.16 -3.95
CA ALA I 402 22.05 7.81 -5.14
C ALA I 402 21.17 9.01 -4.79
N ARG I 403 20.38 8.89 -3.72
CA ARG I 403 19.58 10.04 -3.27
C ARG I 403 20.49 11.20 -2.88
N LYS I 404 21.54 10.92 -2.10
CA LYS I 404 22.49 11.95 -1.72
C LYS I 404 23.11 12.60 -2.95
N ILE I 405 23.49 11.78 -3.94
CA ILE I 405 24.09 12.32 -5.15
C ILE I 405 23.11 13.20 -5.92
N GLN I 406 21.86 12.73 -6.05
CA GLN I 406 20.91 13.47 -6.89
C GLN I 406 20.54 14.80 -6.25
N ARG I 407 20.47 14.87 -4.92
CA ARG I 407 20.29 16.19 -4.32
C ARG I 407 21.58 16.97 -4.19
N PHE I 408 22.73 16.32 -4.34
CA PHE I 408 24.01 17.00 -4.45
C PHE I 408 24.23 17.63 -5.82
N LEU I 409 23.50 17.17 -6.83
CA LEU I 409 23.60 17.76 -8.16
C LEU I 409 23.01 19.16 -8.23
N SER I 410 22.21 19.55 -7.24
CA SER I 410 21.61 20.89 -7.23
C SER I 410 22.68 21.92 -6.87
N GLN I 411 22.67 23.05 -7.59
CA GLN I 411 23.65 24.09 -7.36
C GLN I 411 22.96 25.45 -7.30
N PRO I 412 23.45 26.37 -6.47
CA PRO I 412 22.91 27.73 -6.51
C PRO I 412 23.21 28.43 -7.83
N PHE I 413 22.28 29.28 -8.25
CA PHE I 413 22.39 30.06 -9.46
C PHE I 413 22.39 31.55 -9.13
N ALA I 414 23.32 32.27 -9.75
CA ALA I 414 23.48 33.70 -9.46
C ALA I 414 22.24 34.50 -9.85
N VAL I 415 21.50 34.04 -10.86
CA VAL I 415 20.33 34.75 -11.34
C VAL I 415 19.07 34.11 -10.76
N ALA I 416 19.23 33.32 -9.69
CA ALA I 416 18.07 32.71 -9.06
C ALA I 416 17.83 33.22 -7.65
N GLU I 417 18.43 34.34 -7.24
CA GLU I 417 18.17 34.89 -5.92
C GLU I 417 16.72 35.29 -5.70
N VAL I 418 16.03 35.69 -6.77
CA VAL I 418 14.62 36.05 -6.66
C VAL I 418 13.79 34.84 -6.24
N PHE I 419 14.17 33.64 -6.68
CA PHE I 419 13.46 32.42 -6.32
C PHE I 419 14.13 31.71 -5.15
N THR I 420 15.41 31.36 -5.28
CA THR I 420 16.09 30.59 -4.24
C THR I 420 16.34 31.42 -2.99
N GLY I 421 16.86 32.65 -3.18
CA GLY I 421 17.29 33.46 -2.06
C GLY I 421 18.64 33.08 -1.50
N ILE I 422 19.34 32.15 -2.13
CA ILE I 422 20.66 31.69 -1.67
C ILE I 422 21.70 32.18 -2.68
N PRO I 423 22.83 32.72 -2.22
CA PRO I 423 23.84 33.21 -3.17
C PRO I 423 24.34 32.11 -4.09
N GLY I 424 24.58 32.48 -5.35
CA GLY I 424 25.00 31.50 -6.33
C GLY I 424 26.40 30.99 -6.06
N LYS I 425 26.67 29.76 -6.50
CA LYS I 425 27.96 29.12 -6.32
C LYS I 425 28.47 28.59 -7.64
N LEU I 426 29.77 28.78 -7.89
CA LEU I 426 30.43 28.28 -9.09
C LEU I 426 31.53 27.32 -8.63
N VAL I 427 31.36 26.04 -8.93
CA VAL I 427 32.31 25.02 -8.49
C VAL I 427 33.13 24.56 -9.68
N ARG I 428 34.46 24.54 -9.51
CA ARG I 428 35.35 24.25 -10.61
C ARG I 428 35.36 22.75 -10.89
N LEU I 429 35.93 22.37 -12.04
CA LEU I 429 35.79 21.01 -12.55
C LEU I 429 36.37 19.98 -11.57
N LYS I 430 37.67 20.07 -11.30
CA LYS I 430 38.31 19.07 -10.45
C LYS I 430 37.68 19.04 -9.07
N ASP I 431 37.19 20.18 -8.60
CA ASP I 431 36.46 20.20 -7.34
C ASP I 431 35.26 19.28 -7.38
N THR I 432 34.44 19.40 -8.44
CA THR I 432 33.28 18.53 -8.60
C THR I 432 33.70 17.08 -8.71
N VAL I 433 34.74 16.80 -9.50
CA VAL I 433 35.16 15.42 -9.71
C VAL I 433 35.61 14.79 -8.41
N ALA I 434 36.44 15.50 -7.65
CA ALA I 434 36.93 14.96 -6.38
C ALA I 434 35.80 14.79 -5.37
N SER I 435 34.91 15.78 -5.29
CA SER I 435 33.80 15.67 -4.34
C SER I 435 32.91 14.49 -4.65
N PHE I 436 32.56 14.31 -5.93
CA PHE I 436 31.69 13.21 -6.30
C PHE I 436 32.41 11.87 -6.20
N LYS I 437 33.72 11.83 -6.43
CA LYS I 437 34.49 10.61 -6.20
C LYS I 437 34.47 10.23 -4.73
N ALA I 438 34.64 11.22 -3.84
CA ALA I 438 34.59 10.95 -2.41
C ALA I 438 33.21 10.45 -1.99
N VAL I 439 32.15 11.07 -2.51
CA VAL I 439 30.80 10.61 -2.21
C VAL I 439 30.59 9.19 -2.74
N LEU I 440 31.11 8.91 -3.94
CA LEU I 440 31.00 7.59 -4.53
C LEU I 440 31.66 6.52 -3.67
N GLU I 441 32.89 6.80 -3.22
CA GLU I 441 33.63 5.80 -2.45
C GLU I 441 32.91 5.46 -1.15
N GLY I 442 32.41 6.48 -0.46
CA GLY I 442 31.69 6.26 0.78
C GLY I 442 32.30 6.96 1.97
N LYS I 443 33.28 7.83 1.72
CA LYS I 443 33.89 8.59 2.82
C LYS I 443 32.88 9.48 3.52
N TYR I 444 31.83 9.91 2.82
CA TYR I 444 30.93 10.92 3.36
C TYR I 444 29.50 10.38 3.49
N ASP I 445 29.35 9.12 3.90
CA ASP I 445 28.05 8.50 4.01
C ASP I 445 27.27 8.91 5.25
N ASN I 446 27.96 9.39 6.29
CA ASN I 446 27.30 9.75 7.54
C ASN I 446 26.56 11.08 7.45
N ILE I 447 26.92 11.95 6.51
CA ILE I 447 26.27 13.25 6.38
C ILE I 447 24.83 13.06 5.93
N PRO I 448 23.86 13.72 6.57
CA PRO I 448 22.46 13.58 6.11
C PRO I 448 22.27 14.18 4.73
N GLU I 449 21.23 13.71 4.04
CA GLU I 449 21.00 14.11 2.66
C GLU I 449 20.73 15.59 2.51
N HIS I 450 20.13 16.22 3.53
CA HIS I 450 19.76 17.63 3.42
C HIS I 450 20.97 18.53 3.27
N ALA I 451 22.13 18.12 3.78
CA ALA I 451 23.33 18.94 3.64
C ALA I 451 23.86 18.95 2.21
N PHE I 452 23.44 18.00 1.37
CA PHE I 452 23.80 18.00 -0.03
C PHE I 452 22.91 18.90 -0.87
N TYR I 453 21.80 19.38 -0.30
CA TYR I 453 20.81 20.12 -1.07
C TYR I 453 21.17 21.60 -1.15
N MET I 454 21.16 22.13 -2.37
CA MET I 454 21.40 23.54 -2.66
C MET I 454 22.77 23.98 -2.18
N VAL I 455 23.83 23.29 -2.59
CA VAL I 455 25.17 23.59 -2.09
C VAL I 455 26.19 23.63 -3.22
N GLY I 456 27.42 24.00 -2.89
CA GLY I 456 28.51 24.02 -3.85
C GLY I 456 29.34 22.74 -3.80
N GLY I 457 30.60 22.86 -3.41
CA GLY I 457 31.49 21.72 -3.30
C GLY I 457 31.26 20.94 -2.02
N ILE I 458 32.03 19.85 -1.88
CA ILE I 458 31.89 19.01 -0.69
C ILE I 458 32.34 19.73 0.58
N GLU I 459 33.20 20.74 0.47
CA GLU I 459 33.53 21.56 1.64
C GLU I 459 32.29 22.30 2.12
N ASP I 460 31.49 22.82 1.19
CA ASP I 460 30.21 23.41 1.58
C ASP I 460 29.28 22.38 2.20
N VAL I 461 29.34 21.13 1.74
CA VAL I 461 28.54 20.08 2.34
C VAL I 461 28.97 19.84 3.79
N VAL I 462 30.28 19.80 4.03
CA VAL I 462 30.78 19.62 5.40
C VAL I 462 30.34 20.78 6.28
N ALA I 463 30.46 22.00 5.76
CA ALA I 463 30.04 23.17 6.52
C ALA I 463 28.56 23.12 6.84
N LYS I 464 27.74 22.72 5.86
CA LYS I 464 26.31 22.63 6.08
C LYS I 464 25.96 21.55 7.10
N ALA I 465 26.63 20.40 7.03
CA ALA I 465 26.38 19.35 8.02
C ALA I 465 26.74 19.82 9.42
N GLU I 466 27.89 20.48 9.57
CA GLU I 466 28.30 20.97 10.89
C GLU I 466 27.31 22.02 11.41
N LYS I 467 26.88 22.93 10.55
CA LYS I 467 25.93 23.94 11.00
C LYS I 467 24.57 23.35 11.31
N LEU I 468 24.14 22.33 10.55
CA LEU I 468 22.90 21.65 10.88
C LEU I 468 22.98 21.00 12.24
N ALA I 469 24.10 20.33 12.54
CA ALA I 469 24.34 19.87 13.90
C ALA I 469 24.32 21.02 14.88
N ALA I 470 24.69 22.22 14.42
CA ALA I 470 24.73 23.36 15.32
C ALA I 470 23.32 23.79 15.75
N GLU I 471 22.48 24.20 14.81
CA GLU I 471 21.16 24.65 15.27
C GLU I 471 20.29 23.47 15.68
N ALA I 472 20.64 22.25 15.28
CA ALA I 472 19.93 21.09 15.79
C ALA I 472 20.22 20.84 17.26
N ASN I 473 21.34 21.36 17.77
CA ASN I 473 21.74 21.19 19.17
C ASN I 473 21.76 19.73 19.58
N GLU J 1 0.61 7.45 -21.98
CA GLU J 1 0.56 7.61 -20.54
C GLU J 1 0.10 6.32 -19.86
N VAL J 2 -0.64 5.49 -20.59
CA VAL J 2 -1.09 4.22 -20.05
C VAL J 2 0.05 3.20 -20.03
N GLU J 3 1.03 3.37 -20.92
CA GLU J 3 2.09 2.38 -21.06
C GLU J 3 2.94 2.28 -19.78
N MET J 4 3.25 3.41 -19.16
CA MET J 4 4.06 3.37 -17.94
C MET J 4 3.32 2.67 -16.80
N ARG J 5 2.02 2.93 -16.68
CA ARG J 5 1.22 2.26 -15.65
C ARG J 5 1.13 0.77 -15.93
N LEU J 6 0.99 0.39 -17.21
CA LEU J 6 0.99 -1.04 -17.56
C LEU J 6 2.32 -1.69 -17.19
N LYS J 7 3.43 -1.01 -17.47
CA LYS J 7 4.74 -1.54 -17.09
C LYS J 7 4.85 -1.69 -15.57
N SER J 8 4.32 -0.71 -14.82
CA SER J 8 4.34 -0.80 -13.37
C SER J 8 3.56 -2.02 -12.89
N ILE J 9 2.40 -2.29 -13.50
CA ILE J 9 1.62 -3.45 -13.10
C ILE J 9 2.34 -4.74 -13.48
N LYS J 10 3.03 -4.76 -14.61
CA LYS J 10 3.91 -5.89 -14.95
C LYS J 10 4.92 -6.14 -13.84
N ASN J 11 5.60 -5.07 -13.40
CA ASN J 11 6.58 -5.22 -12.34
C ASN J 11 5.93 -5.73 -11.05
N ILE J 12 4.73 -5.24 -10.73
CA ILE J 12 4.04 -5.70 -9.54
C ILE J 12 3.74 -7.19 -9.63
N GLU J 13 3.31 -7.66 -10.79
CA GLU J 13 3.05 -9.08 -10.97
C GLU J 13 4.32 -9.90 -10.76
N LYS J 14 5.44 -9.41 -11.33
CA LYS J 14 6.71 -10.12 -11.14
C LYS J 14 7.10 -10.17 -9.67
N ILE J 15 6.95 -9.04 -8.96
CA ILE J 15 7.30 -8.98 -7.54
C ILE J 15 6.45 -9.96 -6.75
N THR J 16 5.14 -10.00 -7.04
CA THR J 16 4.26 -10.89 -6.31
C THR J 16 4.61 -12.36 -6.55
N LYS J 17 4.93 -12.71 -7.79
CA LYS J 17 5.31 -14.09 -8.08
C LYS J 17 6.59 -14.47 -7.34
N THR J 18 7.60 -13.61 -7.39
CA THR J 18 8.85 -13.89 -6.69
C THR J 18 8.63 -14.00 -5.19
N MET J 19 7.82 -13.11 -4.64
CA MET J 19 7.54 -13.11 -3.21
C MET J 19 6.81 -14.39 -2.79
N LYS J 20 5.86 -14.85 -3.61
CA LYS J 20 5.17 -16.08 -3.25
C LYS J 20 6.08 -17.30 -3.35
N ILE J 21 7.03 -17.30 -4.30
CA ILE J 21 7.97 -18.41 -4.37
C ILE J 21 8.87 -18.44 -3.14
N VAL J 22 9.44 -17.28 -2.78
CA VAL J 22 10.30 -17.25 -1.61
C VAL J 22 9.49 -17.52 -0.35
N ALA J 23 8.20 -17.17 -0.35
CA ALA J 23 7.34 -17.48 0.78
C ALA J 23 7.10 -18.97 0.90
N SER J 24 6.97 -19.67 -0.23
CA SER J 24 6.88 -21.13 -0.19
C SER J 24 8.13 -21.74 0.41
N THR J 25 9.30 -21.25 -0.02
CA THR J 25 10.55 -21.78 0.55
C THR J 25 10.64 -21.51 2.05
N ARG J 26 10.30 -20.29 2.46
CA ARG J 26 10.35 -19.95 3.89
C ARG J 26 9.32 -20.74 4.67
N LEU J 27 8.17 -21.05 4.06
CA LEU J 27 7.17 -21.89 4.71
C LEU J 27 7.71 -23.29 4.95
N SER J 28 8.38 -23.86 3.96
CA SER J 28 8.99 -25.18 4.16
C SER J 28 10.00 -25.15 5.30
N LYS J 29 10.87 -24.14 5.31
CA LYS J 29 11.88 -24.04 6.36
C LYS J 29 11.23 -23.87 7.73
N ALA J 30 10.22 -23.00 7.81
CA ALA J 30 9.56 -22.74 9.09
C ALA J 30 8.84 -23.98 9.60
N GLU J 31 8.20 -24.74 8.69
CA GLU J 31 7.52 -25.96 9.12
C GLU J 31 8.50 -27.00 9.64
N LYS J 32 9.61 -27.19 8.92
CA LYS J 32 10.58 -28.18 9.37
C LYS J 32 11.30 -27.74 10.64
N ALA J 33 11.34 -26.43 10.91
CA ALA J 33 11.87 -25.97 12.19
C ALA J 33 10.83 -26.09 13.30
N LYS J 34 9.55 -25.92 12.97
CA LYS J 34 8.50 -25.86 13.99
C LYS J 34 8.04 -27.23 14.44
N ILE J 35 8.28 -28.27 13.64
CA ILE J 35 7.83 -29.61 14.03
C ILE J 35 8.47 -30.02 15.37
N SER J 36 9.78 -29.80 15.50
CA SER J 36 10.48 -30.17 16.73
C SER J 36 10.00 -29.34 17.92
N ALA J 37 9.75 -28.04 17.70
CA ALA J 37 9.24 -27.20 18.78
C ALA J 37 7.86 -27.66 19.23
N LYS J 38 7.02 -28.07 18.28
CA LYS J 38 5.73 -28.63 18.63
C LYS J 38 5.88 -29.92 19.43
N LYS J 39 6.89 -30.73 19.07
CA LYS J 39 7.18 -31.92 19.86
C LYS J 39 7.55 -31.56 21.29
N MET J 40 8.39 -30.54 21.47
CA MET J 40 8.74 -30.06 22.80
C MET J 40 7.50 -29.61 23.55
N ASP J 41 6.63 -28.86 22.88
CA ASP J 41 5.39 -28.41 23.50
C ASP J 41 4.59 -29.59 24.02
N GLU J 42 4.25 -30.52 23.13
CA GLU J 42 3.35 -31.61 23.51
C GLU J 42 3.95 -32.49 24.59
N ALA J 43 5.25 -32.79 24.48
CA ALA J 43 5.88 -33.75 25.39
C ALA J 43 5.78 -33.32 26.84
N GLU J 44 5.64 -32.01 27.09
CA GLU J 44 5.46 -31.52 28.45
C GLU J 44 4.04 -31.06 28.74
N GLN J 45 3.27 -30.65 27.72
CA GLN J 45 1.91 -30.20 27.96
C GLN J 45 0.97 -31.37 28.25
N LEU J 46 1.15 -32.50 27.55
CA LEU J 46 0.33 -33.66 27.87
C LEU J 46 0.70 -34.21 29.24
N PHE J 47 1.95 -34.04 29.66
CA PHE J 47 2.34 -34.43 31.01
C PHE J 47 1.77 -33.48 32.05
N TYR J 48 1.69 -32.18 31.72
CA TYR J 48 1.05 -31.23 32.62
C TYR J 48 -0.44 -31.50 32.74
N LYS J 49 -1.02 -32.23 31.79
CA LYS J 49 -2.40 -32.66 31.93
C LYS J 49 -2.55 -33.64 33.08
N ASN J 50 -1.52 -34.45 33.34
CA ASN J 50 -1.57 -35.38 34.46
C ASN J 50 -1.66 -34.63 35.78
N ALA J 51 -0.79 -33.64 35.98
CA ALA J 51 -0.90 -32.72 37.11
C ALA J 51 -1.60 -31.44 36.64
N GLU J 52 -2.93 -31.52 36.61
CA GLU J 52 -3.73 -30.51 35.92
C GLU J 52 -3.45 -29.11 36.42
N THR J 53 -3.35 -28.94 37.74
CA THR J 53 -3.21 -27.62 38.35
C THR J 53 -4.36 -26.73 37.91
N LYS J 54 -4.23 -26.12 36.73
CA LYS J 54 -5.25 -25.32 36.05
C LYS J 54 -6.01 -24.41 37.01
N ASN J 55 -5.31 -23.88 38.01
CA ASN J 55 -5.90 -23.04 39.03
C ASN J 55 -5.86 -21.59 38.58
N LEU J 56 -6.11 -20.66 39.52
CA LEU J 56 -6.05 -19.25 39.21
C LEU J 56 -4.68 -18.83 38.72
N ASP J 57 -3.64 -19.59 39.06
CA ASP J 57 -2.29 -19.29 38.60
C ASP J 57 -1.80 -20.37 37.64
N LYS J 67 -1.30 -6.80 37.52
CA LYS J 67 -1.07 -7.97 38.35
C LYS J 67 -0.65 -9.17 37.51
N GLU J 68 -1.17 -9.25 36.29
CA GLU J 68 -0.94 -10.38 35.42
C GLU J 68 0.04 -10.02 34.30
N LEU J 69 0.76 -11.03 33.82
CA LEU J 69 1.73 -10.87 32.74
C LEU J 69 1.22 -11.63 31.53
N ILE J 70 1.06 -10.93 30.41
CA ILE J 70 0.57 -11.53 29.16
C ILE J 70 1.54 -11.20 28.05
N VAL J 71 1.90 -12.21 27.26
CA VAL J 71 2.87 -12.09 26.18
C VAL J 71 2.13 -12.20 24.85
N ALA J 72 2.63 -11.48 23.84
CA ALA J 72 2.07 -11.52 22.50
C ALA J 72 3.17 -11.83 21.50
N ILE J 73 2.86 -12.70 20.54
CA ILE J 73 3.82 -13.15 19.53
C ILE J 73 3.38 -12.61 18.18
N THR J 74 4.22 -11.78 17.56
CA THR J 74 4.00 -11.32 16.19
C THR J 74 5.35 -11.23 15.48
N SER J 75 5.28 -11.23 14.16
CA SER J 75 6.48 -11.15 13.34
C SER J 75 6.92 -9.70 13.14
N ASP J 76 8.23 -9.52 12.96
CA ASP J 76 8.76 -8.19 12.69
C ASP J 76 8.24 -7.64 11.37
N LYS J 77 8.16 -8.49 10.34
CA LYS J 77 7.67 -8.06 9.05
C LYS J 77 6.15 -8.20 9.00
N GLY J 78 5.47 -7.11 8.65
CA GLY J 78 4.02 -7.08 8.60
C GLY J 78 3.50 -6.68 7.25
N LEU J 79 4.12 -7.20 6.19
CA LEU J 79 3.79 -6.79 4.83
C LEU J 79 2.33 -7.07 4.51
N CYS J 80 1.77 -8.15 5.05
CA CYS J 80 0.42 -8.56 4.70
C CYS J 80 -0.11 -9.51 5.78
N GLY J 81 -1.35 -9.95 5.60
CA GLY J 81 -1.96 -10.92 6.48
C GLY J 81 -2.74 -10.26 7.60
N SER J 82 -3.79 -10.96 8.03
CA SER J 82 -4.59 -10.55 9.17
C SER J 82 -4.06 -11.10 10.49
N ILE J 83 -2.78 -11.48 10.52
CA ILE J 83 -2.15 -11.95 11.76
C ILE J 83 -2.26 -10.89 12.84
N HIS J 84 -1.66 -9.73 12.61
CA HIS J 84 -1.60 -8.69 13.62
C HIS J 84 -2.99 -8.17 13.98
N SER J 85 -3.92 -8.20 13.03
CA SER J 85 -5.30 -7.81 13.34
C SER J 85 -5.94 -8.75 14.35
N GLN J 86 -5.77 -10.05 14.16
CA GLN J 86 -6.32 -11.01 15.11
C GLN J 86 -5.62 -10.93 16.46
N LEU J 87 -4.30 -10.76 16.47
CA LEU J 87 -3.60 -10.56 17.73
C LEU J 87 -4.09 -9.30 18.43
N ALA J 88 -4.35 -8.23 17.67
CA ALA J 88 -4.84 -6.99 18.24
C ALA J 88 -6.23 -7.15 18.84
N LYS J 89 -7.13 -7.83 18.13
CA LYS J 89 -8.47 -8.02 18.69
C LYS J 89 -8.41 -8.87 19.94
N ALA J 90 -7.55 -9.90 19.95
CA ALA J 90 -7.39 -10.72 21.15
C ALA J 90 -6.86 -9.90 22.33
N VAL J 91 -5.84 -9.08 22.08
CA VAL J 91 -5.24 -8.32 23.18
C VAL J 91 -6.20 -7.25 23.69
N ARG J 92 -6.98 -6.64 22.79
CA ARG J 92 -7.98 -5.67 23.23
C ARG J 92 -9.07 -6.34 24.05
N ARG J 93 -9.52 -7.51 23.61
CA ARG J 93 -10.55 -8.24 24.37
C ARG J 93 -10.05 -8.59 25.77
N HIS J 94 -8.88 -9.22 25.86
CA HIS J 94 -8.36 -9.60 27.17
C HIS J 94 -7.94 -8.39 28.00
N LEU J 95 -7.65 -7.26 27.36
CA LEU J 95 -7.33 -6.06 28.12
C LEU J 95 -8.58 -5.43 28.73
N ASN J 96 -9.68 -5.39 27.97
CA ASN J 96 -10.91 -4.86 28.55
C ASN J 96 -11.50 -5.82 29.57
N ASP J 97 -11.23 -7.13 29.42
CA ASP J 97 -11.67 -8.08 30.45
C ASP J 97 -10.96 -7.84 31.77
N GLN J 98 -9.64 -7.63 31.73
CA GLN J 98 -8.86 -7.30 32.92
C GLN J 98 -7.95 -6.12 32.59
N PRO J 99 -8.32 -4.90 33.02
CA PRO J 99 -7.50 -3.73 32.67
C PRO J 99 -6.17 -3.67 33.39
N ASN J 100 -5.95 -4.49 34.43
CA ASN J 100 -4.70 -4.44 35.18
C ASN J 100 -3.62 -5.33 34.58
N ALA J 101 -3.96 -6.17 33.60
CA ALA J 101 -2.97 -7.09 33.03
C ALA J 101 -1.96 -6.34 32.17
N ASP J 102 -0.73 -6.87 32.15
CA ASP J 102 0.33 -6.27 31.37
C ASP J 102 0.21 -6.67 29.89
N ILE J 103 0.89 -5.92 29.04
CA ILE J 103 0.74 -6.04 27.59
C ILE J 103 2.12 -6.35 27.00
N VAL J 104 2.90 -7.16 27.73
CA VAL J 104 4.20 -7.60 27.23
C VAL J 104 4.05 -8.20 25.83
N THR J 105 4.94 -7.81 24.92
CA THR J 105 4.89 -8.25 23.53
C THR J 105 6.27 -8.66 23.05
N ILE J 106 6.30 -9.22 21.83
CA ILE J 106 7.53 -9.50 21.11
C ILE J 106 7.32 -9.02 19.68
N GLY J 107 8.42 -8.86 18.95
CA GLY J 107 8.28 -8.32 17.62
C GLY J 107 8.01 -6.82 17.67
N ASP J 108 7.53 -6.29 16.55
CA ASP J 108 7.28 -4.85 16.50
C ASP J 108 5.85 -4.53 16.04
N LYS J 109 5.31 -5.35 15.13
CA LYS J 109 4.05 -4.99 14.50
C LYS J 109 2.92 -4.87 15.51
N ILE J 110 2.82 -5.81 16.45
CA ILE J 110 1.82 -5.68 17.49
C ILE J 110 2.13 -4.50 18.41
N LYS J 111 3.40 -4.10 18.49
CA LYS J 111 3.75 -2.93 19.28
C LYS J 111 3.18 -1.66 18.65
N MET J 112 3.41 -1.46 17.36
CA MET J 112 2.80 -0.31 16.69
C MET J 112 1.28 -0.40 16.72
N GLN J 113 0.73 -1.61 16.59
CA GLN J 113 -0.72 -1.75 16.71
C GLN J 113 -1.20 -1.42 18.12
N LEU J 114 -0.33 -1.51 19.13
CA LEU J 114 -0.70 -1.23 20.51
C LEU J 114 -0.25 0.17 20.93
N LEU J 115 -0.78 1.18 20.27
CA LEU J 115 -0.67 2.57 20.72
C LEU J 115 -2.00 3.20 21.05
N ARG J 116 -3.04 2.97 20.25
CA ARG J 116 -4.32 3.63 20.43
C ARG J 116 -5.23 2.90 21.41
N THR J 117 -4.77 1.79 22.01
CA THR J 117 -5.58 1.01 22.95
C THR J 117 -4.76 0.80 24.23
N HIS J 118 -4.85 1.77 25.15
CA HIS J 118 -4.35 1.68 26.50
C HIS J 118 -2.84 1.37 26.50
N PRO J 119 -2.00 2.33 26.06
CA PRO J 119 -0.56 2.09 25.95
C PRO J 119 0.23 2.40 27.22
N ASN J 120 -0.23 1.86 28.35
CA ASN J 120 0.50 2.06 29.60
C ASN J 120 0.76 0.74 30.31
N ASN J 121 -0.17 -0.21 30.21
CA ASN J 121 0.09 -1.54 30.76
C ASN J 121 1.17 -2.28 29.99
N ILE J 122 1.51 -1.84 28.79
CA ILE J 122 2.59 -2.45 28.02
C ILE J 122 3.92 -2.17 28.73
N LYS J 123 4.70 -3.23 28.95
CA LYS J 123 5.93 -3.16 29.72
C LYS J 123 7.16 -3.48 28.89
N LEU J 124 7.16 -4.62 28.20
CA LEU J 124 8.30 -5.08 27.43
C LEU J 124 8.07 -4.84 25.94
N SER J 125 9.15 -4.55 25.23
CA SER J 125 9.10 -4.37 23.78
C SER J 125 10.43 -4.83 23.19
N ILE J 126 10.39 -5.87 22.37
CA ILE J 126 11.56 -6.38 21.68
C ILE J 126 11.21 -6.64 20.22
N ASN J 127 11.97 -6.05 19.30
CA ASN J 127 11.78 -6.23 17.87
C ASN J 127 12.96 -7.02 17.30
N GLY J 128 12.92 -7.22 15.99
CA GLY J 128 13.98 -7.97 15.32
C GLY J 128 14.09 -9.42 15.74
N ILE J 129 12.96 -10.08 15.96
CA ILE J 129 12.97 -11.46 16.42
C ILE J 129 12.71 -12.41 15.25
N GLY J 130 11.52 -12.32 14.67
CA GLY J 130 11.18 -13.23 13.57
C GLY J 130 11.46 -12.63 12.21
N LYS J 131 12.67 -12.87 11.70
CA LYS J 131 13.00 -12.50 10.32
C LYS J 131 13.79 -13.56 9.57
N ASP J 132 14.39 -14.53 10.25
CA ASP J 132 15.19 -15.55 9.58
C ASP J 132 14.86 -16.96 10.03
N ALA J 133 14.59 -17.18 11.31
CA ALA J 133 14.39 -18.51 11.86
C ALA J 133 13.89 -18.36 13.29
N PRO J 134 13.20 -19.39 13.82
CA PRO J 134 12.78 -19.31 15.23
C PRO J 134 13.94 -19.27 16.21
N THR J 135 14.90 -20.19 16.08
CA THR J 135 16.09 -20.28 16.91
C THR J 135 15.76 -20.54 18.38
N PHE J 136 16.76 -20.88 19.18
CA PHE J 136 16.57 -21.21 20.58
C PHE J 136 17.26 -20.23 21.54
N GLN J 137 18.40 -19.67 21.16
CA GLN J 137 19.12 -18.76 22.04
C GLN J 137 18.29 -17.53 22.36
N GLU J 138 17.64 -16.96 21.35
CA GLU J 138 16.81 -15.77 21.56
C GLU J 138 15.68 -16.07 22.54
N SER J 139 15.02 -17.22 22.38
CA SER J 139 13.94 -17.58 23.28
C SER J 139 14.45 -17.73 24.71
N ALA J 140 15.60 -18.37 24.88
CA ALA J 140 16.16 -18.54 26.22
C ALA J 140 16.49 -17.20 26.86
N LEU J 141 17.10 -16.29 26.09
CA LEU J 141 17.42 -14.98 26.64
C LEU J 141 16.17 -14.21 27.02
N ILE J 142 15.14 -14.26 26.16
CA ILE J 142 13.90 -13.56 26.46
C ILE J 142 13.26 -14.10 27.73
N ALA J 143 13.19 -15.43 27.86
CA ALA J 143 12.60 -16.03 29.06
C ALA J 143 13.42 -15.67 30.29
N ASP J 144 14.75 -15.67 30.16
CA ASP J 144 15.61 -15.38 31.30
C ASP J 144 15.40 -13.96 31.79
N LYS J 145 15.30 -12.99 30.87
CA LYS J 145 15.13 -11.61 31.33
C LYS J 145 13.68 -11.28 31.66
N LEU J 146 12.73 -12.11 31.20
CA LEU J 146 11.39 -12.05 31.78
C LEU J 146 11.40 -12.48 33.23
N LEU J 147 12.13 -13.54 33.55
CA LEU J 147 12.19 -14.02 34.92
C LEU J 147 12.96 -13.05 35.82
N SER J 148 14.12 -12.58 35.34
CA SER J 148 15.00 -11.78 36.20
C SER J 148 14.45 -10.37 36.42
N VAL J 149 13.99 -9.71 35.36
CA VAL J 149 13.63 -8.30 35.41
C VAL J 149 12.15 -8.10 35.76
N MET J 150 11.27 -8.85 35.11
CA MET J 150 9.83 -8.67 35.30
C MET J 150 9.22 -9.66 36.28
N LYS J 151 10.05 -10.44 36.98
CA LYS J 151 9.63 -11.37 38.04
C LYS J 151 8.31 -12.08 37.69
N ALA J 152 8.35 -12.79 36.57
CA ALA J 152 7.14 -13.42 36.03
C ALA J 152 6.54 -14.45 36.98
N GLY J 153 7.30 -14.98 37.92
CA GLY J 153 6.79 -16.00 38.81
C GLY J 153 5.69 -15.52 39.74
N THR J 154 5.60 -14.23 39.98
CA THR J 154 4.61 -13.66 40.89
C THR J 154 3.33 -13.24 40.18
N TYR J 155 3.26 -13.35 38.86
CA TYR J 155 2.08 -12.93 38.11
C TYR J 155 1.15 -14.12 37.95
N PRO J 156 -0.12 -14.01 38.35
CA PRO J 156 -1.02 -15.18 38.39
C PRO J 156 -1.14 -15.92 37.06
N LYS J 157 -1.62 -15.25 36.01
CA LYS J 157 -1.85 -15.88 34.73
C LYS J 157 -0.76 -15.43 33.75
N ILE J 158 -0.17 -16.38 33.04
CA ILE J 158 0.82 -16.07 32.02
C ILE J 158 0.26 -16.51 30.67
N SER J 159 -0.42 -15.61 29.99
CA SER J 159 -1.04 -15.89 28.70
C SER J 159 -0.09 -15.45 27.59
N ILE J 160 0.04 -16.28 26.55
CA ILE J 160 0.93 -16.00 25.43
C ILE J 160 0.08 -15.92 24.17
N PHE J 161 0.08 -14.75 23.53
CA PHE J 161 -0.73 -14.51 22.35
C PHE J 161 0.04 -14.97 21.10
N TYR J 162 -0.51 -15.93 20.38
CA TYR J 162 0.15 -16.41 19.16
C TYR J 162 -0.89 -17.07 18.27
N ASN J 163 -0.58 -17.15 16.98
CA ASN J 163 -1.51 -17.66 15.97
C ASN J 163 -1.24 -19.13 15.71
N ASP J 164 -2.29 -19.94 15.74
CA ASP J 164 -2.16 -21.36 15.45
C ASP J 164 -2.21 -21.61 13.94
N PRO J 165 -1.17 -22.17 13.35
CA PRO J 165 -1.26 -22.58 11.95
C PRO J 165 -2.03 -23.87 11.79
N VAL J 166 -3.35 -23.81 12.04
CA VAL J 166 -4.18 -25.01 12.03
C VAL J 166 -4.21 -25.62 10.63
N SER J 167 -4.31 -24.79 9.59
CA SER J 167 -4.36 -25.25 8.22
C SER J 167 -3.19 -24.66 7.45
N SER J 168 -3.03 -25.08 6.20
CA SER J 168 -1.98 -24.54 5.35
C SER J 168 -2.25 -23.10 4.94
N LEU J 169 -3.47 -22.60 5.16
CA LEU J 169 -3.81 -21.22 4.84
C LEU J 169 -4.57 -20.49 5.93
N SER J 170 -5.21 -21.18 6.86
CA SER J 170 -6.00 -20.54 7.90
C SER J 170 -5.22 -20.47 9.21
N PHE J 171 -5.61 -19.52 10.05
CA PHE J 171 -4.93 -19.30 11.32
C PHE J 171 -5.87 -18.53 12.25
N GLU J 172 -5.63 -18.68 13.56
CA GLU J 172 -6.35 -17.93 14.58
C GLU J 172 -5.51 -17.84 15.85
N PRO J 173 -5.69 -16.80 16.65
CA PRO J 173 -4.95 -16.74 17.93
C PRO J 173 -5.42 -17.81 18.90
N SER J 174 -4.49 -18.23 19.76
CA SER J 174 -4.76 -19.25 20.75
C SER J 174 -3.87 -19.01 21.95
N GLU J 175 -4.20 -19.65 23.07
CA GLU J 175 -3.62 -19.31 24.35
C GLU J 175 -3.02 -20.54 25.02
N LYS J 176 -1.90 -20.33 25.71
CA LYS J 176 -1.23 -21.35 26.49
C LYS J 176 -0.82 -20.77 27.83
N PRO J 177 -1.48 -21.15 28.93
CA PRO J 177 -1.12 -20.58 30.23
C PRO J 177 0.01 -21.32 30.92
N ILE J 178 0.74 -20.58 31.75
CA ILE J 178 1.92 -21.09 32.44
C ILE J 178 1.65 -21.05 33.94
N PHE J 179 1.72 -22.21 34.58
CA PHE J 179 1.53 -22.31 36.02
C PHE J 179 2.73 -21.72 36.75
N ASN J 180 2.46 -20.91 37.77
CA ASN J 180 3.54 -20.34 38.56
C ASN J 180 4.22 -21.40 39.40
N ALA J 181 5.47 -21.13 39.77
CA ALA J 181 6.19 -22.03 40.67
C ALA J 181 5.50 -22.12 42.03
N LYS J 182 4.80 -21.06 42.43
CA LYS J 182 4.08 -21.06 43.69
C LYS J 182 2.86 -21.97 43.67
N THR J 183 2.41 -22.41 42.49
CA THR J 183 1.21 -23.21 42.37
C THR J 183 1.41 -24.56 41.69
N ILE J 184 2.53 -24.75 40.98
CA ILE J 184 2.82 -26.08 40.45
C ILE J 184 3.02 -27.05 41.60
N GLU J 185 3.47 -26.57 42.75
CA GLU J 185 3.57 -27.39 43.95
C GLU J 185 2.22 -27.66 44.58
N GLN J 186 1.18 -26.92 44.19
CA GLN J 186 -0.17 -27.16 44.68
C GLN J 186 -1.01 -28.01 43.74
N SER J 187 -0.38 -28.69 42.77
CA SER J 187 -1.12 -29.51 41.85
C SER J 187 -1.78 -30.67 42.59
N PRO J 188 -3.01 -31.05 42.22
CA PRO J 188 -3.64 -32.21 42.88
C PRO J 188 -2.86 -33.50 42.70
N SER J 189 -2.18 -33.67 41.57
CA SER J 189 -1.37 -34.84 41.30
C SER J 189 0.09 -34.63 41.62
N PHE J 190 0.43 -33.57 42.36
CA PHE J 190 1.83 -33.29 42.67
C PHE J 190 2.42 -34.34 43.62
N GLY J 191 1.57 -35.02 44.39
CA GLY J 191 2.06 -35.96 45.37
C GLY J 191 2.75 -37.17 44.76
N LYS J 192 2.24 -37.65 43.62
CA LYS J 192 2.75 -38.88 43.02
C LYS J 192 4.17 -38.72 42.47
N PHE J 193 4.69 -37.50 42.38
CA PHE J 193 6.07 -37.26 41.99
C PHE J 193 6.93 -37.17 43.24
N GLU J 194 7.98 -37.99 43.30
CA GLU J 194 8.91 -37.97 44.43
C GLU J 194 9.91 -36.81 44.25
N ILE J 195 9.42 -35.61 44.56
CA ILE J 195 10.24 -34.41 44.46
C ILE J 195 11.33 -34.44 45.54
N ASP J 196 12.36 -33.63 45.33
CA ASP J 196 13.40 -33.39 46.31
C ASP J 196 13.53 -31.89 46.54
N THR J 197 13.59 -31.49 47.81
CA THR J 197 13.72 -30.08 48.15
C THR J 197 15.10 -29.52 47.84
N ASP J 198 16.07 -30.37 47.49
CA ASP J 198 17.43 -29.90 47.24
C ASP J 198 17.52 -29.18 45.90
N ALA J 199 16.84 -29.70 44.87
CA ALA J 199 16.97 -29.20 43.51
C ALA J 199 15.98 -28.10 43.18
N ASN J 200 15.16 -27.68 44.14
CA ASN J 200 14.10 -26.68 43.94
C ASN J 200 13.39 -26.87 42.59
N VAL J 201 12.83 -28.06 42.44
CA VAL J 201 12.18 -28.49 41.20
C VAL J 201 11.02 -27.59 40.76
N PRO J 202 10.18 -27.02 41.64
CA PRO J 202 9.07 -26.20 41.12
C PRO J 202 9.51 -25.01 40.29
N ARG J 203 10.46 -24.22 40.77
CA ARG J 203 10.84 -23.01 40.04
C ARG J 203 11.61 -23.34 38.77
N ASP J 204 12.48 -24.36 38.81
CA ASP J 204 13.18 -24.77 37.60
C ASP J 204 12.19 -25.30 36.56
N LEU J 205 11.20 -26.08 37.01
CA LEU J 205 10.15 -26.55 36.12
C LEU J 205 9.38 -25.38 35.52
N PHE J 206 9.08 -24.37 36.33
CA PHE J 206 8.33 -23.22 35.83
C PHE J 206 9.12 -22.46 34.77
N GLU J 207 10.42 -22.24 35.02
CA GLU J 207 11.24 -21.52 34.05
C GLU J 207 11.39 -22.30 32.75
N TYR J 208 11.67 -23.60 32.86
CA TYR J 208 11.80 -24.45 31.67
C TYR J 208 10.48 -24.49 30.90
N THR J 209 9.36 -24.58 31.61
CA THR J 209 8.04 -24.55 31.01
C THR J 209 7.82 -23.26 30.23
N LEU J 210 8.12 -22.12 30.84
CA LEU J 210 7.97 -20.84 30.17
C LEU J 210 8.80 -20.79 28.90
N ALA J 211 10.06 -21.19 28.99
CA ALA J 211 10.94 -21.16 27.82
C ALA J 211 10.39 -22.02 26.70
N ASN J 212 10.01 -23.26 27.01
CA ASN J 212 9.58 -24.19 25.97
C ASN J 212 8.30 -23.72 25.29
N GLN J 213 7.29 -23.36 26.08
CA GLN J 213 6.02 -22.96 25.48
C GLN J 213 6.14 -21.63 24.74
N MET J 214 6.95 -20.68 25.24
CA MET J 214 7.11 -19.45 24.48
C MET J 214 7.83 -19.71 23.16
N LEU J 215 8.83 -20.60 23.17
CA LEU J 215 9.52 -20.95 21.92
C LEU J 215 8.57 -21.60 20.92
N THR J 216 7.77 -22.55 21.39
CA THR J 216 6.84 -23.22 20.49
C THR J 216 5.79 -22.25 19.94
N ALA J 217 5.28 -21.37 20.80
CA ALA J 217 4.29 -20.39 20.35
C ALA J 217 4.89 -19.47 19.29
N MET J 218 6.12 -18.99 19.50
CA MET J 218 6.72 -18.11 18.51
C MET J 218 7.01 -18.85 17.20
N ALA J 219 7.41 -20.11 17.27
CA ALA J 219 7.61 -20.88 16.04
C ALA J 219 6.30 -21.06 15.28
N GLN J 220 5.22 -21.39 15.99
CA GLN J 220 3.92 -21.55 15.34
C GLN J 220 3.45 -20.23 14.72
N GLY J 221 3.64 -19.12 15.43
CA GLY J 221 3.29 -17.83 14.87
C GLY J 221 4.09 -17.50 13.62
N TYR J 222 5.39 -17.82 13.64
CA TYR J 222 6.22 -17.63 12.46
C TYR J 222 5.68 -18.41 11.27
N ALA J 223 5.36 -19.69 11.48
CA ALA J 223 4.86 -20.52 10.39
C ALA J 223 3.53 -19.99 9.86
N ALA J 224 2.62 -19.63 10.75
CA ALA J 224 1.32 -19.12 10.32
C ALA J 224 1.45 -17.82 9.56
N GLU J 225 2.33 -16.92 10.04
CA GLU J 225 2.54 -15.65 9.36
C GLU J 225 3.10 -15.86 7.96
N ILE J 226 4.05 -16.79 7.82
CA ILE J 226 4.62 -17.05 6.49
C ILE J 226 3.57 -17.62 5.56
N SER J 227 2.73 -18.53 6.07
CA SER J 227 1.67 -19.10 5.23
C SER J 227 0.69 -18.03 4.77
N ALA J 228 0.29 -17.14 5.69
CA ALA J 228 -0.63 -16.07 5.33
C ALA J 228 0.01 -15.13 4.31
N ARG J 229 1.31 -14.87 4.46
CA ARG J 229 2.01 -14.03 3.49
C ARG J 229 1.99 -14.68 2.11
N ARG J 230 2.23 -16.00 2.05
CA ARG J 230 2.17 -16.70 0.77
C ARG J 230 0.80 -16.57 0.13
N ASN J 231 -0.27 -16.77 0.92
CA ASN J 231 -1.61 -16.65 0.38
C ASN J 231 -1.88 -15.23 -0.13
N ALA J 232 -1.46 -14.22 0.64
CA ALA J 232 -1.67 -12.84 0.22
C ALA J 232 -0.92 -12.52 -1.07
N MET J 233 0.31 -13.03 -1.21
CA MET J 233 1.06 -12.81 -2.43
C MET J 233 0.40 -13.49 -3.62
N ASP J 234 -0.16 -14.68 -3.44
CA ASP J 234 -0.89 -15.32 -4.53
C ASP J 234 -2.11 -14.48 -4.94
N ASN J 235 -2.84 -13.98 -3.95
CA ASN J 235 -3.99 -13.13 -4.25
C ASN J 235 -3.58 -11.87 -5.01
N ALA J 236 -2.50 -11.22 -4.55
CA ALA J 236 -2.00 -10.04 -5.24
C ALA J 236 -1.55 -10.39 -6.65
N SER J 237 -1.00 -11.59 -6.84
CA SER J 237 -0.59 -12.03 -8.18
C SER J 237 -1.79 -12.08 -9.12
N LYS J 238 -2.88 -12.71 -8.69
CA LYS J 238 -4.01 -12.83 -9.60
C LYS J 238 -4.68 -11.47 -9.83
N ASN J 239 -4.72 -10.62 -8.79
CA ASN J 239 -5.26 -9.28 -8.98
C ASN J 239 -4.43 -8.47 -9.98
N ALA J 240 -3.10 -8.57 -9.87
CA ALA J 240 -2.23 -7.89 -10.82
C ALA J 240 -2.42 -8.43 -12.23
N GLY J 241 -2.65 -9.74 -12.36
CA GLY J 241 -2.92 -10.30 -13.68
C GLY J 241 -4.18 -9.73 -14.30
N ASP J 242 -5.25 -9.64 -13.51
CA ASP J 242 -6.48 -9.04 -14.02
C ASP J 242 -6.26 -7.58 -14.42
N MET J 243 -5.53 -6.84 -13.59
CA MET J 243 -5.22 -5.45 -13.91
C MET J 243 -4.43 -5.35 -15.22
N ILE J 244 -3.47 -6.26 -15.40
CA ILE J 244 -2.66 -6.28 -16.61
C ILE J 244 -3.54 -6.51 -17.83
N ASN J 245 -4.46 -7.48 -17.75
CA ASN J 245 -5.35 -7.75 -18.89
C ASN J 245 -6.18 -6.53 -19.25
N ARG J 246 -6.81 -5.91 -18.24
CA ARG J 246 -7.66 -4.76 -18.51
C ARG J 246 -6.87 -3.61 -19.12
N TYR J 247 -5.69 -3.33 -18.57
CA TYR J 247 -4.93 -2.19 -19.06
C TYR J 247 -4.28 -2.47 -20.40
N SER J 248 -3.98 -3.73 -20.72
CA SER J 248 -3.55 -4.07 -22.06
C SER J 248 -4.65 -3.79 -23.08
N ILE J 249 -5.88 -4.18 -22.74
CA ILE J 249 -7.01 -3.88 -23.62
C ILE J 249 -7.13 -2.37 -23.81
N LEU J 250 -7.05 -1.62 -22.70
CA LEU J 250 -7.19 -0.16 -22.78
C LEU J 250 -6.07 0.46 -23.61
N TYR J 251 -4.84 -0.02 -23.45
CA TYR J 251 -3.72 0.54 -24.21
C TYR J 251 -3.87 0.28 -25.69
N ASN J 252 -4.30 -0.94 -26.06
CA ASN J 252 -4.51 -1.23 -27.47
C ASN J 252 -5.59 -0.32 -28.06
N ARG J 253 -6.70 -0.15 -27.32
CA ARG J 253 -7.75 0.74 -27.80
C ARG J 253 -7.24 2.16 -27.94
N THR J 254 -6.44 2.62 -26.97
CA THR J 254 -5.94 4.00 -27.02
C THR J 254 -5.03 4.22 -28.22
N ARG J 255 -4.12 3.28 -28.49
CA ARG J 255 -3.22 3.46 -29.63
C ARG J 255 -3.99 3.43 -30.94
N GLN J 256 -4.96 2.53 -31.07
CA GLN J 256 -5.76 2.50 -32.30
C GLN J 256 -6.54 3.80 -32.47
N ALA J 257 -7.16 4.29 -31.39
CA ALA J 257 -7.92 5.53 -31.47
C ALA J 257 -7.04 6.70 -31.86
N VAL J 258 -5.86 6.81 -31.25
CA VAL J 258 -5.01 7.97 -31.55
C VAL J 258 -4.52 7.90 -32.99
N ILE J 259 -4.11 6.71 -33.47
CA ILE J 259 -3.62 6.65 -34.84
C ILE J 259 -4.74 6.96 -35.83
N THR J 260 -5.97 6.51 -35.55
CA THR J 260 -7.10 6.95 -36.33
C THR J 260 -7.21 8.48 -36.31
N ASN J 261 -6.91 9.08 -35.16
CA ASN J 261 -7.02 10.55 -35.04
C ASN J 261 -6.05 11.25 -35.98
N GLU J 262 -4.76 10.87 -35.97
CA GLU J 262 -3.85 11.56 -36.88
C GLU J 262 -4.17 11.25 -38.34
N LEU J 263 -4.60 10.03 -38.65
CA LEU J 263 -4.97 9.75 -40.04
C LEU J 263 -6.15 10.60 -40.49
N VAL J 264 -7.20 10.71 -39.68
CA VAL J 264 -8.36 11.50 -40.10
C VAL J 264 -7.98 12.97 -40.17
N ASP J 265 -7.11 13.45 -39.27
CA ASP J 265 -6.68 14.84 -39.34
C ASP J 265 -5.92 15.11 -40.63
N ILE J 266 -4.99 14.23 -41.00
CA ILE J 266 -4.22 14.44 -42.21
C ILE J 266 -5.11 14.29 -43.45
N ILE J 267 -6.15 13.47 -43.37
CA ILE J 267 -7.11 13.39 -44.48
C ILE J 267 -7.85 14.70 -44.63
N THR J 268 -8.31 15.27 -43.52
CA THR J 268 -8.93 16.59 -43.56
C THR J 268 -7.96 17.67 -44.01
N GLY J 269 -6.66 17.43 -43.87
CA GLY J 269 -5.68 18.37 -44.39
C GLY J 269 -5.79 18.55 -45.89
N ALA J 270 -6.15 17.47 -46.60
CA ALA J 270 -6.31 17.54 -48.05
C ALA J 270 -7.54 18.37 -48.43
N SER K 1 2.97 -49.89 30.95
CA SER K 1 3.03 -50.28 29.55
C SER K 1 4.13 -51.31 29.31
N SER K 2 4.13 -51.91 28.12
CA SER K 2 5.14 -52.90 27.76
C SER K 2 6.49 -52.21 27.63
N GLY K 3 7.38 -52.47 28.60
CA GLY K 3 8.67 -51.83 28.59
C GLY K 3 8.56 -50.33 28.83
N LEU K 4 9.54 -49.59 28.31
CA LEU K 4 9.58 -48.15 28.44
C LEU K 4 9.77 -47.51 27.06
N LYS K 5 9.10 -46.38 26.87
CA LYS K 5 9.21 -45.59 25.65
C LYS K 5 9.84 -44.25 25.98
N LEU K 6 10.78 -43.81 25.15
CA LEU K 6 11.57 -42.62 25.41
C LEU K 6 11.26 -41.56 24.36
N GLN K 7 10.82 -40.39 24.81
CA GLN K 7 10.61 -39.24 23.93
C GLN K 7 11.79 -38.29 24.00
N PHE K 8 12.96 -38.78 23.59
CA PHE K 8 14.17 -37.97 23.55
C PHE K 8 14.14 -37.10 22.30
N ALA K 9 14.07 -35.78 22.50
CA ALA K 9 13.92 -34.86 21.38
C ALA K 9 14.89 -33.69 21.53
N LEU K 10 15.30 -33.14 20.38
CA LEU K 10 16.24 -32.03 20.32
C LEU K 10 15.61 -30.96 19.43
N PRO K 11 15.77 -29.68 19.75
CA PRO K 11 15.04 -28.63 19.01
C PRO K 11 15.34 -28.60 17.53
N HIS K 12 16.54 -29.02 17.11
CA HIS K 12 16.81 -29.14 15.68
C HIS K 12 16.05 -30.30 15.07
N GLU K 13 16.03 -31.45 15.76
CA GLU K 13 15.30 -32.62 15.31
C GLU K 13 15.14 -33.58 16.47
N THR K 14 13.97 -34.18 16.59
CA THR K 14 13.73 -35.14 17.66
C THR K 14 14.57 -36.40 17.47
N LEU K 15 15.12 -36.91 18.57
CA LEU K 15 15.94 -38.10 18.52
C LEU K 15 15.10 -39.38 18.69
N TYR K 16 14.25 -39.41 19.71
CA TYR K 16 13.35 -40.53 19.93
C TYR K 16 11.95 -39.98 20.23
N SER K 17 10.95 -40.71 19.74
CA SER K 17 9.55 -40.31 19.89
C SER K 17 8.73 -41.47 20.44
N GLY K 18 9.23 -42.09 21.51
CA GLY K 18 8.60 -43.24 22.09
C GLY K 18 9.20 -44.58 21.72
N SER K 19 10.46 -44.60 21.26
CA SER K 19 11.11 -45.85 20.91
C SER K 19 11.27 -46.74 22.14
N GLU K 20 11.03 -48.03 21.95
CA GLU K 20 11.20 -48.98 23.05
C GLU K 20 12.67 -49.07 23.44
N VAL K 21 12.93 -49.02 24.74
CA VAL K 21 14.29 -48.96 25.27
C VAL K 21 14.45 -50.02 26.35
N THR K 22 15.60 -50.69 26.36
CA THR K 22 15.85 -51.70 27.38
C THR K 22 16.25 -51.08 28.70
N GLN K 23 16.92 -49.92 28.69
CA GLN K 23 17.33 -49.23 29.90
C GLN K 23 17.83 -47.85 29.53
N VAL K 24 17.57 -46.87 30.40
CA VAL K 24 17.97 -45.48 30.18
C VAL K 24 18.78 -45.02 31.37
N ASN K 25 19.91 -44.36 31.09
CA ASN K 25 20.69 -43.65 32.11
C ASN K 25 20.31 -42.18 32.08
N LEU K 26 20.05 -41.62 33.26
CA LEU K 26 19.62 -40.22 33.40
C LEU K 26 20.46 -39.52 34.44
N PRO K 27 21.69 -39.13 34.10
CA PRO K 27 22.49 -38.31 35.02
C PRO K 27 21.77 -37.03 35.38
N ALA K 28 21.45 -36.89 36.67
CA ALA K 28 20.59 -35.83 37.16
C ALA K 28 21.33 -35.02 38.22
N LYS K 29 20.60 -34.08 38.85
CA LYS K 29 21.17 -33.29 39.92
C LYS K 29 21.59 -34.16 41.09
N SER K 30 20.75 -35.13 41.46
CA SER K 30 21.10 -36.06 42.52
C SER K 30 22.02 -37.15 41.99
N GLY K 31 21.52 -37.95 41.05
CA GLY K 31 22.33 -39.02 40.48
C GLY K 31 21.53 -39.75 39.43
N ARG K 32 22.25 -40.53 38.62
CA ARG K 32 21.62 -41.26 37.54
C ARG K 32 20.72 -42.36 38.08
N ILE K 33 19.56 -42.52 37.44
CA ILE K 33 18.57 -43.51 37.85
C ILE K 33 18.19 -44.33 36.63
N GLY K 34 18.19 -45.66 36.78
CA GLY K 34 17.84 -46.53 35.69
C GLY K 34 16.36 -46.84 35.61
N VAL K 35 15.69 -46.32 34.58
CA VAL K 35 14.27 -46.56 34.36
C VAL K 35 14.14 -47.35 33.06
N LEU K 36 13.48 -48.51 33.15
CA LEU K 36 13.34 -49.39 31.99
C LEU K 36 11.94 -49.96 31.79
N ALA K 37 11.09 -49.99 32.80
CA ALA K 37 9.75 -50.53 32.67
C ALA K 37 8.93 -50.11 33.89
N ASN K 38 7.68 -49.71 33.64
CA ASN K 38 6.76 -49.32 34.70
C ASN K 38 7.32 -48.18 35.52
N HIS K 39 7.97 -48.53 36.65
CA HIS K 39 8.54 -47.55 37.58
C HIS K 39 7.43 -46.65 38.15
N VAL K 40 7.83 -45.57 38.80
CA VAL K 40 6.88 -44.63 39.40
C VAL K 40 7.02 -43.28 38.70
N PRO K 41 5.96 -42.48 38.63
CA PRO K 41 6.09 -41.14 38.04
C PRO K 41 7.09 -40.30 38.82
N THR K 42 7.89 -39.53 38.09
CA THR K 42 8.97 -38.76 38.69
C THR K 42 9.14 -37.46 37.93
N VAL K 43 9.63 -36.44 38.63
CA VAL K 43 10.08 -35.19 38.02
C VAL K 43 11.49 -34.91 38.52
N GLU K 44 12.39 -34.57 37.60
CA GLU K 44 13.79 -34.45 37.96
C GLU K 44 14.51 -33.59 36.92
N GLN K 45 15.57 -32.93 37.37
CA GLN K 45 16.39 -32.07 36.52
C GLN K 45 17.59 -32.86 36.01
N LEU K 46 17.81 -32.82 34.70
CA LEU K 46 18.90 -33.56 34.07
C LEU K 46 20.18 -32.72 34.12
N LEU K 47 21.11 -33.10 34.99
CA LEU K 47 22.42 -32.48 34.97
C LEU K 47 23.18 -32.94 33.73
N PRO K 48 24.01 -32.05 33.15
CA PRO K 48 24.80 -32.46 31.98
C PRO K 48 25.62 -33.71 32.22
N GLY K 49 25.28 -34.78 31.50
CA GLY K 49 25.96 -36.05 31.67
C GLY K 49 25.59 -36.98 30.53
N VAL K 50 26.16 -38.18 30.58
CA VAL K 50 25.97 -39.17 29.53
C VAL K 50 24.62 -39.85 29.76
N VAL K 51 23.63 -39.50 28.95
CA VAL K 51 22.33 -40.21 28.98
C VAL K 51 22.45 -41.34 27.97
N GLU K 52 23.03 -42.46 28.43
CA GLU K 52 23.25 -43.60 27.56
C GLU K 52 21.95 -44.36 27.37
N VAL K 53 21.58 -44.59 26.12
CA VAL K 53 20.33 -45.27 25.77
C VAL K 53 20.70 -46.73 25.52
N MET K 54 20.63 -47.54 26.57
CA MET K 54 20.90 -48.97 26.44
C MET K 54 19.77 -49.65 25.69
N GLU K 55 20.12 -50.44 24.67
CA GLU K 55 19.15 -51.13 23.85
C GLU K 55 19.71 -52.49 23.47
N GLY K 56 18.82 -53.38 23.04
CA GLY K 56 19.25 -54.71 22.63
C GLY K 56 20.24 -54.69 21.48
N SER K 57 20.11 -53.72 20.58
CA SER K 57 21.09 -53.55 19.52
C SER K 57 22.45 -53.16 20.08
N ASN K 58 22.50 -52.04 20.78
CA ASN K 58 23.74 -51.58 21.41
C ASN K 58 23.40 -50.57 22.49
N SER K 59 24.36 -50.33 23.38
CA SER K 59 24.20 -49.35 24.46
C SER K 59 24.81 -48.01 24.04
N LYS K 60 24.20 -47.41 23.02
CA LYS K 60 24.67 -46.12 22.53
C LYS K 60 24.50 -45.04 23.59
N LYS K 61 25.47 -44.14 23.66
CA LYS K 61 25.52 -43.12 24.69
C LYS K 61 25.33 -41.73 24.10
N PHE K 62 24.83 -40.83 24.94
CA PHE K 62 24.65 -39.43 24.56
C PHE K 62 24.93 -38.57 25.78
N PHE K 63 25.85 -37.62 25.63
CA PHE K 63 26.05 -36.60 26.66
C PHE K 63 25.07 -35.46 26.41
N ILE K 64 24.23 -35.18 27.40
CA ILE K 64 23.19 -34.17 27.26
C ILE K 64 23.77 -32.81 27.62
N SER K 65 23.19 -31.76 27.03
CA SER K 65 23.52 -30.40 27.38
C SER K 65 22.61 -29.85 28.46
N GLY K 66 21.72 -30.67 28.99
CA GLY K 66 20.76 -30.23 30.00
C GLY K 66 19.35 -30.60 29.63
N GLY K 67 18.44 -30.56 30.59
CA GLY K 67 17.06 -30.91 30.34
C GLY K 67 16.41 -31.39 31.62
N PHE K 68 15.22 -31.97 31.45
CA PHE K 68 14.43 -32.49 32.56
C PHE K 68 14.05 -33.93 32.27
N ALA K 69 14.32 -34.81 33.23
CA ALA K 69 13.93 -36.23 33.15
C ALA K 69 12.69 -36.40 34.01
N THR K 70 11.54 -36.59 33.37
CA THR K 70 10.28 -36.75 34.07
C THR K 70 9.60 -38.05 33.64
N VAL K 71 8.85 -38.64 34.56
CA VAL K 71 8.23 -39.95 34.36
C VAL K 71 6.74 -39.83 34.66
N GLN K 72 5.93 -40.55 33.86
CA GLN K 72 4.48 -40.62 33.98
C GLN K 72 4.07 -42.02 34.43
N PRO K 73 2.99 -42.15 35.21
CA PRO K 73 2.65 -43.47 35.77
C PRO K 73 2.33 -44.53 34.74
N ASP K 74 2.07 -44.16 33.48
CA ASP K 74 1.80 -45.14 32.44
C ASP K 74 3.06 -45.68 31.79
N SER K 75 4.18 -45.67 32.52
CA SER K 75 5.48 -46.11 32.01
C SER K 75 5.95 -45.24 30.85
N GLN K 76 5.78 -43.93 31.00
CA GLN K 76 6.21 -42.95 30.01
C GLN K 76 7.39 -42.16 30.57
N LEU K 77 8.46 -42.07 29.78
CA LEU K 77 9.66 -41.33 30.15
C LEU K 77 9.84 -40.18 29.18
N CYS K 78 9.43 -38.98 29.59
CA CYS K 78 9.58 -37.78 28.77
C CYS K 78 10.90 -37.12 29.11
N VAL K 79 11.88 -37.27 28.23
CA VAL K 79 13.21 -36.69 28.41
C VAL K 79 13.36 -35.60 27.36
N THR K 80 13.31 -34.35 27.80
CA THR K 80 13.48 -33.20 26.91
C THR K 80 14.94 -32.78 26.92
N ALA K 81 15.54 -32.67 25.74
CA ALA K 81 16.95 -32.34 25.60
C ALA K 81 17.12 -31.21 24.59
N ILE K 82 18.35 -30.73 24.48
CA ILE K 82 18.66 -29.61 23.60
C ILE K 82 19.72 -30.03 22.59
N GLU K 83 20.88 -30.46 23.08
CA GLU K 83 21.96 -30.88 22.21
C GLU K 83 22.53 -32.20 22.72
N ALA K 84 22.66 -33.17 21.81
CA ALA K 84 23.09 -34.51 22.16
C ALA K 84 24.56 -34.73 21.82
N PHE K 85 25.01 -35.96 21.97
CA PHE K 85 26.39 -36.36 21.70
C PHE K 85 26.32 -37.56 20.77
N PRO K 86 26.13 -37.33 19.46
CA PRO K 86 25.94 -38.46 18.53
C PRO K 86 27.13 -39.39 18.48
N LEU K 87 26.93 -40.62 18.95
CA LEU K 87 27.98 -41.63 19.01
C LEU K 87 29.25 -41.08 19.64
N GLU K 88 30.30 -40.89 18.84
CA GLU K 88 31.55 -40.31 19.30
C GLU K 88 32.09 -39.23 18.39
N SER K 89 31.36 -38.87 17.31
CA SER K 89 31.82 -37.81 16.43
C SER K 89 31.81 -36.46 17.12
N PHE K 90 30.95 -36.29 18.13
CA PHE K 90 30.88 -35.03 18.87
C PHE K 90 32.21 -34.70 19.54
N SER K 91 33.04 -35.72 19.79
CA SER K 91 34.29 -35.51 20.52
C SER K 91 35.24 -34.62 19.73
N GLN K 92 35.70 -33.54 20.38
CA GLN K 92 36.70 -32.65 19.79
C GLN K 92 37.46 -32.01 20.96
N GLU K 93 38.63 -32.58 21.27
CA GLU K 93 39.34 -32.20 22.49
C GLU K 93 39.92 -30.79 22.39
N ASN K 94 40.52 -30.45 21.24
CA ASN K 94 41.31 -29.24 21.14
C ASN K 94 40.47 -27.99 21.35
N ILE K 95 39.32 -27.90 20.68
CA ILE K 95 38.49 -26.71 20.81
C ILE K 95 37.84 -26.63 22.18
N LYS K 96 37.50 -27.78 22.77
CA LYS K 96 36.95 -27.78 24.12
C LYS K 96 37.97 -27.21 25.10
N ASN K 97 39.21 -27.69 25.04
CA ASN K 97 40.25 -27.17 25.92
C ASN K 97 40.53 -25.70 25.63
N LEU K 98 40.49 -25.31 24.34
CA LEU K 98 40.71 -23.91 23.99
C LEU K 98 39.65 -23.01 24.59
N LEU K 99 38.38 -23.41 24.50
CA LEU K 99 37.32 -22.62 25.12
C LEU K 99 37.51 -22.56 26.64
N ALA K 100 37.85 -23.69 27.25
CA ALA K 100 38.01 -23.73 28.70
C ALA K 100 39.13 -22.80 29.15
N GLU K 101 40.26 -22.79 28.44
CA GLU K 101 41.37 -21.95 28.85
C GLU K 101 41.12 -20.48 28.51
N ALA K 102 40.51 -20.21 27.36
CA ALA K 102 40.36 -18.82 26.93
C ALA K 102 39.27 -18.11 27.73
N LYS K 103 38.25 -18.83 28.16
CA LYS K 103 37.11 -18.17 28.78
C LYS K 103 37.13 -18.28 30.30
N LYS K 104 37.98 -19.14 30.88
CA LYS K 104 38.17 -19.06 32.32
C LYS K 104 38.81 -17.74 32.72
N ASN K 105 39.39 -17.02 31.77
CA ASN K 105 39.85 -15.66 32.00
C ASN K 105 38.68 -14.75 32.35
N VAL K 106 37.56 -14.91 31.66
CA VAL K 106 36.35 -14.13 31.94
C VAL K 106 35.41 -14.85 32.89
N SER K 107 35.91 -15.87 33.59
CA SER K 107 35.11 -16.56 34.61
C SER K 107 34.87 -15.69 35.84
N SER K 108 35.51 -14.52 35.92
CA SER K 108 35.31 -13.55 36.99
C SER K 108 35.04 -12.17 36.42
N SER K 109 34.22 -12.10 35.36
CA SER K 109 33.95 -10.82 34.70
C SER K 109 32.86 -10.04 35.43
N ASP K 110 31.66 -10.59 35.50
CA ASP K 110 30.52 -9.86 36.07
C ASP K 110 29.49 -10.87 36.55
N ALA K 111 29.33 -10.96 37.88
CA ALA K 111 28.35 -11.77 38.59
C ALA K 111 27.68 -12.85 37.75
N ARG K 112 26.62 -12.48 37.03
CA ARG K 112 25.89 -13.45 36.22
C ARG K 112 26.77 -14.02 35.12
N GLU K 113 27.49 -13.15 34.40
CA GLU K 113 28.36 -13.62 33.34
C GLU K 113 29.47 -14.51 33.89
N ALA K 114 30.03 -14.14 35.04
CA ALA K 114 31.07 -14.96 35.67
C ALA K 114 30.55 -16.33 36.06
N ALA K 115 29.35 -16.37 36.66
CA ALA K 115 28.76 -17.65 37.04
C ALA K 115 28.47 -18.52 35.83
N GLU K 116 27.92 -17.93 34.76
CA GLU K 116 27.66 -18.69 33.56
C GLU K 116 28.94 -19.19 32.92
N ALA K 117 30.01 -18.37 32.98
CA ALA K 117 31.30 -18.80 32.48
C ALA K 117 31.84 -19.99 33.25
N ALA K 118 31.75 -19.94 34.59
CA ALA K 118 32.20 -21.07 35.40
C ALA K 118 31.39 -22.32 35.10
N ILE K 119 30.07 -22.17 34.92
CA ILE K 119 29.22 -23.31 34.59
C ILE K 119 29.59 -23.90 33.24
N GLN K 120 29.87 -23.05 32.25
CA GLN K 120 30.27 -23.54 30.94
C GLN K 120 31.61 -24.26 31.00
N VAL K 121 32.54 -23.77 31.84
CA VAL K 121 33.78 -24.50 32.06
C VAL K 121 33.50 -25.87 32.68
N GLU K 122 32.57 -25.91 33.64
CA GLU K 122 32.23 -27.17 34.27
C GLU K 122 31.64 -28.17 33.27
N VAL K 123 30.76 -27.70 32.38
CA VAL K 123 30.18 -28.61 31.41
C VAL K 123 31.20 -28.98 30.33
N LEU K 124 32.17 -28.10 30.07
CA LEU K 124 33.27 -28.47 29.20
C LEU K 124 34.10 -29.59 29.82
N GLU K 125 34.33 -29.53 31.13
CA GLU K 125 35.02 -30.62 31.81
C GLU K 125 34.17 -31.89 31.81
N ASN K 126 32.84 -31.75 31.89
CA ASN K 126 31.97 -32.90 31.71
C ASN K 126 32.16 -33.53 30.32
N LEU K 127 32.23 -32.69 29.29
CA LEU K 127 32.51 -33.19 27.95
C LEU K 127 33.87 -33.87 27.88
N GLN K 128 34.86 -33.31 28.57
CA GLN K 128 36.18 -33.92 28.65
C GLN K 128 36.11 -35.31 29.26
N SER K 129 35.28 -35.47 30.31
CA SER K 129 35.02 -36.79 30.85
C SER K 129 34.37 -37.69 29.80
N VAL K 130 33.44 -37.13 29.02
CA VAL K 130 32.85 -37.87 27.91
C VAL K 130 33.84 -38.04 26.76
N LEU K 131 34.84 -37.16 26.66
CA LEU K 131 35.80 -37.26 25.57
C LEU K 131 36.57 -38.58 25.62
N LYS K 132 36.98 -39.00 26.81
CA LYS K 132 37.71 -40.25 27.01
C LYS K 132 38.97 -40.33 26.14
N SER L 1 27.54 -24.98 38.66
CA SER L 1 27.71 -24.08 39.80
C SER L 1 26.38 -23.41 40.17
N ALA L 2 26.47 -22.22 40.77
CA ALA L 2 25.30 -21.46 41.17
C ALA L 2 24.84 -20.60 40.01
N TRP L 3 23.61 -20.82 39.55
CA TRP L 3 23.03 -20.06 38.45
C TRP L 3 21.75 -19.34 38.81
N ARG L 4 21.25 -19.48 40.03
CA ARG L 4 20.06 -18.76 40.46
C ARG L 4 20.42 -17.40 41.05
N LYS L 5 21.23 -17.40 42.11
CA LYS L 5 21.66 -16.15 42.72
C LYS L 5 22.91 -15.60 42.04
N ALA L 6 23.94 -16.44 41.90
CA ALA L 6 25.14 -16.03 41.19
C ALA L 6 24.86 -15.76 39.72
N GLY L 7 24.04 -16.61 39.10
CA GLY L 7 23.63 -16.45 37.73
C GLY L 7 22.35 -15.64 37.59
N ILE L 8 21.57 -15.96 36.57
CA ILE L 8 20.32 -15.28 36.29
C ILE L 8 19.13 -16.21 36.51
N SER L 9 19.06 -17.31 35.78
CA SER L 9 17.96 -18.26 35.92
C SER L 9 18.38 -19.60 35.32
N TYR L 10 17.51 -20.60 35.49
CA TYR L 10 17.76 -21.90 34.87
C TYR L 10 17.80 -21.79 33.36
N ALA L 11 17.02 -20.86 32.79
CA ALA L 11 17.03 -20.68 31.34
C ALA L 11 18.39 -20.23 30.85
N ALA L 12 19.01 -19.26 31.54
CA ALA L 12 20.33 -18.80 31.14
C ALA L 12 21.38 -19.88 31.31
N TYR L 13 21.30 -20.64 32.41
CA TYR L 13 22.22 -21.75 32.64
C TYR L 13 22.12 -22.79 31.53
N LEU L 14 20.89 -23.16 31.17
CA LEU L 14 20.69 -24.14 30.11
C LEU L 14 21.16 -23.60 28.77
N ASN L 15 20.90 -22.32 28.49
CA ASN L 15 21.33 -21.74 27.23
C ASN L 15 22.85 -21.71 27.13
N VAL L 16 23.53 -21.40 28.25
CA VAL L 16 24.99 -21.40 28.24
C VAL L 16 25.53 -22.80 28.05
N ALA L 17 24.87 -23.81 28.65
CA ALA L 17 25.29 -25.19 28.43
C ALA L 17 25.09 -25.61 26.97
N ALA L 18 23.97 -25.19 26.37
CA ALA L 18 23.72 -25.51 24.97
C ALA L 18 24.75 -24.83 24.06
N GLN L 19 25.08 -23.57 24.35
CA GLN L 19 26.13 -22.88 23.61
C GLN L 19 27.48 -23.57 23.81
N ALA L 20 27.70 -24.12 25.00
CA ALA L 20 28.89 -24.92 25.24
C ALA L 20 28.96 -26.11 24.30
N ILE L 21 27.87 -26.88 24.22
CA ILE L 21 27.87 -28.06 23.37
C ILE L 21 28.04 -27.66 21.91
N ARG L 22 27.34 -26.60 21.48
CA ARG L 22 27.38 -26.19 20.08
C ARG L 22 28.76 -25.67 19.67
N SER L 23 29.30 -24.73 20.44
CA SER L 23 30.58 -24.12 20.09
C SER L 23 31.73 -25.12 20.20
N SER L 24 31.63 -26.05 21.14
CA SER L 24 32.66 -27.07 21.33
C SER L 24 32.39 -28.33 20.50
N LEU L 25 31.33 -28.33 19.70
CA LEU L 25 31.04 -29.46 18.84
C LEU L 25 32.11 -29.60 17.76
N LYS L 26 32.36 -30.83 17.33
CA LYS L 26 33.43 -31.11 16.40
C LYS L 26 33.15 -30.45 15.05
N THR L 27 34.21 -30.36 14.23
CA THR L 27 34.16 -29.56 13.00
C THR L 27 33.13 -30.10 12.02
N GLU L 28 33.08 -31.42 11.84
CA GLU L 28 32.14 -31.99 10.87
C GLU L 28 30.69 -31.81 11.30
N LEU L 29 30.45 -31.68 12.61
CA LEU L 29 29.10 -31.46 13.09
C LEU L 29 28.63 -30.03 12.83
N GLN L 30 29.57 -29.07 12.75
CA GLN L 30 29.20 -27.69 12.47
C GLN L 30 28.49 -27.59 11.13
N THR L 31 27.37 -26.87 11.11
CA THR L 31 26.55 -26.74 9.92
C THR L 31 25.81 -25.41 9.99
N ALA L 32 24.81 -25.24 9.13
CA ALA L 32 24.03 -24.01 9.14
C ALA L 32 23.17 -23.90 10.40
N SER L 33 22.67 -25.03 10.90
CA SER L 33 21.79 -25.00 12.06
C SER L 33 22.51 -24.46 13.29
N VAL L 34 23.73 -24.93 13.54
CA VAL L 34 24.48 -24.44 14.70
C VAL L 34 24.88 -22.99 14.51
N LEU L 35 25.11 -22.57 13.26
CA LEU L 35 25.38 -21.16 13.00
C LEU L 35 24.17 -20.30 13.33
N ASN L 36 22.98 -20.76 12.96
CA ASN L 36 21.75 -20.04 13.32
C ASN L 36 21.56 -20.00 14.83
N ARG L 37 21.84 -21.11 15.51
CA ARG L 37 21.76 -21.12 16.97
C ARG L 37 22.72 -20.11 17.59
N SER L 38 23.94 -20.05 17.06
CA SER L 38 24.90 -19.06 17.54
C SER L 38 24.45 -17.65 17.17
N GLN L 39 23.85 -17.49 15.99
CA GLN L 39 23.40 -16.18 15.55
C GLN L 39 22.27 -15.67 16.44
N THR L 40 22.42 -14.43 16.92
CA THR L 40 21.40 -13.81 17.77
C THR L 40 21.56 -12.29 17.62
N ASP L 41 20.51 -11.64 17.12
CA ASP L 41 20.57 -10.20 16.86
C ASP L 41 19.31 -9.51 17.37
N ALA L 42 18.78 -9.98 18.50
CA ALA L 42 17.62 -9.33 19.09
C ALA L 42 18.03 -8.06 19.82
N PHE L 43 17.09 -7.13 19.91
CA PHE L 43 17.31 -5.84 20.57
C PHE L 43 16.18 -5.61 21.56
N TYR L 44 16.54 -5.49 22.84
CA TYR L 44 15.56 -5.33 23.91
C TYR L 44 15.33 -3.85 24.15
N THR L 45 14.14 -3.35 23.80
CA THR L 45 13.82 -1.94 23.96
C THR L 45 13.05 -1.64 25.23
N GLN L 46 12.13 -2.53 25.62
CA GLN L 46 11.36 -2.38 26.87
C GLN L 46 10.65 -1.03 26.92
N TYR L 47 9.68 -0.90 25.99
CA TYR L 47 8.96 0.34 25.75
C TYR L 47 8.63 1.08 27.04
N LYS L 48 8.98 2.36 27.07
CA LYS L 48 8.74 3.22 28.24
C LYS L 48 7.32 3.78 28.18
N ASN L 49 6.36 2.90 28.43
CA ASN L 49 4.98 3.34 28.59
C ASN L 49 4.87 4.31 29.75
N GLY L 50 5.46 3.95 30.89
CA GLY L 50 5.65 4.90 31.97
C GLY L 50 7.07 5.43 32.01
N THR L 51 8.05 4.53 31.94
CA THR L 51 9.47 4.88 31.98
C THR L 51 10.27 3.61 31.66
N ALA L 52 11.59 3.70 31.83
CA ALA L 52 12.51 2.56 31.74
C ALA L 52 12.48 1.92 30.35
N ALA L 53 12.93 2.71 29.37
CA ALA L 53 13.15 2.22 28.02
C ALA L 53 14.57 1.67 27.93
N SER L 54 14.69 0.38 27.56
CA SER L 54 15.99 -0.27 27.50
C SER L 54 16.79 0.12 26.25
N GLU L 55 16.16 0.76 25.27
CA GLU L 55 16.81 1.26 24.07
C GLU L 55 17.55 0.15 23.32
N PRO L 56 16.82 -0.86 22.79
CA PRO L 56 17.44 -1.88 21.94
C PRO L 56 18.65 -2.56 22.55
N THR L 57 18.50 -3.07 23.76
CA THR L 57 19.60 -3.79 24.41
C THR L 57 19.92 -5.05 23.62
N PRO L 58 21.18 -5.28 23.27
CA PRO L 58 21.51 -6.47 22.46
C PRO L 58 21.26 -7.76 23.23
N ILE L 59 20.94 -8.81 22.48
CA ILE L 59 20.67 -10.12 23.07
C ILE L 59 21.97 -10.75 23.55
N MET M 1 14.56 -60.06 104.76
CA MET M 1 13.75 -58.86 104.56
C MET M 1 14.60 -57.67 104.11
N GLN M 2 15.84 -57.62 104.63
CA GLN M 2 16.76 -56.56 104.22
C GLN M 2 17.09 -56.67 102.73
N LEU M 3 17.53 -57.86 102.30
CA LEU M 3 17.84 -58.08 100.90
C LEU M 3 16.58 -58.04 100.03
N VAL M 4 15.45 -58.49 100.57
CA VAL M 4 14.21 -58.49 99.79
C VAL M 4 13.81 -57.06 99.43
N LEU M 5 13.77 -56.17 100.42
CA LEU M 5 13.43 -54.77 100.15
C LEU M 5 14.52 -54.09 99.34
N ALA M 6 15.78 -54.44 99.59
CA ALA M 6 16.89 -53.89 98.80
C ALA M 6 16.69 -54.18 97.32
N ALA M 7 16.45 -55.44 96.98
CA ALA M 7 16.27 -55.81 95.58
C ALA M 7 14.95 -55.32 95.03
N LYS M 8 13.94 -55.12 95.88
CA LYS M 8 12.72 -54.47 95.42
C LYS M 8 13.02 -53.05 94.95
N TYR M 9 13.80 -52.31 95.72
CA TYR M 9 14.20 -50.97 95.32
C TYR M 9 15.03 -51.00 94.04
N ILE M 10 15.97 -51.94 93.95
CA ILE M 10 16.80 -52.06 92.74
C ILE M 10 15.93 -52.36 91.53
N GLY M 11 14.98 -53.28 91.68
CA GLY M 11 14.10 -53.64 90.58
C GLY M 11 13.22 -52.49 90.15
N ALA M 12 12.71 -51.71 91.10
CA ALA M 12 11.93 -50.53 90.74
C ALA M 12 12.77 -49.52 89.98
N GLY M 13 14.00 -49.29 90.44
CA GLY M 13 14.88 -48.37 89.74
C GLY M 13 15.20 -48.83 88.32
N ILE M 14 15.40 -50.13 88.14
CA ILE M 14 15.62 -50.66 86.79
C ILE M 14 14.35 -50.56 85.96
N SER M 15 13.19 -50.79 86.58
CA SER M 15 11.93 -50.84 85.85
C SER M 15 11.53 -49.47 85.33
N THR M 16 11.83 -48.41 86.06
CA THR M 16 11.41 -47.07 85.64
C THR M 16 12.11 -46.61 84.37
N ILE M 17 12.97 -47.45 83.80
CA ILE M 17 13.70 -47.10 82.59
C ILE M 17 12.76 -46.99 81.37
N GLY M 18 11.55 -47.54 81.46
CA GLY M 18 10.63 -47.51 80.32
C GLY M 18 10.26 -46.12 79.87
N LEU M 19 10.39 -45.12 80.74
CA LEU M 19 10.08 -43.75 80.35
C LEU M 19 11.06 -43.25 79.31
N LEU M 20 12.29 -43.78 79.29
CA LEU M 20 13.23 -43.46 78.22
C LEU M 20 12.65 -43.82 76.85
N GLY M 21 12.20 -45.07 76.70
CA GLY M 21 11.58 -45.49 75.46
C GLY M 21 10.31 -44.73 75.16
N ALA M 22 9.50 -44.47 76.18
CA ALA M 22 8.27 -43.71 75.98
C ALA M 22 8.57 -42.32 75.42
N GLY M 23 9.53 -41.62 76.01
CA GLY M 23 9.86 -40.29 75.53
C GLY M 23 10.46 -40.30 74.13
N ILE M 24 11.39 -41.22 73.87
CA ILE M 24 11.98 -41.31 72.54
C ILE M 24 10.90 -41.58 71.50
N GLY M 25 9.97 -42.48 71.82
CA GLY M 25 8.93 -42.82 70.86
C GLY M 25 7.96 -41.68 70.61
N ILE M 26 7.46 -41.06 71.67
CA ILE M 26 6.55 -39.95 71.45
C ILE M 26 7.25 -38.83 70.70
N ALA M 27 8.56 -38.69 70.89
CA ALA M 27 9.29 -37.64 70.21
C ALA M 27 9.50 -37.95 68.73
N ILE M 28 9.77 -39.21 68.38
CA ILE M 28 9.88 -39.52 66.96
C ILE M 28 8.51 -39.38 66.29
N VAL M 29 7.43 -39.71 67.01
CA VAL M 29 6.10 -39.48 66.46
C VAL M 29 5.87 -38.00 66.21
N PHE M 30 6.24 -37.17 67.19
CA PHE M 30 6.11 -35.72 67.02
C PHE M 30 6.97 -35.22 65.87
N ALA M 31 8.18 -35.75 65.73
CA ALA M 31 9.07 -35.32 64.67
C ALA M 31 8.47 -35.61 63.30
N ALA M 32 7.95 -36.83 63.12
CA ALA M 32 7.30 -37.16 61.86
C ALA M 32 6.06 -36.30 61.63
N LEU M 33 5.31 -36.03 62.69
CA LEU M 33 4.12 -35.18 62.56
C LEU M 33 4.50 -33.79 62.08
N ILE M 34 5.54 -33.20 62.67
CA ILE M 34 5.97 -31.86 62.27
C ILE M 34 6.49 -31.86 60.85
N ASN M 35 7.28 -32.87 60.49
CA ASN M 35 7.81 -32.95 59.13
C ASN M 35 6.69 -33.05 58.11
N GLY M 36 5.71 -33.90 58.38
CA GLY M 36 4.60 -34.05 57.45
C GLY M 36 3.73 -32.82 57.36
N VAL M 37 3.47 -32.17 58.50
CA VAL M 37 2.62 -30.98 58.49
C VAL M 37 3.30 -29.83 57.76
N SER M 38 4.61 -29.65 57.97
CA SER M 38 5.33 -28.64 57.21
C SER M 38 5.37 -28.97 55.73
N ARG M 39 5.57 -30.25 55.40
CA ARG M 39 5.53 -30.67 54.01
C ARG M 39 4.13 -30.70 53.45
N ASN M 40 3.11 -30.81 54.30
CA ASN M 40 1.71 -30.87 53.86
C ASN M 40 0.84 -30.19 54.89
N PRO M 41 0.66 -28.87 54.77
CA PRO M 41 -0.22 -28.16 55.72
C PRO M 41 -1.65 -28.65 55.70
N SER M 42 -2.14 -29.11 54.55
CA SER M 42 -3.53 -29.55 54.45
C SER M 42 -3.78 -30.84 55.23
N ILE M 43 -2.74 -31.66 55.42
CA ILE M 43 -2.93 -32.95 56.08
C ILE M 43 -3.11 -32.83 57.59
N LYS M 44 -2.88 -31.64 58.15
CA LYS M 44 -2.82 -31.47 59.61
C LYS M 44 -4.09 -31.96 60.29
N ASP M 45 -5.25 -31.57 59.77
CA ASP M 45 -6.51 -31.88 60.42
C ASP M 45 -6.73 -33.38 60.52
N THR M 46 -6.39 -34.12 59.47
CA THR M 46 -6.61 -35.56 59.45
C THR M 46 -5.39 -36.37 59.88
N VAL M 47 -4.28 -35.72 60.25
CA VAL M 47 -3.15 -36.45 60.81
C VAL M 47 -2.96 -36.16 62.31
N PHE M 48 -3.63 -35.15 62.85
CA PHE M 48 -3.56 -34.89 64.27
C PHE M 48 -4.04 -36.06 65.13
N PRO M 49 -5.23 -36.67 64.90
CA PRO M 49 -5.82 -37.55 65.93
C PRO M 49 -5.04 -38.83 66.20
N MET M 50 -4.72 -39.61 65.16
CA MET M 50 -4.03 -40.86 65.42
C MET M 50 -2.60 -40.63 65.92
N ALA M 51 -1.98 -39.52 65.53
CA ALA M 51 -0.69 -39.15 66.14
C ALA M 51 -0.85 -38.90 67.63
N ILE M 52 -1.88 -38.14 68.01
CA ILE M 52 -2.14 -37.89 69.42
C ILE M 52 -2.32 -39.19 70.18
N LEU M 53 -3.18 -40.07 69.66
CA LEU M 53 -3.45 -41.34 70.32
C LEU M 53 -2.19 -42.19 70.39
N GLY M 54 -1.41 -42.21 69.30
CA GLY M 54 -0.23 -43.05 69.25
C GLY M 54 0.82 -42.66 70.27
N PHE M 55 1.13 -41.36 70.37
CA PHE M 55 2.10 -41.00 71.41
C PHE M 55 1.47 -41.11 72.79
N ALA M 56 0.14 -41.02 72.88
CA ALA M 56 -0.52 -41.25 74.16
C ALA M 56 -0.23 -42.65 74.68
N LEU M 57 -0.44 -43.68 73.86
CA LEU M 57 -0.21 -45.00 74.42
C LEU M 57 1.26 -45.41 74.34
N SER M 58 2.06 -44.73 73.53
CA SER M 58 3.51 -44.88 73.67
C SER M 58 3.97 -44.40 75.04
N GLU M 59 3.36 -43.32 75.55
CA GLU M 59 3.58 -42.94 76.93
C GLU M 59 2.95 -43.91 77.91
N ALA M 60 1.83 -44.52 77.53
CA ALA M 60 1.21 -45.52 78.39
C ALA M 60 2.11 -46.74 78.59
N THR M 61 2.96 -47.05 77.61
CA THR M 61 3.94 -48.12 77.81
C THR M 61 4.91 -47.78 78.94
N GLY M 62 5.47 -46.56 78.90
CA GLY M 62 6.31 -46.12 79.99
C GLY M 62 5.56 -46.03 81.31
N LEU M 63 4.26 -45.71 81.24
CA LEU M 63 3.43 -45.72 82.44
C LEU M 63 3.29 -47.13 83.00
N PHE M 64 3.19 -48.13 82.13
CA PHE M 64 3.18 -49.52 82.58
C PHE M 64 4.50 -49.89 83.25
N CYS M 65 5.61 -49.43 82.68
CA CYS M 65 6.91 -49.65 83.33
C CYS M 65 6.95 -48.97 84.69
N LEU M 66 6.43 -47.75 84.78
CA LEU M 66 6.39 -47.03 86.05
C LEU M 66 5.50 -47.75 87.06
N MET M 67 4.41 -48.36 86.59
CA MET M 67 3.54 -49.12 87.49
C MET M 67 4.21 -50.39 87.98
N VAL M 68 5.02 -51.03 87.12
CA VAL M 68 5.83 -52.16 87.58
C VAL M 68 6.80 -51.71 88.66
N SER M 69 7.45 -50.56 88.44
CA SER M 69 8.33 -50.00 89.47
C SER M 69 7.56 -49.71 90.75
N PHE M 70 6.32 -49.21 90.62
CA PHE M 70 5.49 -48.93 91.78
C PHE M 70 5.21 -50.20 92.58
N LEU M 71 4.77 -51.26 91.90
CA LEU M 71 4.47 -52.50 92.60
C LEU M 71 5.73 -53.10 93.21
N LEU M 72 6.88 -52.89 92.58
CA LEU M 72 8.14 -53.31 93.21
C LEU M 72 8.40 -52.51 94.48
N LEU M 73 8.12 -51.20 94.46
CA LEU M 73 8.25 -50.40 95.66
C LEU M 73 7.25 -50.81 96.73
N PHE M 74 6.00 -51.03 96.32
CA PHE M 74 4.94 -51.38 97.27
C PHE M 74 4.37 -52.77 96.95
N MET N 1 15.81 -68.70 99.96
CA MET N 1 14.55 -68.06 100.33
C MET N 1 14.55 -66.58 99.96
N GLN N 2 15.08 -65.74 100.87
CA GLN N 2 15.08 -64.31 100.63
C GLN N 2 15.98 -63.93 99.46
N LEU N 3 17.08 -64.65 99.25
CA LEU N 3 17.92 -64.39 98.08
C LEU N 3 17.18 -64.71 96.78
N VAL N 4 16.38 -65.78 96.80
CA VAL N 4 15.59 -66.14 95.62
C VAL N 4 14.60 -65.03 95.29
N LEU N 5 13.91 -64.51 96.32
CA LEU N 5 12.97 -63.41 96.09
C LEU N 5 13.69 -62.15 95.62
N ALA N 6 14.88 -61.88 96.17
CA ALA N 6 15.65 -60.71 95.76
C ALA N 6 16.03 -60.79 94.28
N ALA N 7 16.54 -61.95 93.86
CA ALA N 7 16.91 -62.12 92.46
C ALA N 7 15.66 -62.13 91.56
N LYS N 8 14.54 -62.63 92.08
CA LYS N 8 13.29 -62.55 91.34
C LYS N 8 12.91 -61.09 91.07
N TYR N 9 13.01 -60.25 92.09
CA TYR N 9 12.69 -58.84 91.93
C TYR N 9 13.64 -58.15 90.96
N ILE N 10 14.94 -58.43 91.08
CA ILE N 10 15.90 -57.77 90.19
C ILE N 10 15.71 -58.27 88.75
N GLY N 11 15.37 -59.55 88.58
CA GLY N 11 15.12 -60.06 87.24
C GLY N 11 13.88 -59.46 86.61
N ALA N 12 12.82 -59.28 87.41
CA ALA N 12 11.64 -58.60 86.89
C ALA N 12 11.95 -57.16 86.52
N GLY N 13 12.74 -56.48 87.35
CA GLY N 13 13.13 -55.12 87.01
C GLY N 13 13.91 -55.04 85.72
N ILE N 14 14.85 -55.97 85.51
CA ILE N 14 15.60 -56.00 84.26
C ILE N 14 14.70 -56.36 83.09
N SER N 15 13.72 -57.24 83.32
CA SER N 15 12.80 -57.62 82.26
C SER N 15 11.91 -56.45 81.85
N THR N 16 11.63 -55.54 82.77
CA THR N 16 10.80 -54.38 82.44
C THR N 16 11.43 -53.53 81.34
N ILE N 17 12.75 -53.60 81.16
CA ILE N 17 13.41 -52.81 80.11
C ILE N 17 12.95 -53.25 78.72
N GLY N 18 12.36 -54.44 78.60
CA GLY N 18 11.93 -54.93 77.29
C GLY N 18 10.86 -54.09 76.63
N LEU N 19 10.19 -53.22 77.38
CA LEU N 19 9.13 -52.39 76.81
C LEU N 19 9.69 -51.20 76.02
N LEU N 20 10.97 -50.86 76.20
CA LEU N 20 11.55 -49.76 75.44
C LEU N 20 11.53 -50.04 73.95
N GLY N 21 11.91 -51.25 73.54
CA GLY N 21 11.87 -51.59 72.13
C GLY N 21 10.47 -51.55 71.57
N ALA N 22 9.50 -52.02 72.36
CA ALA N 22 8.11 -51.95 71.91
C ALA N 22 7.67 -50.51 71.71
N GLY N 23 8.02 -49.62 72.65
CA GLY N 23 7.66 -48.22 72.49
C GLY N 23 8.29 -47.58 71.27
N ILE N 24 9.61 -47.75 71.11
CA ILE N 24 10.29 -47.14 69.98
C ILE N 24 9.73 -47.69 68.68
N GLY N 25 9.38 -48.98 68.66
CA GLY N 25 8.88 -49.58 67.45
C GLY N 25 7.47 -49.10 67.08
N ILE N 26 6.56 -49.11 68.04
CA ILE N 26 5.21 -48.65 67.74
C ILE N 26 5.25 -47.20 67.31
N ALA N 27 6.13 -46.41 67.92
CA ALA N 27 6.21 -45.00 67.58
C ALA N 27 6.80 -44.80 66.20
N ILE N 28 7.78 -45.61 65.81
CA ILE N 28 8.32 -45.46 64.45
C ILE N 28 7.30 -45.93 63.43
N VAL N 29 6.45 -46.90 63.79
CA VAL N 29 5.36 -47.31 62.90
C VAL N 29 4.42 -46.14 62.65
N PHE N 30 3.95 -45.49 63.71
CA PHE N 30 3.11 -44.31 63.53
C PHE N 30 3.87 -43.15 62.88
N ALA N 31 5.18 -43.07 63.06
CA ALA N 31 5.95 -42.02 62.41
C ALA N 31 5.95 -42.20 60.90
N ALA N 32 6.24 -43.42 60.44
CA ALA N 32 6.16 -43.71 59.01
C ALA N 32 4.74 -43.55 58.49
N LEU N 33 3.75 -43.93 59.31
CA LEU N 33 2.36 -43.76 58.91
C LEU N 33 2.04 -42.28 58.68
N ILE N 34 2.49 -41.42 59.59
CA ILE N 34 2.25 -39.99 59.46
C ILE N 34 2.93 -39.45 58.21
N ASN N 35 4.19 -39.84 58.00
CA ASN N 35 4.91 -39.37 56.83
C ASN N 35 4.22 -39.81 55.54
N GLY N 36 3.76 -41.06 55.50
CA GLY N 36 3.10 -41.57 54.31
C GLY N 36 1.77 -40.89 54.04
N VAL N 37 0.95 -40.69 55.07
CA VAL N 37 -0.33 -40.03 54.86
C VAL N 37 -0.12 -38.56 54.50
N SER N 38 0.96 -37.94 55.00
CA SER N 38 1.26 -36.57 54.61
C SER N 38 1.72 -36.49 53.16
N ARG N 39 2.44 -37.51 52.69
CA ARG N 39 2.86 -37.55 51.29
C ARG N 39 1.65 -37.61 50.37
N ASN N 40 0.88 -38.69 50.46
CA ASN N 40 -0.35 -38.84 49.69
C ASN N 40 -1.49 -39.19 50.63
N PRO N 41 -2.50 -38.33 50.77
CA PRO N 41 -3.61 -38.63 51.69
C PRO N 41 -4.41 -39.86 51.31
N SER N 42 -4.37 -40.28 50.04
CA SER N 42 -5.21 -41.40 49.60
C SER N 42 -4.75 -42.72 50.18
N ILE N 43 -3.48 -42.82 50.59
CA ILE N 43 -2.93 -44.10 51.04
C ILE N 43 -3.36 -44.46 52.45
N LYS N 44 -3.93 -43.51 53.20
CA LYS N 44 -4.22 -43.72 54.61
C LYS N 44 -5.26 -44.82 54.82
N ASP N 45 -6.29 -44.85 53.97
CA ASP N 45 -7.35 -45.84 54.15
C ASP N 45 -6.83 -47.26 53.94
N THR N 46 -5.97 -47.44 52.95
CA THR N 46 -5.44 -48.78 52.67
C THR N 46 -4.28 -49.16 53.59
N VAL N 47 -3.68 -48.19 54.30
CA VAL N 47 -2.61 -48.56 55.23
C VAL N 47 -3.07 -48.66 56.69
N PHE N 48 -4.17 -48.00 57.07
CA PHE N 48 -4.55 -47.98 58.48
C PHE N 48 -4.76 -49.35 59.10
N PRO N 49 -5.51 -50.29 58.50
CA PRO N 49 -5.70 -51.59 59.16
C PRO N 49 -4.40 -52.35 59.38
N MET N 50 -3.59 -52.52 58.33
CA MET N 50 -2.30 -53.18 58.50
C MET N 50 -1.34 -52.34 59.35
N ALA N 51 -1.48 -51.01 59.35
CA ALA N 51 -0.67 -50.18 60.25
C ALA N 51 -0.95 -50.52 61.71
N ILE N 52 -2.23 -50.52 62.10
CA ILE N 52 -2.56 -50.85 63.48
C ILE N 52 -2.26 -52.31 63.76
N LEU N 53 -2.26 -53.17 62.72
CA LEU N 53 -1.86 -54.55 62.92
C LEU N 53 -0.40 -54.65 63.35
N GLY N 54 0.51 -54.01 62.60
CA GLY N 54 1.91 -54.00 63.00
C GLY N 54 2.11 -53.32 64.34
N PHE N 55 1.33 -52.28 64.61
CA PHE N 55 1.31 -51.63 65.91
C PHE N 55 1.01 -52.64 67.02
N ALA N 56 -0.06 -53.42 66.85
CA ALA N 56 -0.44 -54.41 67.85
C ALA N 56 0.58 -55.53 67.96
N LEU N 57 1.29 -55.83 66.87
CA LEU N 57 2.33 -56.85 66.94
C LEU N 57 3.51 -56.39 67.79
N SER N 58 3.95 -55.15 67.59
CA SER N 58 5.00 -54.62 68.47
C SER N 58 4.52 -54.51 69.91
N GLU N 59 3.27 -54.08 70.10
CA GLU N 59 2.68 -54.08 71.44
C GLU N 59 2.62 -55.48 72.04
N ALA N 60 2.44 -56.50 71.20
CA ALA N 60 2.41 -57.87 71.68
C ALA N 60 3.79 -58.34 72.11
N THR N 61 4.84 -57.90 71.40
CA THR N 61 6.19 -58.17 71.86
C THR N 61 6.44 -57.52 73.23
N GLY N 62 6.01 -56.27 73.37
CA GLY N 62 6.12 -55.61 74.68
C GLY N 62 5.33 -56.32 75.76
N LEU N 63 4.13 -56.80 75.41
CA LEU N 63 3.31 -57.53 76.37
C LEU N 63 3.94 -58.87 76.73
N PHE N 64 4.64 -59.51 75.79
CA PHE N 64 5.39 -60.71 76.12
C PHE N 64 6.47 -60.40 77.14
N CYS N 65 7.21 -59.30 76.94
CA CYS N 65 8.21 -58.90 77.94
C CYS N 65 7.57 -58.67 79.30
N LEU N 66 6.45 -57.94 79.32
CA LEU N 66 5.77 -57.64 80.57
C LEU N 66 5.25 -58.91 81.24
N MET N 67 4.76 -59.86 80.44
CA MET N 67 4.23 -61.11 80.99
C MET N 67 5.34 -61.97 81.57
N VAL N 68 6.51 -61.99 80.93
CA VAL N 68 7.64 -62.72 81.51
C VAL N 68 8.06 -62.07 82.82
N SER N 69 8.08 -60.73 82.86
CA SER N 69 8.38 -60.05 84.11
C SER N 69 7.36 -60.39 85.20
N PHE N 70 6.08 -60.44 84.83
CA PHE N 70 5.03 -60.73 85.79
C PHE N 70 5.16 -62.16 86.33
N LEU N 71 5.37 -63.14 85.44
CA LEU N 71 5.51 -64.51 85.89
C LEU N 71 6.80 -64.70 86.69
N LEU N 72 7.80 -63.86 86.45
CA LEU N 72 8.92 -63.79 87.38
C LEU N 72 8.44 -63.34 88.75
N LEU N 73 7.70 -62.23 88.80
CA LEU N 73 7.17 -61.74 90.07
C LEU N 73 6.21 -62.74 90.69
N PHE N 74 5.33 -63.31 89.88
CA PHE N 74 4.33 -64.26 90.37
C PHE N 74 4.44 -65.61 89.67
N MET O 1 21.34 -74.17 96.48
CA MET O 1 19.97 -74.49 96.09
C MET O 1 19.13 -73.22 95.95
N GLN O 2 19.55 -72.16 96.64
CA GLN O 2 18.89 -70.86 96.47
C GLN O 2 19.63 -69.98 95.48
N LEU O 3 20.97 -70.02 95.51
CA LEU O 3 21.74 -69.20 94.58
C LEU O 3 21.55 -69.66 93.14
N VAL O 4 21.35 -70.95 92.93
CA VAL O 4 21.15 -71.46 91.58
C VAL O 4 19.86 -70.93 90.98
N LEU O 5 18.76 -70.97 91.73
CA LEU O 5 17.50 -70.43 91.23
C LEU O 5 17.56 -68.91 91.14
N ALA O 6 18.28 -68.27 92.06
CA ALA O 6 18.48 -66.82 91.99
C ALA O 6 19.16 -66.43 90.69
N ALA O 7 20.23 -67.14 90.33
CA ALA O 7 20.93 -66.86 89.08
C ALA O 7 20.10 -67.25 87.87
N LYS O 8 19.27 -68.29 87.99
CA LYS O 8 18.33 -68.62 86.92
C LYS O 8 17.41 -67.45 86.64
N TYR O 9 16.83 -66.87 87.70
CA TYR O 9 15.96 -65.70 87.54
C TYR O 9 16.72 -64.52 86.97
N ILE O 10 17.94 -64.28 87.45
CA ILE O 10 18.74 -63.15 86.96
C ILE O 10 19.04 -63.32 85.47
N GLY O 11 19.48 -64.52 85.07
CA GLY O 11 19.78 -64.77 83.68
C GLY O 11 18.57 -64.66 82.78
N ALA O 12 17.42 -65.17 83.24
CA ALA O 12 16.20 -65.02 82.45
C ALA O 12 15.81 -63.56 82.32
N GLY O 13 15.90 -62.79 83.40
CA GLY O 13 15.56 -61.38 83.33
C GLY O 13 16.45 -60.60 82.40
N ILE O 14 17.75 -60.88 82.42
CA ILE O 14 18.67 -60.20 81.51
C ILE O 14 18.60 -60.75 80.09
N SER O 15 18.01 -61.92 79.90
CA SER O 15 17.75 -62.41 78.55
C SER O 15 16.49 -61.81 77.95
N THR O 16 15.51 -61.47 78.80
CA THR O 16 14.25 -60.92 78.29
C THR O 16 14.46 -59.64 77.48
N ILE O 17 15.53 -58.91 77.73
CA ILE O 17 15.77 -57.67 77.01
C ILE O 17 16.06 -57.90 75.53
N GLY O 18 16.26 -59.16 75.12
CA GLY O 18 16.48 -59.44 73.71
C GLY O 18 15.27 -59.12 72.85
N LEU O 19 14.06 -59.32 73.37
CA LEU O 19 12.85 -59.03 72.61
C LEU O 19 12.72 -57.56 72.27
N LEU O 20 13.41 -56.68 73.00
CA LEU O 20 13.42 -55.25 72.68
C LEU O 20 13.84 -55.01 71.24
N GLY O 21 15.02 -55.53 70.89
CA GLY O 21 15.54 -55.33 69.55
C GLY O 21 14.69 -56.00 68.50
N ALA O 22 14.17 -57.18 68.80
CA ALA O 22 13.29 -57.87 67.86
C ALA O 22 12.05 -57.03 67.55
N GLY O 23 11.41 -56.49 68.59
CA GLY O 23 10.22 -55.70 68.36
C GLY O 23 10.49 -54.42 67.57
N ILE O 24 11.54 -53.70 67.96
CA ILE O 24 11.83 -52.45 67.26
C ILE O 24 12.26 -52.75 65.82
N GLY O 25 12.96 -53.85 65.59
CA GLY O 25 13.32 -54.21 64.22
C GLY O 25 12.12 -54.59 63.38
N ILE O 26 11.20 -55.37 63.94
CA ILE O 26 9.94 -55.66 63.27
C ILE O 26 9.26 -54.36 62.85
N ALA O 27 9.21 -53.42 63.78
CA ALA O 27 8.46 -52.19 63.52
C ALA O 27 9.19 -51.28 62.54
N ILE O 28 10.52 -51.30 62.49
CA ILE O 28 11.21 -50.50 61.49
C ILE O 28 11.06 -51.12 60.09
N VAL O 29 11.04 -52.46 60.02
CA VAL O 29 10.66 -53.10 58.75
C VAL O 29 9.28 -52.63 58.32
N PHE O 30 8.35 -52.60 59.27
CA PHE O 30 6.99 -52.19 58.96
C PHE O 30 6.94 -50.72 58.55
N ALA O 31 7.77 -49.89 59.17
CA ALA O 31 7.83 -48.47 58.83
C ALA O 31 8.33 -48.27 57.41
N ALA O 32 9.37 -49.01 57.02
CA ALA O 32 9.82 -48.93 55.64
C ALA O 32 8.78 -49.48 54.67
N LEU O 33 8.02 -50.51 55.09
CA LEU O 33 6.90 -50.98 54.29
C LEU O 33 5.88 -49.88 54.08
N ILE O 34 5.54 -49.13 55.14
CA ILE O 34 4.60 -48.03 55.03
C ILE O 34 5.13 -46.97 54.08
N ASN O 35 6.41 -46.63 54.21
CA ASN O 35 7.00 -45.63 53.33
C ASN O 35 6.95 -46.07 51.87
N GLY O 36 7.29 -47.33 51.61
CA GLY O 36 7.26 -47.84 50.25
C GLY O 36 5.86 -47.88 49.67
N VAL O 37 4.88 -48.30 50.47
CA VAL O 37 3.50 -48.33 50.02
C VAL O 37 3.01 -46.92 49.69
N SER O 38 3.36 -45.95 50.55
CA SER O 38 2.96 -44.57 50.29
C SER O 38 3.59 -44.03 49.02
N ARG O 39 4.89 -44.30 48.82
CA ARG O 39 5.57 -43.81 47.62
C ARG O 39 5.25 -44.64 46.38
N ASN O 40 4.54 -45.76 46.52
CA ASN O 40 4.16 -46.59 45.39
C ASN O 40 2.92 -47.39 45.78
N PRO O 41 1.73 -46.82 45.58
CA PRO O 41 0.51 -47.56 45.92
C PRO O 41 0.32 -48.84 45.10
N SER O 42 0.93 -48.94 43.93
CA SER O 42 0.77 -50.11 43.07
C SER O 42 1.73 -51.24 43.40
N ILE O 43 2.63 -51.06 44.37
CA ILE O 43 3.62 -52.06 44.72
C ILE O 43 3.20 -52.90 45.93
N LYS O 44 1.97 -52.67 46.42
CA LYS O 44 1.54 -53.33 47.66
C LYS O 44 1.53 -54.86 47.52
N ASP O 45 1.06 -55.36 46.38
CA ASP O 45 0.99 -56.80 46.19
C ASP O 45 2.37 -57.43 46.25
N THR O 46 3.39 -56.74 45.73
CA THR O 46 4.74 -57.26 45.77
C THR O 46 5.37 -57.11 47.16
N VAL O 47 5.06 -56.02 47.85
CA VAL O 47 5.79 -55.71 49.08
C VAL O 47 5.18 -56.36 50.33
N PHE O 48 3.88 -56.64 50.32
CA PHE O 48 3.24 -57.19 51.52
C PHE O 48 3.78 -58.55 51.92
N PRO O 49 3.88 -59.56 51.03
CA PRO O 49 4.39 -60.86 51.48
C PRO O 49 5.82 -60.84 51.97
N MET O 50 6.70 -60.08 51.31
CA MET O 50 8.09 -60.00 51.76
C MET O 50 8.18 -59.32 53.13
N ALA O 51 7.41 -58.26 53.32
CA ALA O 51 7.42 -57.58 54.62
C ALA O 51 6.86 -58.49 55.72
N ILE O 52 5.85 -59.29 55.40
CA ILE O 52 5.32 -60.24 56.37
C ILE O 52 6.37 -61.30 56.69
N LEU O 53 7.11 -61.75 55.67
CA LEU O 53 8.19 -62.71 55.89
C LEU O 53 9.26 -62.13 56.82
N GLY O 54 9.66 -60.88 56.58
CA GLY O 54 10.62 -60.24 57.47
C GLY O 54 10.08 -60.07 58.88
N PHE O 55 8.82 -59.68 59.00
CA PHE O 55 8.12 -59.70 60.28
C PHE O 55 8.30 -61.02 61.01
N ALA O 56 7.83 -62.10 60.40
CA ALA O 56 7.85 -63.41 61.07
C ALA O 56 9.27 -63.86 61.36
N LEU O 57 10.22 -63.47 60.52
CA LEU O 57 11.61 -63.91 60.70
C LEU O 57 12.26 -63.19 61.87
N SER O 58 12.07 -61.87 61.97
CA SER O 58 12.54 -61.15 63.15
C SER O 58 11.81 -61.62 64.41
N GLU O 59 10.53 -61.96 64.27
CA GLU O 59 9.77 -62.47 65.40
C GLU O 59 10.34 -63.80 65.89
N ALA O 60 10.71 -64.67 64.96
CA ALA O 60 11.35 -65.93 65.34
C ALA O 60 12.71 -65.68 65.99
N THR O 61 13.45 -64.69 65.48
CA THR O 61 14.73 -64.34 66.10
C THR O 61 14.54 -63.92 67.56
N GLY O 62 13.53 -63.11 67.82
CA GLY O 62 13.24 -62.73 69.21
C GLY O 62 12.72 -63.88 70.04
N LEU O 63 11.83 -64.70 69.46
CA LEU O 63 11.24 -65.80 70.21
C LEU O 63 12.23 -66.89 70.55
N PHE O 64 13.32 -67.02 69.79
CA PHE O 64 14.33 -68.02 70.19
C PHE O 64 15.02 -67.58 71.48
N CYS O 65 15.33 -66.29 71.61
CA CYS O 65 15.85 -65.78 72.88
C CYS O 65 14.81 -65.86 73.98
N LEU O 66 13.54 -65.66 73.65
CA LEU O 66 12.48 -65.85 74.64
C LEU O 66 12.45 -67.30 75.13
N MET O 67 12.66 -68.24 74.22
CA MET O 67 12.74 -69.65 74.60
C MET O 67 13.97 -69.92 75.45
N VAL O 68 15.08 -69.23 75.16
CA VAL O 68 16.26 -69.34 76.00
C VAL O 68 15.96 -68.88 77.42
N SER O 69 15.27 -67.75 77.55
CA SER O 69 14.85 -67.29 78.88
C SER O 69 13.91 -68.27 79.55
N PHE O 70 13.00 -68.87 78.77
CA PHE O 70 12.06 -69.84 79.32
C PHE O 70 12.77 -71.08 79.84
N LEU O 71 13.79 -71.56 79.11
CA LEU O 71 14.55 -72.72 79.57
C LEU O 71 15.44 -72.36 80.76
N LEU O 72 15.88 -71.10 80.83
CA LEU O 72 16.54 -70.64 82.06
C LEU O 72 15.59 -70.67 83.25
N LEU O 73 14.33 -70.31 83.02
CA LEU O 73 13.33 -70.31 84.10
C LEU O 73 12.98 -71.74 84.55
N PHE O 74 12.44 -72.53 83.63
CA PHE O 74 11.83 -73.82 83.96
C PHE O 74 12.73 -75.00 83.66
N GLY O 75 14.01 -74.77 83.35
CA GLY O 75 14.92 -75.86 83.06
C GLY O 75 16.29 -75.67 83.67
N MET P 1 29.94 -75.82 94.27
CA MET P 1 29.88 -75.66 92.82
C MET P 1 28.64 -74.90 92.39
N GLN P 2 27.90 -74.37 93.37
CA GLN P 2 26.71 -73.59 93.04
C GLN P 2 27.08 -72.23 92.47
N LEU P 3 28.22 -71.66 92.89
CA LEU P 3 28.56 -70.30 92.46
C LEU P 3 29.03 -70.28 91.01
N VAL P 4 29.85 -71.24 90.59
CA VAL P 4 30.29 -71.29 89.20
C VAL P 4 29.10 -71.50 88.28
N LEU P 5 28.18 -72.39 88.65
CA LEU P 5 27.02 -72.66 87.80
C LEU P 5 26.08 -71.47 87.80
N ALA P 6 25.96 -70.77 88.93
CA ALA P 6 25.18 -69.54 88.96
C ALA P 6 25.77 -68.47 88.04
N ALA P 7 27.11 -68.32 88.07
CA ALA P 7 27.75 -67.34 87.22
C ALA P 7 27.64 -67.71 85.74
N LYS P 8 27.64 -69.01 85.42
CA LYS P 8 27.48 -69.37 84.02
C LYS P 8 26.04 -69.16 83.56
N TYR P 9 25.07 -69.35 84.45
CA TYR P 9 23.71 -68.87 84.17
C TYR P 9 23.70 -67.37 83.86
N ILE P 10 24.36 -66.58 84.70
CA ILE P 10 24.38 -65.13 84.49
C ILE P 10 25.05 -64.79 83.17
N GLY P 11 26.16 -65.45 82.85
CA GLY P 11 26.84 -65.18 81.59
C GLY P 11 26.03 -65.58 80.38
N ALA P 12 25.34 -66.72 80.45
CA ALA P 12 24.46 -67.12 79.36
C ALA P 12 23.32 -66.12 79.18
N GLY P 13 22.78 -65.59 80.28
CA GLY P 13 21.78 -64.55 80.17
C GLY P 13 22.33 -63.29 79.53
N ILE P 14 23.55 -62.91 79.89
CA ILE P 14 24.17 -61.71 79.32
C ILE P 14 24.41 -61.89 77.83
N SER P 15 24.82 -63.10 77.42
CA SER P 15 25.18 -63.35 76.03
C SER P 15 24.01 -63.13 75.07
N THR P 16 22.78 -63.12 75.58
CA THR P 16 21.59 -62.95 74.76
C THR P 16 21.25 -61.49 74.48
N ILE P 17 22.20 -60.57 74.61
CA ILE P 17 21.94 -59.18 74.26
C ILE P 17 22.20 -58.91 72.78
N GLY P 18 23.05 -59.72 72.12
CA GLY P 18 23.30 -59.56 70.71
C GLY P 18 22.08 -59.76 69.83
N LEU P 19 20.99 -60.28 70.42
CA LEU P 19 19.73 -60.37 69.69
C LEU P 19 19.28 -59.01 69.20
N LEU P 20 19.54 -57.95 69.97
CA LEU P 20 19.18 -56.61 69.54
C LEU P 20 19.82 -56.28 68.21
N GLY P 21 21.14 -56.46 68.12
CA GLY P 21 21.84 -56.15 66.89
C GLY P 21 21.44 -57.06 65.74
N ALA P 22 21.28 -58.36 66.02
CA ALA P 22 20.88 -59.28 64.97
C ALA P 22 19.51 -58.91 64.40
N GLY P 23 18.54 -58.66 65.27
CA GLY P 23 17.21 -58.31 64.82
C GLY P 23 17.17 -56.98 64.09
N ILE P 24 17.89 -55.98 64.61
CA ILE P 24 17.90 -54.69 63.92
C ILE P 24 18.62 -54.79 62.60
N GLY P 25 19.62 -55.68 62.48
CA GLY P 25 20.29 -55.86 61.21
C GLY P 25 19.38 -56.50 60.16
N ILE P 26 18.69 -57.58 60.55
CA ILE P 26 17.67 -58.14 59.67
C ILE P 26 16.66 -57.07 59.29
N ALA P 27 16.29 -56.25 60.27
CA ALA P 27 15.30 -55.20 60.06
C ALA P 27 15.76 -54.19 59.03
N ILE P 28 16.99 -53.70 59.16
CA ILE P 28 17.46 -52.65 58.26
C ILE P 28 17.68 -53.19 56.86
N VAL P 29 18.21 -54.41 56.73
CA VAL P 29 18.39 -54.96 55.39
C VAL P 29 17.04 -55.14 54.70
N PHE P 30 16.06 -55.68 55.43
CA PHE P 30 14.74 -55.84 54.82
C PHE P 30 14.05 -54.51 54.58
N ALA P 31 14.31 -53.51 55.43
CA ALA P 31 13.70 -52.20 55.26
C ALA P 31 14.23 -51.50 54.01
N ALA P 32 15.55 -51.46 53.85
CA ALA P 32 16.13 -50.91 52.63
C ALA P 32 15.73 -51.72 51.42
N LEU P 33 15.59 -53.04 51.57
CA LEU P 33 15.12 -53.88 50.48
C LEU P 33 13.73 -53.47 50.03
N ILE P 34 12.82 -53.31 50.98
CA ILE P 34 11.43 -53.01 50.62
C ILE P 34 11.34 -51.60 50.05
N ASN P 35 12.13 -50.66 50.58
CA ASN P 35 12.14 -49.30 50.03
C ASN P 35 12.66 -49.30 48.59
N GLY P 36 13.74 -50.03 48.33
CA GLY P 36 14.27 -50.09 46.98
C GLY P 36 13.32 -50.76 46.00
N VAL P 37 12.65 -51.83 46.45
CA VAL P 37 11.69 -52.52 45.60
C VAL P 37 10.51 -51.61 45.28
N SER P 38 9.99 -50.90 46.29
CA SER P 38 8.86 -50.01 46.05
C SER P 38 9.24 -48.85 45.13
N ARG P 39 10.40 -48.23 45.36
CA ARG P 39 10.81 -47.12 44.50
C ARG P 39 11.29 -47.61 43.15
N ASN P 40 11.87 -48.80 43.10
CA ASN P 40 12.38 -49.41 41.86
C ASN P 40 11.77 -50.81 41.75
N PRO P 41 10.57 -50.92 41.17
CA PRO P 41 9.94 -52.24 41.05
C PRO P 41 10.73 -53.22 40.21
N SER P 42 11.63 -52.73 39.34
CA SER P 42 12.37 -53.58 38.42
C SER P 42 13.80 -53.84 38.88
N ILE P 43 14.05 -53.87 40.19
CA ILE P 43 15.37 -54.14 40.75
C ILE P 43 15.35 -55.36 41.66
N LYS P 44 14.17 -55.97 41.86
CA LYS P 44 14.00 -57.07 42.80
C LYS P 44 14.85 -58.27 42.42
N ASP P 45 14.85 -58.64 41.14
CA ASP P 45 15.49 -59.89 40.74
C ASP P 45 16.98 -59.91 41.08
N THR P 46 17.59 -58.74 41.24
CA THR P 46 18.99 -58.68 41.63
C THR P 46 19.21 -58.22 43.07
N VAL P 47 18.23 -57.59 43.72
CA VAL P 47 18.44 -57.21 45.11
C VAL P 47 18.05 -58.34 46.07
N PHE P 48 17.06 -59.15 45.72
CA PHE P 48 16.62 -60.21 46.61
C PHE P 48 17.71 -61.21 46.97
N PRO P 49 18.53 -61.72 46.03
CA PRO P 49 19.59 -62.66 46.44
C PRO P 49 20.59 -62.06 47.41
N MET P 50 21.14 -60.88 47.10
CA MET P 50 22.07 -60.25 48.03
C MET P 50 21.39 -59.82 49.32
N ALA P 51 20.10 -59.49 49.29
CA ALA P 51 19.38 -59.18 50.52
C ALA P 51 19.33 -60.41 51.43
N ILE P 52 19.01 -61.57 50.86
CA ILE P 52 18.97 -62.80 51.66
C ILE P 52 20.36 -63.15 52.15
N LEU P 53 21.38 -62.96 51.31
CA LEU P 53 22.75 -63.27 51.72
C LEU P 53 23.19 -62.36 52.88
N GLY P 54 22.87 -61.07 52.80
CA GLY P 54 23.18 -60.16 53.88
C GLY P 54 22.41 -60.49 55.15
N PHE P 55 21.16 -60.92 54.99
CA PHE P 55 20.39 -61.38 56.15
C PHE P 55 21.08 -62.57 56.83
N ALA P 56 21.53 -63.54 56.03
CA ALA P 56 22.20 -64.70 56.59
C ALA P 56 23.49 -64.30 57.30
N LEU P 57 24.24 -63.37 56.69
CA LEU P 57 25.47 -62.91 57.33
C LEU P 57 25.18 -62.18 58.65
N SER P 58 24.10 -61.41 58.69
CA SER P 58 23.71 -60.75 59.94
C SER P 58 23.29 -61.77 60.99
N GLU P 59 22.48 -62.75 60.60
CA GLU P 59 22.06 -63.80 61.52
C GLU P 59 23.20 -64.68 61.99
N ALA P 60 24.33 -64.69 61.27
CA ALA P 60 25.48 -65.47 61.72
C ALA P 60 25.91 -65.04 63.12
N THR P 61 25.98 -63.73 63.36
CA THR P 61 26.40 -63.23 64.66
C THR P 61 25.43 -63.66 65.76
N GLY P 62 24.13 -63.53 65.49
CA GLY P 62 23.14 -63.91 66.48
C GLY P 62 23.16 -65.39 66.80
N LEU P 63 23.20 -66.24 65.76
CA LEU P 63 23.25 -67.66 66.00
C LEU P 63 24.54 -68.06 66.72
N PHE P 64 25.66 -67.39 66.44
CA PHE P 64 26.88 -67.69 67.15
C PHE P 64 26.78 -67.29 68.62
N CYS P 65 26.17 -66.15 68.91
CA CYS P 65 25.96 -65.75 70.30
C CYS P 65 25.09 -66.77 71.03
N LEU P 66 24.03 -67.23 70.38
CA LEU P 66 23.19 -68.23 71.03
C LEU P 66 23.91 -69.56 71.18
N MET P 67 24.78 -69.92 70.24
CA MET P 67 25.57 -71.14 70.38
C MET P 67 26.54 -71.06 71.55
N VAL P 68 27.21 -69.91 71.72
CA VAL P 68 28.13 -69.80 72.85
C VAL P 68 27.36 -69.76 74.16
N SER P 69 26.16 -69.14 74.17
CA SER P 69 25.33 -69.20 75.37
C SER P 69 24.92 -70.63 75.68
N PHE P 70 24.58 -71.41 74.65
CA PHE P 70 24.20 -72.81 74.85
C PHE P 70 25.36 -73.62 75.41
N LEU P 71 26.57 -73.44 74.86
CA LEU P 71 27.71 -74.19 75.35
C LEU P 71 28.08 -73.77 76.77
N LEU P 72 27.87 -72.50 77.12
CA LEU P 72 28.03 -72.10 78.51
C LEU P 72 26.99 -72.80 79.39
N LEU P 73 25.75 -72.89 78.93
CA LEU P 73 24.72 -73.59 79.69
C LEU P 73 25.05 -75.07 79.83
N PHE P 74 25.51 -75.71 78.75
CA PHE P 74 25.84 -77.13 78.78
C PHE P 74 27.27 -77.36 78.33
N MET Q 1 40.27 -70.50 92.55
CA MET Q 1 40.04 -70.80 91.14
C MET Q 1 38.55 -70.96 90.86
N GLN Q 2 37.80 -71.37 91.88
CA GLN Q 2 36.36 -71.54 91.74
C GLN Q 2 35.69 -70.22 91.40
N LEU Q 3 35.94 -69.18 92.21
CA LEU Q 3 35.43 -67.85 91.87
C LEU Q 3 36.11 -67.32 90.61
N VAL Q 4 37.36 -67.72 90.36
CA VAL Q 4 38.02 -67.35 89.11
C VAL Q 4 37.27 -67.95 87.92
N LEU Q 5 36.86 -69.21 88.02
CA LEU Q 5 36.10 -69.83 86.94
C LEU Q 5 34.74 -69.16 86.76
N ALA Q 6 34.08 -68.84 87.87
CA ALA Q 6 32.79 -68.14 87.79
C ALA Q 6 32.93 -66.80 87.09
N ALA Q 7 33.98 -66.04 87.45
CA ALA Q 7 34.23 -64.76 86.80
C ALA Q 7 34.64 -64.94 85.34
N LYS Q 8 35.34 -66.03 85.02
CA LYS Q 8 35.63 -66.34 83.62
C LYS Q 8 34.33 -66.47 82.84
N TYR Q 9 33.38 -67.23 83.38
CA TYR Q 9 32.10 -67.42 82.70
C TYR Q 9 31.36 -66.10 82.53
N ILE Q 10 31.28 -65.31 83.60
CA ILE Q 10 30.52 -64.06 83.52
C ILE Q 10 31.21 -63.06 82.59
N GLY Q 11 32.54 -63.04 82.58
CA GLY Q 11 33.26 -62.15 81.70
C GLY Q 11 33.11 -62.55 80.24
N ALA Q 12 33.11 -63.85 79.96
CA ALA Q 12 32.85 -64.30 78.59
C ALA Q 12 31.45 -63.91 78.15
N GLY Q 13 30.47 -64.10 79.04
CA GLY Q 13 29.12 -63.67 78.72
C GLY Q 13 29.03 -62.18 78.42
N ILE Q 14 29.76 -61.37 79.19
CA ILE Q 14 29.79 -59.93 78.95
C ILE Q 14 30.45 -59.63 77.60
N SER Q 15 31.57 -60.29 77.32
CA SER Q 15 32.34 -60.00 76.11
C SER Q 15 31.63 -60.47 74.84
N THR Q 16 30.67 -61.38 74.95
CA THR Q 16 29.99 -61.82 73.72
C THR Q 16 29.06 -60.74 73.09
N ILE Q 17 29.02 -59.47 73.49
CA ILE Q 17 28.07 -58.53 72.91
C ILE Q 17 28.58 -57.88 71.62
N GLY Q 18 29.86 -58.03 71.30
CA GLY Q 18 30.41 -57.39 70.11
C GLY Q 18 29.82 -57.91 68.80
N LEU Q 19 29.32 -59.13 68.79
CA LEU Q 19 28.69 -59.66 67.59
C LEU Q 19 27.43 -58.87 67.24
N LEU Q 20 26.78 -58.27 68.25
CA LEU Q 20 25.68 -57.35 67.98
C LEU Q 20 26.11 -56.23 67.04
N GLY Q 21 27.22 -55.56 67.38
CA GLY Q 21 27.72 -54.48 66.55
C GLY Q 21 28.22 -54.98 65.21
N ALA Q 22 28.88 -56.14 65.20
CA ALA Q 22 29.36 -56.69 63.93
C ALA Q 22 28.20 -56.95 62.97
N GLY Q 23 27.14 -57.60 63.46
CA GLY Q 23 26.00 -57.89 62.61
C GLY Q 23 25.26 -56.64 62.17
N ILE Q 24 25.04 -55.70 63.09
CA ILE Q 24 24.33 -54.49 62.71
C ILE Q 24 25.15 -53.69 61.70
N GLY Q 25 26.48 -53.71 61.82
CA GLY Q 25 27.31 -53.01 60.86
C GLY Q 25 27.32 -53.65 59.49
N ILE Q 26 27.46 -54.97 59.43
CA ILE Q 26 27.41 -55.62 58.13
C ILE Q 26 26.04 -55.43 57.49
N ALA Q 27 24.99 -55.33 58.33
CA ALA Q 27 23.65 -55.17 57.79
C ALA Q 27 23.42 -53.75 57.27
N ILE Q 28 23.93 -52.73 57.97
CA ILE Q 28 23.85 -51.37 57.41
C ILE Q 28 24.66 -51.27 56.13
N VAL Q 29 25.79 -51.97 56.05
CA VAL Q 29 26.55 -52.00 54.79
C VAL Q 29 25.72 -52.60 53.68
N PHE Q 30 25.04 -53.71 53.95
CA PHE Q 30 24.21 -54.35 52.94
C PHE Q 30 23.03 -53.46 52.55
N ALA Q 31 22.47 -52.74 53.53
CA ALA Q 31 21.36 -51.82 53.24
C ALA Q 31 21.83 -50.71 52.31
N ALA Q 32 23.01 -50.15 52.55
CA ALA Q 32 23.56 -49.16 51.64
C ALA Q 32 23.81 -49.75 50.26
N LEU Q 33 24.32 -50.99 50.21
CA LEU Q 33 24.51 -51.69 48.95
C LEU Q 33 23.22 -51.73 48.14
N ILE Q 34 22.15 -52.20 48.78
CA ILE Q 34 20.91 -52.46 48.05
C ILE Q 34 20.21 -51.16 47.70
N ASN Q 35 20.30 -50.14 48.56
CA ASN Q 35 19.78 -48.83 48.19
C ASN Q 35 20.52 -48.26 46.98
N GLY Q 36 21.85 -48.36 46.98
CA GLY Q 36 22.61 -47.85 45.87
C GLY Q 36 22.32 -48.57 44.56
N VAL Q 37 22.22 -49.90 44.62
CA VAL Q 37 21.92 -50.65 43.40
C VAL Q 37 20.48 -50.39 42.95
N SER Q 38 19.58 -50.09 43.89
CA SER Q 38 18.23 -49.68 43.51
C SER Q 38 18.26 -48.34 42.77
N ARG Q 39 19.10 -47.41 43.24
CA ARG Q 39 19.24 -46.14 42.54
C ARG Q 39 20.00 -46.33 41.22
N ASN Q 40 21.21 -46.87 41.29
CA ASN Q 40 22.00 -47.16 40.09
C ASN Q 40 22.31 -48.65 40.02
N PRO Q 41 21.66 -49.41 39.14
CA PRO Q 41 22.00 -50.83 39.00
C PRO Q 41 23.35 -51.08 38.34
N SER Q 42 23.93 -50.08 37.67
CA SER Q 42 25.18 -50.27 36.97
C SER Q 42 26.39 -50.35 37.89
N ILE Q 43 26.32 -49.74 39.08
CA ILE Q 43 27.45 -49.73 40.00
C ILE Q 43 27.57 -50.99 40.82
N LYS Q 44 26.66 -51.95 40.64
CA LYS Q 44 26.64 -53.15 41.47
C LYS Q 44 27.96 -53.91 41.40
N ASP Q 45 28.48 -54.10 40.19
CA ASP Q 45 29.75 -54.81 40.04
C ASP Q 45 30.89 -54.06 40.71
N THR Q 46 30.90 -52.74 40.60
CA THR Q 46 31.97 -51.95 41.21
C THR Q 46 31.88 -51.97 42.74
N VAL Q 47 30.65 -51.94 43.28
CA VAL Q 47 30.50 -51.88 44.73
C VAL Q 47 30.56 -53.24 45.39
N PHE Q 48 30.45 -54.32 44.62
CA PHE Q 48 30.48 -55.66 45.23
C PHE Q 48 31.78 -55.95 45.99
N PRO Q 49 32.98 -55.80 45.40
CA PRO Q 49 34.19 -56.17 46.16
C PRO Q 49 34.48 -55.22 47.31
N MET Q 50 34.26 -53.92 47.11
CA MET Q 50 34.46 -52.97 48.20
C MET Q 50 33.54 -53.28 49.37
N ALA Q 51 32.28 -53.62 49.08
CA ALA Q 51 31.35 -53.96 50.13
C ALA Q 51 31.69 -55.29 50.81
N ILE Q 52 32.21 -56.26 50.06
CA ILE Q 52 32.65 -57.50 50.68
C ILE Q 52 33.83 -57.23 51.62
N LEU Q 53 34.76 -56.37 51.20
CA LEU Q 53 35.86 -55.98 52.07
C LEU Q 53 35.36 -55.29 53.32
N GLY Q 54 34.38 -54.39 53.17
CA GLY Q 54 33.80 -53.73 54.32
C GLY Q 54 33.09 -54.70 55.26
N PHE Q 55 32.40 -55.68 54.70
CA PHE Q 55 31.78 -56.73 55.51
C PHE Q 55 32.83 -57.49 56.31
N ALA Q 56 33.93 -57.87 55.66
CA ALA Q 56 34.99 -58.58 56.37
C ALA Q 56 35.58 -57.73 57.49
N LEU Q 57 35.81 -56.45 57.22
CA LEU Q 57 36.37 -55.57 58.24
C LEU Q 57 35.41 -55.39 59.41
N SER Q 58 34.11 -55.27 59.12
CA SER Q 58 33.12 -55.13 60.20
C SER Q 58 33.03 -56.41 61.02
N GLU Q 59 33.05 -57.57 60.36
CA GLU Q 59 33.00 -58.84 61.09
C GLU Q 59 34.30 -59.15 61.83
N ALA Q 60 35.39 -58.45 61.48
CA ALA Q 60 36.61 -58.58 62.26
C ALA Q 60 36.40 -58.22 63.72
N THR Q 61 35.52 -57.24 63.99
CA THR Q 61 35.21 -56.89 65.38
C THR Q 61 34.56 -58.06 66.12
N GLY Q 62 33.60 -58.72 65.47
CA GLY Q 62 33.00 -59.90 66.08
C GLY Q 62 34.00 -61.02 66.28
N LEU Q 63 34.93 -61.17 65.33
CA LEU Q 63 35.97 -62.19 65.48
C LEU Q 63 36.88 -61.88 66.67
N PHE Q 64 37.23 -60.60 66.85
CA PHE Q 64 38.04 -60.21 67.99
C PHE Q 64 37.29 -60.43 69.31
N CYS Q 65 35.98 -60.16 69.32
CA CYS Q 65 35.19 -60.47 70.51
C CYS Q 65 35.18 -61.97 70.77
N LEU Q 66 35.09 -62.76 69.70
CA LEU Q 66 35.16 -64.22 69.85
C LEU Q 66 36.48 -64.66 70.46
N MET Q 67 37.61 -64.12 69.98
CA MET Q 67 38.89 -64.56 70.52
C MET Q 67 39.07 -64.11 71.96
N VAL Q 68 38.54 -62.93 72.31
CA VAL Q 68 38.57 -62.50 73.70
C VAL Q 68 37.75 -63.44 74.58
N SER Q 69 36.55 -63.81 74.11
CA SER Q 69 35.71 -64.72 74.88
C SER Q 69 36.36 -66.09 75.02
N PHE Q 70 37.04 -66.56 73.97
CA PHE Q 70 37.75 -67.83 74.04
C PHE Q 70 38.90 -67.77 75.04
N LEU Q 71 39.63 -66.65 75.06
CA LEU Q 71 40.68 -66.48 76.06
C LEU Q 71 40.10 -66.47 77.46
N LEU Q 72 38.94 -65.84 77.64
CA LEU Q 72 38.27 -65.83 78.93
C LEU Q 72 37.87 -67.24 79.36
N LEU Q 73 37.36 -68.04 78.42
CA LEU Q 73 36.89 -69.38 78.76
C LEU Q 73 38.06 -70.36 78.84
N PHE Q 74 38.80 -70.54 77.75
CA PHE Q 74 39.88 -71.51 77.71
C PHE Q 74 41.23 -70.83 77.52
N MET R 1 44.65 -63.04 95.01
CA MET R 1 44.56 -62.94 93.55
C MET R 1 43.19 -63.37 93.06
N GLN R 2 42.47 -64.10 93.92
CA GLN R 2 41.13 -64.58 93.59
C GLN R 2 40.24 -63.44 93.11
N LEU R 3 40.02 -62.45 93.98
CA LEU R 3 39.23 -61.28 93.60
C LEU R 3 39.92 -60.49 92.50
N VAL R 4 41.25 -60.37 92.56
CA VAL R 4 41.99 -59.61 91.57
C VAL R 4 41.84 -60.24 90.19
N LEU R 5 42.02 -61.56 90.10
CA LEU R 5 41.89 -62.24 88.83
C LEU R 5 40.45 -62.21 88.32
N ALA R 6 39.48 -62.34 89.23
CA ALA R 6 38.08 -62.24 88.85
C ALA R 6 37.77 -60.88 88.25
N ALA R 7 38.23 -59.82 88.90
CA ALA R 7 38.00 -58.47 88.40
C ALA R 7 38.74 -58.23 87.09
N LYS R 8 39.94 -58.79 86.94
CA LYS R 8 40.65 -58.68 85.66
C LYS R 8 39.87 -59.33 84.53
N TYR R 9 39.30 -60.51 84.79
CA TYR R 9 38.53 -61.21 83.76
C TYR R 9 37.28 -60.41 83.38
N ILE R 10 36.54 -59.93 84.39
CA ILE R 10 35.34 -59.16 84.07
C ILE R 10 35.70 -57.83 83.42
N GLY R 11 36.85 -57.25 83.78
CA GLY R 11 37.29 -56.03 83.15
C GLY R 11 37.63 -56.21 81.68
N ALA R 12 38.30 -57.32 81.35
CA ALA R 12 38.52 -57.64 79.94
C ALA R 12 37.20 -57.85 79.21
N GLY R 13 36.26 -58.57 79.85
CA GLY R 13 34.97 -58.80 79.23
C GLY R 13 34.22 -57.51 78.94
N ILE R 14 34.31 -56.54 79.85
CA ILE R 14 33.58 -55.28 79.64
C ILE R 14 34.37 -54.35 78.71
N SER R 15 35.70 -54.48 78.70
CA SER R 15 36.51 -53.69 77.78
C SER R 15 36.36 -54.18 76.34
N THR R 16 35.84 -55.39 76.15
CA THR R 16 35.60 -55.91 74.82
C THR R 16 34.65 -55.03 74.01
N ILE R 17 33.86 -54.19 74.68
CA ILE R 17 32.74 -53.51 74.02
C ILE R 17 33.19 -52.46 73.00
N GLY R 18 34.44 -51.98 73.05
CA GLY R 18 34.88 -51.00 72.06
C GLY R 18 34.83 -51.50 70.63
N LEU R 19 34.82 -52.82 70.44
CA LEU R 19 34.68 -53.37 69.10
C LEU R 19 33.32 -53.03 68.49
N LEU R 20 32.30 -52.79 69.32
CA LEU R 20 31.04 -52.27 68.83
C LEU R 20 31.24 -50.98 68.04
N GLY R 21 31.92 -50.03 68.66
CA GLY R 21 32.17 -48.76 68.01
C GLY R 21 33.08 -48.89 66.81
N ALA R 22 34.10 -49.73 66.90
CA ALA R 22 34.98 -49.95 65.75
C ALA R 22 34.20 -50.49 64.55
N GLY R 23 33.33 -51.48 64.80
CA GLY R 23 32.54 -52.07 63.73
C GLY R 23 31.56 -51.07 63.13
N ILE R 24 30.87 -50.30 63.97
CA ILE R 24 29.94 -49.30 63.44
C ILE R 24 30.71 -48.26 62.63
N GLY R 25 31.91 -47.90 63.08
CA GLY R 25 32.76 -47.00 62.35
C GLY R 25 33.03 -47.46 60.94
N ILE R 26 33.64 -48.64 60.84
CA ILE R 26 33.96 -49.21 59.54
C ILE R 26 32.69 -49.33 58.71
N ALA R 27 31.58 -49.71 59.35
CA ALA R 27 30.36 -50.05 58.62
C ALA R 27 29.72 -48.82 57.99
N ILE R 28 29.52 -47.74 58.75
CA ILE R 28 28.89 -46.59 58.10
C ILE R 28 29.87 -45.83 57.22
N VAL R 29 31.19 -45.94 57.47
CA VAL R 29 32.12 -45.38 56.49
C VAL R 29 31.95 -46.07 55.15
N PHE R 30 31.88 -47.41 55.17
CA PHE R 30 31.67 -48.15 53.93
C PHE R 30 30.30 -47.89 53.33
N ALA R 31 29.28 -47.71 54.19
CA ALA R 31 27.93 -47.44 53.70
C ALA R 31 27.86 -46.10 52.98
N ALA R 32 28.47 -45.06 53.56
CA ALA R 32 28.51 -43.77 52.90
C ALA R 32 29.33 -43.84 51.62
N LEU R 33 30.42 -44.62 51.64
CA LEU R 33 31.20 -44.84 50.43
C LEU R 33 30.33 -45.46 49.33
N ILE R 34 29.55 -46.47 49.68
CA ILE R 34 28.67 -47.13 48.70
C ILE R 34 27.65 -46.14 48.15
N ASN R 35 27.03 -45.36 49.04
CA ASN R 35 26.04 -44.39 48.59
C ASN R 35 26.66 -43.36 47.65
N GLY R 36 27.84 -42.84 48.00
CA GLY R 36 28.48 -41.84 47.16
C GLY R 36 28.90 -42.38 45.81
N VAL R 37 29.47 -43.59 45.78
CA VAL R 37 29.92 -44.15 44.51
C VAL R 37 28.73 -44.53 43.65
N SER R 38 27.63 -45.01 44.25
CA SER R 38 26.44 -45.30 43.49
C SER R 38 25.73 -44.03 43.02
N ARG R 39 25.99 -42.89 43.67
CA ARG R 39 25.39 -41.65 43.22
C ARG R 39 26.32 -40.87 42.30
N ASN R 40 27.62 -41.19 42.32
CA ASN R 40 28.62 -40.59 41.44
C ASN R 40 29.77 -41.56 41.20
N PRO R 41 29.95 -42.04 39.96
CA PRO R 41 31.04 -43.00 39.71
C PRO R 41 32.41 -42.36 39.67
N SER R 42 32.52 -41.14 39.15
CA SER R 42 33.83 -40.49 39.02
C SER R 42 34.47 -40.23 40.37
N ILE R 43 33.67 -39.78 41.35
CA ILE R 43 34.20 -39.42 42.66
C ILE R 43 34.62 -40.64 43.48
N LYS R 44 34.36 -41.85 42.97
CA LYS R 44 34.77 -43.06 43.68
C LYS R 44 36.28 -43.10 43.89
N ASP R 45 37.04 -42.74 42.86
CA ASP R 45 38.51 -42.84 42.95
C ASP R 45 39.06 -41.93 44.04
N THR R 46 38.51 -40.73 44.18
CA THR R 46 38.99 -39.79 45.17
C THR R 46 38.32 -39.95 46.54
N VAL R 47 37.26 -40.75 46.64
CA VAL R 47 36.62 -40.94 47.93
C VAL R 47 37.07 -42.26 48.56
N PHE R 48 37.60 -43.16 47.73
CA PHE R 48 38.04 -44.46 48.25
C PHE R 48 39.17 -44.36 49.27
N PRO R 49 40.27 -43.64 49.02
CA PRO R 49 41.32 -43.55 50.05
C PRO R 49 40.86 -42.90 51.34
N MET R 50 39.93 -41.94 51.25
CA MET R 50 39.42 -41.29 52.46
C MET R 50 38.67 -42.30 53.33
N ALA R 51 37.82 -43.12 52.72
CA ALA R 51 37.15 -44.18 53.45
C ALA R 51 38.16 -45.18 54.00
N ILE R 52 39.22 -45.46 53.23
CA ILE R 52 40.28 -46.35 53.70
C ILE R 52 40.86 -45.84 55.01
N LEU R 53 41.25 -44.56 55.01
CA LEU R 53 41.80 -43.95 56.22
C LEU R 53 40.78 -43.97 57.35
N GLY R 54 39.52 -43.71 57.05
CA GLY R 54 38.48 -43.70 58.05
C GLY R 54 38.33 -45.03 58.77
N PHE R 55 38.14 -46.13 58.03
CA PHE R 55 37.98 -47.37 58.78
C PHE R 55 39.32 -47.88 59.31
N ALA R 56 40.44 -47.44 58.76
CA ALA R 56 41.73 -47.76 59.37
C ALA R 56 41.83 -47.16 60.76
N LEU R 57 41.43 -45.90 60.91
CA LEU R 57 41.46 -45.29 62.23
C LEU R 57 40.41 -45.88 63.16
N SER R 58 39.24 -46.25 62.62
CA SER R 58 38.24 -46.92 63.44
C SER R 58 38.78 -48.25 63.97
N GLU R 59 39.44 -49.04 63.11
CA GLU R 59 40.04 -50.28 63.55
C GLU R 59 41.21 -50.03 64.50
N ALA R 60 41.89 -48.89 64.36
CA ALA R 60 42.93 -48.55 65.33
C ALA R 60 42.34 -48.31 66.71
N THR R 61 41.19 -47.64 66.78
CA THR R 61 40.51 -47.48 68.06
C THR R 61 40.06 -48.83 68.62
N GLY R 62 39.51 -49.69 67.75
CA GLY R 62 39.17 -51.03 68.17
C GLY R 62 40.37 -51.80 68.70
N LEU R 63 41.53 -51.60 68.07
CA LEU R 63 42.76 -52.23 68.53
C LEU R 63 43.20 -51.67 69.87
N PHE R 64 42.98 -50.38 70.11
CA PHE R 64 43.25 -49.80 71.43
C PHE R 64 42.42 -50.51 72.50
N CYS R 65 41.13 -50.68 72.23
CA CYS R 65 40.28 -51.39 73.19
C CYS R 65 40.72 -52.84 73.36
N LEU R 66 41.12 -53.49 72.26
CA LEU R 66 41.61 -54.86 72.34
C LEU R 66 42.86 -54.95 73.20
N MET R 67 43.77 -53.99 73.05
CA MET R 67 44.99 -53.97 73.84
C MET R 67 44.66 -53.81 75.32
N VAL R 68 43.76 -52.88 75.65
CA VAL R 68 43.40 -52.66 77.05
C VAL R 68 42.74 -53.90 77.64
N SER R 69 41.87 -54.56 76.86
CA SER R 69 41.27 -55.80 77.34
C SER R 69 42.31 -56.89 77.52
N PHE R 70 43.31 -56.94 76.62
CA PHE R 70 44.33 -57.99 76.67
C PHE R 70 45.23 -57.83 77.89
N LEU R 71 45.62 -56.60 78.22
CA LEU R 71 46.51 -56.40 79.36
C LEU R 71 45.83 -56.82 80.66
N LEU R 72 44.51 -56.72 80.74
CA LEU R 72 43.78 -57.23 81.89
C LEU R 72 43.82 -58.76 81.95
N LEU R 73 44.16 -59.42 80.86
CA LEU R 73 44.27 -60.88 80.85
C LEU R 73 45.69 -61.36 81.12
N PHE R 74 46.68 -60.71 80.52
CA PHE R 74 48.06 -61.11 80.70
C PHE R 74 48.97 -59.90 80.91
N MET S 1 42.81 -54.19 100.38
CA MET S 1 43.69 -53.78 99.30
C MET S 1 43.34 -54.60 98.06
N GLN S 2 43.02 -55.88 98.28
CA GLN S 2 42.63 -56.75 97.17
C GLN S 2 41.39 -56.23 96.46
N LEU S 3 40.37 -55.86 97.24
CA LEU S 3 39.18 -55.27 96.64
C LEU S 3 39.49 -53.93 95.99
N VAL S 4 40.45 -53.19 96.53
CA VAL S 4 40.80 -51.88 95.96
C VAL S 4 41.33 -52.06 94.53
N LEU S 5 42.31 -52.96 94.36
CA LEU S 5 42.85 -53.20 93.03
C LEU S 5 41.81 -53.87 92.11
N ALA S 6 40.99 -54.74 92.68
CA ALA S 6 39.94 -55.37 91.89
C ALA S 6 39.01 -54.35 91.29
N ALA S 7 38.47 -53.45 92.12
CA ALA S 7 37.60 -52.40 91.60
C ALA S 7 38.34 -51.38 90.77
N LYS S 8 39.65 -51.21 90.99
CA LYS S 8 40.43 -50.34 90.11
C LYS S 8 40.45 -50.91 88.69
N TYR S 9 40.68 -52.21 88.55
CA TYR S 9 40.65 -52.84 87.25
C TYR S 9 39.24 -52.78 86.65
N ILE S 10 38.22 -53.00 87.48
CA ILE S 10 36.84 -52.92 87.00
C ILE S 10 36.53 -51.52 86.48
N GLY S 11 36.98 -50.49 87.21
CA GLY S 11 36.75 -49.12 86.79
C GLY S 11 37.48 -48.77 85.52
N ALA S 12 38.71 -49.26 85.36
CA ALA S 12 39.41 -49.04 84.10
C ALA S 12 38.68 -49.70 82.94
N GLY S 13 38.22 -50.94 83.14
CA GLY S 13 37.50 -51.64 82.08
C GLY S 13 36.21 -50.94 81.70
N ILE S 14 35.48 -50.42 82.70
CA ILE S 14 34.22 -49.74 82.42
C ILE S 14 34.44 -48.32 81.91
N SER S 15 35.60 -47.73 82.18
CA SER S 15 35.96 -46.44 81.60
C SER S 15 36.40 -46.56 80.15
N THR S 16 36.89 -47.74 79.75
CA THR S 16 37.24 -47.96 78.36
C THR S 16 36.03 -48.00 77.43
N ILE S 17 34.80 -48.01 77.99
CA ILE S 17 33.60 -48.01 77.16
C ILE S 17 33.54 -46.75 76.30
N GLY S 18 34.14 -45.65 76.74
CA GLY S 18 34.05 -44.38 76.05
C GLY S 18 34.61 -44.39 74.63
N LEU S 19 35.42 -45.40 74.28
CA LEU S 19 35.94 -45.49 72.92
C LEU S 19 34.84 -45.79 71.90
N LEU S 20 33.70 -46.31 72.35
CA LEU S 20 32.54 -46.41 71.47
C LEU S 20 32.21 -45.05 70.87
N GLY S 21 32.28 -43.99 71.70
CA GLY S 21 32.03 -42.66 71.19
C GLY S 21 33.03 -42.24 70.13
N ALA S 22 34.31 -42.47 70.38
CA ALA S 22 35.32 -42.11 69.39
C ALA S 22 35.10 -42.86 68.08
N GLY S 23 34.81 -44.16 68.18
CA GLY S 23 34.58 -44.98 67.01
C GLY S 23 33.40 -44.53 66.17
N ILE S 24 32.21 -44.46 66.76
CA ILE S 24 31.06 -44.05 65.96
C ILE S 24 31.09 -42.56 65.65
N GLY S 25 31.91 -41.78 66.34
CA GLY S 25 32.07 -40.38 65.99
C GLY S 25 32.90 -40.18 64.73
N ILE S 26 34.07 -40.81 64.66
CA ILE S 26 34.82 -40.81 63.40
C ILE S 26 33.98 -41.44 62.31
N ALA S 27 33.20 -42.46 62.66
CA ALA S 27 32.27 -43.06 61.72
C ALA S 27 31.39 -42.03 61.06
N ILE S 28 30.59 -41.31 61.86
CA ILE S 28 29.62 -40.39 61.28
C ILE S 28 30.30 -39.19 60.63
N VAL S 29 31.45 -38.75 61.17
CA VAL S 29 32.19 -37.66 60.56
C VAL S 29 32.64 -38.05 59.15
N PHE S 30 33.22 -39.23 59.00
CA PHE S 30 33.68 -39.66 57.69
C PHE S 30 32.51 -39.97 56.76
N ALA S 31 31.38 -40.43 57.30
CA ALA S 31 30.19 -40.63 56.48
C ALA S 31 29.72 -39.31 55.89
N ALA S 32 29.63 -38.27 56.72
CA ALA S 32 29.25 -36.94 56.23
C ALA S 32 30.29 -36.41 55.26
N LEU S 33 31.57 -36.66 55.52
CA LEU S 33 32.62 -36.23 54.60
C LEU S 33 32.47 -36.88 53.24
N ILE S 34 32.18 -38.18 53.22
CA ILE S 34 31.96 -38.88 51.94
C ILE S 34 30.75 -38.31 51.23
N ASN S 35 29.66 -38.07 51.96
CA ASN S 35 28.47 -37.51 51.34
C ASN S 35 28.77 -36.13 50.74
N GLY S 36 29.47 -35.28 51.49
CA GLY S 36 29.78 -33.95 50.99
C GLY S 36 30.71 -33.95 49.80
N VAL S 37 31.75 -34.78 49.83
CA VAL S 37 32.68 -34.81 48.71
C VAL S 37 32.03 -35.42 47.48
N SER S 38 31.12 -36.37 47.66
CA SER S 38 30.40 -36.93 46.52
C SER S 38 29.38 -35.93 45.98
N ARG S 39 28.85 -35.06 46.84
CA ARG S 39 27.90 -34.05 46.39
C ARG S 39 28.50 -33.16 45.31
N ASN S 40 29.73 -32.68 45.55
CA ASN S 40 30.47 -31.88 44.60
C ASN S 40 31.95 -31.88 44.97
N PRO S 41 32.84 -32.22 44.02
CA PRO S 41 34.28 -32.28 44.35
C PRO S 41 34.88 -30.93 44.72
N SER S 42 34.21 -29.83 44.39
CA SER S 42 34.78 -28.51 44.68
C SER S 42 34.92 -28.27 46.17
N ILE S 43 33.94 -28.73 46.97
CA ILE S 43 33.94 -28.44 48.40
C ILE S 43 34.92 -29.30 49.18
N LYS S 44 35.56 -30.29 48.52
CA LYS S 44 36.42 -31.23 49.23
C LYS S 44 37.58 -30.53 49.91
N ASP S 45 38.23 -29.59 49.21
CA ASP S 45 39.40 -28.93 49.78
C ASP S 45 39.04 -28.13 51.02
N THR S 46 37.87 -27.51 51.04
CA THR S 46 37.45 -26.76 52.22
C THR S 46 36.95 -27.68 53.33
N VAL S 47 36.36 -28.82 52.99
CA VAL S 47 35.69 -29.64 53.99
C VAL S 47 36.62 -30.67 54.65
N PHE S 48 37.67 -31.10 53.97
CA PHE S 48 38.52 -32.15 54.53
C PHE S 48 39.24 -31.74 55.81
N PRO S 49 39.92 -30.57 55.87
CA PRO S 49 40.67 -30.26 57.11
C PRO S 49 39.82 -30.20 58.36
N MET S 50 38.60 -29.65 58.28
CA MET S 50 37.78 -29.55 59.46
C MET S 50 37.19 -30.91 59.84
N ALA S 51 36.95 -31.78 58.85
CA ALA S 51 36.58 -33.15 59.17
C ALA S 51 37.70 -33.87 59.89
N ILE S 52 38.95 -33.65 59.47
CA ILE S 52 40.09 -34.24 60.15
C ILE S 52 40.19 -33.69 61.57
N LEU S 53 39.96 -32.39 61.75
CA LEU S 53 39.96 -31.80 63.08
C LEU S 53 38.88 -32.42 63.97
N GLY S 54 37.69 -32.64 63.40
CA GLY S 54 36.63 -33.27 64.18
C GLY S 54 36.97 -34.70 64.57
N PHE S 55 37.58 -35.46 63.66
CA PHE S 55 38.12 -36.77 64.01
C PHE S 55 39.11 -36.66 65.16
N ALA S 56 40.02 -35.69 65.09
CA ALA S 56 41.01 -35.53 66.13
C ALA S 56 40.36 -35.25 67.47
N LEU S 57 39.30 -34.44 67.48
CA LEU S 57 38.64 -34.09 68.73
C LEU S 57 37.85 -35.27 69.30
N SER S 58 37.15 -36.02 68.44
CA SER S 58 36.42 -37.18 68.93
C SER S 58 37.37 -38.23 69.50
N GLU S 59 38.46 -38.50 68.79
CA GLU S 59 39.46 -39.42 69.34
C GLU S 59 40.23 -38.80 70.50
N ALA S 60 40.21 -37.48 70.67
CA ALA S 60 40.75 -36.89 71.88
C ALA S 60 39.88 -37.18 73.09
N THR S 61 38.55 -37.14 72.90
CA THR S 61 37.65 -37.58 73.96
C THR S 61 37.87 -39.07 74.27
N GLY S 62 38.01 -39.88 73.22
CA GLY S 62 38.35 -41.28 73.42
C GLY S 62 39.65 -41.47 74.18
N LEU S 63 40.65 -40.64 73.86
CA LEU S 63 41.93 -40.70 74.55
C LEU S 63 41.81 -40.23 75.99
N PHE S 64 40.89 -39.30 76.28
CA PHE S 64 40.63 -38.93 77.67
C PHE S 64 40.09 -40.12 78.45
N CYS S 65 39.14 -40.85 77.84
CA CYS S 65 38.65 -42.08 78.47
C CYS S 65 39.79 -43.08 78.67
N LEU S 66 40.65 -43.22 77.65
CA LEU S 66 41.77 -44.15 77.73
C LEU S 66 42.73 -43.75 78.84
N MET S 67 43.00 -42.46 78.99
CA MET S 67 43.92 -41.99 80.01
C MET S 67 43.35 -42.21 81.41
N VAL S 68 42.06 -41.97 81.60
CA VAL S 68 41.46 -42.23 82.91
C VAL S 68 41.47 -43.72 83.21
N SER S 69 41.26 -44.56 82.20
CA SER S 69 41.41 -46.00 82.40
C SER S 69 42.85 -46.35 82.76
N PHE S 70 43.82 -45.65 82.16
CA PHE S 70 45.22 -45.86 82.50
C PHE S 70 45.49 -45.52 83.95
N LEU S 71 44.92 -44.43 84.45
CA LEU S 71 45.08 -44.07 85.85
C LEU S 71 44.49 -45.15 86.76
N LEU S 72 43.43 -45.81 86.31
CA LEU S 72 42.87 -46.96 87.02
C LEU S 72 43.53 -48.27 86.61
N LEU S 73 44.77 -48.21 86.11
CA LEU S 73 45.55 -49.40 85.79
C LEU S 73 46.97 -49.37 86.33
N PHE S 74 47.50 -48.20 86.66
CA PHE S 74 48.87 -48.10 87.19
C PHE S 74 48.90 -47.29 88.48
N MET T 1 37.32 -48.78 104.63
CA MET T 1 38.01 -47.76 103.86
C MET T 1 38.33 -48.33 102.49
N GLN T 2 38.77 -49.60 102.48
CA GLN T 2 39.14 -50.25 101.22
C GLN T 2 37.97 -50.29 100.26
N LEU T 3 36.80 -50.69 100.75
CA LEU T 3 35.61 -50.73 99.89
C LEU T 3 35.18 -49.33 99.46
N VAL T 4 35.41 -48.33 100.32
CA VAL T 4 35.05 -46.95 99.96
C VAL T 4 35.90 -46.48 98.78
N LEU T 5 37.21 -46.71 98.85
CA LEU T 5 38.10 -46.33 97.76
C LEU T 5 37.79 -47.14 96.50
N ALA T 6 37.46 -48.43 96.67
CA ALA T 6 37.09 -49.27 95.54
C ALA T 6 35.85 -48.73 94.83
N ALA T 7 34.84 -48.35 95.63
CA ALA T 7 33.62 -47.78 95.07
C ALA T 7 33.91 -46.44 94.39
N LYS T 8 34.79 -45.63 94.99
CA LYS T 8 35.18 -44.38 94.34
C LYS T 8 35.78 -44.66 92.96
N TYR T 9 36.66 -45.67 92.89
CA TYR T 9 37.30 -46.00 91.63
C TYR T 9 36.29 -46.43 90.57
N ILE T 10 35.41 -47.37 90.92
CA ILE T 10 34.45 -47.86 89.92
C ILE T 10 33.44 -46.78 89.55
N GLY T 11 33.05 -45.94 90.51
CA GLY T 11 32.16 -44.84 90.20
C GLY T 11 32.78 -43.84 89.24
N ALA T 12 34.05 -43.52 89.46
CA ALA T 12 34.76 -42.65 88.52
C ALA T 12 34.83 -43.29 87.14
N GLY T 13 35.16 -44.59 87.09
CA GLY T 13 35.25 -45.27 85.81
C GLY T 13 33.95 -45.27 85.04
N ILE T 14 32.83 -45.50 85.74
CA ILE T 14 31.54 -45.47 85.06
C ILE T 14 31.16 -44.05 84.67
N SER T 15 31.49 -43.05 85.50
CA SER T 15 31.17 -41.67 85.16
C SER T 15 31.99 -41.14 83.99
N THR T 16 33.12 -41.79 83.68
CA THR T 16 33.97 -41.31 82.59
C THR T 16 33.26 -41.28 81.24
N ILE T 17 32.24 -42.12 81.05
CA ILE T 17 31.74 -42.40 79.71
C ILE T 17 30.96 -41.22 79.13
N GLY T 18 30.91 -40.09 79.86
CA GLY T 18 30.36 -38.89 79.29
C GLY T 18 31.15 -38.37 78.11
N LEU T 19 32.43 -38.70 78.03
CA LEU T 19 33.23 -38.32 76.86
C LEU T 19 32.72 -39.00 75.61
N LEU T 20 32.08 -40.17 75.74
CA LEU T 20 31.41 -40.80 74.61
C LEU T 20 30.36 -39.86 74.01
N GLY T 21 29.48 -39.33 74.86
CA GLY T 21 28.46 -38.42 74.39
C GLY T 21 29.05 -37.12 73.88
N ALA T 22 30.12 -36.64 74.52
CA ALA T 22 30.80 -35.43 74.04
C ALA T 22 31.34 -35.64 72.63
N GLY T 23 32.03 -36.76 72.41
CA GLY T 23 32.59 -37.03 71.11
C GLY T 23 31.52 -37.21 70.04
N ILE T 24 30.43 -37.91 70.39
CA ILE T 24 29.37 -38.08 69.40
C ILE T 24 28.66 -36.76 69.12
N GLY T 25 28.49 -35.92 70.14
CA GLY T 25 27.89 -34.62 69.91
C GLY T 25 28.73 -33.74 69.00
N ILE T 26 30.02 -33.68 69.27
CA ILE T 26 30.88 -32.86 68.40
C ILE T 26 30.95 -33.48 67.01
N ALA T 27 30.91 -34.81 66.92
CA ALA T 27 30.93 -35.47 65.62
C ALA T 27 29.68 -35.13 64.81
N ILE T 28 28.51 -35.14 65.43
CA ILE T 28 27.29 -34.85 64.67
C ILE T 28 27.22 -33.37 64.33
N VAL T 29 27.78 -32.51 65.20
CA VAL T 29 27.87 -31.09 64.88
C VAL T 29 28.75 -30.88 63.64
N PHE T 30 29.91 -31.53 63.62
CA PHE T 30 30.81 -31.42 62.47
C PHE T 30 30.21 -32.06 61.22
N ALA T 31 29.43 -33.13 61.40
CA ALA T 31 28.78 -33.76 60.25
C ALA T 31 27.75 -32.83 59.63
N ALA T 32 26.92 -32.18 60.46
CA ALA T 32 25.98 -31.20 59.95
C ALA T 32 26.70 -30.03 59.30
N LEU T 33 27.82 -29.61 59.89
CA LEU T 33 28.64 -28.56 59.30
C LEU T 33 29.14 -28.97 57.91
N ILE T 34 29.59 -30.22 57.78
CA ILE T 34 30.07 -30.73 56.50
C ILE T 34 28.93 -30.71 55.47
N ASN T 35 27.76 -31.20 55.86
CA ASN T 35 26.64 -31.23 54.93
C ASN T 35 26.22 -29.82 54.52
N GLY T 36 26.22 -28.89 55.49
CA GLY T 36 25.84 -27.52 55.17
C GLY T 36 26.81 -26.83 54.24
N VAL T 37 28.11 -27.00 54.49
CA VAL T 37 29.10 -26.35 53.63
C VAL T 37 29.11 -27.00 52.25
N SER T 38 28.85 -28.30 52.16
CA SER T 38 28.79 -28.96 50.86
C SER T 38 27.57 -28.51 50.07
N ARG T 39 26.40 -28.46 50.71
CA ARG T 39 25.19 -28.05 50.01
C ARG T 39 25.23 -26.56 49.70
N ASN T 40 25.60 -25.73 50.67
CA ASN T 40 25.65 -24.28 50.50
C ASN T 40 27.03 -23.79 50.92
N PRO T 41 27.96 -23.65 49.97
CA PRO T 41 29.28 -23.13 50.32
C PRO T 41 29.25 -21.72 50.89
N SER T 42 28.24 -20.92 50.53
CA SER T 42 28.18 -19.54 51.01
C SER T 42 27.85 -19.48 52.49
N ILE T 43 27.06 -20.42 52.99
CA ILE T 43 26.57 -20.39 54.37
C ILE T 43 27.66 -20.85 55.34
N LYS T 44 28.82 -21.22 54.79
CA LYS T 44 29.91 -21.74 55.62
C LYS T 44 30.39 -20.73 56.65
N ASP T 45 30.57 -19.48 56.23
CA ASP T 45 31.04 -18.46 57.16
C ASP T 45 30.01 -18.16 58.24
N THR T 46 28.73 -18.25 57.90
CA THR T 46 27.69 -18.02 58.91
C THR T 46 27.61 -19.18 59.90
N VAL T 47 27.82 -20.42 59.43
CA VAL T 47 27.62 -21.58 60.30
C VAL T 47 28.86 -22.00 61.07
N PHE T 48 30.06 -21.61 60.64
CA PHE T 48 31.26 -22.09 61.30
C PHE T 48 31.41 -21.61 62.74
N PRO T 49 31.27 -20.33 63.08
CA PRO T 49 31.38 -19.94 64.50
C PRO T 49 30.33 -20.60 65.37
N MET T 50 29.12 -20.76 64.85
CA MET T 50 28.10 -21.51 65.58
C MET T 50 28.56 -22.94 65.83
N ALA T 51 29.16 -23.58 64.83
CA ALA T 51 29.64 -24.94 64.99
C ALA T 51 30.74 -25.02 66.04
N ILE T 52 31.62 -24.02 66.08
CA ILE T 52 32.63 -23.96 67.13
C ILE T 52 31.96 -23.85 68.49
N LEU T 53 30.91 -23.03 68.59
CA LEU T 53 30.18 -22.91 69.85
C LEU T 53 29.59 -24.25 70.29
N GLY T 54 28.94 -24.94 69.37
CA GLY T 54 28.33 -26.23 69.71
C GLY T 54 29.36 -27.28 70.10
N PHE T 55 30.47 -27.33 69.36
CA PHE T 55 31.60 -28.14 69.76
C PHE T 55 32.02 -27.84 71.19
N ALA T 56 32.18 -26.56 71.51
CA ALA T 56 32.64 -26.16 72.83
C ALA T 56 31.66 -26.64 73.90
N LEU T 57 30.37 -26.52 73.64
CA LEU T 57 29.37 -26.93 74.62
C LEU T 57 29.40 -28.45 74.85
N SER T 58 29.44 -29.23 73.77
CA SER T 58 29.46 -30.69 73.93
C SER T 58 30.74 -31.15 74.63
N GLU T 59 31.89 -30.60 74.22
CA GLU T 59 33.14 -31.00 74.88
C GLU T 59 33.19 -30.49 76.31
N ALA T 60 32.49 -29.40 76.62
CA ALA T 60 32.40 -28.95 78.00
C ALA T 60 31.62 -29.94 78.84
N THR T 61 30.51 -30.46 78.31
CA THR T 61 29.77 -31.50 79.03
C THR T 61 30.64 -32.73 79.25
N GLY T 62 31.37 -33.15 78.22
CA GLY T 62 32.24 -34.31 78.37
C GLY T 62 33.36 -34.08 79.37
N LEU T 63 34.02 -32.93 79.28
CA LEU T 63 35.08 -32.60 80.23
C LEU T 63 34.52 -32.52 81.64
N PHE T 64 33.28 -32.06 81.80
CA PHE T 64 32.73 -31.99 83.14
C PHE T 64 32.48 -33.39 83.68
N CYS T 65 32.05 -34.32 82.82
CA CYS T 65 32.01 -35.72 83.24
C CYS T 65 33.40 -36.19 83.66
N LEU T 66 34.43 -35.73 82.95
CA LEU T 66 35.81 -36.08 83.31
C LEU T 66 36.16 -35.57 84.70
N MET T 67 35.79 -34.32 85.01
CA MET T 67 36.05 -33.82 86.36
C MET T 67 35.19 -34.49 87.42
N VAL T 68 33.99 -34.96 87.06
CA VAL T 68 33.21 -35.76 88.00
C VAL T 68 33.96 -37.04 88.34
N SER T 69 34.51 -37.71 87.32
CA SER T 69 35.36 -38.87 87.57
C SER T 69 36.57 -38.49 88.41
N PHE T 70 37.16 -37.33 88.16
CA PHE T 70 38.33 -36.89 88.90
C PHE T 70 38.00 -36.70 90.37
N LEU T 71 36.86 -36.08 90.68
CA LEU T 71 36.50 -35.84 92.07
C LEU T 71 36.06 -37.12 92.75
N LEU T 72 35.50 -38.08 92.00
CA LEU T 72 35.27 -39.40 92.57
C LEU T 72 36.59 -40.10 92.89
N LEU T 73 37.60 -39.93 92.05
CA LEU T 73 38.90 -40.56 92.31
C LEU T 73 39.58 -39.94 93.52
N PHE T 74 39.83 -38.63 93.48
CA PHE T 74 40.63 -37.96 94.48
C PHE T 74 39.82 -37.41 95.65
N GLY T 75 38.51 -37.64 95.68
CA GLY T 75 37.68 -37.17 96.77
C GLY T 75 36.50 -38.06 97.06
N MET U 1 28.48 -47.50 107.85
CA MET U 1 28.93 -46.25 107.24
C MET U 1 29.73 -46.53 105.97
N GLN U 2 30.15 -47.79 105.81
CA GLN U 2 30.99 -48.18 104.68
C GLN U 2 30.17 -48.51 103.44
N LEU U 3 29.26 -49.49 103.56
CA LEU U 3 28.49 -49.93 102.40
C LEU U 3 27.58 -48.82 101.89
N VAL U 4 27.00 -48.03 102.80
CA VAL U 4 26.12 -46.94 102.38
C VAL U 4 26.88 -45.91 101.57
N LEU U 5 28.11 -45.59 101.98
CA LEU U 5 28.92 -44.63 101.22
C LEU U 5 29.30 -45.20 99.86
N ALA U 6 29.63 -46.49 99.81
CA ALA U 6 29.98 -47.12 98.54
C ALA U 6 28.81 -47.07 97.57
N ALA U 7 27.62 -47.43 98.04
CA ALA U 7 26.44 -47.39 97.19
C ALA U 7 26.08 -45.96 96.82
N LYS U 8 26.35 -45.01 97.71
CA LYS U 8 26.15 -43.60 97.38
C LYS U 8 27.02 -43.20 96.20
N TYR U 9 28.29 -43.59 96.23
CA TYR U 9 29.21 -43.30 95.12
C TYR U 9 28.73 -43.97 93.84
N ILE U 10 28.29 -45.24 93.93
CA ILE U 10 27.86 -45.95 92.75
C ILE U 10 26.60 -45.32 92.16
N GLY U 11 25.65 -44.94 93.01
CA GLY U 11 24.46 -44.24 92.53
C GLY U 11 24.81 -42.90 91.90
N ALA U 12 25.79 -42.20 92.47
CA ALA U 12 26.23 -40.95 91.87
C ALA U 12 26.79 -41.18 90.47
N GLY U 13 27.59 -42.23 90.29
CA GLY U 13 28.12 -42.52 88.96
C GLY U 13 27.05 -42.91 87.96
N ILE U 14 26.18 -43.85 88.36
CA ILE U 14 25.12 -44.30 87.48
C ILE U 14 24.01 -43.27 87.31
N SER U 15 24.08 -42.14 88.03
CA SER U 15 23.27 -40.98 87.69
C SER U 15 24.01 -39.98 86.82
N THR U 16 25.33 -39.87 86.96
CA THR U 16 26.13 -39.06 86.04
C THR U 16 26.09 -39.63 84.63
N ILE U 17 25.74 -40.91 84.50
CA ILE U 17 25.56 -41.53 83.18
C ILE U 17 24.58 -40.73 82.33
N GLY U 18 23.77 -39.88 82.99
CA GLY U 18 22.70 -39.19 82.31
C GLY U 18 23.11 -38.10 81.34
N LEU U 19 24.32 -37.55 81.49
CA LEU U 19 24.73 -36.43 80.63
C LEU U 19 24.95 -36.85 79.18
N LEU U 20 25.05 -38.15 78.91
CA LEU U 20 25.15 -38.64 77.54
C LEU U 20 23.99 -38.13 76.68
N GLY U 21 22.76 -38.34 77.17
CA GLY U 21 21.60 -37.90 76.42
C GLY U 21 21.56 -36.39 76.23
N ALA U 22 21.95 -35.65 77.27
CA ALA U 22 21.92 -34.19 77.17
C ALA U 22 22.88 -33.70 76.10
N GLY U 23 24.11 -34.24 76.09
CA GLY U 23 25.07 -33.85 75.07
C GLY U 23 24.60 -34.21 73.67
N ILE U 24 24.15 -35.46 73.49
CA ILE U 24 23.70 -35.87 72.16
C ILE U 24 22.54 -35.00 71.71
N GLY U 25 21.67 -34.62 72.65
CA GLY U 25 20.50 -33.84 72.29
C GLY U 25 20.83 -32.41 71.90
N ILE U 26 21.66 -31.74 72.69
CA ILE U 26 22.06 -30.38 72.32
C ILE U 26 22.76 -30.39 70.97
N ALA U 27 23.58 -31.41 70.73
CA ALA U 27 24.32 -31.48 69.47
C ALA U 27 23.37 -31.67 68.28
N ILE U 28 22.36 -32.54 68.44
CA ILE U 28 21.46 -32.77 67.31
C ILE U 28 20.53 -31.58 67.08
N VAL U 29 20.10 -30.88 68.13
CA VAL U 29 19.33 -29.65 67.93
C VAL U 29 20.16 -28.66 67.13
N PHE U 30 21.43 -28.49 67.51
CA PHE U 30 22.27 -27.54 66.80
C PHE U 30 22.57 -28.02 65.38
N ALA U 31 22.65 -29.33 65.17
CA ALA U 31 22.84 -29.86 63.83
C ALA U 31 21.64 -29.53 62.94
N ALA U 32 20.44 -29.64 63.49
CA ALA U 32 19.25 -29.24 62.75
C ALA U 32 19.29 -27.75 62.44
N LEU U 33 19.76 -26.94 63.39
CA LEU U 33 19.98 -25.53 63.10
C LEU U 33 20.90 -25.35 61.89
N ILE U 34 22.02 -26.09 61.88
CA ILE U 34 22.96 -25.97 60.76
C ILE U 34 22.28 -26.29 59.44
N ASN U 35 21.58 -27.43 59.39
CA ASN U 35 20.96 -27.84 58.13
C ASN U 35 19.89 -26.85 57.69
N GLY U 36 19.06 -26.38 58.62
CA GLY U 36 18.02 -25.44 58.27
C GLY U 36 18.56 -24.13 57.75
N VAL U 37 19.60 -23.59 58.40
CA VAL U 37 20.15 -22.32 57.93
C VAL U 37 20.90 -22.51 56.62
N SER U 38 21.52 -23.68 56.42
CA SER U 38 22.20 -23.94 55.16
C SER U 38 21.23 -24.00 53.99
N ARG U 39 20.12 -24.73 54.17
CA ARG U 39 19.11 -24.79 53.12
C ARG U 39 18.46 -23.43 52.90
N ASN U 40 18.15 -22.70 53.98
CA ASN U 40 17.46 -21.43 53.94
C ASN U 40 18.27 -20.38 54.68
N PRO U 41 19.08 -19.58 53.97
CA PRO U 41 19.86 -18.53 54.66
C PRO U 41 19.00 -17.48 55.33
N SER U 42 17.74 -17.33 54.94
CA SER U 42 16.89 -16.25 55.44
C SER U 42 16.17 -16.60 56.74
N ILE U 43 16.25 -17.85 57.19
CA ILE U 43 15.53 -18.28 58.39
C ILE U 43 16.44 -18.31 59.62
N LYS U 44 17.65 -17.80 59.51
CA LYS U 44 18.60 -17.89 60.61
C LYS U 44 18.09 -17.14 61.84
N ASP U 45 17.62 -15.91 61.65
CA ASP U 45 17.13 -15.13 62.78
C ASP U 45 15.90 -15.77 63.41
N THR U 46 15.10 -16.48 62.62
CA THR U 46 13.91 -17.13 63.15
C THR U 46 14.25 -18.39 63.92
N VAL U 47 15.24 -19.16 63.47
CA VAL U 47 15.48 -20.48 64.05
C VAL U 47 16.57 -20.47 65.12
N PHE U 48 17.46 -19.48 65.12
CA PHE U 48 18.56 -19.48 66.09
C PHE U 48 18.07 -19.40 67.54
N PRO U 49 17.17 -18.48 67.92
CA PRO U 49 16.68 -18.50 69.31
C PRO U 49 15.97 -19.78 69.67
N MET U 50 15.25 -20.39 68.73
CA MET U 50 14.56 -21.64 69.02
C MET U 50 15.55 -22.76 69.34
N ALA U 51 16.62 -22.87 68.55
CA ALA U 51 17.62 -23.90 68.79
C ALA U 51 18.39 -23.63 70.08
N ILE U 52 18.65 -22.35 70.37
CA ILE U 52 19.30 -22.01 71.64
C ILE U 52 18.41 -22.40 72.81
N LEU U 53 17.10 -22.16 72.70
CA LEU U 53 16.17 -22.54 73.74
C LEU U 53 16.15 -24.06 73.93
N GLY U 54 16.14 -24.81 72.83
CA GLY U 54 16.21 -26.27 72.96
C GLY U 54 17.51 -26.73 73.59
N PHE U 55 18.62 -26.08 73.23
CA PHE U 55 19.90 -26.27 73.92
C PHE U 55 19.78 -26.08 75.42
N ALA U 56 19.18 -24.97 75.85
CA ALA U 56 19.06 -24.70 77.28
C ALA U 56 18.21 -25.77 77.95
N LEU U 57 17.15 -26.22 77.28
CA LEU U 57 16.30 -27.27 77.84
C LEU U 57 17.09 -28.56 78.04
N SER U 58 17.83 -29.01 77.01
CA SER U 58 18.55 -30.27 77.14
C SER U 58 19.71 -30.15 78.12
N GLU U 59 20.34 -28.97 78.18
CA GLU U 59 21.43 -28.77 79.13
C GLU U 59 20.90 -28.76 80.57
N ALA U 60 19.74 -28.15 80.80
CA ALA U 60 19.12 -28.21 82.12
C ALA U 60 18.70 -29.63 82.46
N THR U 61 18.33 -30.41 81.44
CA THR U 61 18.04 -31.83 81.64
C THR U 61 19.28 -32.58 82.15
N GLY U 62 20.41 -32.41 81.46
CA GLY U 62 21.64 -33.02 81.94
C GLY U 62 22.08 -32.50 83.29
N LEU U 63 21.86 -31.20 83.54
CA LEU U 63 22.17 -30.63 84.84
C LEU U 63 21.27 -31.22 85.93
N PHE U 64 20.05 -31.61 85.58
CA PHE U 64 19.18 -32.28 86.55
C PHE U 64 19.77 -33.64 86.94
N CYS U 65 20.17 -34.42 85.93
CA CYS U 65 20.88 -35.66 86.23
C CYS U 65 22.11 -35.39 87.09
N LEU U 66 22.81 -34.30 86.79
CA LEU U 66 24.01 -33.95 87.54
C LEU U 66 23.68 -33.65 89.00
N MET U 67 22.58 -32.94 89.24
CA MET U 67 22.15 -32.64 90.60
C MET U 67 21.75 -33.90 91.35
N VAL U 68 21.06 -34.82 90.67
CA VAL U 68 20.74 -36.11 91.28
C VAL U 68 22.02 -36.83 91.68
N SER U 69 23.08 -36.67 90.87
CA SER U 69 24.37 -37.23 91.26
C SER U 69 24.95 -36.53 92.48
N PHE U 70 24.91 -35.19 92.50
CA PHE U 70 25.49 -34.43 93.62
C PHE U 70 24.81 -34.75 94.94
N LEU U 71 23.49 -34.95 94.94
CA LEU U 71 22.84 -35.22 96.22
C LEU U 71 23.35 -36.51 96.84
N LEU U 72 23.98 -37.39 96.05
CA LEU U 72 24.68 -38.56 96.54
C LEU U 72 26.19 -38.34 96.61
N LEU U 73 26.63 -37.09 96.77
CA LEU U 73 28.05 -36.79 96.92
C LEU U 73 28.32 -35.95 98.16
N PHE U 74 27.42 -35.00 98.43
CA PHE U 74 27.59 -34.11 99.57
C PHE U 74 26.25 -33.85 100.27
N MET V 1 19.27 -52.43 107.45
CA MET V 1 19.03 -51.00 107.32
C MET V 1 20.07 -50.37 106.41
N GLN V 2 21.34 -50.63 106.69
CA GLN V 2 22.42 -50.07 105.87
C GLN V 2 22.35 -50.59 104.44
N LEU V 3 22.08 -51.87 104.25
CA LEU V 3 21.89 -52.40 102.91
C LEU V 3 20.62 -51.84 102.27
N VAL V 4 19.59 -51.59 103.07
CA VAL V 4 18.36 -51.01 102.53
C VAL V 4 18.63 -49.62 101.97
N LEU V 5 19.35 -48.78 102.73
CA LEU V 5 19.69 -47.45 102.25
C LEU V 5 20.65 -47.51 101.07
N ALA V 6 21.58 -48.47 101.09
CA ALA V 6 22.52 -48.63 99.98
C ALA V 6 21.77 -48.95 98.69
N ALA V 7 20.83 -49.90 98.76
CA ALA V 7 20.04 -50.22 97.59
C ALA V 7 19.09 -49.09 97.21
N LYS V 8 18.64 -48.30 98.19
CA LYS V 8 17.88 -47.09 97.87
C LYS V 8 18.71 -46.15 97.01
N TYR V 9 19.97 -45.95 97.38
CA TYR V 9 20.85 -45.06 96.64
C TYR V 9 21.08 -45.60 95.23
N ILE V 10 21.40 -46.89 95.11
CA ILE V 10 21.69 -47.44 93.79
C ILE V 10 20.43 -47.48 92.93
N GLY V 11 19.26 -47.72 93.53
CA GLY V 11 18.02 -47.70 92.78
C GLY V 11 17.69 -46.31 92.28
N ALA V 12 17.95 -45.27 93.09
CA ALA V 12 17.78 -43.91 92.61
C ALA V 12 18.73 -43.61 91.46
N GLY V 13 19.98 -44.03 91.59
CA GLY V 13 20.93 -43.81 90.51
C GLY V 13 20.54 -44.49 89.22
N ILE V 14 20.03 -45.72 89.31
CA ILE V 14 19.62 -46.46 88.11
C ILE V 14 18.24 -46.08 87.65
N SER V 15 17.48 -45.34 88.47
CA SER V 15 16.28 -44.68 88.00
C SER V 15 16.61 -43.41 87.20
N THR V 16 17.73 -42.77 87.55
CA THR V 16 18.16 -41.57 86.83
C THR V 16 18.45 -41.86 85.35
N ILE V 17 18.72 -43.11 84.99
CA ILE V 17 19.17 -43.42 83.63
C ILE V 17 18.04 -43.43 82.62
N GLY V 18 16.80 -43.17 83.03
CA GLY V 18 15.68 -43.15 82.10
C GLY V 18 15.38 -41.81 81.46
N LEU V 19 16.11 -40.76 81.84
CA LEU V 19 15.87 -39.41 81.35
C LEU V 19 16.79 -39.00 80.21
N LEU V 20 17.80 -39.81 79.88
CA LEU V 20 18.55 -39.59 78.66
C LEU V 20 17.63 -39.65 77.45
N GLY V 21 16.68 -40.58 77.48
CA GLY V 21 15.69 -40.64 76.42
C GLY V 21 14.82 -39.40 76.36
N ALA V 22 14.46 -38.84 77.52
CA ALA V 22 13.68 -37.61 77.53
C ALA V 22 14.46 -36.48 76.88
N GLY V 23 15.75 -36.36 77.21
CA GLY V 23 16.58 -35.32 76.60
C GLY V 23 16.69 -35.49 75.10
N ILE V 24 17.00 -36.72 74.65
CA ILE V 24 17.09 -36.98 73.22
C ILE V 24 15.76 -36.70 72.55
N GLY V 25 14.66 -37.01 73.22
CA GLY V 25 13.35 -36.83 72.62
C GLY V 25 12.99 -35.36 72.42
N ILE V 26 13.15 -34.56 73.48
CA ILE V 26 12.89 -33.13 73.33
C ILE V 26 13.81 -32.54 72.28
N ALA V 27 15.04 -33.06 72.19
CA ALA V 27 15.99 -32.55 71.21
C ALA V 27 15.55 -32.86 69.78
N ILE V 28 15.14 -34.11 69.52
CA ILE V 28 14.71 -34.45 68.17
C ILE V 28 13.42 -33.73 67.83
N VAL V 29 12.57 -33.46 68.82
CA VAL V 29 11.37 -32.67 68.56
C VAL V 29 11.75 -31.27 68.08
N PHE V 30 12.64 -30.60 68.81
CA PHE V 30 13.05 -29.27 68.40
C PHE V 30 13.80 -29.30 67.06
N ALA V 31 14.56 -30.36 66.81
CA ALA V 31 15.23 -30.51 65.52
C ALA V 31 14.24 -30.62 64.39
N ALA V 32 13.17 -31.40 64.58
CA ALA V 32 12.15 -31.53 63.55
C ALA V 32 11.42 -30.21 63.35
N LEU V 33 11.21 -29.44 64.41
CA LEU V 33 10.62 -28.11 64.25
C LEU V 33 11.54 -27.20 63.43
N ILE V 34 12.84 -27.25 63.68
CA ILE V 34 13.77 -26.47 62.89
C ILE V 34 13.70 -26.87 61.41
N ASN V 35 13.67 -28.18 61.17
CA ASN V 35 13.56 -28.69 59.80
C ASN V 35 12.28 -28.22 59.14
N GLY V 36 11.15 -28.31 59.85
CA GLY V 36 9.87 -27.90 59.28
C GLY V 36 9.79 -26.42 58.99
N VAL V 37 10.32 -25.60 59.89
CA VAL V 37 10.37 -24.16 59.64
C VAL V 37 11.28 -23.88 58.46
N SER V 38 12.35 -24.65 58.30
CA SER V 38 13.19 -24.51 57.12
C SER V 38 12.40 -24.78 55.86
N ARG V 39 11.65 -25.88 55.83
CA ARG V 39 10.83 -26.18 54.66
C ARG V 39 9.68 -25.19 54.52
N ASN V 40 8.95 -24.94 55.62
CA ASN V 40 7.74 -24.13 55.60
C ASN V 40 7.84 -23.06 56.68
N PRO V 41 8.50 -21.94 56.39
CA PRO V 41 8.58 -20.86 57.38
C PRO V 41 7.23 -20.29 57.78
N SER V 42 6.25 -20.28 56.88
CA SER V 42 4.95 -19.68 57.18
C SER V 42 4.22 -20.46 58.27
N ILE V 43 4.35 -21.79 58.26
CA ILE V 43 3.60 -22.64 59.18
C ILE V 43 4.20 -22.66 60.58
N LYS V 44 5.23 -21.86 60.84
CA LYS V 44 5.92 -21.90 62.13
C LYS V 44 4.99 -21.57 63.28
N ASP V 45 4.17 -20.53 63.12
CA ASP V 45 3.28 -20.11 64.21
C ASP V 45 2.28 -21.21 64.56
N THR V 46 1.72 -21.86 63.54
CA THR V 46 0.78 -22.95 63.79
C THR V 46 1.47 -24.16 64.41
N VAL V 47 2.70 -24.45 63.97
CA VAL V 47 3.35 -25.71 64.33
C VAL V 47 4.10 -25.63 65.67
N PHE V 48 4.43 -24.43 66.14
CA PHE V 48 5.24 -24.31 67.36
C PHE V 48 4.59 -24.91 68.62
N PRO V 49 3.31 -24.70 68.92
CA PRO V 49 2.79 -25.19 70.22
C PRO V 49 2.95 -26.69 70.43
N MET V 50 2.84 -27.49 69.36
CA MET V 50 3.06 -28.92 69.50
C MET V 50 4.48 -29.26 69.91
N ALA V 51 5.46 -28.41 69.55
CA ALA V 51 6.82 -28.61 70.03
C ALA V 51 6.89 -28.54 71.54
N ILE V 52 6.29 -27.50 72.13
CA ILE V 52 6.28 -27.37 73.57
C ILE V 52 5.46 -28.48 74.21
N LEU V 53 4.40 -28.92 73.54
CA LEU V 53 3.61 -30.04 74.06
C LEU V 53 4.45 -31.31 74.16
N GLY V 54 5.18 -31.64 73.09
CA GLY V 54 6.04 -32.81 73.12
C GLY V 54 7.18 -32.67 74.11
N PHE V 55 7.74 -31.46 74.21
CA PHE V 55 8.75 -31.18 75.23
C PHE V 55 8.20 -31.46 76.63
N ALA V 56 6.98 -30.98 76.91
CA ALA V 56 6.38 -31.20 78.22
C ALA V 56 6.15 -32.68 78.48
N LEU V 57 5.72 -33.42 77.46
CA LEU V 57 5.48 -34.85 77.63
C LEU V 57 6.78 -35.60 77.94
N SER V 58 7.84 -35.33 77.16
CA SER V 58 9.11 -36.02 77.41
C SER V 58 9.70 -35.60 78.75
N GLU V 59 9.56 -34.32 79.12
CA GLU V 59 9.98 -33.89 80.45
C GLU V 59 9.18 -34.59 81.54
N ALA V 60 7.90 -34.87 81.26
CA ALA V 60 7.10 -35.64 82.21
C ALA V 60 7.66 -37.05 82.37
N THR V 61 8.10 -37.67 81.28
CA THR V 61 8.78 -38.96 81.39
C THR V 61 10.03 -38.85 82.27
N GLY V 62 10.85 -37.84 81.99
CA GLY V 62 12.08 -37.67 82.75
C GLY V 62 11.83 -37.44 84.23
N LEU V 63 10.80 -36.66 84.54
CA LEU V 63 10.49 -36.44 85.95
C LEU V 63 9.70 -37.58 86.58
N PHE V 64 9.12 -38.48 85.78
CA PHE V 64 8.67 -39.75 86.35
C PHE V 64 9.88 -40.56 86.82
N CYS V 65 10.94 -40.57 86.00
CA CYS V 65 12.20 -41.15 86.46
C CYS V 65 12.70 -40.45 87.72
N LEU V 66 12.59 -39.11 87.75
CA LEU V 66 12.92 -38.34 88.94
C LEU V 66 12.09 -38.76 90.14
N MET V 67 10.78 -38.96 89.93
CA MET V 67 9.90 -39.32 91.03
C MET V 67 10.31 -40.66 91.61
N VAL V 68 10.61 -41.63 90.75
CA VAL V 68 11.08 -42.93 91.23
C VAL V 68 12.39 -42.76 92.00
N SER V 69 13.33 -42.00 91.44
CA SER V 69 14.62 -41.80 92.10
C SER V 69 14.46 -41.13 93.46
N PHE V 70 13.63 -40.08 93.54
CA PHE V 70 13.49 -39.31 94.76
C PHE V 70 12.74 -40.09 95.83
N LEU V 71 11.69 -40.82 95.44
CA LEU V 71 11.01 -41.69 96.39
C LEU V 71 11.95 -42.80 96.87
N LEU V 72 12.88 -43.22 96.02
CA LEU V 72 13.91 -44.15 96.48
C LEU V 72 14.89 -43.47 97.43
N LEU V 73 15.11 -42.17 97.28
CA LEU V 73 16.02 -41.44 98.16
C LEU V 73 15.36 -41.06 99.48
N PHE V 74 14.31 -40.26 99.42
CA PHE V 74 13.64 -39.78 100.62
C PHE V 74 12.15 -40.07 100.59
N LEU W 1 17.58 -9.96 109.32
CA LEU W 1 18.08 -9.79 107.96
C LEU W 1 18.94 -10.98 107.53
N THR W 2 18.30 -11.97 106.91
CA THR W 2 19.01 -13.14 106.44
C THR W 2 19.78 -12.81 105.17
N THR W 3 20.55 -13.80 104.68
CA THR W 3 21.30 -13.61 103.44
C THR W 3 20.37 -13.37 102.26
N PHE W 4 19.21 -14.03 102.25
CA PHE W 4 18.23 -13.81 101.19
C PHE W 4 17.75 -12.36 101.17
N SER W 5 17.41 -11.82 102.35
CA SER W 5 16.84 -10.49 102.41
C SER W 5 17.84 -9.42 102.02
N LEU W 6 19.07 -9.50 102.54
CA LEU W 6 20.08 -8.52 102.19
C LEU W 6 20.47 -8.60 100.71
N TYR W 7 20.49 -9.82 100.15
CA TYR W 7 20.68 -9.95 98.71
C TYR W 7 19.56 -9.27 97.95
N THR W 8 18.31 -9.47 98.40
CA THR W 8 17.17 -8.85 97.75
C THR W 8 17.24 -7.33 97.78
N ILE W 9 17.80 -6.75 98.84
CA ILE W 9 18.01 -5.30 98.88
C ILE W 9 19.06 -4.90 97.84
N ILE W 10 20.13 -5.69 97.72
CA ILE W 10 21.16 -5.39 96.72
C ILE W 10 20.57 -5.46 95.31
N VAL W 11 19.59 -6.33 95.10
CA VAL W 11 18.96 -6.44 93.78
C VAL W 11 18.32 -5.12 93.39
N LEU W 12 17.51 -4.55 94.29
CA LEU W 12 16.80 -3.32 93.98
C LEU W 12 17.73 -2.12 93.89
N LEU W 13 18.86 -2.16 94.60
CA LEU W 13 19.85 -1.09 94.48
C LEU W 13 20.41 -1.04 93.06
N VAL W 14 20.69 -2.21 92.49
CA VAL W 14 21.16 -2.27 91.10
C VAL W 14 20.03 -1.92 90.13
N ILE W 15 18.81 -2.38 90.42
CA ILE W 15 17.68 -2.20 89.49
C ILE W 15 17.47 -0.73 89.18
N THR W 16 17.44 0.12 90.22
CA THR W 16 17.15 1.52 90.01
C THR W 16 18.28 2.25 89.28
N SER W 17 19.52 1.81 89.47
CA SER W 17 20.66 2.52 88.88
C SER W 17 21.05 1.95 87.52
N LEU W 18 20.07 1.74 86.65
CA LEU W 18 20.29 1.47 85.23
C LEU W 18 19.44 2.35 84.33
N TYR W 19 18.19 2.60 84.70
CA TYR W 19 17.26 3.34 83.86
C TYR W 19 16.52 4.42 84.63
N THR W 20 16.32 4.20 85.94
CA THR W 20 15.64 5.19 86.76
C THR W 20 16.55 6.36 87.11
N LEU W 21 17.87 6.13 87.12
CA LEU W 21 18.84 7.14 87.51
C LEU W 21 19.57 7.75 86.32
N THR W 22 18.95 7.77 85.14
CA THR W 22 19.48 8.50 83.99
C THR W 22 18.57 9.67 83.64
N ASN W 23 17.33 9.40 83.24
CA ASN W 23 16.18 10.32 83.27
C ASN W 23 16.53 11.79 83.08
N ASN W 24 17.33 12.12 82.06
CA ASN W 24 17.78 13.50 81.88
C ASN W 24 17.70 14.02 80.45
N ASN W 25 17.74 13.17 79.43
CA ASN W 25 17.80 13.66 78.06
C ASN W 25 16.43 13.99 77.48
N ASN W 26 15.35 13.58 78.13
CA ASN W 26 13.99 13.85 77.66
C ASN W 26 13.75 13.33 76.24
N LYS W 27 14.48 12.27 75.86
CA LYS W 27 14.39 11.69 74.53
C LYS W 27 14.27 10.18 74.64
N ILE W 28 14.10 9.55 73.49
CA ILE W 28 14.06 8.08 73.46
C ILE W 28 15.47 7.52 73.49
N ILE W 29 16.46 8.30 73.03
CA ILE W 29 17.87 7.95 73.10
C ILE W 29 18.60 9.10 73.78
N GLY W 30 19.92 8.99 73.86
CA GLY W 30 20.75 9.88 74.64
C GLY W 30 21.55 9.17 75.71
N SER W 31 21.24 7.92 75.98
CA SER W 31 22.00 7.09 76.90
C SER W 31 21.89 5.65 76.43
N ARG W 32 23.03 5.01 76.18
CA ARG W 32 23.02 3.62 75.75
C ARG W 32 22.39 2.69 76.78
N TRP W 33 22.31 3.14 78.05
CA TRP W 33 21.58 2.38 79.06
C TRP W 33 20.12 2.22 78.66
N LEU W 34 19.49 3.30 78.21
CA LEU W 34 18.09 3.25 77.81
C LEU W 34 17.88 2.26 76.68
N ILE W 35 18.80 2.22 75.71
CA ILE W 35 18.70 1.29 74.61
C ILE W 35 18.75 -0.15 75.10
N SER W 36 19.41 -0.39 76.24
CA SER W 36 19.58 -1.75 76.72
C SER W 36 18.26 -2.36 77.16
N GLN W 37 17.55 -1.71 78.09
CA GLN W 37 16.33 -2.31 78.62
C GLN W 37 15.20 -2.31 77.59
N GLU W 38 15.08 -1.25 76.78
CA GLU W 38 14.02 -1.22 75.78
C GLU W 38 14.23 -2.31 74.74
N ALA W 39 15.49 -2.69 74.49
CA ALA W 39 15.77 -3.88 73.70
C ALA W 39 15.16 -5.10 74.35
N ILE W 40 15.46 -5.31 75.63
CA ILE W 40 14.85 -6.40 76.39
C ILE W 40 13.35 -6.21 76.48
N TYR W 41 12.91 -4.97 76.75
CA TYR W 41 11.50 -4.67 76.82
C TYR W 41 10.77 -4.96 75.52
N ASP W 42 11.40 -4.70 74.37
CA ASP W 42 10.79 -5.00 73.08
C ASP W 42 10.81 -6.49 72.75
N THR W 43 11.89 -7.19 73.12
CA THR W 43 11.94 -8.63 72.87
C THR W 43 10.83 -9.36 73.61
N ILE W 44 10.57 -8.98 74.85
CA ILE W 44 9.49 -9.61 75.60
C ILE W 44 8.11 -9.07 75.20
N MET W 45 8.02 -7.81 74.76
CA MET W 45 6.74 -7.26 74.34
C MET W 45 6.23 -7.94 73.08
N ASN W 46 7.09 -8.08 72.07
CA ASN W 46 6.69 -8.82 70.86
C ASN W 46 6.48 -10.29 71.18
N MET W 47 7.27 -10.84 72.10
CA MET W 47 7.04 -12.21 72.55
C MET W 47 5.68 -12.31 73.22
N THR W 48 5.27 -11.26 73.95
CA THR W 48 3.96 -11.27 74.59
C THR W 48 2.85 -11.37 73.56
N LYS W 49 2.99 -10.66 72.43
CA LYS W 49 2.04 -10.84 71.33
C LYS W 49 2.10 -12.25 70.78
N GLY W 50 3.31 -12.78 70.57
CA GLY W 50 3.45 -14.06 69.89
C GLY W 50 2.99 -15.23 70.74
N GLN W 51 2.95 -15.05 72.05
CA GLN W 51 2.55 -16.14 72.94
C GLN W 51 1.24 -15.89 73.67
N ILE W 52 0.99 -14.66 74.13
CA ILE W 52 -0.22 -14.35 74.88
C ILE W 52 -1.21 -13.54 74.06
N GLY W 53 -0.84 -13.13 72.86
CA GLY W 53 -1.64 -12.17 72.12
C GLY W 53 -3.01 -12.70 71.76
N GLY W 54 -3.91 -11.74 71.54
CA GLY W 54 -5.25 -12.00 71.02
C GLY W 54 -6.36 -11.33 71.80
N LYS W 55 -6.29 -11.33 73.13
CA LYS W 55 -7.23 -10.46 73.83
C LYS W 55 -6.60 -9.63 74.94
N ASN W 56 -5.69 -10.21 75.74
CA ASN W 56 -5.18 -9.55 76.93
C ASN W 56 -3.69 -9.82 77.13
N TRP W 57 -2.91 -9.82 76.05
CA TRP W 57 -1.48 -10.05 76.20
C TRP W 57 -0.82 -8.92 76.96
N GLY W 58 -1.15 -7.67 76.63
CA GLY W 58 -0.58 -6.54 77.33
C GLY W 58 -1.07 -6.40 78.75
N LEU W 59 -2.23 -6.98 79.06
CA LEU W 59 -2.75 -6.93 80.42
C LEU W 59 -1.81 -7.65 81.39
N TYR W 60 -1.35 -8.84 81.01
CA TYR W 60 -0.50 -9.67 81.87
C TYR W 60 0.98 -9.52 81.55
N PHE W 61 1.35 -8.56 80.71
CA PHE W 61 2.74 -8.35 80.34
C PHE W 61 3.68 -8.10 81.53
N PRO W 62 3.36 -7.24 82.49
CA PRO W 62 4.35 -6.92 83.54
C PRO W 62 4.83 -8.11 84.36
N MET W 63 3.97 -9.08 84.67
CA MET W 63 4.41 -10.20 85.51
C MET W 63 5.53 -10.98 84.81
N ILE W 64 5.37 -11.25 83.52
CA ILE W 64 6.42 -11.91 82.77
C ILE W 64 7.67 -11.03 82.73
N PHE W 65 7.47 -9.71 82.58
CA PHE W 65 8.60 -8.79 82.59
C PHE W 65 9.27 -8.74 83.95
N THR W 66 8.49 -8.57 85.02
CA THR W 66 9.05 -8.47 86.36
C THR W 66 9.77 -9.76 86.76
N LEU W 67 9.16 -10.91 86.46
CA LEU W 67 9.81 -12.18 86.76
C LEU W 67 11.10 -12.33 85.95
N PHE W 68 11.07 -11.93 84.68
CA PHE W 68 12.28 -12.01 83.86
C PHE W 68 13.36 -11.08 84.41
N MET W 69 12.97 -9.87 84.82
CA MET W 69 13.92 -8.98 85.49
C MET W 69 14.47 -9.62 86.77
N PHE W 70 13.59 -10.25 87.56
CA PHE W 70 14.03 -10.84 88.82
C PHE W 70 15.05 -11.94 88.59
N ILE W 71 14.78 -12.83 87.63
CA ILE W 71 15.73 -13.91 87.34
C ILE W 71 16.99 -13.37 86.68
N PHE W 72 16.83 -12.39 85.78
CA PHE W 72 17.99 -11.82 85.09
C PHE W 72 18.99 -11.23 86.07
N ILE W 73 18.50 -10.36 86.97
CA ILE W 73 19.40 -9.70 87.92
C ILE W 73 20.01 -10.71 88.88
N ALA W 74 19.21 -11.66 89.37
CA ALA W 74 19.73 -12.66 90.30
C ALA W 74 20.80 -13.54 89.68
N ASN W 75 20.87 -13.61 88.35
CA ASN W 75 21.85 -14.43 87.67
C ASN W 75 23.08 -13.66 87.21
N LEU W 76 23.01 -12.33 87.17
CA LEU W 76 24.15 -11.54 86.71
C LEU W 76 25.35 -11.71 87.64
N ILE W 77 25.22 -11.23 88.87
CA ILE W 77 26.33 -11.33 89.84
C ILE W 77 26.15 -12.67 90.56
N SER W 78 26.65 -13.72 89.92
CA SER W 78 26.62 -15.05 90.52
C SER W 78 27.86 -15.86 90.19
N MET W 79 28.92 -15.22 89.69
CA MET W 79 30.10 -15.97 89.26
C MET W 79 31.27 -15.91 90.22
N ILE W 80 31.38 -14.85 91.02
CA ILE W 80 32.60 -14.65 91.82
C ILE W 80 32.79 -15.84 92.74
N PRO W 81 34.01 -16.32 92.96
CA PRO W 81 34.19 -17.60 93.68
C PRO W 81 33.65 -17.58 95.09
N TYR W 82 33.46 -16.39 95.68
CA TYR W 82 32.85 -16.26 96.99
C TYR W 82 31.38 -15.85 96.89
N SER W 83 30.75 -16.02 95.73
CA SER W 83 29.33 -15.70 95.58
C SER W 83 28.51 -16.73 96.34
N PHE W 84 28.06 -16.35 97.53
CA PHE W 84 27.15 -17.19 98.32
C PHE W 84 25.76 -17.03 97.73
N ALA W 85 25.61 -17.37 96.45
CA ALA W 85 24.48 -16.97 95.62
C ALA W 85 23.16 -17.51 96.14
N LEU W 86 22.26 -16.60 96.53
CA LEU W 86 20.91 -16.93 96.99
C LEU W 86 20.96 -17.99 98.10
N SER W 87 21.87 -17.77 99.05
CA SER W 87 21.99 -18.55 100.28
C SER W 87 22.38 -20.00 100.05
N ALA W 88 22.78 -20.36 98.84
CA ALA W 88 23.15 -21.74 98.48
C ALA W 88 22.04 -22.74 98.75
N HIS W 89 20.82 -22.25 98.97
CA HIS W 89 19.64 -23.09 99.19
C HIS W 89 18.67 -23.06 98.03
N LEU W 90 18.42 -21.88 97.46
CA LEU W 90 17.61 -21.71 96.26
C LEU W 90 16.19 -22.23 96.43
N VAL W 91 15.71 -22.34 97.67
CA VAL W 91 14.40 -22.91 97.93
C VAL W 91 13.30 -22.00 97.40
N PHE W 92 13.56 -20.69 97.30
CA PHE W 92 12.54 -19.77 96.83
C PHE W 92 12.22 -19.97 95.36
N ILE W 93 13.21 -20.39 94.57
CA ILE W 93 12.96 -20.66 93.16
C ILE W 93 11.89 -21.73 93.00
N ILE W 94 11.91 -22.74 93.88
CA ILE W 94 10.80 -23.70 93.94
C ILE W 94 9.53 -22.98 94.37
N SER W 95 9.62 -22.10 95.37
CA SER W 95 8.44 -21.39 95.86
C SER W 95 7.84 -20.50 94.78
N LEU W 96 8.68 -19.81 94.00
CA LEU W 96 8.18 -18.99 92.91
C LEU W 96 7.44 -19.84 91.89
N SER W 97 7.96 -21.03 91.58
CA SER W 97 7.27 -21.93 90.66
C SER W 97 5.94 -22.39 91.24
N ILE W 98 5.89 -22.66 92.55
CA ILE W 98 4.67 -23.14 93.18
C ILE W 98 3.58 -22.07 93.14
N VAL W 99 3.94 -20.84 93.54
CA VAL W 99 2.94 -19.78 93.56
C VAL W 99 2.52 -19.39 92.16
N ILE W 100 3.44 -19.46 91.19
CA ILE W 100 3.07 -19.15 89.81
C ILE W 100 2.04 -20.15 89.29
N TRP W 101 2.27 -21.44 89.54
CA TRP W 101 1.28 -22.46 89.16
C TRP W 101 -0.02 -22.27 89.94
N LEU W 102 0.08 -22.03 91.24
CA LEU W 102 -1.12 -21.96 92.08
C LEU W 102 -1.99 -20.78 91.68
N GLY W 103 -1.38 -19.64 91.34
CA GLY W 103 -2.12 -18.54 90.78
C GLY W 103 -2.66 -18.83 89.40
N ASN W 104 -1.93 -19.64 88.61
CA ASN W 104 -2.37 -19.97 87.27
C ASN W 104 -3.69 -20.73 87.29
N THR W 105 -3.85 -21.67 88.22
CA THR W 105 -5.07 -22.46 88.27
C THR W 105 -6.25 -21.65 88.78
N ILE W 106 -6.05 -20.85 89.84
CA ILE W 106 -7.14 -20.02 90.36
C ILE W 106 -7.68 -19.10 89.27
N LEU W 107 -6.79 -18.53 88.46
CA LEU W 107 -7.23 -17.80 87.28
C LEU W 107 -8.00 -18.72 86.33
N GLY W 108 -7.52 -19.93 86.13
CA GLY W 108 -8.25 -20.90 85.31
C GLY W 108 -9.57 -21.31 85.94
N LEU W 109 -9.57 -21.62 87.24
CA LEU W 109 -10.81 -21.98 87.91
C LEU W 109 -11.77 -20.81 88.02
N TYR W 110 -11.26 -19.58 88.14
CA TYR W 110 -12.14 -18.42 88.18
C TYR W 110 -12.74 -18.14 86.81
N LYS W 111 -11.91 -18.19 85.77
CA LYS W 111 -12.36 -17.83 84.43
C LYS W 111 -13.06 -18.96 83.70
N HIS W 112 -12.95 -20.20 84.18
CA HIS W 112 -13.56 -21.32 83.48
C HIS W 112 -14.41 -22.18 84.42
N GLY W 113 -14.02 -22.27 85.68
CA GLY W 113 -14.73 -23.14 86.61
C GLY W 113 -14.61 -24.61 86.25
N TRP W 114 -15.75 -25.27 86.07
CA TRP W 114 -15.73 -26.68 85.66
C TRP W 114 -15.16 -26.85 84.26
N VAL W 115 -15.23 -25.81 83.43
CA VAL W 115 -14.67 -25.89 82.08
C VAL W 115 -13.17 -26.09 82.11
N PHE W 116 -12.50 -25.69 83.19
CA PHE W 116 -11.06 -25.91 83.31
C PHE W 116 -10.71 -27.39 83.24
N PHE W 117 -11.62 -28.25 83.69
CA PHE W 117 -11.40 -29.69 83.57
C PHE W 117 -11.48 -30.18 82.13
N SER W 118 -12.13 -29.41 81.24
CA SER W 118 -12.20 -29.80 79.84
C SER W 118 -10.87 -29.58 79.12
N LEU W 119 -9.93 -28.86 79.74
CA LEU W 119 -8.62 -28.65 79.13
C LEU W 119 -7.82 -29.95 79.02
N PHE W 120 -8.12 -30.94 79.86
CA PHE W 120 -7.40 -32.21 79.82
C PHE W 120 -7.70 -33.03 78.57
N VAL W 121 -8.72 -32.66 77.81
CA VAL W 121 -9.14 -33.39 76.61
C VAL W 121 -9.15 -32.42 75.44
N PRO W 122 -7.99 -32.15 74.82
CA PRO W 122 -7.91 -31.09 73.80
C PRO W 122 -8.81 -31.29 72.59
N ALA W 123 -8.59 -32.37 71.83
CA ALA W 123 -9.34 -32.58 70.60
C ALA W 123 -10.10 -33.90 70.59
N GLY W 124 -9.43 -35.01 70.82
CA GLY W 124 -10.07 -36.32 70.70
C GLY W 124 -10.04 -37.11 71.99
N THR W 125 -9.36 -38.27 71.97
CA THR W 125 -9.21 -39.13 73.14
C THR W 125 -10.56 -39.44 73.77
N PRO W 126 -11.36 -40.32 73.14
CA PRO W 126 -12.73 -40.55 73.62
C PRO W 126 -12.79 -41.22 74.98
N LEU W 127 -14.01 -41.57 75.42
CA LEU W 127 -14.21 -42.09 76.76
C LEU W 127 -13.28 -43.23 77.16
N PRO W 128 -12.98 -44.22 76.30
CA PRO W 128 -11.93 -45.18 76.68
C PRO W 128 -10.58 -44.54 76.95
N LEU W 129 -10.24 -43.47 76.23
CA LEU W 129 -8.96 -42.79 76.40
C LEU W 129 -9.05 -41.58 77.33
N VAL W 130 -10.24 -41.21 77.80
CA VAL W 130 -10.36 -40.06 78.69
C VAL W 130 -9.60 -40.24 80.00
N PRO W 131 -9.75 -41.34 80.75
CA PRO W 131 -9.02 -41.43 82.02
C PRO W 131 -7.51 -41.41 81.86
N LEU W 132 -6.99 -42.00 80.78
CA LEU W 132 -5.54 -42.00 80.58
C LEU W 132 -5.02 -40.60 80.31
N LEU W 133 -5.74 -39.81 79.50
CA LEU W 133 -5.25 -38.48 79.14
C LEU W 133 -5.39 -37.51 80.29
N VAL W 134 -6.50 -37.55 81.02
CA VAL W 134 -6.68 -36.63 82.15
C VAL W 134 -5.65 -36.92 83.23
N ILE W 135 -5.24 -38.19 83.37
CA ILE W 135 -4.17 -38.51 84.30
C ILE W 135 -2.85 -37.91 83.83
N ILE W 136 -2.54 -38.08 82.55
CA ILE W 136 -1.30 -37.53 82.01
C ILE W 136 -1.32 -36.00 82.05
N GLU W 137 -2.44 -35.40 81.65
CA GLU W 137 -2.52 -33.94 81.60
C GLU W 137 -2.43 -33.32 82.99
N THR W 138 -3.21 -33.85 83.94
CA THR W 138 -3.23 -33.26 85.28
C THR W 138 -1.90 -33.49 86.00
N LEU W 139 -1.34 -34.71 85.90
CA LEU W 139 -0.04 -34.96 86.51
C LEU W 139 1.05 -34.11 85.86
N SER W 140 0.93 -33.87 84.55
CA SER W 140 1.88 -32.99 83.88
C SER W 140 1.82 -31.58 84.45
N TYR W 141 0.62 -31.11 84.81
CA TYR W 141 0.47 -29.75 85.31
C TYR W 141 1.23 -29.56 86.62
N PHE W 142 1.16 -30.54 87.52
CA PHE W 142 2.09 -30.55 88.65
C PHE W 142 3.53 -30.70 88.17
N ALA W 143 3.72 -31.49 87.11
CA ALA W 143 5.06 -31.98 86.76
C ALA W 143 5.99 -30.85 86.33
N ARG W 144 5.55 -30.04 85.37
CA ARG W 144 6.45 -29.02 84.84
C ARG W 144 6.56 -27.81 85.76
N ALA W 145 5.59 -27.63 86.66
CA ALA W 145 5.67 -26.54 87.62
C ALA W 145 6.83 -26.77 88.60
N ILE W 146 6.88 -27.96 89.20
CA ILE W 146 7.96 -28.26 90.13
C ILE W 146 9.29 -28.38 89.40
N SER W 147 9.27 -28.90 88.17
CA SER W 147 10.49 -29.05 87.40
C SER W 147 11.12 -27.70 87.07
N LEU W 148 10.27 -26.69 86.78
CA LEU W 148 10.77 -25.37 86.43
C LEU W 148 11.57 -24.76 87.58
N GLY W 149 11.05 -24.86 88.80
CA GLY W 149 11.75 -24.28 89.93
C GLY W 149 13.05 -25.00 90.25
N LEU W 150 13.04 -26.33 90.21
CA LEU W 150 14.21 -27.10 90.65
C LEU W 150 15.36 -26.98 89.65
N ARG W 151 15.05 -26.93 88.35
CA ARG W 151 16.11 -26.93 87.35
C ARG W 151 16.95 -25.67 87.41
N LEU W 152 16.31 -24.51 87.62
CA LEU W 152 17.06 -23.26 87.67
C LEU W 152 17.96 -23.20 88.90
N GLY W 153 17.39 -23.48 90.08
CA GLY W 153 18.16 -23.36 91.30
C GLY W 153 19.30 -24.37 91.39
N SER W 154 19.04 -25.60 90.98
CA SER W 154 20.06 -26.64 91.06
C SER W 154 21.24 -26.31 90.16
N ASN W 155 20.99 -25.82 88.95
CA ASN W 155 22.08 -25.49 88.04
C ASN W 155 22.89 -24.32 88.56
N ILE W 156 22.23 -23.33 89.17
CA ILE W 156 22.96 -22.27 89.85
C ILE W 156 23.80 -22.85 90.98
N LEU W 157 23.22 -23.76 91.76
CA LEU W 157 24.02 -24.48 92.75
C LEU W 157 25.11 -25.31 92.09
N ALA W 158 24.79 -26.01 91.01
CA ALA W 158 25.78 -26.80 90.31
C ALA W 158 26.89 -25.92 89.75
N GLY W 159 26.52 -24.78 89.16
CA GLY W 159 27.52 -23.89 88.62
C GLY W 159 28.42 -23.30 89.69
N HIS W 160 27.84 -22.95 90.85
CA HIS W 160 28.64 -22.36 91.92
C HIS W 160 29.64 -23.36 92.49
N LEU W 161 29.23 -24.62 92.64
CA LEU W 161 30.14 -25.61 93.22
C LEU W 161 31.23 -26.01 92.24
N LEU W 162 30.91 -26.06 90.94
CA LEU W 162 31.95 -26.36 89.96
C LEU W 162 32.89 -25.17 89.76
N MET W 163 32.51 -23.98 90.25
CA MET W 163 33.50 -22.94 90.47
C MET W 163 34.53 -23.37 91.50
N VAL W 164 34.07 -23.84 92.65
CA VAL W 164 34.96 -24.09 93.79
C VAL W 164 35.77 -25.37 93.58
N ILE W 165 35.11 -26.44 93.11
CA ILE W 165 35.78 -27.74 93.00
C ILE W 165 36.96 -27.63 92.04
N LEU W 166 36.75 -26.99 90.88
CA LEU W 166 37.85 -26.80 89.96
C LEU W 166 38.89 -25.83 90.52
N ALA W 167 38.43 -24.83 91.29
CA ALA W 167 39.36 -23.87 91.89
C ALA W 167 40.32 -24.55 92.85
N GLY W 168 39.82 -25.47 93.67
CA GLY W 168 40.68 -26.21 94.57
C GLY W 168 41.72 -27.03 93.85
N LEU W 169 41.36 -27.60 92.70
CA LEU W 169 42.33 -28.33 91.89
C LEU W 169 43.45 -27.42 91.39
N THR W 170 43.10 -26.21 90.94
CA THR W 170 44.12 -25.27 90.49
C THR W 170 45.07 -24.91 91.61
N PHE W 171 44.55 -24.76 92.83
CA PHE W 171 45.42 -24.51 93.99
C PHE W 171 46.39 -25.66 94.18
N ASN W 172 45.93 -26.90 94.00
CA ASN W 172 46.81 -28.06 94.11
C ASN W 172 47.86 -28.05 93.02
N PHE W 173 47.47 -27.73 91.79
CA PHE W 173 48.40 -27.78 90.66
C PHE W 173 49.49 -26.72 90.78
N MET W 174 49.12 -25.49 91.15
CA MET W 174 50.09 -24.41 91.17
C MET W 174 51.05 -24.54 92.35
N LEU W 175 50.77 -25.45 93.28
CA LEU W 175 51.62 -25.60 94.46
C LEU W 175 52.63 -26.73 94.31
N ILE W 176 52.40 -27.67 93.40
CA ILE W 176 53.20 -28.88 93.33
C ILE W 176 54.26 -28.81 92.24
N ASN W 177 53.93 -28.20 91.10
CA ASN W 177 54.80 -28.21 89.94
C ASN W 177 55.84 -27.10 90.05
N LEU W 178 57.11 -27.46 89.89
CA LEU W 178 58.21 -26.53 90.17
C LEU W 178 58.52 -25.63 88.99
N PHE W 179 58.95 -26.20 87.87
CA PHE W 179 59.48 -25.43 86.76
C PHE W 179 58.70 -25.53 85.46
N THR W 180 57.87 -26.57 85.29
CA THR W 180 57.08 -26.68 84.08
C THR W 180 56.06 -25.54 84.01
N LEU W 181 55.36 -25.46 82.88
CA LEU W 181 54.40 -24.39 82.66
C LEU W 181 52.97 -24.85 82.47
N VAL W 182 52.74 -25.96 81.77
CA VAL W 182 51.36 -26.39 81.46
C VAL W 182 50.90 -27.26 82.62
N PHE W 183 50.52 -26.59 83.71
CA PHE W 183 49.80 -27.24 84.80
C PHE W 183 48.68 -26.39 85.39
N GLY W 184 48.72 -25.07 85.29
CA GLY W 184 47.76 -24.24 85.97
C GLY W 184 46.96 -23.30 85.10
N PHE W 185 47.52 -22.87 83.97
CA PHE W 185 46.78 -21.96 83.10
C PHE W 185 45.72 -22.70 82.29
N VAL W 186 45.97 -23.97 81.94
CA VAL W 186 44.91 -24.79 81.34
C VAL W 186 43.75 -25.01 82.31
N PRO W 187 43.97 -25.42 83.57
CA PRO W 187 42.85 -25.39 84.52
C PRO W 187 42.27 -24.00 84.71
N LEU W 188 43.11 -22.96 84.64
CA LEU W 188 42.57 -21.61 84.61
C LEU W 188 41.78 -21.36 83.34
N ALA W 189 42.18 -21.98 82.22
CA ALA W 189 41.45 -21.83 80.97
C ALA W 189 40.05 -22.44 81.07
N MET W 190 39.92 -23.63 81.67
CA MET W 190 38.59 -24.18 81.90
C MET W 190 37.79 -23.29 82.84
N ILE W 191 38.43 -22.77 83.90
CA ILE W 191 37.73 -21.86 84.79
C ILE W 191 37.16 -20.68 84.01
N LEU W 192 37.94 -20.15 83.06
CA LEU W 192 37.44 -19.09 82.20
C LEU W 192 36.28 -19.56 81.33
N ALA W 193 36.35 -20.80 80.82
CA ALA W 193 35.28 -21.32 80.00
C ALA W 193 34.04 -21.65 80.83
N ILE W 194 34.23 -22.32 81.97
CA ILE W 194 33.11 -22.75 82.78
C ILE W 194 32.41 -21.56 83.44
N MET W 195 33.11 -20.43 83.60
CA MET W 195 32.43 -19.25 84.12
C MET W 195 31.59 -18.56 83.04
N MET W 196 32.07 -18.55 81.79
CA MET W 196 31.26 -17.99 80.71
C MET W 196 29.99 -18.80 80.51
N LEU W 197 30.08 -20.12 80.65
CA LEU W 197 28.89 -20.96 80.52
C LEU W 197 27.87 -20.63 81.59
N GLU W 198 28.31 -20.52 82.84
CA GLU W 198 27.38 -20.21 83.93
C GLU W 198 26.74 -18.84 83.75
N PHE W 199 27.52 -17.86 83.31
CA PHE W 199 26.95 -16.55 82.99
C PHE W 199 25.98 -16.65 81.82
N ALA W 200 26.33 -17.45 80.81
CA ALA W 200 25.46 -17.57 79.63
C ALA W 200 24.16 -18.28 79.99
N ILE W 201 24.24 -19.42 80.67
CA ILE W 201 23.05 -20.23 80.94
C ILE W 201 22.02 -19.46 81.75
N GLY W 202 22.48 -18.63 82.69
CA GLY W 202 21.54 -17.83 83.47
C GLY W 202 20.72 -16.89 82.61
N ILE W 203 21.34 -16.34 81.55
CA ILE W 203 20.63 -15.41 80.67
C ILE W 203 19.50 -16.12 79.94
N ILE W 204 19.79 -17.26 79.31
CA ILE W 204 18.78 -17.97 78.53
C ILE W 204 17.76 -18.63 79.46
N GLN W 205 18.21 -19.23 80.57
CA GLN W 205 17.25 -19.86 81.48
C GLN W 205 16.28 -18.85 82.07
N GLY W 206 16.73 -17.60 82.26
CA GLY W 206 15.78 -16.54 82.56
C GLY W 206 14.80 -16.33 81.41
N TYR W 207 15.30 -16.34 80.18
CA TYR W 207 14.43 -16.30 79.01
C TYR W 207 13.54 -17.52 78.94
N VAL W 208 14.11 -18.71 79.18
CA VAL W 208 13.32 -19.94 79.16
C VAL W 208 12.23 -19.88 80.21
N TRP W 209 12.58 -19.42 81.41
CA TRP W 209 11.57 -19.23 82.46
C TRP W 209 10.52 -18.22 82.01
N ALA W 210 10.94 -17.15 81.33
CA ALA W 210 10.00 -16.17 80.82
C ALA W 210 9.07 -16.80 79.79
N ILE W 211 9.61 -17.58 78.86
CA ILE W 211 8.78 -18.24 77.86
C ILE W 211 7.85 -19.25 78.50
N LEU W 212 8.36 -20.03 79.46
CA LEU W 212 7.54 -21.07 80.07
C LEU W 212 6.36 -20.48 80.82
N THR W 213 6.62 -19.53 81.73
CA THR W 213 5.54 -18.91 82.48
C THR W 213 4.56 -18.21 81.55
N ALA W 214 5.05 -17.67 80.44
CA ALA W 214 4.14 -17.21 79.40
C ALA W 214 3.32 -18.36 78.85
N SER W 215 3.96 -19.51 78.60
CA SER W 215 3.27 -20.63 77.98
C SER W 215 2.12 -21.13 78.86
N TYR W 216 2.32 -21.13 80.18
CA TYR W 216 1.26 -21.65 81.05
C TYR W 216 0.12 -20.66 81.17
N LEU W 217 0.41 -19.37 80.97
CA LEU W 217 -0.64 -18.36 81.03
C LEU W 217 -1.63 -18.55 79.87
N LYS W 218 -1.12 -18.88 78.68
CA LYS W 218 -2.01 -19.19 77.56
C LYS W 218 -3.00 -20.27 77.93
N ASP W 219 -2.53 -21.36 78.53
CA ASP W 219 -3.41 -22.48 78.86
C ASP W 219 -4.49 -22.06 79.85
N ALA W 220 -4.14 -21.19 80.80
CA ALA W 220 -5.12 -20.71 81.77
C ALA W 220 -6.17 -19.83 81.09
N VAL W 221 -5.72 -18.82 80.33
CA VAL W 221 -6.67 -17.87 79.75
C VAL W 221 -7.38 -18.50 78.54
N TYR W 222 -6.67 -19.27 77.74
CA TYR W 222 -7.20 -19.87 76.52
C TYR W 222 -7.24 -21.38 76.68
N LEU W 223 -8.40 -21.98 76.41
CA LEU W 223 -8.56 -23.42 76.50
C LEU W 223 -8.38 -24.02 75.10
N HIS W 224 -7.56 -25.06 75.02
CA HIS W 224 -7.30 -25.73 73.74
C HIS W 224 -7.17 -27.23 73.93
N ASN X 1 46.08 -15.91 97.95
CA ASN X 1 46.10 -17.34 97.72
C ASN X 1 45.41 -17.71 96.42
N ASP X 2 44.75 -18.87 96.41
CA ASP X 2 44.03 -19.30 95.21
C ASP X 2 42.87 -18.37 94.90
N GLU X 3 42.17 -17.90 95.93
CA GLU X 3 41.03 -17.02 95.72
C GLU X 3 41.43 -15.71 95.06
N SER X 4 42.58 -15.15 95.47
CA SER X 4 43.03 -13.88 94.90
C SER X 4 43.35 -14.02 93.42
N ILE X 5 43.89 -15.17 93.01
CA ILE X 5 44.20 -15.40 91.60
C ILE X 5 42.93 -15.42 90.76
N LEU X 6 41.86 -16.03 91.28
CA LEU X 6 40.62 -16.11 90.54
C LEU X 6 40.03 -14.72 90.27
N LEU X 7 40.06 -13.84 91.28
CA LEU X 7 39.55 -12.49 91.07
C LEU X 7 40.40 -11.73 90.05
N LEU X 8 41.72 -11.91 90.11
CA LEU X 8 42.59 -11.26 89.14
C LEU X 8 42.32 -11.77 87.72
N THR X 9 42.06 -13.07 87.58
CA THR X 9 41.79 -13.63 86.26
C THR X 9 40.52 -13.05 85.65
N PHE X 10 39.45 -12.92 86.45
CA PHE X 10 38.22 -12.35 85.93
C PHE X 10 38.36 -10.86 85.65
N LEU X 11 39.17 -10.15 86.43
CA LEU X 11 39.45 -8.76 86.11
C LEU X 11 40.12 -8.65 84.74
N GLY X 12 41.03 -9.57 84.45
CA GLY X 12 41.54 -9.68 83.09
C GLY X 12 40.46 -10.05 82.10
N PHE X 13 39.58 -10.97 82.49
CA PHE X 13 38.42 -11.28 81.65
C PHE X 13 37.51 -10.07 81.54
N THR X 14 37.26 -9.39 82.66
CA THR X 14 36.50 -8.15 82.62
C THR X 14 37.21 -7.10 81.77
N GLY X 15 38.54 -7.07 81.83
CA GLY X 15 39.29 -6.26 80.88
C GLY X 15 39.03 -6.67 79.45
N LEU X 16 38.98 -7.98 79.20
CA LEU X 16 38.59 -8.46 77.88
C LEU X 16 37.12 -8.19 77.61
N VAL X 17 36.28 -8.18 78.65
CA VAL X 17 34.90 -7.75 78.49
C VAL X 17 34.85 -6.29 78.08
N ALA X 18 35.83 -5.49 78.50
CA ALA X 18 35.86 -4.08 78.09
C ALA X 18 36.03 -3.95 76.58
N LYS X 19 36.89 -4.79 75.99
CA LYS X 19 37.16 -4.65 74.55
C LYS X 19 36.00 -5.17 73.70
N TYR X 20 35.69 -6.46 73.81
CA TYR X 20 34.86 -7.19 72.83
C TYR X 20 35.37 -7.03 71.40
N LEU X 21 36.59 -6.53 71.21
CA LEU X 21 37.13 -6.26 69.88
C LEU X 21 36.17 -5.39 69.06
N ALA X 22 36.02 -4.13 69.52
CA ALA X 22 35.11 -3.16 68.90
C ALA X 22 33.68 -3.68 68.96
N PRO X 23 33.04 -3.64 70.13
CA PRO X 23 31.77 -4.37 70.32
C PRO X 23 30.70 -3.93 69.33
N ALA X 24 29.89 -4.91 68.91
CA ALA X 24 28.80 -4.62 67.97
C ALA X 24 27.75 -3.73 68.61
N TYR X 25 27.42 -3.96 69.88
CA TYR X 25 26.37 -3.17 70.53
C TYR X 25 26.75 -1.69 70.61
N LYS X 26 28.06 -1.39 70.67
CA LYS X 26 28.49 -0.01 70.56
C LYS X 26 28.04 0.60 69.23
N ASP X 27 28.37 -0.07 68.13
CA ASP X 27 27.95 0.41 66.82
C ASP X 27 26.46 0.17 66.58
N PHE X 28 25.91 -0.89 67.17
CA PHE X 28 24.46 -1.10 67.10
C PHE X 28 23.73 0.06 67.78
N ALA X 29 24.28 0.56 68.88
CA ALA X 29 23.74 1.79 69.47
C ALA X 29 24.09 3.01 68.64
N ASP X 30 25.31 3.06 68.10
CA ASP X 30 25.72 4.19 67.29
C ASP X 30 24.81 4.39 66.09
N ALA X 31 24.36 3.28 65.48
CA ALA X 31 23.42 3.40 64.38
C ALA X 31 22.07 3.94 64.83
N ARG X 32 21.76 3.85 66.13
CA ARG X 32 20.42 4.16 66.59
C ARG X 32 20.20 5.67 66.75
N MET X 33 21.03 6.35 67.53
CA MET X 33 20.75 7.76 67.81
C MET X 33 20.87 8.60 66.54
N LYS X 34 21.76 8.20 65.62
CA LYS X 34 21.79 8.86 64.32
C LYS X 34 20.48 8.62 63.57
N LYS X 35 20.00 7.37 63.56
CA LYS X 35 18.71 7.07 62.95
C LYS X 35 17.60 7.83 63.66
N VAL X 36 17.66 7.91 64.99
CA VAL X 36 16.64 8.63 65.74
C VAL X 36 16.73 10.13 65.45
N SER X 37 17.94 10.68 65.41
CA SER X 37 18.10 12.11 65.16
C SER X 37 17.70 12.48 63.74
N ASP X 38 18.07 11.66 62.76
CA ASP X 38 17.85 12.03 61.36
C ASP X 38 16.37 12.13 61.03
N VAL X 39 15.55 11.21 61.55
CA VAL X 39 14.12 11.23 61.22
C VAL X 39 13.46 12.47 61.80
N LEU X 40 13.89 12.89 63.00
CA LEU X 40 13.37 14.13 63.56
C LEU X 40 13.73 15.33 62.70
N ASN X 41 14.87 15.27 62.00
CA ASN X 41 15.16 16.30 61.00
C ASN X 41 14.16 16.24 59.86
N ALA X 42 13.85 15.03 59.39
CA ALA X 42 12.92 14.89 58.27
C ALA X 42 11.48 15.12 58.71
N SER X 43 11.09 14.58 59.86
CA SER X 43 9.68 14.63 60.27
C SER X 43 9.26 16.06 60.62
N ARG X 44 10.07 16.75 61.41
CA ARG X 44 9.74 18.14 61.76
C ARG X 44 9.73 19.02 60.53
N ASN X 45 10.70 18.83 59.63
CA ASN X 45 10.73 19.60 58.40
C ASN X 45 9.55 19.24 57.49
N LYS X 46 9.03 18.02 57.62
CA LYS X 46 7.94 17.59 56.75
C LYS X 46 6.73 18.51 56.87
N HIS X 47 6.40 18.92 58.09
CA HIS X 47 5.35 19.92 58.28
C HIS X 47 5.84 21.35 58.17
N VAL X 48 7.16 21.56 58.04
CA VAL X 48 7.68 22.91 57.84
C VAL X 48 7.32 23.42 56.45
N GLU X 49 7.46 22.59 55.42
CA GLU X 49 6.98 22.99 54.11
C GLU X 49 5.47 22.85 53.98
N ALA X 50 4.79 22.28 54.97
CA ALA X 50 3.33 22.27 54.95
C ALA X 50 2.77 23.68 55.00
N VAL X 51 3.36 24.54 55.85
CA VAL X 51 2.96 25.95 55.83
C VAL X 51 3.64 26.69 54.69
N LYS X 52 4.80 26.22 54.24
CA LYS X 52 5.47 26.85 53.11
C LYS X 52 4.66 26.68 51.83
N ASP X 53 3.98 25.54 51.68
CA ASP X 53 2.98 25.41 50.62
C ASP X 53 1.87 26.42 50.81
N ARG X 54 1.45 26.64 52.05
CA ARG X 54 0.43 27.64 52.34
C ARG X 54 0.94 29.06 52.22
N ILE X 55 2.27 29.27 52.24
CA ILE X 55 2.83 30.56 51.87
C ILE X 55 2.47 30.88 50.43
N ASP X 56 2.69 29.92 49.53
CA ASP X 56 2.37 30.13 48.12
C ASP X 56 0.88 30.32 47.90
N SER X 57 0.06 29.50 48.58
CA SER X 57 -1.39 29.57 48.37
C SER X 57 -1.94 30.93 48.77
N VAL X 58 -1.47 31.48 49.90
CA VAL X 58 -1.89 32.81 50.30
C VAL X 58 -1.35 33.86 49.33
N SER X 59 -0.10 33.70 48.90
CA SER X 59 0.51 34.67 47.99
C SER X 59 -0.06 34.60 46.59
N GLN X 60 -0.87 33.57 46.28
CA GLN X 60 -1.51 33.51 44.96
C GLN X 60 -2.49 34.67 44.78
N LEU X 61 -3.22 35.03 45.84
CA LEU X 61 -4.27 36.03 45.76
C LEU X 61 -3.94 37.26 46.61
N GLN X 62 -2.67 37.52 46.86
CA GLN X 62 -2.28 38.71 47.60
C GLN X 62 -2.63 39.98 46.83
N ASN X 63 -2.44 39.96 45.50
CA ASN X 63 -2.67 41.11 44.65
C ASN X 63 -3.95 41.01 43.84
N VAL X 64 -4.68 39.89 43.92
CA VAL X 64 -5.77 39.64 42.99
C VAL X 64 -7.03 40.40 43.41
N ALA X 65 -7.41 40.28 44.68
CA ALA X 65 -8.75 40.71 45.10
C ALA X 65 -8.98 42.21 44.89
N GLU X 66 -7.97 43.05 45.16
CA GLU X 66 -8.16 44.48 44.96
C GLU X 66 -8.09 44.82 43.47
N THR X 67 -7.31 44.07 42.70
CA THR X 67 -7.28 44.26 41.25
C THR X 67 -8.50 43.69 40.55
N THR X 68 -9.26 42.79 41.21
CA THR X 68 -10.52 42.32 40.64
C THR X 68 -11.65 43.32 40.82
N LYS X 69 -11.49 44.30 41.71
CA LYS X 69 -12.51 45.32 41.90
C LYS X 69 -12.66 46.20 40.66
N VAL X 70 -11.55 46.74 40.16
CA VAL X 70 -11.64 47.50 38.91
C VAL X 70 -12.01 46.56 37.78
N LEU X 71 -11.59 45.29 37.86
CA LEU X 71 -12.05 44.28 36.93
C LEU X 71 -13.56 44.08 37.03
N PHE X 72 -14.07 43.92 38.25
CA PHE X 72 -15.51 43.80 38.45
C PHE X 72 -16.23 45.08 38.06
N ASP X 73 -15.63 46.23 38.33
CA ASP X 73 -16.22 47.51 37.96
C ASP X 73 -16.38 47.63 36.45
N VAL X 74 -15.25 47.65 35.73
CA VAL X 74 -15.27 47.95 34.30
C VAL X 74 -16.08 46.90 33.54
N SER X 75 -15.99 45.64 33.96
CA SER X 75 -16.77 44.59 33.31
C SER X 75 -18.25 44.89 33.36
N LYS X 76 -18.72 45.55 34.41
CA LYS X 76 -20.14 45.88 34.52
C LYS X 76 -20.56 46.88 33.45
N GLU X 77 -19.79 47.95 33.27
CA GLU X 77 -20.13 48.92 32.23
C GLU X 77 -19.96 48.31 30.84
N THR X 78 -18.82 47.65 30.59
CA THR X 78 -18.56 47.10 29.27
C THR X 78 -19.64 46.10 28.86
N VAL X 79 -20.25 45.41 29.82
CA VAL X 79 -21.41 44.57 29.50
C VAL X 79 -22.64 45.46 29.28
N GLU X 80 -23.04 46.20 30.31
CA GLU X 80 -24.27 46.99 30.26
C GLU X 80 -23.99 48.45 29.92
N LEU X 81 -23.46 48.66 28.71
CA LEU X 81 -23.39 49.98 28.10
C LEU X 81 -23.68 49.90 26.60
N GLU X 82 -24.53 48.96 26.20
CA GLU X 82 -24.79 48.70 24.79
C GLU X 82 -26.15 49.23 24.34
N SER X 83 -26.72 50.18 25.09
CA SER X 83 -28.05 50.67 24.79
C SER X 83 -28.07 51.88 23.85
N GLU X 84 -26.99 52.67 23.79
CA GLU X 84 -27.04 53.89 22.99
C GLU X 84 -27.10 53.57 21.50
N ALA X 85 -26.27 52.63 21.03
CA ALA X 85 -26.35 52.21 19.63
C ALA X 85 -27.44 51.18 19.40
N PHE X 86 -27.99 50.60 20.47
CA PHE X 86 -29.23 49.83 20.32
C PHE X 86 -30.35 50.72 19.82
N GLU X 87 -30.42 51.95 20.33
CA GLU X 87 -31.35 52.93 19.77
C GLU X 87 -30.88 53.41 18.40
N LEU X 88 -29.56 53.51 18.21
CA LEU X 88 -29.03 53.79 16.87
C LEU X 88 -29.37 52.66 15.91
N LYS X 89 -29.34 51.42 16.40
CA LYS X 89 -29.80 50.29 15.60
C LYS X 89 -31.23 50.52 15.13
N GLN X 90 -32.08 51.09 15.99
CA GLN X 90 -33.46 51.37 15.60
C GLN X 90 -33.51 52.40 14.47
N LYS X 91 -32.61 53.38 14.48
CA LYS X 91 -32.60 54.36 13.39
C LYS X 91 -31.79 53.88 12.19
N VAL X 92 -30.78 53.02 12.41
CA VAL X 92 -30.05 52.45 11.29
C VAL X 92 -30.97 51.56 10.45
N GLU X 93 -31.75 50.70 11.12
CA GLU X 93 -32.72 49.90 10.39
C GLU X 93 -33.82 50.77 9.80
N LEU X 94 -34.12 51.90 10.45
CA LEU X 94 -35.05 52.87 9.89
C LEU X 94 -34.49 53.46 8.59
N ALA X 95 -33.16 53.63 8.52
CA ALA X 95 -32.55 54.15 7.32
C ALA X 95 -32.61 53.16 6.17
N HIS X 96 -32.40 51.87 6.46
CA HIS X 96 -32.38 50.87 5.41
C HIS X 96 -33.72 50.77 4.69
N GLU X 97 -34.82 50.73 5.45
CA GLU X 97 -36.13 50.68 4.83
C GLU X 97 -36.43 51.98 4.07
N ALA X 98 -35.95 53.10 4.59
CA ALA X 98 -36.08 54.36 3.86
C ALA X 98 -35.33 54.32 2.54
N LYS X 99 -34.12 53.76 2.55
CA LYS X 99 -33.40 53.53 1.30
C LYS X 99 -34.12 52.49 0.45
N ALA X 100 -34.67 51.45 1.09
CA ALA X 100 -35.28 50.36 0.35
C ALA X 100 -36.51 50.83 -0.42
N VAL X 101 -37.38 51.62 0.22
CA VAL X 101 -38.61 52.06 -0.45
C VAL X 101 -38.28 52.97 -1.62
N LEU X 102 -37.32 53.89 -1.44
CA LEU X 102 -36.98 54.80 -2.52
C LEU X 102 -36.23 54.07 -3.63
N ASP X 103 -35.36 53.13 -3.26
CA ASP X 103 -34.80 52.23 -4.28
C ASP X 103 -35.91 51.44 -4.96
N SER X 104 -36.92 51.03 -4.19
CA SER X 104 -38.09 50.39 -4.79
C SER X 104 -38.90 51.39 -5.60
N TRP X 105 -38.80 52.69 -5.29
CA TRP X 105 -39.41 53.73 -6.11
C TRP X 105 -38.53 54.19 -7.25
N VAL X 106 -37.29 53.68 -7.33
CA VAL X 106 -36.39 54.04 -8.42
C VAL X 106 -36.53 53.07 -9.58
N ARG X 107 -36.43 51.76 -9.33
CA ARG X 107 -36.53 50.82 -10.44
C ARG X 107 -37.95 50.75 -10.99
N TYR X 108 -38.96 51.12 -10.18
CA TYR X 108 -40.29 51.33 -10.73
C TYR X 108 -40.28 52.44 -11.76
N GLU X 109 -39.60 53.55 -11.44
CA GLU X 109 -39.40 54.60 -12.43
C GLU X 109 -38.59 54.09 -13.61
N ALA X 110 -37.55 53.29 -13.33
CA ALA X 110 -36.76 52.68 -14.40
C ALA X 110 -37.62 51.74 -15.25
N SER X 111 -38.44 50.92 -14.59
CA SER X 111 -39.38 50.09 -15.34
C SER X 111 -40.39 50.95 -16.08
N LEU X 112 -40.77 52.08 -15.50
CA LEU X 112 -41.62 53.04 -16.21
C LEU X 112 -40.93 53.54 -17.47
N ARG X 113 -39.62 53.76 -17.40
CA ARG X 113 -38.86 54.14 -18.60
C ARG X 113 -38.88 53.02 -19.63
N GLN X 114 -38.66 51.78 -19.20
CA GLN X 114 -38.58 50.66 -20.13
C GLN X 114 -39.92 50.34 -20.75
N LEU X 115 -40.99 50.34 -19.95
CA LEU X 115 -42.31 50.03 -20.50
C LEU X 115 -42.75 51.10 -21.48
N GLU X 116 -42.43 52.37 -21.20
CA GLU X 116 -42.84 53.46 -22.07
C GLU X 116 -42.25 53.30 -23.46
N GLN X 117 -40.98 52.92 -23.55
CA GLN X 117 -40.37 52.62 -24.83
C GLN X 117 -41.05 51.44 -25.51
N ARG X 118 -41.56 50.49 -24.72
CA ARG X 118 -42.17 49.31 -25.30
C ARG X 118 -43.48 49.61 -26.03
N GLN X 119 -44.33 50.48 -25.48
CA GLN X 119 -45.52 50.84 -26.24
C GLN X 119 -45.17 51.77 -27.40
N LEU X 120 -44.04 52.49 -27.29
CA LEU X 120 -43.54 53.23 -28.45
C LEU X 120 -43.09 52.30 -29.56
N ALA X 121 -42.67 51.07 -29.21
CA ALA X 121 -42.34 50.08 -30.22
C ALA X 121 -43.57 49.66 -31.01
N LYS X 122 -44.65 49.32 -30.32
CA LYS X 122 -45.92 49.08 -31.00
C LYS X 122 -46.53 50.37 -31.57
N SER X 123 -46.12 51.54 -31.06
CA SER X 123 -46.53 52.78 -31.70
C SER X 123 -45.94 52.90 -33.09
N VAL X 124 -44.68 52.48 -33.26
CA VAL X 124 -44.08 52.47 -34.59
C VAL X 124 -44.86 51.54 -35.52
N ILE X 125 -45.36 50.43 -34.99
CA ILE X 125 -46.24 49.56 -35.78
C ILE X 125 -47.44 50.36 -36.27
N SER X 126 -48.05 51.16 -35.39
CA SER X 126 -49.09 52.07 -35.82
C SER X 126 -48.53 53.14 -36.76
N ARG X 127 -47.31 53.62 -36.48
CA ARG X 127 -46.67 54.57 -37.38
C ARG X 127 -46.38 53.92 -38.73
N VAL X 128 -45.76 52.73 -38.73
CA VAL X 128 -45.32 52.13 -39.98
C VAL X 128 -46.52 51.69 -40.81
N GLN X 129 -47.61 51.25 -40.16
CA GLN X 129 -48.82 50.93 -40.91
C GLN X 129 -49.40 52.19 -41.54
N SER X 130 -49.18 53.35 -40.94
CA SER X 130 -49.58 54.60 -41.57
C SER X 130 -48.66 54.94 -42.73
N GLU X 131 -47.42 54.45 -42.71
CA GLU X 131 -46.45 54.76 -43.77
C GLU X 131 -46.76 54.05 -45.08
N LEU X 132 -47.39 52.87 -45.04
CA LEU X 132 -47.56 52.05 -46.23
C LEU X 132 -48.82 52.36 -47.04
N GLY X 133 -49.69 53.24 -46.55
CA GLY X 133 -50.95 53.49 -47.24
C GLY X 133 -51.09 54.89 -47.81
N ASN X 134 -50.06 55.39 -48.46
CA ASN X 134 -50.01 56.77 -48.92
C ASN X 134 -49.60 56.83 -50.38
N PRO X 135 -49.99 57.89 -51.09
CA PRO X 135 -49.41 58.16 -52.41
C PRO X 135 -48.01 58.76 -52.37
N LYS X 136 -47.44 58.92 -51.17
CA LYS X 136 -46.08 59.46 -51.07
C LYS X 136 -45.06 58.56 -51.74
N PHE X 137 -45.32 57.24 -51.79
CA PHE X 137 -44.43 56.37 -52.55
C PHE X 137 -44.27 56.83 -54.00
N GLN X 138 -45.33 57.38 -54.58
CA GLN X 138 -45.20 58.05 -55.87
C GLN X 138 -44.41 59.35 -55.72
N GLU X 139 -44.71 60.12 -54.68
CA GLU X 139 -44.05 61.40 -54.48
C GLU X 139 -42.61 61.23 -54.01
N LYS X 140 -42.30 60.09 -53.36
CA LYS X 140 -40.98 59.88 -52.77
C LYS X 140 -39.88 59.71 -53.83
N VAL X 141 -40.22 59.23 -55.02
CA VAL X 141 -39.20 59.04 -56.06
C VAL X 141 -38.63 60.40 -56.49
N LEU X 142 -39.47 61.43 -56.52
CA LEU X 142 -38.98 62.78 -56.76
C LEU X 142 -38.00 63.22 -55.68
N GLN X 143 -38.20 62.74 -54.45
CA GLN X 143 -37.26 63.08 -53.38
C GLN X 143 -35.88 62.52 -53.66
N GLN X 144 -35.79 61.28 -54.16
CA GLN X 144 -34.49 60.76 -54.57
C GLN X 144 -33.91 61.57 -55.71
N SER X 145 -34.74 61.93 -56.69
CA SER X 145 -34.25 62.61 -57.89
C SER X 145 -33.59 63.94 -57.54
N ILE X 146 -34.25 64.73 -56.69
CA ILE X 146 -33.65 65.99 -56.25
C ILE X 146 -32.44 65.72 -55.35
N SER X 147 -32.52 64.67 -54.53
CA SER X 147 -31.43 64.36 -53.62
C SER X 147 -30.20 63.88 -54.37
N GLU X 148 -30.37 62.95 -55.31
CA GLU X 148 -29.22 62.43 -56.04
C GLU X 148 -28.57 63.52 -56.89
N ILE X 149 -29.36 64.49 -57.36
CA ILE X 149 -28.80 65.64 -58.05
C ILE X 149 -27.90 66.43 -57.10
N GLU X 150 -28.38 66.68 -55.87
CA GLU X 150 -27.58 67.39 -54.89
C GLU X 150 -26.34 66.60 -54.50
N GLN X 151 -26.39 65.27 -54.63
CA GLN X 151 -25.26 64.44 -54.20
C GLN X 151 -24.09 64.57 -55.16
N LEU X 152 -24.29 64.22 -56.43
CA LEU X 152 -23.17 64.21 -57.37
C LEU X 152 -22.76 65.61 -57.79
N LEU X 153 -23.69 66.57 -57.78
CA LEU X 153 -23.32 67.96 -58.08
C LEU X 153 -22.32 68.50 -57.06
N SER X 154 -22.34 67.96 -55.83
CA SER X 154 -21.33 68.32 -54.85
C SER X 154 -19.94 67.93 -55.33
N LYS X 155 -19.82 66.75 -55.94
CA LYS X 155 -18.55 66.30 -56.51
C LYS X 155 -18.25 67.06 -57.80
N ALA Y 1 -9.87 52.58 24.08
CA ALA Y 1 -11.11 52.21 24.74
C ALA Y 1 -11.46 50.75 24.48
N LYS Y 2 -11.65 50.41 23.20
CA LYS Y 2 -11.95 49.03 22.84
C LYS Y 2 -10.79 48.11 23.22
N SER Y 3 -9.56 48.53 22.92
CA SER Y 3 -8.40 47.75 23.33
C SER Y 3 -8.16 47.86 24.83
N ALA Y 4 -8.63 48.96 25.44
CA ALA Y 4 -8.51 49.11 26.89
C ALA Y 4 -9.54 48.26 27.62
N ALA Y 5 -10.72 48.06 27.03
CA ALA Y 5 -11.76 47.28 27.69
C ALA Y 5 -11.33 45.84 27.90
N ASN Y 6 -10.73 45.23 26.87
CA ASN Y 6 -10.26 43.86 27.00
C ASN Y 6 -8.81 43.78 27.48
N LYS Y 7 -8.13 44.91 27.65
CA LYS Y 7 -6.78 44.88 28.21
C LYS Y 7 -6.80 44.33 29.63
N LEU Y 8 -7.78 44.74 30.44
CA LEU Y 8 -7.94 44.18 31.78
C LEU Y 8 -8.53 42.78 31.75
N ASP Y 9 -9.11 42.37 30.62
CA ASP Y 9 -9.54 40.98 30.45
C ASP Y 9 -8.36 40.02 30.34
N TRP Y 10 -7.23 40.48 29.80
CA TRP Y 10 -6.03 39.65 29.81
C TRP Y 10 -5.42 39.58 31.20
N ALA Y 11 -5.86 40.44 32.12
CA ALA Y 11 -5.46 40.30 33.52
C ALA Y 11 -6.22 39.19 34.23
N LYS Y 12 -7.52 39.01 33.93
CA LYS Y 12 -8.29 37.99 34.63
C LYS Y 12 -7.95 36.58 34.13
N VAL Y 13 -7.52 36.45 32.88
CA VAL Y 13 -7.09 35.14 32.40
C VAL Y 13 -5.83 34.69 33.14
N ILE Y 14 -4.94 35.64 33.47
CA ILE Y 14 -3.84 35.33 34.37
C ILE Y 14 -4.37 35.05 35.76
N SER Y 15 -5.39 35.79 36.20
CA SER Y 15 -6.04 35.52 37.47
C SER Y 15 -6.84 34.22 37.45
N SER Y 16 -7.13 33.69 36.26
CA SER Y 16 -7.93 32.49 36.11
C SER Y 16 -7.14 31.20 36.30
N LEU Y 17 -5.81 31.27 36.37
CA LEU Y 17 -5.04 30.05 36.59
C LEU Y 17 -5.26 29.49 37.98
N ARG Y 18 -5.39 30.36 38.99
CA ARG Y 18 -5.66 29.91 40.35
C ARG Y 18 -7.13 29.63 40.61
N ILE Y 19 -8.03 30.09 39.73
CA ILE Y 19 -9.46 29.97 39.93
C ILE Y 19 -10.01 29.26 38.68
N THR Y 20 -10.21 27.95 38.80
CA THR Y 20 -10.53 27.10 37.65
C THR Y 20 -11.98 26.64 37.74
N GLY Y 21 -12.75 26.89 36.68
CA GLY Y 21 -14.15 26.51 36.66
C GLY Y 21 -15.09 27.69 36.79
N SER Y 22 -14.64 28.86 36.33
CA SER Y 22 -15.42 30.08 36.42
C SER Y 22 -16.68 29.96 35.57
N THR Y 23 -17.84 29.94 36.23
CA THR Y 23 -19.09 29.66 35.53
C THR Y 23 -19.48 30.79 34.58
N ALA Y 24 -19.44 32.04 35.06
CA ALA Y 24 -19.98 33.15 34.29
C ALA Y 24 -19.05 34.34 34.10
N THR Y 25 -17.92 34.41 34.81
CA THR Y 25 -17.01 35.52 34.60
C THR Y 25 -16.46 35.52 33.17
N GLN Y 26 -16.06 34.34 32.69
CA GLN Y 26 -15.68 34.22 31.28
C GLN Y 26 -16.89 34.44 30.37
N LEU Y 27 -18.06 33.98 30.79
CA LEU Y 27 -19.28 34.25 30.04
C LEU Y 27 -19.60 35.73 30.01
N SER Y 28 -19.43 36.41 31.16
CA SER Y 28 -19.59 37.85 31.19
C SER Y 28 -18.56 38.54 30.31
N SER Y 29 -17.31 38.06 30.34
CA SER Y 29 -16.32 38.54 29.40
C SER Y 29 -16.72 38.17 27.97
N PHE Y 30 -17.24 36.96 27.78
CA PHE Y 30 -17.78 36.58 26.48
C PHE Y 30 -18.96 37.47 26.10
N LYS Y 31 -19.84 37.75 27.06
CA LYS Y 31 -20.95 38.65 26.78
C LYS Y 31 -20.47 40.06 26.47
N LYS Y 32 -19.47 40.54 27.20
CA LYS Y 32 -18.94 41.88 26.93
C LYS Y 32 -18.10 41.90 25.66
N ARG Y 33 -17.74 40.75 25.11
CA ARG Y 33 -17.16 40.71 23.78
C ARG Y 33 -18.22 40.50 22.71
N ASN Y 34 -19.27 39.74 23.04
CA ASN Y 34 -20.34 39.48 22.06
C ASN Y 34 -21.06 40.77 21.69
N ASP Y 35 -21.46 41.55 22.70
CA ASP Y 35 -22.17 42.80 22.40
C ASP Y 35 -21.21 43.84 21.82
N GLU Y 36 -19.98 43.91 22.33
CA GLU Y 36 -19.03 44.90 21.83
C GLU Y 36 -18.68 44.63 20.38
N ALA Y 37 -18.46 43.36 20.02
CA ALA Y 37 -18.24 43.02 18.62
C ALA Y 37 -19.43 43.44 17.76
N ARG Y 38 -20.64 43.30 18.31
CA ARG Y 38 -21.83 43.81 17.64
C ARG Y 38 -21.82 45.33 17.52
N ARG Y 39 -21.04 46.03 18.36
CA ARG Y 39 -21.01 47.48 18.32
C ARG Y 39 -20.21 48.00 17.15
N GLN Y 40 -18.97 47.51 16.98
CA GLN Y 40 -18.14 48.00 15.89
C GLN Y 40 -18.76 47.69 14.53
N LEU Y 41 -19.30 46.48 14.37
CA LEU Y 41 -19.96 46.17 13.11
C LEU Y 41 -21.16 47.07 12.87
N LEU Y 42 -21.91 47.38 13.94
CA LEU Y 42 -23.10 48.21 13.80
C LEU Y 42 -22.75 49.62 13.31
N GLU Y 43 -21.71 50.23 13.87
CA GLU Y 43 -21.36 51.60 13.51
C GLU Y 43 -20.66 51.68 12.16
N LEU Y 44 -19.88 50.67 11.79
CA LEU Y 44 -19.22 50.68 10.48
C LEU Y 44 -20.22 50.49 9.34
N GLN Y 45 -21.22 49.63 9.53
CA GLN Y 45 -22.25 49.49 8.51
C GLN Y 45 -23.29 50.61 8.58
N SER Y 46 -23.20 51.47 9.58
CA SER Y 46 -24.18 52.55 9.74
C SER Y 46 -23.90 53.66 8.74
N GLN Y 47 -24.71 53.73 7.69
CA GLN Y 47 -24.72 54.87 6.80
C GLN Y 47 -25.29 56.07 7.54
N PRO Y 48 -25.03 57.30 7.06
CA PRO Y 48 -25.75 58.44 7.64
C PRO Y 48 -27.24 58.29 7.42
N THR Y 49 -28.00 58.16 8.52
CA THR Y 49 -29.39 57.74 8.47
C THR Y 49 -30.22 58.89 7.89
N GLU Y 50 -30.16 59.04 6.58
CA GLU Y 50 -30.84 60.11 5.88
C GLU Y 50 -31.01 59.73 4.42
N VAL Y 51 -31.94 60.41 3.76
CA VAL Y 51 -32.19 60.24 2.33
C VAL Y 51 -31.65 61.47 1.62
N ASP Y 52 -30.81 61.25 0.61
CA ASP Y 52 -30.15 62.35 -0.08
C ASP Y 52 -31.18 63.10 -0.91
N PHE Y 53 -31.73 64.17 -0.35
CA PHE Y 53 -32.65 65.01 -1.09
C PHE Y 53 -32.00 65.61 -2.33
N SER Y 54 -30.67 65.78 -2.30
CA SER Y 54 -29.96 66.31 -3.46
C SER Y 54 -29.90 65.28 -4.58
N HIS Y 55 -29.27 64.13 -4.32
CA HIS Y 55 -29.08 63.09 -5.32
C HIS Y 55 -30.16 62.01 -5.26
N TYR Y 56 -30.27 61.31 -4.13
CA TYR Y 56 -31.13 60.14 -4.03
C TYR Y 56 -32.60 60.47 -4.16
N ARG Y 57 -32.99 61.73 -4.01
CA ARG Y 57 -34.37 62.13 -4.26
C ARG Y 57 -34.57 62.64 -5.67
N SER Y 58 -33.59 63.39 -6.21
CA SER Y 58 -33.71 63.94 -7.55
C SER Y 58 -33.61 62.88 -8.64
N VAL Y 59 -33.15 61.67 -8.32
CA VAL Y 59 -33.15 60.60 -9.32
C VAL Y 59 -34.57 60.22 -9.69
N LEU Y 60 -35.53 60.44 -8.80
CA LEU Y 60 -36.93 60.12 -9.04
C LEU Y 60 -37.66 61.39 -9.49
N LYS Y 61 -38.10 61.41 -10.74
CA LYS Y 61 -38.90 62.50 -11.27
C LYS Y 61 -40.37 62.39 -10.90
N ASN Y 62 -40.76 61.31 -10.24
CA ASN Y 62 -42.13 61.09 -9.80
C ASN Y 62 -42.13 60.97 -8.28
N THR Y 63 -41.52 61.95 -7.62
CA THR Y 63 -41.13 61.84 -6.22
C THR Y 63 -42.29 61.47 -5.31
N SER Y 64 -43.18 62.42 -5.04
CA SER Y 64 -44.52 62.18 -4.52
C SER Y 64 -44.56 61.51 -3.14
N VAL Y 65 -43.45 60.94 -2.67
CA VAL Y 65 -43.44 60.28 -1.37
C VAL Y 65 -42.17 60.60 -0.58
N ILE Y 66 -41.12 61.06 -1.26
CA ILE Y 66 -39.83 61.21 -0.59
C ILE Y 66 -39.89 62.31 0.46
N ASP Y 67 -40.54 63.43 0.12
CA ASP Y 67 -40.70 64.50 1.10
C ASP Y 67 -41.49 64.01 2.31
N LYS Y 68 -42.52 63.20 2.08
CA LYS Y 68 -43.21 62.53 3.17
C LYS Y 68 -42.27 61.60 3.91
N ILE Y 69 -41.48 60.82 3.17
CA ILE Y 69 -40.52 59.91 3.78
C ILE Y 69 -39.41 60.69 4.47
N GLU Y 70 -38.90 61.74 3.82
CA GLU Y 70 -37.89 62.58 4.46
C GLU Y 70 -38.43 63.22 5.73
N SER Y 71 -39.66 63.72 5.68
CA SER Y 71 -40.30 64.22 6.89
C SER Y 71 -40.51 63.09 7.90
N TYR Y 72 -40.87 61.90 7.42
CA TYR Y 72 -41.04 60.77 8.32
C TYR Y 72 -39.76 60.41 9.05
N VAL Y 73 -38.61 60.56 8.38
CA VAL Y 73 -37.33 60.39 9.05
C VAL Y 73 -37.12 61.51 10.06
N LYS Y 74 -37.48 62.74 9.69
CA LYS Y 74 -37.24 63.88 10.56
C LYS Y 74 -38.17 63.90 11.76
N GLN Y 75 -39.43 63.48 11.61
CA GLN Y 75 -40.34 63.45 12.75
C GLN Y 75 -39.89 62.41 13.77
N TYR Y 76 -39.28 61.33 13.30
CA TYR Y 76 -38.71 60.31 14.18
C TYR Y 76 -37.19 60.45 14.31
N LYS Y 77 -36.63 61.59 13.92
CA LYS Y 77 -35.21 61.83 14.14
C LYS Y 77 -34.81 61.66 15.60
N PRO Y 78 -35.57 62.15 16.61
CA PRO Y 78 -35.32 61.68 17.99
C PRO Y 78 -35.95 60.30 18.22
N VAL Y 79 -35.21 59.26 17.82
CA VAL Y 79 -35.75 57.90 17.82
C VAL Y 79 -36.12 57.47 19.24
N LYS Y 80 -35.13 57.40 20.12
CA LYS Y 80 -35.35 56.96 21.49
C LYS Y 80 -34.08 57.22 22.29
N ILE Y 81 -34.24 57.61 23.54
CA ILE Y 81 -33.12 57.96 24.41
C ILE Y 81 -32.43 56.68 24.89
N ASP Y 82 -31.24 56.83 25.45
CA ASP Y 82 -30.55 55.73 26.09
C ASP Y 82 -31.26 55.35 27.39
N ALA Y 83 -30.95 54.17 27.89
CA ALA Y 83 -31.53 53.65 29.13
C ALA Y 83 -30.40 53.45 30.15
N SER Y 84 -30.07 54.52 30.87
CA SER Y 84 -29.13 54.44 31.98
C SER Y 84 -29.87 54.24 33.30
N LYS Y 85 -30.76 53.25 33.32
CA LYS Y 85 -31.61 53.03 34.48
C LYS Y 85 -30.82 52.47 35.66
N GLN Y 86 -29.81 51.67 35.39
CA GLN Y 86 -29.04 51.02 36.45
C GLN Y 86 -28.20 52.07 37.18
N LEU Y 87 -28.71 52.54 38.32
CA LEU Y 87 -27.95 53.42 39.19
C LEU Y 87 -28.12 53.05 40.66
N GLN Y 88 -28.86 51.98 40.96
CA GLN Y 88 -29.06 51.50 42.31
C GLN Y 88 -28.71 50.03 42.49
N VAL Y 89 -28.91 49.21 41.46
CA VAL Y 89 -28.61 47.79 41.55
C VAL Y 89 -27.21 47.47 41.02
N ILE Y 90 -26.71 48.24 40.06
CA ILE Y 90 -25.38 47.99 39.51
C ILE Y 90 -24.32 48.17 40.59
N GLU Y 91 -24.43 49.22 41.39
CA GLU Y 91 -23.50 49.42 42.49
C GLU Y 91 -23.75 48.45 43.63
N SER Y 92 -24.97 47.90 43.72
CA SER Y 92 -25.25 46.88 44.72
C SER Y 92 -24.45 45.61 44.45
N PHE Y 93 -24.21 45.29 43.17
CA PHE Y 93 -23.24 44.26 42.85
C PHE Y 93 -21.85 44.70 43.30
N GLU Y 94 -21.51 45.97 43.10
CA GLU Y 94 -20.23 46.48 43.54
C GLU Y 94 -20.12 46.54 45.06
N LYS Y 95 -21.20 46.88 45.76
CA LYS Y 95 -21.12 46.97 47.22
C LYS Y 95 -20.82 45.60 47.84
N HIS Y 96 -21.32 44.53 47.23
CA HIS Y 96 -20.87 43.20 47.60
C HIS Y 96 -19.43 42.98 47.16
N ALA Y 97 -19.02 43.63 46.07
CA ALA Y 97 -17.65 43.49 45.57
C ALA Y 97 -16.66 44.16 46.51
N MET Y 98 -16.98 45.35 47.02
CA MET Y 98 -16.11 45.95 48.04
C MET Y 98 -16.10 45.12 49.31
N THR Y 99 -17.25 44.57 49.70
CA THR Y 99 -17.33 43.84 50.97
C THR Y 99 -16.45 42.60 50.96
N ASN Y 100 -16.60 41.76 49.93
CA ASN Y 100 -15.88 40.50 49.90
C ASN Y 100 -14.41 40.66 49.54
N ALA Y 101 -14.08 41.58 48.63
CA ALA Y 101 -12.68 41.76 48.23
C ALA Y 101 -11.84 42.26 49.40
N LYS Y 102 -12.35 43.24 50.13
CA LYS Y 102 -11.61 43.75 51.29
C LYS Y 102 -11.60 42.75 52.42
N GLU Y 103 -12.65 41.93 52.55
CA GLU Y 103 -12.60 40.81 53.48
C GLU Y 103 -11.49 39.83 53.09
N THR Y 104 -11.37 39.54 51.80
CA THR Y 104 -10.29 38.68 51.33
C THR Y 104 -8.93 39.37 51.49
N GLU Y 105 -8.84 40.63 51.08
CA GLU Y 105 -7.55 41.32 51.10
C GLU Y 105 -7.05 41.53 52.52
N SER Y 106 -7.96 41.85 53.45
CA SER Y 106 -7.56 41.99 54.85
C SER Y 106 -7.04 40.68 55.41
N LEU Y 107 -7.70 39.57 55.05
CA LEU Y 107 -7.26 38.27 55.55
C LEU Y 107 -5.92 37.86 54.96
N VAL Y 108 -5.78 37.96 53.63
CA VAL Y 108 -4.54 37.51 52.99
C VAL Y 108 -3.37 38.39 53.40
N SER Y 109 -3.60 39.69 53.56
CA SER Y 109 -2.54 40.58 54.03
C SER Y 109 -2.10 40.21 55.44
N LYS Y 110 -3.06 39.90 56.31
CA LYS Y 110 -2.73 39.47 57.66
C LYS Y 110 -2.04 38.10 57.65
N GLU Y 111 -2.55 37.17 56.85
CA GLU Y 111 -2.04 35.80 56.90
C GLU Y 111 -0.65 35.69 56.26
N LEU Y 112 -0.36 36.49 55.24
CA LEU Y 112 0.95 36.39 54.60
C LEU Y 112 2.07 36.75 55.58
N LYS Y 113 1.86 37.78 56.41
CA LYS Y 113 2.83 38.11 57.44
C LYS Y 113 2.73 37.15 58.63
N ASP Y 114 1.52 36.74 58.99
CA ASP Y 114 1.35 35.79 60.09
C ASP Y 114 2.01 34.46 59.78
N LEU Y 115 1.82 33.97 58.55
CA LEU Y 115 2.45 32.71 58.15
C LEU Y 115 3.95 32.89 57.92
N GLN Y 116 4.38 34.08 57.49
CA GLN Y 116 5.81 34.35 57.36
C GLN Y 116 6.49 34.32 58.73
N SER Y 117 5.84 34.88 59.75
CA SER Y 117 6.37 34.80 61.11
C SER Y 117 6.45 33.35 61.57
N THR Y 118 5.53 32.50 61.10
CA THR Y 118 5.59 31.08 61.42
C THR Y 118 6.86 30.44 60.86
N LEU Y 119 7.25 30.83 59.63
CA LEU Y 119 8.50 30.34 59.07
C LEU Y 119 9.69 30.82 59.88
N ASP Y 120 9.71 32.11 60.22
CA ASP Y 120 10.75 32.62 61.11
C ASP Y 120 10.66 32.00 62.49
N ASN Y 121 9.45 31.60 62.91
CA ASN Y 121 9.28 30.91 64.18
C ASN Y 121 9.94 29.54 64.15
N ILE Y 122 9.75 28.78 63.06
CA ILE Y 122 10.18 27.40 63.04
C ILE Y 122 11.69 27.28 62.79
N GLN Y 123 12.29 28.21 62.06
CA GLN Y 123 13.69 28.07 61.68
C GLN Y 123 14.62 28.16 62.89
N SER Y 124 14.25 28.93 63.90
CA SER Y 124 15.11 29.15 65.07
C SER Y 124 14.52 28.58 66.35
N ALA Y 125 13.48 27.74 66.24
CA ALA Y 125 12.84 27.12 67.39
C ALA Y 125 12.60 25.64 67.13
N ARG Y 126 13.67 24.94 66.72
CA ARG Y 126 13.62 23.52 66.40
C ARG Y 126 14.35 22.70 67.45
N PRO Y 127 13.66 22.26 68.53
CA PRO Y 127 14.29 21.39 69.54
C PRO Y 127 14.23 19.90 69.18
N PHE Y 128 14.71 19.57 67.98
CA PHE Y 128 14.62 18.18 67.53
C PHE Y 128 15.52 17.24 68.33
N ASP Y 129 16.41 17.78 69.17
CA ASP Y 129 17.25 16.96 70.02
C ASP Y 129 17.10 17.26 71.50
N GLU Y 130 16.34 18.30 71.89
CA GLU Y 130 16.26 18.70 73.29
C GLU Y 130 14.84 19.07 73.72
N LEU Y 131 13.82 18.71 72.93
CA LEU Y 131 12.44 19.00 73.33
C LEU Y 131 11.98 18.04 74.41
N THR Y 132 11.06 18.52 75.25
CA THR Y 132 10.51 17.72 76.34
C THR Y 132 9.12 17.22 75.96
N VAL Y 133 8.85 15.94 76.23
CA VAL Y 133 7.51 15.41 76.01
C VAL Y 133 6.51 16.06 76.95
N ASP Y 134 6.93 16.36 78.19
CA ASP Y 134 6.07 17.13 79.09
C ASP Y 134 5.84 18.54 78.55
N ASP Y 135 6.82 19.08 77.82
CA ASP Y 135 6.59 20.33 77.11
C ASP Y 135 5.57 20.14 76.00
N LEU Y 136 5.55 18.96 75.38
CA LEU Y 136 4.50 18.65 74.41
C LEU Y 136 3.15 18.50 75.09
N THR Y 137 3.13 18.01 76.33
CA THR Y 137 1.91 18.08 77.12
C THR Y 137 1.47 19.51 77.33
N LYS Y 138 2.43 20.39 77.62
CA LYS Y 138 2.11 21.81 77.85
C LYS Y 138 1.63 22.48 76.57
N ILE Y 139 2.26 22.17 75.43
CA ILE Y 139 1.93 22.86 74.18
C ILE Y 139 0.56 22.42 73.68
N LYS Y 140 0.18 21.17 73.92
CA LYS Y 140 -1.14 20.67 73.57
C LYS Y 140 -1.68 19.79 74.69
N PRO Y 141 -2.77 20.21 75.35
CA PRO Y 141 -3.42 19.28 76.30
C PRO Y 141 -4.01 18.06 75.61
N GLU Y 142 -4.23 18.12 74.30
CA GLU Y 142 -4.73 16.95 73.57
C GLU Y 142 -3.72 15.80 73.63
N ILE Y 143 -2.43 16.12 73.55
CA ILE Y 143 -1.40 15.10 73.73
C ILE Y 143 -1.54 14.47 75.11
N ASP Y 144 -1.79 15.30 76.12
CA ASP Y 144 -2.10 14.77 77.46
C ASP Y 144 -3.43 14.04 77.46
N ALA Y 145 -4.45 14.63 76.83
CA ALA Y 145 -5.79 14.06 76.88
C ALA Y 145 -5.87 12.71 76.19
N LYS Y 146 -5.19 12.55 75.05
CA LYS Y 146 -5.34 11.35 74.24
C LYS Y 146 -4.72 10.11 74.86
N VAL Y 147 -3.97 10.25 75.96
CA VAL Y 147 -3.30 9.11 76.56
C VAL Y 147 -4.16 8.45 77.64
N GLU Y 148 -4.94 9.24 78.39
CA GLU Y 148 -5.72 8.67 79.48
C GLU Y 148 -6.82 7.75 78.97
N GLU Y 149 -7.72 8.28 78.12
CA GLU Y 149 -8.82 7.46 77.62
C GLU Y 149 -8.32 6.31 76.77
N MET Y 150 -7.07 6.37 76.30
CA MET Y 150 -6.46 5.23 75.63
C MET Y 150 -6.41 4.01 76.55
N VAL Y 151 -5.99 4.19 77.79
CA VAL Y 151 -5.89 3.09 78.74
C VAL Y 151 -7.26 2.64 79.22
N LYS Y 152 -8.13 3.60 79.55
CA LYS Y 152 -9.45 3.26 80.10
C LYS Y 152 -10.29 2.50 79.09
N LYS Y 153 -10.27 2.90 77.82
CA LYS Y 153 -11.09 2.23 76.82
C LYS Y 153 -10.52 0.88 76.40
N GLY Y 154 -9.27 0.58 76.76
CA GLY Y 154 -8.70 -0.73 76.54
C GLY Y 154 -7.78 -0.85 75.33
N LYS Y 155 -7.45 0.25 74.66
CA LYS Y 155 -6.56 0.20 73.50
C LYS Y 155 -5.10 0.19 73.96
N TRP Y 156 -4.76 -0.86 74.71
CA TRP Y 156 -3.43 -0.93 75.34
C TRP Y 156 -2.33 -0.97 74.29
N ASP Y 157 -2.52 -1.77 73.24
CA ASP Y 157 -1.52 -1.85 72.18
C ASP Y 157 -1.51 -0.56 71.36
N VAL Y 158 -0.31 -0.10 71.02
CA VAL Y 158 -0.14 1.14 70.26
C VAL Y 158 0.62 0.86 68.98
N PRO Y 159 -0.02 0.93 67.81
CA PRO Y 159 0.70 0.78 66.55
C PRO Y 159 1.35 2.08 66.10
N GLY Y 160 1.93 2.10 64.91
CA GLY Y 160 2.52 3.30 64.37
C GLY Y 160 3.90 3.61 64.89
N TYR Y 161 4.65 2.59 65.33
CA TYR Y 161 6.01 2.78 65.81
C TYR Y 161 7.05 2.12 64.91
N LYS Y 162 6.83 0.85 64.53
CA LYS Y 162 7.80 0.11 63.74
C LYS Y 162 8.01 0.75 62.37
N ASP Y 163 7.08 1.58 61.89
CA ASP Y 163 7.26 2.26 60.62
C ASP Y 163 8.45 3.21 60.65
N ARG Y 164 8.62 3.94 61.76
CA ARG Y 164 9.66 4.94 61.88
C ARG Y 164 10.94 4.36 62.47
N PHE Y 165 10.85 3.86 63.69
CA PHE Y 165 11.97 3.20 64.36
C PHE Y 165 11.74 1.69 64.30
N GLY Y 166 12.79 0.95 63.95
CA GLY Y 166 12.74 -0.49 64.11
C GLY Y 166 12.54 -0.86 65.57
N ASN Y 167 11.95 -2.04 65.78
CA ASN Y 167 11.70 -2.50 67.13
C ASN Y 167 13.00 -2.73 67.91
N LEU Y 168 14.13 -2.79 67.21
CA LEU Y 168 15.44 -2.99 67.81
C LEU Y 168 15.44 -4.30 68.60
N ASN Y 169 15.25 -5.38 67.86
CA ASN Y 169 15.27 -6.71 68.45
C ASN Y 169 16.71 -7.21 68.51
N VAL Y 170 17.06 -7.80 69.65
CA VAL Y 170 18.43 -8.25 69.89
C VAL Y 170 18.69 -9.49 69.05
N MET Y 171 19.41 -9.31 67.93
CA MET Y 171 19.76 -10.41 67.03
C MET Y 171 18.54 -11.21 66.59
N GLN Z 1 -35.86 66.23 -45.57
CA GLN Z 1 -36.89 66.05 -46.59
C GLN Z 1 -38.17 65.44 -46.01
N ASP Z 2 -39.21 65.43 -46.86
CA ASP Z 2 -40.58 65.24 -46.39
C ASP Z 2 -40.81 63.87 -45.74
N LEU Z 3 -40.24 62.81 -46.33
CA LEU Z 3 -40.50 61.46 -45.81
C LEU Z 3 -40.01 61.30 -44.37
N TYR Z 4 -39.03 62.09 -43.95
CA TYR Z 4 -38.69 62.14 -42.53
C TYR Z 4 -39.58 63.11 -41.79
N LEU Z 5 -39.91 64.25 -42.41
CA LEU Z 5 -40.79 65.22 -41.75
C LEU Z 5 -42.15 64.62 -41.48
N ARG Z 6 -42.69 63.84 -42.43
CA ARG Z 6 -44.02 63.28 -42.26
C ARG Z 6 -44.04 62.22 -41.15
N GLU Z 7 -42.99 61.39 -41.08
CA GLU Z 7 -42.91 60.46 -39.96
C GLU Z 7 -42.60 61.20 -38.65
N LEU Z 8 -41.84 62.28 -38.73
CA LEU Z 8 -41.72 63.18 -37.57
C LEU Z 8 -43.09 63.76 -37.22
N LYS Z 9 -43.86 64.14 -38.23
CA LYS Z 9 -45.25 64.51 -38.00
C LYS Z 9 -46.04 63.33 -37.45
N ASP Z 10 -45.76 62.12 -37.95
CA ASP Z 10 -46.45 60.93 -37.45
C ASP Z 10 -46.14 60.72 -35.97
N THR Z 11 -44.94 61.09 -35.53
CA THR Z 11 -44.63 61.05 -34.10
C THR Z 11 -45.39 62.11 -33.32
N LYS Z 12 -46.01 63.07 -34.01
CA LYS Z 12 -46.82 64.10 -33.36
C LYS Z 12 -48.32 63.87 -33.55
N LEU Z 13 -48.70 62.68 -34.03
CA LEU Z 13 -50.11 62.30 -34.10
C LEU Z 13 -50.41 61.05 -33.28
N ALA Z 14 -49.72 59.94 -33.55
CA ALA Z 14 -50.05 58.70 -32.84
C ALA Z 14 -49.51 58.73 -31.41
N PRO Z 15 -48.22 58.99 -31.16
CA PRO Z 15 -47.74 59.02 -29.79
C PRO Z 15 -47.84 60.39 -29.12
N SER Z 16 -48.33 61.41 -29.82
CA SER Z 16 -48.53 62.71 -29.19
C SER Z 16 -49.56 62.63 -28.07
N THR Z 17 -50.66 61.91 -28.31
CA THR Z 17 -51.67 61.68 -27.29
C THR Z 17 -51.27 60.59 -26.31
N LEU Z 18 -50.25 59.79 -26.64
CA LEU Z 18 -49.85 58.69 -25.77
C LEU Z 18 -49.15 59.20 -24.52
N GLN Z 19 -48.02 59.89 -24.69
CA GLN Z 19 -47.27 60.40 -23.55
C GLN Z 19 -47.00 61.89 -23.67
N ASP Z 20 -46.86 62.39 -24.90
CA ASP Z 20 -46.64 63.82 -25.10
C ASP Z 20 -47.83 64.63 -24.59
N ALA Z 21 -49.03 64.15 -24.85
CA ALA Z 21 -50.27 64.69 -24.28
C ALA Z 21 -51.00 63.57 -23.55
N GLU Z 22 -52.17 63.89 -23.00
CA GLU Z 22 -52.95 62.91 -22.26
C GLU Z 22 -54.32 62.73 -22.90
N GLY Z 23 -54.36 62.61 -24.23
CA GLY Z 23 -55.60 62.35 -24.93
C GLY Z 23 -55.88 60.87 -25.10
N ASN Z 24 -55.48 60.08 -24.09
CA ASN Z 24 -55.64 58.62 -24.08
C ASN Z 24 -54.94 58.07 -25.32
N VAL Z 25 -55.59 57.22 -26.11
CA VAL Z 25 -54.96 56.61 -27.28
C VAL Z 25 -56.03 56.14 -28.25
N LYS Z 26 -55.89 56.49 -29.53
CA LYS Z 26 -56.89 56.12 -30.53
C LYS Z 26 -56.74 54.69 -31.03
N PRO Z 27 -55.55 54.25 -31.46
CA PRO Z 27 -55.45 52.88 -32.00
C PRO Z 27 -55.77 51.79 -31.00
N TRP Z 28 -55.46 51.98 -29.72
CA TRP Z 28 -55.67 50.94 -28.72
C TRP Z 28 -57.13 50.94 -28.25
N ASN Z 29 -57.68 49.74 -28.10
CA ASN Z 29 -59.00 49.59 -27.48
C ASN Z 29 -58.89 49.71 -25.96
N PRO Z 30 -57.96 49.01 -25.29
CA PRO Z 30 -57.78 49.24 -23.86
C PRO Z 30 -57.27 50.65 -23.61
N PRO Z 31 -57.70 51.29 -22.53
CA PRO Z 31 -57.24 52.64 -22.23
C PRO Z 31 -55.84 52.65 -21.64
N GLN Z 32 -55.20 53.83 -21.75
CA GLN Z 32 -53.86 54.01 -21.21
C GLN Z 32 -53.85 54.63 -19.82
N LYS Z 33 -54.92 55.31 -19.42
CA LYS Z 33 -54.93 56.06 -18.17
C LYS Z 33 -55.12 55.20 -16.94
N PRO Z 34 -56.11 54.29 -16.88
CA PRO Z 34 -56.27 53.51 -15.64
C PRO Z 34 -55.38 52.28 -15.59
N ASN Z 35 -54.13 52.39 -16.01
CA ASN Z 35 -53.15 51.34 -15.75
C ASN Z 35 -51.95 51.85 -14.94
N LEU Z 36 -51.21 52.82 -15.45
CA LEU Z 36 -49.96 53.27 -14.81
C LEU Z 36 -50.17 54.31 -13.71
N PRO Z 37 -50.90 55.40 -13.93
CA PRO Z 37 -50.97 56.46 -12.92
C PRO Z 37 -51.93 56.22 -11.77
N GLU Z 38 -52.81 55.23 -11.83
CA GLU Z 38 -53.69 54.93 -10.71
C GLU Z 38 -53.53 53.52 -10.19
N LEU Z 39 -53.51 52.52 -11.07
CA LEU Z 39 -53.36 51.14 -10.63
C LEU Z 39 -51.90 50.80 -10.37
N GLU Z 40 -51.00 51.31 -11.22
CA GLU Z 40 -49.58 51.03 -11.10
C GLU Z 40 -48.82 52.14 -10.37
N LEU Z 41 -49.49 53.25 -10.03
CA LEU Z 41 -48.85 54.22 -9.15
C LEU Z 41 -48.60 53.60 -7.78
N GLN Z 42 -49.54 52.81 -7.28
CA GLN Z 42 -49.31 51.95 -6.13
C GLN Z 42 -48.61 50.66 -6.51
N GLY Z 43 -48.27 50.49 -7.79
CA GLY Z 43 -47.57 49.33 -8.27
C GLY Z 43 -46.24 49.07 -7.60
N PRO Z 44 -45.39 50.09 -7.44
CA PRO Z 44 -44.16 49.88 -6.67
C PRO Z 44 -44.42 49.41 -5.26
N GLU Z 45 -45.46 49.93 -4.61
CA GLU Z 45 -45.87 49.45 -3.30
C GLU Z 45 -46.87 48.30 -3.40
N ALA Z 46 -47.29 47.93 -4.61
CA ALA Z 46 -47.93 46.65 -4.83
C ALA Z 46 -46.93 45.52 -5.04
N LEU Z 47 -45.66 45.87 -5.26
CA LEU Z 47 -44.58 44.89 -5.34
C LEU Z 47 -43.95 44.68 -3.97
N LYS Z 48 -43.77 45.75 -3.21
CA LYS Z 48 -43.33 45.68 -1.82
C LYS Z 48 -44.54 45.72 -0.90
N ALA Z 49 -44.28 45.76 0.40
CA ALA Z 49 -45.34 45.74 1.40
C ALA Z 49 -45.81 47.15 1.75
N TYR Z 50 -47.10 47.31 1.95
CA TYR Z 50 -47.69 48.60 2.26
C TYR Z 50 -48.02 48.70 3.75
N THR Z 51 -48.17 49.95 4.20
CA THR Z 51 -48.63 50.37 5.53
C THR Z 51 -47.78 49.77 6.66
N GLU Z 52 -46.69 49.11 6.31
CA GLU Z 52 -45.76 48.58 7.30
C GLU Z 52 -44.32 49.00 7.06
N GLN Z 53 -43.87 49.04 5.81
CA GLN Z 53 -42.51 49.43 5.49
C GLN Z 53 -42.42 50.58 4.51
N ASN Z 54 -43.51 50.91 3.80
CA ASN Z 54 -43.56 52.19 3.08
C ASN Z 54 -43.90 53.33 4.04
N VAL Z 55 -44.88 53.12 4.91
CA VAL Z 55 -45.05 53.98 6.07
C VAL Z 55 -43.81 53.90 6.94
N GLU Z 56 -43.11 52.76 6.89
CA GLU Z 56 -41.83 52.43 7.52
C GLU Z 56 -41.98 52.14 9.01
N THR Z 57 -43.14 52.37 9.61
CA THR Z 57 -43.44 51.99 11.00
C THR Z 57 -42.28 52.35 11.94
N ALA Z 58 -42.07 53.66 12.10
CA ALA Z 58 -41.01 54.11 12.98
C ALA Z 58 -41.37 53.74 14.41
N HIS Z 59 -40.90 52.57 14.85
CA HIS Z 59 -41.35 51.95 16.07
C HIS Z 59 -40.37 52.23 17.21
N VAL Z 60 -40.92 52.53 18.38
CA VAL Z 60 -40.09 52.69 19.57
C VAL Z 60 -39.45 51.35 19.91
N ALA Z 61 -38.14 51.37 20.16
CA ALA Z 61 -37.43 50.14 20.49
C ALA Z 61 -37.94 49.59 21.81
N LYS Z 62 -38.18 48.28 21.85
CA LYS Z 62 -38.68 47.65 23.06
C LYS Z 62 -37.64 47.77 24.16
N GLU Z 63 -38.06 48.25 25.33
CA GLU Z 63 -37.13 48.56 26.40
C GLU Z 63 -36.85 47.32 27.24
N SER Z 64 -35.55 47.05 27.44
CA SER Z 64 -35.11 45.95 28.30
C SER Z 64 -34.58 46.51 29.61
N GLU Z 65 -34.93 45.85 30.69
CA GLU Z 65 -34.60 46.30 32.05
C GLU Z 65 -33.37 45.55 32.57
N GLU Z 66 -32.94 45.94 33.77
CA GLU Z 66 -31.82 45.32 34.44
C GLU Z 66 -32.31 44.02 35.10
N GLY Z 67 -31.50 43.46 35.99
CA GLY Z 67 -31.88 42.23 36.67
C GLY Z 67 -32.90 42.43 37.76
N GLU Z 68 -33.98 43.15 37.43
CA GLU Z 68 -35.12 43.40 38.30
C GLU Z 68 -34.77 44.18 39.57
N SER Z 69 -33.53 44.67 39.67
CA SER Z 69 -33.08 45.47 40.81
C SER Z 69 -33.34 44.76 42.13
N GLU Z 70 -33.05 43.46 42.15
CA GLU Z 70 -33.29 42.61 43.32
C GLU Z 70 -31.98 41.88 43.64
N PRO Z 71 -31.02 42.57 44.25
CA PRO Z 71 -29.70 41.96 44.46
C PRO Z 71 -29.62 41.02 45.65
N ILE Z 72 -30.37 41.32 46.71
CA ILE Z 72 -30.14 40.67 48.00
C ILE Z 72 -30.41 39.17 47.92
N GLU Z 73 -31.46 38.77 47.21
CA GLU Z 73 -31.82 37.36 47.13
C GLU Z 73 -30.97 36.58 46.14
N GLU Z 74 -30.11 37.24 45.38
CA GLU Z 74 -29.26 36.55 44.41
C GLU Z 74 -27.78 36.76 44.67
N ASP Z 75 -27.37 37.97 45.07
CA ASP Z 75 -25.95 38.22 45.32
C ASP Z 75 -25.42 37.34 46.44
N TRP Z 76 -26.18 37.22 47.54
CA TRP Z 76 -25.77 36.34 48.62
C TRP Z 76 -25.84 34.88 48.19
N LEU Z 77 -26.87 34.50 47.42
CA LEU Z 77 -26.92 33.15 46.86
C LEU Z 77 -25.76 32.92 45.91
N VAL Z 78 -25.45 33.91 45.07
CA VAL Z 78 -24.24 33.83 44.25
C VAL Z 78 -23.01 33.76 45.14
N LEU Z 79 -22.98 34.56 46.21
CA LEU Z 79 -21.89 34.49 47.17
C LEU Z 79 -21.84 33.11 47.83
N ASP Z 80 -23.00 32.56 48.19
CA ASP Z 80 -23.03 31.19 48.70
C ASP Z 80 -22.58 30.21 47.63
N ASP Z 81 -23.03 30.40 46.39
CA ASP Z 81 -22.58 29.55 45.30
C ASP Z 81 -21.12 29.81 44.96
N ALA Z 82 -20.63 31.03 45.19
CA ALA Z 82 -19.21 31.30 45.02
C ALA Z 82 -18.39 30.49 46.02
N GLU Z 83 -18.91 30.30 47.23
CA GLU Z 83 -18.27 29.40 48.19
C GLU Z 83 -18.23 27.98 47.65
N GLU Z 84 -19.33 27.53 47.03
CA GLU Z 84 -19.37 26.18 46.48
C GLU Z 84 -18.36 26.02 45.35
N THR Z 85 -18.25 27.01 44.47
CA THR Z 85 -17.32 26.93 43.36
C THR Z 85 -15.87 26.95 43.86
N LYS Z 86 -15.56 27.84 44.81
CA LYS Z 86 -14.17 28.00 45.22
C LYS Z 86 -13.67 26.80 46.02
N GLU Z 87 -14.58 26.06 46.67
CA GLU Z 87 -14.19 24.76 47.20
C GLU Z 87 -13.82 23.81 46.07
N SER Z 88 -14.56 23.86 44.96
CA SER Z 88 -14.25 23.06 43.77
C SER Z 88 -13.16 23.69 42.92
N HIS Z 89 -12.96 25.00 43.02
CA HIS Z 89 -11.91 25.69 42.26
C HIS Z 89 -10.53 25.19 42.67
N VAL AA 1 -25.83 36.39 32.86
CA VAL AA 1 -26.77 37.49 33.01
C VAL AA 1 -26.07 38.71 33.59
N SER AA 2 -24.94 38.47 34.27
CA SER AA 2 -24.16 39.54 34.89
C SER AA 2 -22.74 39.03 35.09
N THR AA 3 -21.92 39.86 35.73
CA THR AA 3 -20.54 39.49 36.03
C THR AA 3 -20.52 38.66 37.32
N LEU AA 4 -20.18 37.38 37.19
CA LEU AA 4 -20.07 36.51 38.35
C LEU AA 4 -18.91 36.96 39.22
N ILE AA 5 -18.99 36.64 40.50
CA ILE AA 5 -18.00 37.14 41.45
C ILE AA 5 -17.48 36.06 42.38
N PRO AA 6 -16.80 35.01 41.88
CA PRO AA 6 -15.98 34.17 42.77
C PRO AA 6 -14.49 34.48 42.69
N PRO AA 7 -14.01 35.75 42.82
CA PRO AA 7 -12.56 35.92 43.02
C PRO AA 7 -12.17 36.22 44.46
N LYS AA 8 -13.15 36.47 45.33
CA LYS AA 8 -12.89 37.15 46.59
C LYS AA 8 -13.66 36.52 47.75
N VAL AA 9 -13.86 35.20 47.71
CA VAL AA 9 -14.80 34.56 48.62
C VAL AA 9 -14.00 33.60 49.49
N VAL AA 10 -12.73 33.92 49.73
CA VAL AA 10 -11.89 33.08 50.58
C VAL AA 10 -11.97 33.45 52.05
N SER AA 11 -12.62 34.56 52.40
CA SER AA 11 -12.73 34.94 53.81
C SER AA 11 -13.47 33.88 54.62
N SER AA 12 -14.41 33.19 53.99
CA SER AA 12 -15.11 32.07 54.61
C SER AA 12 -14.75 30.72 53.98
N LYS AA 13 -13.85 30.72 53.00
CA LYS AA 13 -13.44 29.49 52.34
C LYS AA 13 -12.18 28.87 52.94
N ASN AA 14 -11.42 29.65 53.72
CA ASN AA 14 -10.17 29.18 54.30
C ASN AA 14 -10.36 28.40 55.59
N ILE AA 15 -11.55 27.82 55.80
CA ILE AA 15 -11.82 27.04 56.99
C ILE AA 15 -11.98 25.55 56.69
N GLY AA 16 -12.52 25.18 55.54
CA GLY AA 16 -12.83 23.79 55.25
C GLY AA 16 -11.74 23.00 54.56
N SER AA 17 -10.74 23.69 54.02
CA SER AA 17 -9.68 23.02 53.28
C SER AA 17 -8.77 22.24 54.22
N ALA AA 18 -8.25 21.11 53.74
CA ALA AA 18 -7.38 20.26 54.55
C ALA AA 18 -6.12 20.96 55.03
N PRO AA 19 -5.38 21.72 54.20
CA PRO AA 19 -4.17 22.37 54.73
C PRO AA 19 -4.44 23.32 55.89
N ASN AA 20 -5.63 23.93 55.95
CA ASN AA 20 -5.96 24.80 57.08
C ASN AA 20 -5.99 24.02 58.38
N ALA AA 21 -6.45 22.77 58.34
CA ALA AA 21 -6.42 21.93 59.53
C ALA AA 21 -4.99 21.71 60.00
N LYS AA 22 -4.08 21.45 59.06
CA LYS AA 22 -2.67 21.38 59.42
C LYS AA 22 -2.11 22.75 59.77
N ARG AA 23 -2.63 23.81 59.14
CA ARG AA 23 -2.15 25.16 59.42
C ARG AA 23 -2.39 25.52 60.87
N ILE AA 24 -3.62 25.32 61.36
CA ILE AA 24 -3.92 25.64 62.76
C ILE AA 24 -3.22 24.69 63.72
N ALA AA 25 -2.70 23.58 63.22
CA ALA AA 25 -2.03 22.61 64.08
C ALA AA 25 -0.59 23.01 64.38
N ASN AA 26 0.23 23.16 63.33
CA ASN AA 26 1.66 23.35 63.52
C ASN AA 26 2.02 24.75 64.01
N VAL AA 27 1.19 25.76 63.75
CA VAL AA 27 1.48 27.09 64.27
C VAL AA 27 1.42 27.09 65.80
N VAL AA 28 0.50 26.32 66.37
CA VAL AA 28 0.49 26.13 67.81
C VAL AA 28 1.68 25.29 68.25
N HIS AA 29 2.17 24.41 67.37
CA HIS AA 29 3.33 23.59 67.67
C HIS AA 29 4.64 24.36 67.65
N PHE AA 30 4.63 25.63 67.25
CA PHE AA 30 5.87 26.35 66.99
C PHE AA 30 6.18 27.45 68.00
N TYR AA 31 5.18 28.18 68.48
CA TYR AA 31 5.45 29.43 69.19
C TYR AA 31 6.19 29.20 70.50
N LYS AA 32 5.80 28.18 71.26
CA LYS AA 32 6.35 27.97 72.59
C LYS AA 32 7.61 27.09 72.57
N SER AA 33 7.88 26.42 71.45
CA SER AA 33 9.05 25.56 71.37
C SER AA 33 10.33 26.34 71.66
N LEU AA 34 11.19 25.75 72.49
CA LEU AA 34 12.39 26.44 72.95
C LEU AA 34 13.34 26.70 71.77
N PRO AA 35 13.94 27.89 71.70
CA PRO AA 35 14.68 28.28 70.49
C PRO AA 35 15.94 27.51 70.18
N GLN AA 36 16.92 27.50 71.09
CA GLN AA 36 18.28 27.06 70.77
C GLN AA 36 18.82 26.16 71.86
N GLY AA 37 18.02 25.20 72.30
CA GLY AA 37 18.44 24.30 73.35
C GLY AA 37 18.31 24.93 74.73
N PRO AA 38 17.53 25.99 74.82
CA PRO AA 38 17.33 26.65 76.12
C PRO AA 38 16.59 25.77 77.10
N ALA AA 39 16.85 26.01 78.39
CA ALA AA 39 16.24 25.30 79.51
C ALA AA 39 16.50 23.80 79.40
N PRO AA 40 17.76 23.38 79.26
CA PRO AA 40 18.03 21.94 79.19
C PRO AA 40 18.27 21.33 80.57
N ALA AA 41 18.55 22.19 81.56
CA ALA AA 41 18.80 21.76 82.94
C ALA AA 41 19.96 20.76 82.99
N ILE AA 42 21.14 21.22 82.56
CA ILE AA 42 22.31 20.36 82.52
C ILE AA 42 22.97 20.22 83.89
N LYS AA 43 22.62 21.08 84.84
CA LYS AA 43 23.21 21.04 86.19
C LYS AA 43 22.30 20.22 87.09
N ALA AA 44 22.57 18.91 87.13
CA ALA AA 44 21.79 18.00 87.96
C ALA AA 44 22.39 17.94 89.36
N ASN AA 45 21.59 18.23 90.37
CA ASN AA 45 22.02 18.23 91.76
C ASN AA 45 20.96 17.51 92.59
N THR AA 46 21.15 16.20 92.78
CA THR AA 46 20.22 15.40 93.57
C THR AA 46 21.00 14.26 94.21
N ARG AA 47 21.15 14.31 95.53
CA ARG AA 47 21.91 13.31 96.29
C ARG AA 47 23.29 13.10 95.68
N LEU AA 48 23.47 11.99 94.96
CA LEU AA 48 24.74 11.68 94.31
C LEU AA 48 24.78 12.40 92.95
N ALA AA 49 24.94 13.72 93.03
CA ALA AA 49 25.01 14.54 91.82
C ALA AA 49 26.27 14.25 91.02
N ARG AA 50 27.36 13.90 91.69
CA ARG AA 50 28.61 13.58 90.98
C ARG AA 50 28.42 12.37 90.08
N TYR AA 51 27.73 11.34 90.57
CA TYR AA 51 27.45 10.17 89.74
C TYR AA 51 26.59 10.56 88.54
N LYS AA 52 25.66 11.50 88.72
CA LYS AA 52 24.79 11.94 87.64
C LYS AA 52 25.55 12.62 86.52
N ALA AA 53 26.79 13.05 86.76
CA ALA AA 53 27.56 13.80 85.78
C ALA AA 53 28.69 12.99 85.15
N LYS AA 54 29.01 11.81 85.68
CA LYS AA 54 30.10 11.00 85.14
C LYS AA 54 29.63 9.78 84.37
N TYR AA 55 28.72 8.99 84.95
CA TYR AA 55 28.26 7.78 84.28
C TYR AA 55 26.74 7.73 84.19
N PHE AA 56 26.05 8.24 85.22
CA PHE AA 56 24.60 8.22 85.23
C PHE AA 56 23.99 9.18 84.21
N ASP AA 57 24.77 10.11 83.66
CA ASP AA 57 24.27 10.97 82.60
C ASP AA 57 23.91 10.17 81.36
N GLY AA 58 24.74 9.19 81.00
CA GLY AA 58 24.52 8.37 79.83
C GLY AA 58 25.51 8.61 78.72
N ASP AA 59 26.42 9.56 78.86
CA ASP AA 59 27.44 9.79 77.84
C ASP AA 59 28.33 8.57 77.67
N ASN AA 60 28.75 7.96 78.79
CA ASN AA 60 29.54 6.74 78.73
C ASN AA 60 28.63 5.53 78.56
N ALA AA 61 27.75 5.28 79.53
CA ALA AA 61 26.78 4.19 79.49
C ALA AA 61 27.47 2.85 79.22
N SER AA 62 28.44 2.52 80.06
CA SER AA 62 29.22 1.30 79.91
C SER AA 62 29.17 0.47 81.18
N GLY AA 63 30.04 -0.54 81.27
CA GLY AA 63 30.07 -1.45 82.40
C GLY AA 63 30.80 -0.96 83.63
N LYS AA 64 31.15 0.33 83.68
CA LYS AA 64 31.79 0.87 84.87
C LYS AA 64 30.91 0.79 86.11
N PRO AA 65 29.63 1.22 86.09
CA PRO AA 65 28.82 1.11 87.32
C PRO AA 65 28.69 -0.30 87.85
N LEU AA 66 28.55 -1.31 86.98
CA LEU AA 66 28.55 -2.69 87.48
C LEU AA 66 29.93 -3.10 87.95
N TRP AA 67 30.99 -2.54 87.34
CA TRP AA 67 32.33 -2.73 87.88
C TRP AA 67 32.46 -2.10 89.27
N HIS AA 68 31.87 -0.92 89.46
CA HIS AA 68 31.82 -0.34 90.80
C HIS AA 68 31.00 -1.21 91.75
N PHE AA 69 29.89 -1.76 91.26
CA PHE AA 69 29.09 -2.65 92.09
C PHE AA 69 29.88 -3.91 92.47
N ALA AA 70 30.62 -4.46 91.52
CA ALA AA 70 31.43 -5.65 91.80
C ALA AA 70 32.53 -5.34 92.81
N LEU AA 71 33.18 -4.18 92.67
CA LEU AA 71 34.24 -3.81 93.60
C LEU AA 71 33.71 -3.59 95.01
N GLY AA 72 32.47 -3.12 95.12
CA GLY AA 72 31.85 -2.98 96.44
C GLY AA 72 31.70 -4.32 97.13
N ILE AA 73 31.38 -5.36 96.37
CA ILE AA 73 31.31 -6.70 96.94
C ILE AA 73 32.69 -7.19 97.36
N ILE AA 74 33.71 -6.86 96.56
CA ILE AA 74 35.08 -7.25 96.90
C ILE AA 74 35.52 -6.57 98.19
N ALA AA 75 35.22 -5.28 98.36
CA ALA AA 75 35.57 -4.56 99.57
C ALA AA 75 34.81 -5.07 100.78
N PHE AA 76 33.72 -5.80 100.58
CA PHE AA 76 32.93 -6.37 101.67
C PHE AA 76 33.27 -7.82 101.92
N GLY AA 77 34.53 -8.20 101.71
CA GLY AA 77 34.91 -9.59 101.88
C GLY AA 77 34.73 -10.09 103.31
N TYR AA 78 35.26 -9.33 104.28
CA TYR AA 78 35.17 -9.71 105.69
C TYR AA 78 33.93 -9.16 106.38
N SER AA 79 32.86 -8.94 105.63
CA SER AA 79 31.60 -8.47 106.19
C SER AA 79 30.42 -9.36 105.86
N MET AA 80 30.43 -10.03 104.71
CA MET AA 80 29.32 -10.88 104.30
C MET AA 80 29.70 -12.35 104.17
N GLU AA 81 30.74 -12.67 103.39
CA GLU AA 81 31.15 -14.05 103.22
C GLU AA 81 32.17 -14.49 104.27
N TYR AA 82 32.95 -13.56 104.81
CA TYR AA 82 33.80 -13.84 105.96
C TYR AA 82 33.18 -13.19 107.20
N TYR AA 83 33.35 -13.85 108.34
CA TYR AA 83 32.71 -13.54 109.61
C TYR AA 83 31.21 -13.76 109.58
N PHE AA 84 30.66 -14.24 108.46
CA PHE AA 84 29.23 -14.46 108.30
C PHE AA 84 29.03 -15.39 107.10
N HIS AA 85 27.83 -15.92 106.96
CA HIS AA 85 27.51 -16.80 105.85
C HIS AA 85 27.44 -16.01 104.54
#